data_2W6E
#
_entry.id   2W6E
#
_cell.length_a   108.490
_cell.length_b   141.150
_cell.length_c   285.280
_cell.angle_alpha   90.00
_cell.angle_beta   90.00
_cell.angle_gamma   90.00
#
_symmetry.space_group_name_H-M   'P 21 21 21'
#
loop_
_entity.id
_entity.type
_entity.pdbx_description
1 polymer 'ATP SYNTHASE SUBUNIT ALPHA HEART ISOFORM, MITOCHONDRIAL'
2 polymer 'ATP SYNTHASE SUBUNIT BETA, MITOCHONDRIAL'
3 polymer 'ATP SYNTHASE SUBUNIT GAMMA, MITOCHONDRIAL'
4 non-polymer "ADENOSINE-5'-DIPHOSPHATE"
#
loop_
_entity_poly.entity_id
_entity_poly.type
_entity_poly.pdbx_seq_one_letter_code
_entity_poly.pdbx_strand_id
1 'polypeptide(L)'
;MLSVRVAAAVARALPRRAGLVSKNALGSSFIAARNLHASNSRLQKTGTAEVSSILEERILGADTSVDLEETGRVLSIGDG
IARVHGLRNVQAEEMVEFSSGLKGMSLNLEPDNVGVVVFGNDKLIKEGDIVKRTGAIVDVPVGEELLGRVVDALGNAIDG
KGPIGSKARRRVGLKAPGIIPRISVREPMQTGIKAVDSLVPIGRGQRELIIGDRQTGKTSIAIDTIINQKRFNDGTDEKK
KLYCIYVAIGQKRSTVAQLVKRLTDADAMKYTIVVSATASDAAPLQYLAPYSGCSMGEYFRDNGKHALIIYDDLSKQAVA
YRQMSLLLRRPPGREAYPGDVFYLHSRLLERAAKMNDAFGGGSLTALPVIETQAGDVSAYIPTNVISITDGQIFLETELF
YKGIRPAINVGLSVSRVGSAAQTRAMKQVAGTMKLELAQYREVAAFAQFGSDLDAATQQLLSRGVRLTELLKQGQYSPMA
IEEQVAVIYAGVRGYLDKLEPSKITKFENAFLSHVISQHQALLSKIRTDGKISEESDAKLKEIVTNFLAGFEA
;
A,B,C
2 'polypeptide(L)'
;MLGLVGRVVAASASGALRGLSPSAPLPQAQLLLRAAPAALQPARDYAAQASPSPKAGATTGRIVAVIGAVVDVQFDEGLP
PILNALEVQGRETRLVLEVAQHLGESTVRTIAMDGTEGLVRGQKVLDSGAPIRIPVGPETLGRIMNVIGEPIDERGPIKT
KQFAAIHAEAPEFVEMSVEQEILVTGIKVVDLLAPYAKGGKIGLFGGAGVGKTVLIMELINNVAKAHGGYSVFAGVGERT
REGNDLYHEMIESGVINLKDATSKVALVYGQMNEPPGARARVALTGLTVAEYFRDQEGQDVLLFIDNIFRFTQAGSEVSA
LLGRIPSAVGYQPTLATDMGTMQERITTTKKGSITSVQAIYVPADDLTDPAPATTFAHLDATTVLSRAIAELGIYPAVDP
LDSTSRIMDPNIVGSEHYDVARGVQKILQDYKSLQDIIAILGMDELSEEDKLTVSRARKIQRFLSQPFQVAEVFTGHLGK
LVPLKETIKGFQQILAGEYDHLPEQAFYMVGPIEEAVAKADKLAEEHS
;
D,E,F
3 'polypeptide(L)'
;MFSRAGVAGLSAWTVQPQWIQVRNMATLKDITRRLKSIKNIQKITKSMKMVAAAKYARAERELKPARVYGVGSLALYEKA
DIKTPEDKKKHLIIGVSSDRGLCGAIHSSVAKQMKSEAANLAAAGKEVKIIGVGDKIRSILHRTHSDQFLVTFKEVGRRP
PTFGDASVIALELLNSGYEFDEGSIIFNRFRSVISYKTEEKPIFSLDTISSAESMSIYDDIDADVLRNYQEYSLANIIYY
SLKESTTSEQSARMTAMDNASKNASEMIDKLTLTFNRTRQAVITKELIEIISGAAALD
;
G
#
loop_
_chem_comp.id
_chem_comp.type
_chem_comp.name
_chem_comp.formula
ADP non-polymer ADENOSINE-5'-DIPHOSPHATE 'C10 H15 N5 O10 P2'
#
# COMPACT_ATOMS: atom_id res chain seq x y z
N ASP A 67 -13.81 -7.86 52.25
CA ASP A 67 -12.54 -7.16 52.16
C ASP A 67 -12.21 -6.77 50.72
N LEU A 68 -12.40 -5.52 50.33
CA LEU A 68 -12.09 -5.14 48.95
C LEU A 68 -10.68 -4.58 48.84
N GLU A 69 -9.94 -4.67 49.94
CA GLU A 69 -8.60 -4.11 49.84
C GLU A 69 -7.55 -5.14 49.46
N GLU A 70 -7.73 -6.33 50.00
CA GLU A 70 -6.73 -7.36 49.70
C GLU A 70 -7.33 -8.42 48.82
N THR A 71 -8.64 -8.29 48.56
CA THR A 71 -9.21 -9.31 47.66
C THR A 71 -10.21 -8.68 46.72
N GLY A 72 -10.55 -9.37 45.62
CA GLY A 72 -11.53 -8.79 44.70
C GLY A 72 -12.50 -9.85 44.21
N ARG A 73 -13.50 -9.41 43.46
CA ARG A 73 -14.49 -10.29 42.88
C ARG A 73 -14.49 -10.08 41.37
N VAL A 74 -14.58 -11.15 40.59
CA VAL A 74 -14.58 -11.02 39.14
C VAL A 74 -15.91 -10.40 38.67
N LEU A 75 -15.80 -9.35 37.87
CA LEU A 75 -17.01 -8.69 37.34
C LEU A 75 -17.40 -9.34 36.01
N SER A 76 -16.38 -9.74 35.25
CA SER A 76 -16.60 -10.35 33.94
C SER A 76 -15.30 -11.03 33.53
N ILE A 77 -15.43 -12.11 32.78
CA ILE A 77 -14.24 -12.85 32.33
C ILE A 77 -14.42 -13.33 30.88
N GLY A 78 -13.40 -13.04 30.06
CA GLY A 78 -13.47 -13.43 28.67
C GLY A 78 -12.16 -13.14 27.94
N ASP A 79 -11.91 -13.94 26.91
CA ASP A 79 -10.73 -13.84 26.09
C ASP A 79 -9.50 -13.71 26.96
N GLY A 80 -9.50 -14.42 28.09
CA GLY A 80 -8.40 -14.43 29.01
C GLY A 80 -8.14 -13.16 29.80
N ILE A 81 -9.06 -12.21 29.74
CA ILE A 81 -8.89 -10.98 30.51
C ILE A 81 -9.89 -11.06 31.65
N ALA A 82 -9.43 -10.87 32.88
CA ALA A 82 -10.38 -10.94 34.02
C ALA A 82 -10.58 -9.51 34.48
N ARG A 83 -11.80 -9.12 34.82
CA ARG A 83 -11.95 -7.70 35.24
C ARG A 83 -12.43 -7.77 36.69
N VAL A 84 -11.46 -7.59 37.60
CA VAL A 84 -11.73 -7.69 39.01
C VAL A 84 -12.09 -6.36 39.67
N HIS A 85 -13.07 -6.46 40.55
CA HIS A 85 -13.56 -5.37 41.36
C HIS A 85 -12.93 -5.52 42.75
N GLY A 86 -12.31 -4.49 43.30
CA GLY A 86 -11.68 -4.63 44.62
C GLY A 86 -10.16 -4.67 44.40
N LEU A 87 -9.43 -5.44 45.19
CA LEU A 87 -7.97 -5.50 45.02
C LEU A 87 -7.37 -4.11 45.11
N ARG A 88 -7.95 -3.27 45.96
CA ARG A 88 -7.49 -1.91 46.07
C ARG A 88 -6.03 -1.76 46.36
N ASN A 89 -5.40 -2.77 46.98
CA ASN A 89 -3.98 -2.57 47.25
C ASN A 89 -3.03 -3.14 46.23
N VAL A 90 -3.47 -3.79 45.15
CA VAL A 90 -2.50 -4.34 44.22
C VAL A 90 -1.55 -3.37 43.55
N GLN A 91 -0.33 -3.86 43.33
CA GLN A 91 0.69 -3.05 42.66
C GLN A 91 0.64 -3.43 41.18
N ALA A 92 1.17 -2.62 40.29
CA ALA A 92 1.21 -2.89 38.86
C ALA A 92 1.99 -4.17 38.58
N GLU A 93 1.53 -5.04 37.70
CA GLU A 93 2.19 -6.28 37.39
C GLU A 93 2.23 -7.28 38.55
N GLU A 94 1.43 -7.20 39.57
CA GLU A 94 1.46 -8.13 40.69
C GLU A 94 0.76 -9.43 40.38
N MET A 95 1.28 -10.53 40.92
CA MET A 95 0.65 -11.83 40.69
C MET A 95 -0.55 -12.01 41.60
N VAL A 96 -1.70 -12.38 41.06
CA VAL A 96 -2.83 -12.54 42.01
C VAL A 96 -3.37 -13.94 41.82
N GLU A 97 -4.31 -14.38 42.64
CA GLU A 97 -4.81 -15.74 42.48
C GLU A 97 -6.31 -15.88 42.49
N PHE A 98 -6.85 -16.58 41.50
CA PHE A 98 -8.29 -16.81 41.40
C PHE A 98 -8.66 -18.00 42.28
N SER A 99 -9.88 -18.04 42.77
CA SER A 99 -10.32 -19.16 43.60
C SER A 99 -9.76 -20.47 43.05
N SER A 100 -10.21 -20.89 41.88
CA SER A 100 -9.79 -22.09 41.21
C SER A 100 -8.32 -22.45 41.31
N GLY A 101 -7.45 -21.52 41.67
CA GLY A 101 -6.01 -21.83 41.78
C GLY A 101 -5.20 -21.18 40.67
N LEU A 102 -5.90 -20.72 39.63
CA LEU A 102 -5.19 -20.10 38.53
C LEU A 102 -4.57 -18.78 38.98
N LYS A 103 -3.39 -18.52 38.45
CA LYS A 103 -2.71 -17.26 38.72
C LYS A 103 -3.13 -16.28 37.61
N GLY A 104 -2.78 -15.04 37.80
CA GLY A 104 -3.05 -13.95 36.86
C GLY A 104 -2.12 -12.80 37.26
N MET A 105 -1.83 -11.92 36.33
CA MET A 105 -0.94 -10.78 36.60
C MET A 105 -1.71 -9.49 36.34
N SER A 106 -1.68 -8.54 37.26
CA SER A 106 -2.39 -7.28 37.07
C SER A 106 -1.69 -6.30 36.15
N LEU A 107 -2.17 -6.20 34.91
CA LEU A 107 -1.53 -5.30 33.95
C LEU A 107 -2.19 -3.93 33.83
N ASN A 108 -3.48 -3.84 34.16
CA ASN A 108 -4.21 -2.59 34.08
C ASN A 108 -4.82 -2.27 35.44
N LEU A 109 -4.31 -1.23 36.08
CA LEU A 109 -4.90 -0.85 37.37
C LEU A 109 -5.71 0.39 36.98
N GLU A 110 -7.01 0.20 36.91
CA GLU A 110 -7.95 1.24 36.54
C GLU A 110 -8.71 1.73 37.77
N PRO A 111 -9.30 2.90 37.63
CA PRO A 111 -10.07 3.56 38.63
C PRO A 111 -11.09 2.63 39.28
N ASP A 112 -11.91 2.04 38.42
CA ASP A 112 -12.95 1.15 38.91
C ASP A 112 -12.70 -0.33 38.77
N ASN A 113 -11.49 -0.79 38.44
CA ASN A 113 -11.28 -2.24 38.31
C ASN A 113 -9.84 -2.58 37.99
N VAL A 114 -9.55 -3.87 38.10
CA VAL A 114 -8.23 -4.39 37.78
C VAL A 114 -8.38 -5.33 36.56
N GLY A 115 -7.75 -5.01 35.43
CA GLY A 115 -7.87 -5.93 34.25
C GLY A 115 -6.76 -6.97 34.50
N VAL A 116 -7.12 -8.19 34.83
CA VAL A 116 -6.11 -9.21 35.14
C VAL A 116 -5.93 -10.16 33.95
N VAL A 117 -4.69 -10.46 33.65
CA VAL A 117 -4.22 -11.33 32.57
C VAL A 117 -4.16 -12.75 33.10
N VAL A 118 -5.13 -13.59 32.76
CA VAL A 118 -5.21 -14.95 33.27
C VAL A 118 -4.18 -15.91 32.76
N PHE A 119 -3.45 -16.55 33.69
CA PHE A 119 -2.41 -17.51 33.29
C PHE A 119 -2.97 -18.92 33.08
N GLY A 120 -3.93 -19.12 32.19
CA GLY A 120 -4.48 -20.44 31.97
C GLY A 120 -5.84 -20.35 31.32
N ASN A 121 -6.59 -21.45 31.35
CA ASN A 121 -7.90 -21.53 30.70
C ASN A 121 -8.92 -20.74 31.48
N ASP A 122 -9.59 -19.81 30.83
CA ASP A 122 -10.57 -19.00 31.57
C ASP A 122 -11.89 -19.71 31.73
N LYS A 123 -11.83 -21.03 31.71
CA LYS A 123 -13.05 -21.84 31.87
C LYS A 123 -13.22 -21.96 33.38
N LEU A 124 -12.08 -21.94 34.07
CA LEU A 124 -12.05 -22.05 35.51
C LEU A 124 -12.30 -20.75 36.26
N ILE A 125 -12.83 -19.74 35.57
CA ILE A 125 -13.11 -18.48 36.26
C ILE A 125 -14.50 -18.02 35.93
N LYS A 126 -15.27 -17.60 36.93
CA LYS A 126 -16.61 -17.14 36.62
C LYS A 126 -16.83 -15.77 37.26
N GLU A 127 -17.92 -15.16 36.80
CA GLU A 127 -18.25 -13.85 37.41
C GLU A 127 -18.35 -14.12 38.91
N GLY A 128 -17.87 -13.21 39.74
CA GLY A 128 -17.97 -13.44 41.17
C GLY A 128 -16.80 -14.22 41.72
N ASP A 129 -16.07 -15.02 40.95
CA ASP A 129 -14.94 -15.73 41.60
C ASP A 129 -14.16 -14.75 42.46
N ILE A 130 -13.62 -15.22 43.60
CA ILE A 130 -12.87 -14.35 44.49
C ILE A 130 -11.39 -14.35 44.09
N VAL A 131 -10.84 -13.15 43.95
CA VAL A 131 -9.41 -13.05 43.60
C VAL A 131 -8.64 -12.52 44.82
N LYS A 132 -7.48 -13.08 45.13
CA LYS A 132 -6.72 -12.60 46.28
C LYS A 132 -5.33 -12.17 45.81
N ARG A 133 -4.72 -11.24 46.54
CA ARG A 133 -3.38 -10.78 46.18
C ARG A 133 -2.35 -11.79 46.67
N THR A 134 -1.16 -11.77 46.07
CA THR A 134 -0.12 -12.69 46.55
C THR A 134 0.91 -11.78 47.27
N GLY A 135 0.88 -10.52 46.80
CA GLY A 135 1.82 -9.54 47.35
C GLY A 135 3.18 -9.71 46.64
N ALA A 136 3.46 -10.90 46.11
CA ALA A 136 4.71 -11.21 45.44
C ALA A 136 4.79 -10.86 43.96
N ILE A 137 5.96 -10.37 43.51
CA ILE A 137 5.99 -10.07 42.04
C ILE A 137 6.63 -11.29 41.41
N VAL A 138 6.48 -11.45 40.11
CA VAL A 138 6.98 -12.62 39.37
C VAL A 138 8.48 -12.84 39.45
N ASP A 139 8.89 -13.96 40.05
CA ASP A 139 10.31 -14.31 40.13
C ASP A 139 10.50 -15.77 39.71
N VAL A 140 11.72 -16.19 39.38
CA VAL A 140 11.86 -17.61 38.96
C VAL A 140 13.09 -18.26 39.53
N PRO A 141 13.11 -19.58 39.53
CA PRO A 141 14.22 -20.38 40.01
C PRO A 141 15.46 -19.91 39.24
N VAL A 142 16.63 -20.24 39.76
CA VAL A 142 17.84 -19.80 39.02
C VAL A 142 19.05 -20.56 39.51
N GLY A 143 20.12 -20.50 38.72
CA GLY A 143 21.37 -21.17 39.04
C GLY A 143 21.63 -22.47 38.31
N GLU A 144 22.77 -23.07 38.61
CA GLU A 144 23.29 -24.31 38.08
C GLU A 144 22.42 -25.55 38.13
N GLU A 145 21.43 -25.65 39.02
CA GLU A 145 20.64 -26.89 38.98
C GLU A 145 19.72 -26.92 37.78
N LEU A 146 19.37 -25.79 37.15
CA LEU A 146 18.47 -25.86 35.99
C LEU A 146 19.13 -26.50 34.78
N LEU A 147 20.45 -26.57 34.72
CA LEU A 147 21.14 -27.14 33.57
C LEU A 147 20.60 -28.49 33.17
N GLY A 148 20.52 -28.79 31.87
CA GLY A 148 19.99 -30.07 31.42
C GLY A 148 18.54 -30.26 31.81
N ARG A 149 17.79 -29.16 32.01
CA ARG A 149 16.38 -29.30 32.34
C ARG A 149 15.50 -28.61 31.31
N VAL A 150 14.24 -29.05 31.28
CA VAL A 150 13.24 -28.47 30.39
C VAL A 150 12.14 -27.92 31.31
N VAL A 151 12.13 -26.59 31.41
CA VAL A 151 11.22 -25.84 32.24
C VAL A 151 10.26 -24.93 31.47
N ASP A 152 9.09 -24.72 32.10
CA ASP A 152 8.10 -23.83 31.44
C ASP A 152 8.48 -22.38 31.65
N ALA A 153 7.67 -21.38 31.30
CA ALA A 153 8.03 -19.97 31.50
C ALA A 153 8.13 -19.61 32.97
N LEU A 154 7.52 -20.41 33.86
CA LEU A 154 7.63 -20.04 35.27
C LEU A 154 8.74 -20.78 35.96
N GLY A 155 9.57 -21.54 35.23
CA GLY A 155 10.68 -22.27 35.83
C GLY A 155 10.23 -23.66 36.28
N ASN A 156 8.95 -24.02 36.10
CA ASN A 156 8.49 -25.36 36.49
C ASN A 156 9.08 -26.42 35.56
N ALA A 157 9.44 -27.58 36.10
CA ALA A 157 9.98 -28.63 35.23
C ALA A 157 8.91 -29.33 34.40
N ILE A 158 9.14 -29.45 33.10
CA ILE A 158 8.19 -30.09 32.17
C ILE A 158 8.75 -31.29 31.45
N ASP A 159 9.97 -31.70 31.80
CA ASP A 159 10.64 -32.86 31.21
C ASP A 159 10.37 -34.11 32.07
N GLY A 160 9.49 -33.92 33.06
CA GLY A 160 9.06 -34.97 33.96
C GLY A 160 10.24 -35.67 34.62
N LYS A 161 11.36 -34.98 34.77
CA LYS A 161 12.50 -35.62 35.43
C LYS A 161 12.55 -35.26 36.90
N GLY A 162 11.50 -34.74 37.53
CA GLY A 162 11.68 -34.45 38.96
C GLY A 162 11.95 -32.96 39.16
N PRO A 163 11.77 -32.49 40.38
CA PRO A 163 11.94 -31.10 40.72
C PRO A 163 13.34 -30.58 40.50
N ILE A 164 13.37 -29.30 40.14
CA ILE A 164 14.64 -28.60 39.95
C ILE A 164 15.09 -28.19 41.37
N GLY A 165 16.31 -28.55 41.75
CA GLY A 165 16.73 -28.22 43.12
C GLY A 165 17.19 -26.80 43.27
N SER A 166 16.41 -25.81 42.90
CA SER A 166 16.85 -24.43 42.97
C SER A 166 16.86 -23.68 44.27
N LYS A 167 18.08 -23.21 44.60
CA LYS A 167 18.28 -22.40 45.80
C LYS A 167 17.86 -20.95 45.55
N ALA A 168 18.60 -20.28 44.69
CA ALA A 168 18.30 -18.90 44.37
C ALA A 168 17.10 -18.75 43.47
N ARG A 169 16.35 -17.67 43.67
CA ARG A 169 15.19 -17.34 42.85
C ARG A 169 15.40 -15.91 42.36
N ARG A 170 15.33 -15.62 41.08
CA ARG A 170 15.53 -14.23 40.64
C ARG A 170 14.23 -13.67 40.07
N ARG A 171 14.12 -12.35 40.06
CA ARG A 171 12.91 -11.71 39.54
C ARG A 171 13.05 -11.63 38.02
N VAL A 172 11.99 -11.96 37.30
CA VAL A 172 12.06 -11.97 35.84
C VAL A 172 12.30 -10.61 35.23
N GLY A 173 11.61 -9.57 35.66
CA GLY A 173 11.92 -8.30 34.97
C GLY A 173 12.83 -7.44 35.80
N LEU A 174 14.10 -7.30 35.51
CA LEU A 174 14.97 -6.42 36.29
C LEU A 174 15.59 -5.43 35.31
N LYS A 175 16.14 -4.32 35.73
CA LYS A 175 16.74 -3.37 34.80
C LYS A 175 18.09 -3.86 34.32
N ALA A 176 18.45 -3.53 33.07
CA ALA A 176 19.77 -3.97 32.57
C ALA A 176 20.87 -3.31 33.41
N PRO A 177 22.06 -3.90 33.42
CA PRO A 177 23.20 -3.34 34.14
C PRO A 177 23.40 -1.99 33.45
N GLY A 178 23.65 -0.93 34.20
CA GLY A 178 23.85 0.39 33.65
C GLY A 178 25.07 0.46 32.73
N ILE A 179 25.42 1.70 32.47
CA ILE A 179 26.54 2.09 31.60
C ILE A 179 27.89 1.94 32.25
N ILE A 180 28.00 2.13 33.57
CA ILE A 180 29.27 2.03 34.26
C ILE A 180 29.79 0.64 34.49
N PRO A 181 28.96 -0.31 34.89
CA PRO A 181 29.34 -1.66 35.20
C PRO A 181 29.83 -2.51 34.06
N ARG A 182 30.00 -2.00 32.86
CA ARG A 182 30.43 -2.83 31.74
C ARG A 182 31.79 -2.51 31.19
N ILE A 183 32.16 -3.17 30.10
CA ILE A 183 33.44 -2.98 29.41
C ILE A 183 33.26 -3.55 27.99
N SER A 184 34.03 -3.06 27.05
CA SER A 184 33.97 -3.49 25.67
C SER A 184 33.86 -4.99 25.50
N VAL A 185 33.01 -5.39 24.56
CA VAL A 185 32.87 -6.84 24.28
C VAL A 185 34.22 -7.26 23.68
N ARG A 186 34.92 -8.21 24.30
CA ARG A 186 36.22 -8.57 23.74
C ARG A 186 36.46 -10.04 23.58
N GLU A 187 35.74 -10.89 24.34
CA GLU A 187 35.97 -12.33 24.21
C GLU A 187 35.12 -12.93 23.11
N PRO A 188 35.74 -13.67 22.23
CA PRO A 188 35.06 -14.34 21.15
C PRO A 188 33.96 -15.25 21.73
N MET A 189 32.90 -15.31 20.97
CA MET A 189 31.74 -16.20 21.25
C MET A 189 31.76 -17.00 19.93
N GLN A 190 32.26 -18.24 19.97
CA GLN A 190 32.40 -18.93 18.67
C GLN A 190 31.22 -19.81 18.38
N THR A 191 30.81 -19.75 17.11
CA THR A 191 29.64 -20.55 16.74
C THR A 191 30.05 -21.91 16.20
N GLY A 192 31.12 -21.93 15.44
CA GLY A 192 31.62 -23.16 14.81
C GLY A 192 31.20 -23.07 13.33
N ILE A 193 30.50 -21.98 13.00
CA ILE A 193 30.04 -21.79 11.61
C ILE A 193 31.03 -20.88 10.93
N LYS A 194 31.71 -21.36 9.89
CA LYS A 194 32.73 -20.50 9.28
C LYS A 194 32.21 -19.17 8.81
N ALA A 195 31.14 -19.10 8.03
CA ALA A 195 30.61 -17.81 7.57
C ALA A 195 30.44 -16.84 8.73
N VAL A 196 29.82 -17.30 9.81
CA VAL A 196 29.59 -16.40 10.94
C VAL A 196 30.91 -16.01 11.59
N ASP A 197 31.65 -16.99 12.08
CA ASP A 197 32.90 -16.83 12.77
C ASP A 197 33.96 -16.04 12.03
N SER A 198 33.98 -16.04 10.71
CA SER A 198 34.98 -15.26 10.00
C SER A 198 34.46 -13.91 9.49
N LEU A 199 33.16 -13.77 9.25
CA LEU A 199 32.61 -12.55 8.69
C LEU A 199 31.52 -11.89 9.50
N VAL A 200 31.02 -12.50 10.55
CA VAL A 200 29.95 -11.85 11.34
C VAL A 200 30.20 -12.22 12.80
N PRO A 201 31.41 -12.01 13.27
CA PRO A 201 31.90 -12.34 14.58
C PRO A 201 31.04 -11.89 15.74
N ILE A 202 30.77 -12.79 16.68
CA ILE A 202 30.00 -12.49 17.87
C ILE A 202 30.96 -12.53 19.08
N GLY A 203 30.87 -11.54 19.97
CA GLY A 203 31.74 -11.49 21.15
C GLY A 203 30.81 -11.70 22.34
N ARG A 204 31.33 -12.02 23.51
CA ARG A 204 30.51 -12.24 24.70
C ARG A 204 30.01 -10.92 25.26
N GLY A 205 28.70 -10.84 25.45
CA GLY A 205 28.03 -9.64 25.96
C GLY A 205 27.28 -9.00 24.77
N GLN A 206 27.65 -9.41 23.56
CA GLN A 206 26.98 -8.91 22.35
C GLN A 206 25.57 -9.48 22.21
N ARG A 207 24.74 -8.75 21.46
CA ARG A 207 23.36 -9.14 21.16
C ARG A 207 23.27 -9.22 19.63
N GLU A 208 23.39 -10.36 19.00
CA GLU A 208 23.36 -10.47 17.54
C GLU A 208 22.08 -11.16 17.07
N LEU A 209 21.28 -10.53 16.20
CA LEU A 209 20.02 -11.14 15.76
C LEU A 209 20.16 -12.07 14.58
N ILE A 210 19.40 -13.17 14.66
CA ILE A 210 19.42 -14.08 13.48
C ILE A 210 18.08 -13.76 12.79
N ILE A 211 18.06 -13.26 11.56
CA ILE A 211 16.74 -12.88 11.01
C ILE A 211 16.53 -13.45 9.64
N GLY A 212 15.30 -13.79 9.30
CA GLY A 212 15.07 -14.36 7.94
C GLY A 212 13.61 -14.81 7.83
N ASP A 213 13.19 -15.28 6.65
CA ASP A 213 11.81 -15.72 6.50
C ASP A 213 11.67 -17.11 7.17
N ARG A 214 10.48 -17.69 7.04
CA ARG A 214 10.22 -19.00 7.64
C ARG A 214 11.19 -19.98 6.98
N GLN A 215 11.56 -21.03 7.71
CA GLN A 215 12.43 -22.08 7.21
C GLN A 215 13.64 -21.69 6.41
N THR A 216 14.55 -20.83 6.90
CA THR A 216 15.72 -20.41 6.16
C THR A 216 16.98 -20.94 6.84
N GLY A 217 16.86 -21.47 8.06
CA GLY A 217 18.03 -21.95 8.79
C GLY A 217 18.32 -21.24 10.10
N LYS A 218 17.45 -20.34 10.57
CA LYS A 218 17.61 -19.57 11.77
C LYS A 218 17.90 -20.37 13.01
N THR A 219 16.99 -21.28 13.38
CA THR A 219 17.22 -22.11 14.59
C THR A 219 18.44 -23.01 14.43
N SER A 220 18.73 -23.47 13.22
CA SER A 220 19.91 -24.29 13.06
C SER A 220 21.14 -23.52 13.52
N ILE A 221 21.30 -22.25 13.11
CA ILE A 221 22.45 -21.45 13.56
C ILE A 221 22.61 -21.53 15.09
N ALA A 222 21.53 -21.22 15.81
CA ALA A 222 21.57 -21.28 17.27
C ALA A 222 22.00 -22.67 17.73
N ILE A 223 21.33 -23.72 17.26
CA ILE A 223 21.70 -25.08 17.67
C ILE A 223 23.17 -25.37 17.39
N ASP A 224 23.65 -25.25 16.15
CA ASP A 224 25.08 -25.51 15.94
C ASP A 224 25.88 -24.73 16.99
N THR A 225 25.48 -23.48 17.25
CA THR A 225 26.19 -22.67 18.24
C THR A 225 26.21 -23.36 19.59
N ILE A 226 25.07 -23.83 20.08
CA ILE A 226 25.01 -24.49 21.38
C ILE A 226 25.90 -25.72 21.38
N ILE A 227 25.71 -26.58 20.37
CA ILE A 227 26.49 -27.80 20.26
C ILE A 227 27.98 -27.48 20.45
N ASN A 228 28.46 -26.54 19.64
CA ASN A 228 29.83 -26.10 19.62
C ASN A 228 30.51 -25.82 20.96
N GLN A 229 29.79 -25.36 21.97
CA GLN A 229 30.37 -25.02 23.24
C GLN A 229 30.86 -26.21 24.05
N LYS A 230 30.70 -27.44 23.55
CA LYS A 230 31.18 -28.60 24.32
C LYS A 230 32.71 -28.61 24.31
N ARG A 231 33.31 -28.11 23.21
CA ARG A 231 34.75 -28.08 23.12
C ARG A 231 35.29 -27.36 24.36
N PHE A 232 34.61 -26.32 24.80
CA PHE A 232 35.10 -25.59 25.96
C PHE A 232 34.45 -26.09 27.23
N ASN A 233 33.26 -26.66 27.16
CA ASN A 233 32.61 -27.12 28.38
C ASN A 233 33.20 -28.40 28.91
N ASP A 234 34.00 -29.10 28.11
CA ASP A 234 34.57 -30.35 28.57
C ASP A 234 36.00 -30.06 29.02
N GLY A 235 36.42 -28.85 28.70
CA GLY A 235 37.74 -28.35 29.02
C GLY A 235 37.86 -27.89 30.48
N THR A 236 39.09 -27.56 30.82
CA THR A 236 39.48 -27.14 32.15
C THR A 236 39.42 -25.64 32.39
N ASP A 237 39.75 -24.88 31.36
CA ASP A 237 39.70 -23.40 31.44
C ASP A 237 38.27 -22.96 31.73
N GLU A 238 37.96 -22.53 32.95
CA GLU A 238 36.60 -22.17 33.27
C GLU A 238 36.16 -20.82 32.77
N LYS A 239 37.06 -20.10 32.12
CA LYS A 239 36.70 -18.77 31.61
C LYS A 239 36.33 -18.82 30.14
N LYS A 240 36.28 -20.05 29.63
CA LYS A 240 35.90 -20.23 28.23
C LYS A 240 34.58 -20.98 28.15
N LYS A 241 34.15 -21.57 29.26
CA LYS A 241 32.88 -22.29 29.25
C LYS A 241 31.75 -21.28 29.10
N LEU A 242 30.71 -21.67 28.38
CA LEU A 242 29.53 -20.85 28.11
C LEU A 242 28.26 -21.65 28.33
N TYR A 243 27.49 -21.38 29.35
CA TYR A 243 26.23 -22.10 29.58
C TYR A 243 25.21 -21.65 28.56
N CYS A 244 24.39 -22.55 28.04
CA CYS A 244 23.41 -22.14 27.05
C CYS A 244 21.99 -22.13 27.54
N ILE A 245 21.20 -21.17 27.04
CA ILE A 245 19.78 -21.11 27.41
C ILE A 245 18.96 -21.01 26.12
N TYR A 246 18.01 -21.92 25.91
CA TYR A 246 17.21 -21.84 24.69
C TYR A 246 15.76 -21.59 25.07
N VAL A 247 15.23 -20.45 24.63
CA VAL A 247 13.85 -20.08 24.91
C VAL A 247 13.03 -20.35 23.63
N ALA A 248 11.98 -21.16 23.81
CA ALA A 248 11.08 -21.50 22.69
C ALA A 248 9.73 -20.84 22.95
N ILE A 249 9.40 -19.89 22.09
CA ILE A 249 8.14 -19.15 22.23
C ILE A 249 7.27 -19.34 21.01
N GLY A 250 6.09 -19.88 21.30
CA GLY A 250 5.07 -20.11 20.32
C GLY A 250 5.27 -21.32 19.44
N GLN A 251 6.33 -22.09 19.66
CA GLN A 251 6.63 -23.30 18.90
C GLN A 251 5.71 -24.45 19.24
N LYS A 252 5.60 -25.48 18.40
CA LYS A 252 4.71 -26.61 18.75
C LYS A 252 5.51 -27.57 19.62
N ARG A 253 4.89 -28.31 20.53
CA ARG A 253 5.68 -29.17 21.40
C ARG A 253 6.53 -30.18 20.66
N SER A 254 6.12 -30.73 19.55
CA SER A 254 6.93 -31.72 18.85
C SER A 254 8.28 -31.15 18.40
N THR A 255 8.32 -29.87 18.06
CA THR A 255 9.56 -29.22 17.59
C THR A 255 10.61 -29.14 18.69
N VAL A 256 10.12 -28.75 19.87
CA VAL A 256 11.05 -28.62 21.01
C VAL A 256 11.52 -30.02 21.38
N ALA A 257 10.59 -30.97 21.46
CA ALA A 257 10.93 -32.36 21.80
C ALA A 257 12.01 -32.85 20.84
N GLN A 258 11.79 -32.55 19.55
CA GLN A 258 12.79 -32.93 18.55
C GLN A 258 14.11 -32.21 18.81
N LEU A 259 14.01 -30.96 19.22
CA LEU A 259 15.13 -30.05 19.52
C LEU A 259 15.93 -30.59 20.70
N VAL A 260 15.25 -30.82 21.82
CA VAL A 260 15.96 -31.36 22.98
C VAL A 260 16.60 -32.69 22.61
N LYS A 261 15.95 -33.48 21.73
CA LYS A 261 16.56 -34.75 21.37
C LYS A 261 17.93 -34.53 20.70
N ARG A 262 17.91 -33.75 19.64
CA ARG A 262 19.14 -33.40 18.90
C ARG A 262 20.20 -32.91 19.88
N LEU A 263 19.80 -32.10 20.86
CA LEU A 263 20.80 -31.62 21.82
C LEU A 263 21.25 -32.76 22.72
N THR A 264 20.36 -33.66 23.13
CA THR A 264 20.80 -34.75 23.99
C THR A 264 21.82 -35.62 23.26
N ASP A 265 21.41 -35.98 22.05
CA ASP A 265 22.26 -36.79 21.20
C ASP A 265 23.62 -36.15 21.05
N ALA A 266 23.76 -34.84 21.19
CA ALA A 266 25.12 -34.30 20.98
C ALA A 266 25.75 -34.05 22.33
N ASP A 267 25.02 -34.39 23.38
CA ASP A 267 25.58 -34.20 24.73
C ASP A 267 25.81 -32.72 24.97
N ALA A 268 24.79 -31.91 24.68
CA ALA A 268 24.85 -30.47 24.92
C ALA A 268 23.80 -30.09 25.97
N MET A 269 22.91 -31.03 26.31
CA MET A 269 21.90 -30.73 27.34
C MET A 269 22.58 -30.54 28.69
N LYS A 270 23.72 -31.18 28.90
CA LYS A 270 24.42 -31.04 30.18
C LYS A 270 24.65 -29.55 30.44
N TYR A 271 25.05 -28.77 29.43
CA TYR A 271 25.27 -27.35 29.66
C TYR A 271 24.15 -26.46 29.12
N THR A 272 22.93 -26.97 28.93
CA THR A 272 21.85 -26.17 28.39
C THR A 272 20.61 -26.17 29.26
N ILE A 273 19.85 -25.08 29.28
CA ILE A 273 18.60 -24.98 30.01
C ILE A 273 17.51 -24.73 28.95
N VAL A 274 16.36 -25.36 29.06
CA VAL A 274 15.38 -25.05 27.99
C VAL A 274 14.16 -24.41 28.56
N VAL A 275 13.91 -23.14 28.20
CA VAL A 275 12.66 -22.54 28.79
C VAL A 275 11.64 -22.70 27.69
N SER A 276 10.48 -23.27 27.96
CA SER A 276 9.57 -23.45 26.81
C SER A 276 8.18 -22.93 26.98
N ALA A 277 7.79 -21.91 26.19
CA ALA A 277 6.41 -21.38 26.22
C ALA A 277 5.81 -21.70 24.83
N THR A 278 5.14 -22.85 24.71
CA THR A 278 4.61 -23.27 23.43
C THR A 278 3.24 -22.79 23.04
N ALA A 279 2.92 -23.08 21.78
CA ALA A 279 1.72 -22.74 21.07
C ALA A 279 0.46 -22.78 21.89
N SER A 280 0.24 -23.83 22.68
CA SER A 280 -0.98 -23.88 23.50
C SER A 280 -0.78 -23.21 24.85
N ASP A 281 0.34 -22.59 25.19
CA ASP A 281 0.38 -21.97 26.51
C ASP A 281 -0.21 -20.57 26.43
N ALA A 282 -1.00 -20.16 27.41
CA ALA A 282 -1.61 -18.84 27.46
C ALA A 282 -0.68 -17.73 27.06
N ALA A 283 -1.21 -16.68 26.45
CA ALA A 283 -0.42 -15.54 26.02
C ALA A 283 0.64 -15.04 27.00
N PRO A 284 0.26 -14.73 28.22
CA PRO A 284 1.14 -14.21 29.25
C PRO A 284 2.36 -15.07 29.49
N LEU A 285 2.22 -16.41 29.44
CA LEU A 285 3.42 -17.27 29.61
C LEU A 285 4.31 -17.12 28.38
N GLN A 286 3.70 -17.06 27.20
CA GLN A 286 4.55 -16.85 26.01
C GLN A 286 5.22 -15.48 26.12
N TYR A 287 4.47 -14.53 26.68
CA TYR A 287 5.02 -13.16 26.86
C TYR A 287 6.27 -13.17 27.76
N LEU A 288 6.11 -13.70 28.97
CA LEU A 288 7.13 -13.79 29.98
C LEU A 288 8.34 -14.61 29.60
N ALA A 289 8.12 -15.80 29.06
CA ALA A 289 9.21 -16.70 28.75
C ALA A 289 10.57 -16.10 28.57
N PRO A 290 10.80 -15.14 27.71
CA PRO A 290 12.10 -14.55 27.44
C PRO A 290 12.71 -13.82 28.62
N TYR A 291 11.87 -13.23 29.47
CA TYR A 291 12.41 -12.55 30.65
C TYR A 291 12.83 -13.62 31.66
N SER A 292 11.90 -14.55 31.89
CA SER A 292 12.23 -15.59 32.87
C SER A 292 13.45 -16.35 32.41
N GLY A 293 13.68 -16.46 31.11
CA GLY A 293 14.90 -17.18 30.67
C GLY A 293 16.11 -16.26 30.87
N CYS A 294 15.88 -14.96 30.69
CA CYS A 294 16.93 -13.96 30.85
C CYS A 294 17.49 -13.97 32.27
N SER A 295 16.56 -13.93 33.23
CA SER A 295 16.98 -13.97 34.63
C SER A 295 17.91 -15.16 34.83
N MET A 296 17.49 -16.35 34.43
CA MET A 296 18.30 -17.55 34.54
C MET A 296 19.70 -17.33 34.00
N GLY A 297 19.80 -16.63 32.87
CA GLY A 297 21.13 -16.42 32.29
C GLY A 297 21.88 -15.33 33.05
N GLU A 298 21.13 -14.50 33.80
CA GLU A 298 21.80 -13.42 34.53
C GLU A 298 22.56 -13.97 35.72
N TYR A 299 21.99 -15.01 36.34
CA TYR A 299 22.69 -15.64 37.47
C TYR A 299 24.12 -15.95 37.02
N PHE A 300 24.31 -16.49 35.80
CA PHE A 300 25.66 -16.78 35.36
C PHE A 300 26.42 -15.48 35.15
N ARG A 301 25.86 -14.59 34.33
CA ARG A 301 26.52 -13.33 34.02
C ARG A 301 27.11 -12.68 35.27
N ASP A 302 26.24 -12.44 36.25
CA ASP A 302 26.67 -11.81 37.48
C ASP A 302 27.75 -12.57 38.24
N ASN A 303 27.79 -13.90 38.15
CA ASN A 303 28.78 -14.62 38.93
C ASN A 303 30.05 -14.94 38.20
N GLY A 304 30.58 -14.01 37.42
CA GLY A 304 31.84 -14.25 36.73
C GLY A 304 31.78 -15.37 35.72
N LYS A 305 30.58 -15.91 35.48
CA LYS A 305 30.40 -16.97 34.50
C LYS A 305 29.82 -16.38 33.20
N HIS A 306 29.98 -17.10 32.10
CA HIS A 306 29.46 -16.66 30.80
C HIS A 306 28.23 -17.46 30.38
N ALA A 307 27.24 -16.78 29.80
CA ALA A 307 26.02 -17.47 29.38
C ALA A 307 25.54 -16.92 28.04
N LEU A 308 25.03 -17.83 27.23
CA LEU A 308 24.48 -17.65 25.91
C LEU A 308 22.95 -17.86 25.94
N ILE A 309 22.20 -16.97 25.33
CA ILE A 309 20.73 -17.15 25.33
C ILE A 309 20.14 -16.95 23.93
N ILE A 310 19.27 -17.92 23.59
CA ILE A 310 18.63 -17.87 22.27
C ILE A 310 17.14 -17.64 22.47
N TYR A 311 16.62 -16.57 21.87
CA TYR A 311 15.17 -16.29 22.02
C TYR A 311 14.55 -16.77 20.72
N ASP A 312 13.79 -17.86 20.73
CA ASP A 312 13.25 -18.31 19.43
C ASP A 312 11.74 -18.35 19.46
N ASP A 313 11.07 -17.38 18.89
CA ASP A 313 11.38 -16.19 18.24
C ASP A 313 10.82 -14.99 19.10
N LEU A 314 11.29 -13.80 18.76
CA LEU A 314 10.80 -12.58 19.42
C LEU A 314 9.55 -12.13 18.67
N SER A 315 9.38 -12.69 17.47
CA SER A 315 8.21 -12.40 16.65
C SER A 315 6.98 -12.97 17.38
N LYS A 316 7.02 -14.24 17.77
CA LYS A 316 5.87 -14.82 18.46
C LYS A 316 5.57 -14.17 19.78
N GLN A 317 6.59 -13.76 20.55
CA GLN A 317 6.32 -13.12 21.83
C GLN A 317 5.64 -11.77 21.61
N ALA A 318 6.04 -11.02 20.57
CA ALA A 318 5.45 -9.73 20.24
C ALA A 318 3.95 -9.94 20.02
N VAL A 319 3.67 -11.04 19.28
CA VAL A 319 2.26 -11.37 19.05
C VAL A 319 1.53 -11.62 20.35
N ALA A 320 2.11 -12.33 21.30
CA ALA A 320 1.49 -12.64 22.58
C ALA A 320 1.14 -11.37 23.33
N TYR A 321 2.12 -10.47 23.34
CA TYR A 321 1.96 -9.16 23.97
C TYR A 321 0.87 -8.32 23.28
N ARG A 322 0.92 -8.27 21.93
CA ARG A 322 -0.09 -7.53 21.20
C ARG A 322 -1.47 -8.07 21.60
N GLN A 323 -1.64 -9.38 21.65
CA GLN A 323 -2.90 -9.99 22.01
C GLN A 323 -3.44 -9.51 23.35
N MET A 324 -2.62 -9.37 24.36
CA MET A 324 -3.09 -8.91 25.68
C MET A 324 -3.38 -7.41 25.66
N SER A 325 -2.47 -6.72 24.97
CA SER A 325 -2.64 -5.26 24.89
C SER A 325 -4.01 -4.93 24.33
N LEU A 326 -4.35 -5.46 23.16
CA LEU A 326 -5.62 -5.19 22.51
C LEU A 326 -6.79 -5.72 23.33
N LEU A 327 -6.65 -6.87 23.99
CA LEU A 327 -7.77 -7.36 24.79
C LEU A 327 -7.96 -6.49 26.03
N LEU A 328 -6.93 -5.80 26.51
CA LEU A 328 -7.08 -4.93 27.69
C LEU A 328 -7.52 -3.54 27.17
N ARG A 329 -7.68 -3.51 25.85
CA ARG A 329 -8.11 -2.34 25.13
C ARG A 329 -7.12 -1.21 25.08
N ARG A 330 -5.83 -1.45 25.19
CA ARG A 330 -4.90 -0.30 25.09
C ARG A 330 -4.90 0.13 23.64
N PRO A 331 -4.51 1.32 23.30
CA PRO A 331 -4.51 1.81 21.94
C PRO A 331 -3.53 1.08 21.03
N PRO A 332 -3.99 0.70 19.85
CA PRO A 332 -3.24 0.04 18.82
C PRO A 332 -2.59 1.02 17.83
N GLY A 333 -1.35 0.77 17.48
CA GLY A 333 -0.58 1.55 16.52
C GLY A 333 -0.34 0.65 15.32
N ARG A 334 0.57 0.93 14.43
CA ARG A 334 0.89 0.15 13.22
C ARG A 334 0.91 -1.34 13.47
N GLU A 335 0.30 -2.09 12.58
CA GLU A 335 0.22 -3.55 12.69
C GLU A 335 -0.54 -3.97 13.94
N ALA A 336 -1.31 -3.07 14.55
CA ALA A 336 -2.04 -3.32 15.77
C ALA A 336 -1.16 -3.50 17.00
N TYR A 337 0.13 -3.20 16.95
CA TYR A 337 1.04 -3.30 18.08
C TYR A 337 0.91 -2.12 19.02
N PRO A 338 0.98 -2.33 20.32
CA PRO A 338 0.89 -1.29 21.33
C PRO A 338 2.09 -0.37 21.22
N GLY A 339 1.91 0.87 21.67
CA GLY A 339 2.99 1.85 21.63
C GLY A 339 4.20 1.39 22.41
N ASP A 340 4.08 0.42 23.31
CA ASP A 340 5.25 0.01 24.10
C ASP A 340 5.88 -1.30 23.70
N VAL A 341 5.71 -1.72 22.45
CA VAL A 341 6.28 -2.99 21.96
C VAL A 341 7.76 -2.83 21.78
N PHE A 342 8.21 -1.62 21.43
CA PHE A 342 9.65 -1.39 21.27
C PHE A 342 10.34 -1.56 22.63
N TYR A 343 9.69 -1.00 23.63
CA TYR A 343 10.16 -1.01 25.01
C TYR A 343 10.14 -2.42 25.59
N LEU A 344 9.31 -3.29 25.04
CA LEU A 344 9.23 -4.69 25.55
C LEU A 344 10.53 -5.42 25.17
N HIS A 345 11.04 -5.14 23.97
CA HIS A 345 12.25 -5.86 23.58
C HIS A 345 13.56 -5.24 24.02
N SER A 346 13.62 -3.93 24.05
CA SER A 346 14.78 -3.13 24.43
C SER A 346 15.07 -3.41 25.90
N ARG A 347 14.00 -3.47 26.69
CA ARG A 347 14.30 -3.75 28.11
C ARG A 347 14.75 -5.17 28.27
N LEU A 348 14.48 -6.05 27.29
CA LEU A 348 14.90 -7.45 27.36
C LEU A 348 16.31 -7.61 26.83
N LEU A 349 16.59 -7.16 25.61
CA LEU A 349 17.87 -7.25 24.93
C LEU A 349 19.01 -6.42 25.50
N GLU A 350 18.73 -5.50 26.42
CA GLU A 350 19.74 -4.66 27.04
C GLU A 350 20.29 -5.46 28.25
N ARG A 351 19.53 -6.36 28.83
CA ARG A 351 20.03 -7.14 29.96
C ARG A 351 21.18 -8.04 29.56
N ALA A 352 21.53 -8.07 28.28
CA ALA A 352 22.66 -8.90 27.85
C ALA A 352 23.84 -7.92 27.90
N ALA A 353 24.98 -8.32 28.44
CA ALA A 353 26.10 -7.37 28.47
C ALA A 353 27.38 -8.02 28.98
N LYS A 354 28.49 -7.34 28.73
CA LYS A 354 29.79 -7.81 29.21
C LYS A 354 30.14 -7.02 30.47
N MET A 355 30.21 -7.66 31.61
CA MET A 355 30.55 -6.96 32.85
C MET A 355 32.03 -6.65 32.98
N ASN A 356 32.33 -5.79 33.96
CA ASN A 356 33.74 -5.43 34.22
C ASN A 356 34.27 -6.30 35.37
N ASP A 357 35.57 -6.58 35.37
CA ASP A 357 36.17 -7.40 36.42
C ASP A 357 35.70 -6.95 37.79
N ALA A 358 35.55 -5.63 37.88
CA ALA A 358 35.06 -5.05 39.14
C ALA A 358 33.74 -5.71 39.51
N PHE A 359 33.02 -6.21 38.50
CA PHE A 359 31.74 -6.86 38.66
C PHE A 359 31.78 -8.37 38.41
N GLY A 360 32.96 -8.90 38.07
CA GLY A 360 33.09 -10.33 37.84
C GLY A 360 33.53 -10.72 36.45
N GLY A 361 33.55 -9.78 35.51
CA GLY A 361 33.92 -10.05 34.12
C GLY A 361 32.99 -11.05 33.43
N GLY A 362 31.89 -11.45 34.09
CA GLY A 362 30.95 -12.41 33.53
C GLY A 362 30.17 -11.83 32.36
N SER A 363 29.56 -12.65 31.50
CA SER A 363 28.81 -12.08 30.39
C SER A 363 27.50 -12.77 30.09
N LEU A 364 26.67 -12.15 29.23
CA LEU A 364 25.40 -12.72 28.77
C LEU A 364 25.29 -12.40 27.28
N THR A 365 25.51 -13.32 26.36
CA THR A 365 25.39 -13.01 24.91
C THR A 365 23.97 -13.36 24.47
N ALA A 366 23.30 -12.60 23.60
CA ALA A 366 21.94 -13.05 23.25
C ALA A 366 21.76 -13.18 21.75
N LEU A 367 21.15 -14.33 21.39
CA LEU A 367 20.84 -14.60 19.98
C LEU A 367 19.29 -14.64 19.91
N PRO A 368 18.74 -13.51 19.55
CA PRO A 368 17.30 -13.33 19.45
C PRO A 368 16.88 -13.69 18.02
N VAL A 369 15.75 -14.37 17.84
CA VAL A 369 15.39 -14.68 16.45
C VAL A 369 14.19 -13.87 16.03
N ILE A 370 14.22 -13.31 14.83
CA ILE A 370 13.07 -12.55 14.32
C ILE A 370 12.65 -13.18 12.98
N GLU A 371 11.33 -13.41 12.81
CA GLU A 371 10.92 -14.02 11.55
C GLU A 371 10.41 -12.93 10.62
N THR A 372 11.08 -12.69 9.49
CA THR A 372 10.58 -11.65 8.59
C THR A 372 9.51 -12.25 7.66
N GLN A 373 8.88 -11.38 6.87
CA GLN A 373 7.85 -11.89 5.96
C GLN A 373 8.18 -11.48 4.53
N ALA A 374 8.35 -12.42 3.62
CA ALA A 374 8.69 -12.01 2.26
C ALA A 374 9.90 -11.06 2.31
N GLY A 375 10.83 -11.31 3.22
CA GLY A 375 12.04 -10.54 3.38
C GLY A 375 11.89 -9.09 3.72
N ASP A 376 10.77 -8.69 4.31
CA ASP A 376 10.46 -7.31 4.70
C ASP A 376 11.13 -6.97 6.01
N VAL A 377 12.44 -6.76 5.93
CA VAL A 377 13.19 -6.43 7.14
C VAL A 377 12.73 -5.11 7.76
N SER A 378 12.00 -4.27 7.05
CA SER A 378 11.49 -3.00 7.54
C SER A 378 10.11 -3.09 8.16
N ALA A 379 9.55 -4.26 8.28
CA ALA A 379 8.18 -4.32 8.86
C ALA A 379 8.37 -3.84 10.29
N TYR A 380 7.34 -3.69 11.07
CA TYR A 380 7.54 -3.15 12.43
C TYR A 380 8.45 -3.82 13.40
N ILE A 381 8.14 -5.01 13.91
CA ILE A 381 9.00 -5.73 14.85
C ILE A 381 10.36 -6.01 14.32
N PRO A 382 10.58 -6.44 13.11
CA PRO A 382 11.92 -6.65 12.57
C PRO A 382 12.67 -5.31 12.65
N THR A 383 12.00 -4.17 12.44
CA THR A 383 12.70 -2.89 12.53
C THR A 383 13.19 -2.54 13.93
N ASN A 384 12.36 -2.81 14.93
CA ASN A 384 12.76 -2.50 16.29
C ASN A 384 14.03 -3.24 16.70
N VAL A 385 13.92 -4.56 16.69
CA VAL A 385 14.97 -5.46 17.08
C VAL A 385 16.23 -5.29 16.29
N ILE A 386 16.09 -4.95 14.99
CA ILE A 386 17.35 -4.75 14.23
C ILE A 386 18.04 -3.52 14.84
N SER A 387 17.17 -2.53 15.08
CA SER A 387 17.61 -1.27 15.65
C SER A 387 18.14 -1.39 17.07
N ILE A 388 17.87 -2.49 17.75
CA ILE A 388 18.32 -2.62 19.14
C ILE A 388 19.63 -3.37 19.32
N THR A 389 19.87 -4.37 18.47
CA THR A 389 20.98 -5.29 18.50
C THR A 389 22.21 -4.78 17.81
N ASP A 390 23.34 -5.43 18.08
CA ASP A 390 24.65 -5.06 17.58
C ASP A 390 25.00 -5.57 16.20
N GLY A 391 24.08 -6.25 15.54
CA GLY A 391 24.38 -6.79 14.20
C GLY A 391 23.28 -7.79 13.85
N GLN A 392 23.27 -8.24 12.61
CA GLN A 392 22.28 -9.16 12.13
C GLN A 392 22.91 -10.20 11.19
N ILE A 393 22.40 -11.41 11.28
CA ILE A 393 22.84 -12.50 10.37
C ILE A 393 21.60 -12.65 9.47
N PHE A 394 21.66 -12.18 8.24
CA PHE A 394 20.49 -12.26 7.38
C PHE A 394 20.42 -13.54 6.55
N LEU A 395 19.42 -14.38 6.75
CA LEU A 395 19.31 -15.61 5.94
C LEU A 395 18.40 -15.43 4.73
N GLU A 396 18.64 -16.05 3.59
CA GLU A 396 17.79 -15.90 2.44
C GLU A 396 17.40 -17.17 1.71
N THR A 397 16.11 -17.28 1.38
CA THR A 397 15.61 -18.42 0.65
C THR A 397 16.34 -18.63 -0.67
N GLU A 398 16.41 -17.59 -1.48
CA GLU A 398 17.09 -17.72 -2.78
C GLU A 398 18.44 -18.36 -2.53
N LEU A 399 19.23 -17.85 -1.61
CA LEU A 399 20.54 -18.44 -1.31
C LEU A 399 20.37 -19.92 -0.94
N PHE A 400 19.55 -20.16 0.10
CA PHE A 400 19.28 -21.51 0.54
C PHE A 400 19.06 -22.41 -0.69
N TYR A 401 18.01 -22.18 -1.48
CA TYR A 401 17.77 -23.07 -2.62
C TYR A 401 18.85 -23.07 -3.64
N LYS A 402 19.71 -22.07 -3.71
CA LYS A 402 20.78 -22.05 -4.69
C LYS A 402 21.93 -22.93 -4.18
N GLY A 403 21.81 -23.50 -2.99
CA GLY A 403 22.90 -24.34 -2.53
C GLY A 403 23.74 -23.74 -1.44
N ILE A 404 23.55 -22.45 -1.14
CA ILE A 404 24.35 -21.84 -0.06
C ILE A 404 23.68 -22.17 1.27
N ARG A 405 24.19 -23.11 2.01
CA ARG A 405 23.63 -23.46 3.32
C ARG A 405 24.78 -23.54 4.30
N PRO A 406 24.76 -22.78 5.37
CA PRO A 406 23.74 -21.86 5.76
C PRO A 406 23.53 -20.66 4.85
N ALA A 407 22.27 -20.28 4.67
CA ALA A 407 21.84 -19.21 3.81
C ALA A 407 22.26 -17.82 4.19
N ILE A 408 23.39 -17.63 4.87
CA ILE A 408 23.79 -16.28 5.25
C ILE A 408 24.08 -15.35 4.09
N ASN A 409 23.38 -14.21 4.07
CA ASN A 409 23.63 -13.21 3.01
C ASN A 409 24.83 -12.41 3.58
N VAL A 410 26.02 -12.76 3.12
CA VAL A 410 27.22 -12.13 3.67
C VAL A 410 27.29 -10.64 3.46
N GLY A 411 26.84 -10.06 2.36
CA GLY A 411 26.86 -8.63 2.16
C GLY A 411 26.00 -7.88 3.15
N LEU A 412 24.78 -8.34 3.47
CA LEU A 412 23.96 -7.57 4.40
C LEU A 412 24.09 -7.93 5.85
N SER A 413 24.82 -9.01 6.16
CA SER A 413 24.94 -9.41 7.58
C SER A 413 25.93 -8.48 8.26
N VAL A 414 25.90 -8.28 9.57
CA VAL A 414 26.82 -7.33 10.17
C VAL A 414 27.19 -7.71 11.60
N SER A 415 28.31 -7.15 12.05
CA SER A 415 28.72 -7.33 13.42
C SER A 415 29.32 -5.98 13.89
N ARG A 416 28.48 -5.20 14.60
CA ARG A 416 29.01 -3.93 15.08
C ARG A 416 30.27 -4.26 15.90
N VAL A 417 30.25 -5.26 16.77
CA VAL A 417 31.44 -5.59 17.54
C VAL A 417 32.65 -5.90 16.67
N GLY A 418 32.47 -6.54 15.52
CA GLY A 418 33.56 -6.90 14.61
C GLY A 418 34.74 -7.67 15.15
N SER A 419 35.92 -7.38 14.60
CA SER A 419 37.17 -8.02 14.97
C SER A 419 37.47 -7.87 16.45
N ALA A 420 36.90 -6.88 17.12
CA ALA A 420 37.15 -6.75 18.55
C ALA A 420 36.85 -8.11 19.18
N ALA A 421 36.26 -9.00 18.39
CA ALA A 421 35.88 -10.30 18.88
C ALA A 421 36.46 -11.46 18.09
N GLN A 422 37.22 -11.20 17.04
CA GLN A 422 37.85 -12.29 16.29
C GLN A 422 39.22 -12.57 16.95
N THR A 423 39.71 -13.76 16.71
CA THR A 423 41.00 -14.24 17.24
C THR A 423 42.05 -13.77 16.27
N ARG A 424 43.33 -13.71 16.62
CA ARG A 424 44.32 -13.24 15.63
C ARG A 424 44.48 -14.23 14.48
N ALA A 425 44.24 -15.50 14.78
CA ALA A 425 44.36 -16.59 13.81
C ALA A 425 43.40 -16.35 12.65
N MET A 426 42.13 -16.14 13.06
CA MET A 426 41.03 -15.93 12.15
C MET A 426 41.25 -14.67 11.33
N LYS A 427 41.52 -13.58 12.03
CA LYS A 427 41.78 -12.29 11.37
C LYS A 427 42.81 -12.46 10.26
N GLN A 428 43.84 -13.23 10.61
CA GLN A 428 44.94 -13.51 9.68
C GLN A 428 44.40 -14.00 8.35
N VAL A 429 43.20 -14.58 8.38
CA VAL A 429 42.59 -15.09 7.14
C VAL A 429 41.30 -14.37 6.80
N ALA A 430 40.42 -14.26 7.78
CA ALA A 430 39.13 -13.61 7.64
C ALA A 430 39.19 -12.34 6.80
N GLY A 431 40.17 -11.51 7.08
CA GLY A 431 40.40 -10.25 6.45
C GLY A 431 40.54 -10.24 4.96
N THR A 432 41.33 -11.15 4.37
CA THR A 432 41.42 -11.06 2.91
C THR A 432 40.21 -11.71 2.28
N MET A 433 39.65 -12.69 2.97
CA MET A 433 38.44 -13.38 2.47
C MET A 433 37.30 -12.36 2.38
N LYS A 434 37.09 -11.64 3.49
CA LYS A 434 36.04 -10.64 3.50
C LYS A 434 36.15 -9.75 2.26
N LEU A 435 37.38 -9.35 1.94
CA LEU A 435 37.69 -8.49 0.83
C LEU A 435 37.56 -9.04 -0.58
N GLU A 436 37.95 -10.28 -0.86
CA GLU A 436 37.79 -10.81 -2.23
C GLU A 436 36.29 -11.06 -2.45
N LEU A 437 35.63 -11.44 -1.35
CA LEU A 437 34.19 -11.70 -1.49
C LEU A 437 33.49 -10.39 -1.87
N ALA A 438 33.71 -9.34 -1.06
CA ALA A 438 33.07 -8.06 -1.39
C ALA A 438 33.33 -7.72 -2.86
N GLN A 439 34.56 -8.03 -3.32
CA GLN A 439 34.97 -7.77 -4.68
C GLN A 439 34.21 -8.62 -5.69
N TYR A 440 34.03 -9.89 -5.35
CA TYR A 440 33.27 -10.81 -6.21
C TYR A 440 31.84 -10.24 -6.30
N ARG A 441 31.27 -9.98 -5.13
CA ARG A 441 29.92 -9.46 -5.09
C ARG A 441 29.77 -8.31 -6.07
N GLU A 442 30.80 -7.50 -6.29
CA GLU A 442 30.64 -6.42 -7.27
C GLU A 442 30.46 -6.95 -8.69
N VAL A 443 31.21 -7.96 -9.06
CA VAL A 443 31.17 -8.57 -10.38
C VAL A 443 30.29 -9.78 -10.61
N ALA A 444 29.98 -10.59 -9.63
CA ALA A 444 29.18 -11.78 -9.70
C ALA A 444 28.15 -11.79 -10.83
N ALA A 445 27.26 -10.82 -10.87
CA ALA A 445 26.21 -10.73 -11.87
C ALA A 445 26.72 -10.92 -13.29
N PHE A 446 27.94 -10.48 -13.58
CA PHE A 446 28.52 -10.58 -14.90
C PHE A 446 28.75 -12.01 -15.37
N ALA A 447 29.23 -12.84 -14.48
CA ALA A 447 29.51 -14.23 -14.76
C ALA A 447 28.69 -14.81 -15.90
N GLN A 448 27.42 -15.06 -15.64
CA GLN A 448 26.46 -15.65 -16.54
C GLN A 448 26.28 -15.03 -17.91
N PHE A 449 27.00 -13.99 -18.26
CA PHE A 449 26.89 -13.34 -19.56
C PHE A 449 28.28 -12.84 -19.98
N GLY A 450 29.27 -13.21 -19.17
CA GLY A 450 30.66 -12.82 -19.37
C GLY A 450 31.28 -13.42 -20.61
N SER A 451 30.69 -13.08 -21.75
CA SER A 451 31.09 -13.54 -23.07
C SER A 451 32.53 -13.16 -23.41
N ASP A 452 33.16 -12.33 -22.58
CA ASP A 452 34.53 -11.94 -22.86
C ASP A 452 35.12 -10.96 -21.87
N LEU A 453 35.18 -11.36 -20.60
CA LEU A 453 35.75 -10.51 -19.57
C LEU A 453 37.27 -10.67 -19.48
N ASP A 454 37.92 -9.56 -19.15
CA ASP A 454 39.37 -9.54 -18.98
C ASP A 454 39.77 -10.53 -17.89
N ALA A 455 41.01 -10.99 -17.88
CA ALA A 455 41.40 -11.94 -16.84
C ALA A 455 41.53 -11.26 -15.49
N ALA A 456 41.38 -9.93 -15.41
CA ALA A 456 41.50 -9.30 -14.09
C ALA A 456 40.28 -9.71 -13.25
N THR A 457 39.12 -9.34 -13.76
CA THR A 457 37.84 -9.63 -13.15
C THR A 457 37.51 -11.12 -13.24
N GLN A 458 37.95 -11.76 -14.32
CA GLN A 458 37.71 -13.19 -14.46
C GLN A 458 38.39 -13.91 -13.29
N GLN A 459 39.40 -13.24 -12.73
CA GLN A 459 40.11 -13.80 -11.58
C GLN A 459 39.17 -13.71 -10.39
N LEU A 460 38.66 -12.50 -10.11
CA LEU A 460 37.76 -12.36 -8.97
C LEU A 460 36.55 -13.26 -9.08
N LEU A 461 36.07 -13.60 -10.27
CA LEU A 461 34.92 -14.52 -10.30
C LEU A 461 35.37 -15.87 -9.76
N SER A 462 36.56 -16.32 -10.16
CA SER A 462 37.06 -17.59 -9.68
C SER A 462 37.27 -17.55 -8.18
N ARG A 463 38.03 -16.61 -7.66
CA ARG A 463 38.19 -16.59 -6.19
C ARG A 463 36.78 -16.60 -5.56
N GLY A 464 35.91 -15.79 -6.16
CA GLY A 464 34.56 -15.64 -5.73
C GLY A 464 33.82 -16.93 -5.47
N VAL A 465 33.69 -17.80 -6.47
CA VAL A 465 32.98 -19.06 -6.33
C VAL A 465 33.63 -20.08 -5.42
N ARG A 466 34.95 -20.09 -5.35
CA ARG A 466 35.63 -21.01 -4.44
C ARG A 466 35.46 -20.50 -3.01
N LEU A 467 35.79 -19.22 -2.79
CA LEU A 467 35.61 -18.74 -1.41
C LEU A 467 34.20 -19.03 -0.95
N THR A 468 33.22 -18.82 -1.82
CA THR A 468 31.81 -19.08 -1.50
C THR A 468 31.54 -20.53 -1.15
N GLU A 469 32.20 -21.43 -1.86
CA GLU A 469 32.01 -22.85 -1.59
C GLU A 469 32.63 -23.21 -0.24
N LEU A 470 33.58 -22.40 0.21
CA LEU A 470 34.25 -22.71 1.47
C LEU A 470 33.36 -22.31 2.64
N LEU A 471 32.46 -21.37 2.39
CA LEU A 471 31.55 -20.93 3.45
C LEU A 471 30.39 -21.89 3.67
N LYS A 472 30.21 -22.84 2.74
CA LYS A 472 29.13 -23.82 2.87
C LYS A 472 29.28 -24.68 4.11
N GLN A 473 28.24 -25.30 4.62
CA GLN A 473 28.42 -26.12 5.82
C GLN A 473 27.18 -26.97 6.12
N GLY A 474 27.46 -28.20 6.55
CA GLY A 474 26.37 -29.12 6.91
C GLY A 474 26.07 -28.69 8.36
N GLN A 475 24.99 -29.18 8.87
CA GLN A 475 24.43 -28.92 10.18
C GLN A 475 24.97 -29.84 11.26
N TYR A 476 24.77 -29.52 12.53
CA TYR A 476 25.23 -30.37 13.62
C TYR A 476 26.71 -30.69 13.62
N SER A 477 27.51 -29.93 12.89
CA SER A 477 28.95 -30.19 12.89
C SER A 477 29.69 -28.87 12.90
N PRO A 478 29.69 -28.22 14.05
CA PRO A 478 30.37 -26.96 14.27
C PRO A 478 31.88 -27.13 14.32
N MET A 479 32.70 -26.27 13.72
CA MET A 479 34.14 -26.51 13.81
C MET A 479 34.93 -25.65 14.80
N ALA A 480 36.07 -26.23 15.17
CA ALA A 480 37.06 -25.65 16.06
C ALA A 480 37.79 -24.56 15.23
N ILE A 481 37.91 -23.39 15.82
CA ILE A 481 38.49 -22.24 15.13
C ILE A 481 39.72 -22.60 14.34
N GLU A 482 40.54 -23.55 14.80
CA GLU A 482 41.77 -23.95 14.12
C GLU A 482 41.54 -24.70 12.81
N GLU A 483 40.43 -25.45 12.76
CA GLU A 483 40.03 -26.20 11.58
C GLU A 483 39.47 -25.26 10.53
N GLN A 484 38.74 -24.24 10.99
CA GLN A 484 38.19 -23.24 10.09
C GLN A 484 39.33 -22.46 9.42
N VAL A 485 40.31 -21.95 10.18
CA VAL A 485 41.37 -21.22 9.50
C VAL A 485 42.17 -22.11 8.56
N ALA A 486 42.42 -23.36 8.94
CA ALA A 486 43.20 -24.23 8.04
C ALA A 486 42.50 -24.35 6.67
N VAL A 487 41.18 -24.57 6.71
CA VAL A 487 40.43 -24.69 5.45
C VAL A 487 40.36 -23.36 4.72
N ILE A 488 40.01 -22.27 5.42
CA ILE A 488 39.93 -20.96 4.78
C ILE A 488 41.27 -20.63 4.12
N TYR A 489 42.36 -20.92 4.85
CA TYR A 489 43.69 -20.63 4.30
C TYR A 489 43.81 -21.25 2.91
N ALA A 490 43.37 -22.49 2.77
CA ALA A 490 43.46 -23.22 1.52
C ALA A 490 42.97 -22.47 0.31
N GLY A 491 41.77 -21.91 0.31
CA GLY A 491 41.28 -21.21 -0.88
C GLY A 491 41.78 -19.78 -0.97
N VAL A 492 41.79 -19.12 0.18
CA VAL A 492 42.25 -17.73 0.31
C VAL A 492 43.66 -17.58 -0.22
N ARG A 493 44.53 -18.55 0.08
CA ARG A 493 45.89 -18.53 -0.40
C ARG A 493 45.94 -18.84 -1.90
N GLY A 494 44.87 -19.35 -2.48
CA GLY A 494 44.85 -19.67 -3.89
C GLY A 494 44.94 -21.14 -4.20
N TYR A 495 45.21 -22.00 -3.23
CA TYR A 495 45.31 -23.43 -3.52
C TYR A 495 44.13 -24.07 -4.20
N LEU A 496 42.89 -23.65 -3.99
CA LEU A 496 41.79 -24.31 -4.69
C LEU A 496 41.41 -23.59 -5.97
N ASP A 497 42.16 -22.57 -6.37
CA ASP A 497 41.82 -21.82 -7.58
C ASP A 497 41.79 -22.66 -8.84
N LYS A 498 42.61 -23.70 -8.90
CA LYS A 498 42.62 -24.54 -10.10
C LYS A 498 41.73 -25.76 -9.90
N LEU A 499 41.19 -25.89 -8.71
CA LEU A 499 40.28 -26.99 -8.37
C LEU A 499 38.90 -26.67 -8.94
N GLU A 500 38.06 -27.67 -9.13
CA GLU A 500 36.72 -27.48 -9.64
C GLU A 500 35.74 -27.09 -8.55
N PRO A 501 34.97 -26.05 -8.76
CA PRO A 501 33.96 -25.60 -7.83
C PRO A 501 33.19 -26.80 -7.29
N SER A 502 32.75 -27.66 -8.21
CA SER A 502 32.01 -28.85 -7.82
C SER A 502 32.75 -29.72 -6.80
N LYS A 503 34.07 -29.61 -6.67
CA LYS A 503 34.82 -30.41 -5.74
C LYS A 503 35.22 -29.79 -4.41
N ILE A 504 35.23 -28.48 -4.25
CA ILE A 504 35.62 -27.86 -3.00
C ILE A 504 34.97 -28.47 -1.79
N THR A 505 33.70 -28.81 -1.86
CA THR A 505 33.01 -29.40 -0.72
C THR A 505 33.62 -30.73 -0.31
N LYS A 506 34.04 -31.50 -1.31
CA LYS A 506 34.65 -32.80 -1.14
C LYS A 506 36.10 -32.69 -0.66
N PHE A 507 36.78 -31.69 -1.21
CA PHE A 507 38.14 -31.38 -0.87
C PHE A 507 38.28 -31.08 0.62
N GLU A 508 37.60 -30.03 1.06
CA GLU A 508 37.60 -29.58 2.45
C GLU A 508 37.38 -30.73 3.43
N ASN A 509 36.30 -31.43 3.19
CA ASN A 509 35.85 -32.54 3.98
C ASN A 509 36.96 -33.54 4.26
N ALA A 510 37.58 -34.00 3.19
CA ALA A 510 38.69 -34.94 3.18
C ALA A 510 39.99 -34.30 3.65
N PHE A 511 40.20 -33.06 3.22
CA PHE A 511 41.40 -32.35 3.61
C PHE A 511 41.38 -32.19 5.12
N LEU A 512 40.21 -31.80 5.61
CA LEU A 512 40.08 -31.57 7.05
C LEU A 512 40.10 -32.86 7.84
N SER A 513 39.71 -33.94 7.19
CA SER A 513 39.69 -35.26 7.83
C SER A 513 41.15 -35.69 8.05
N HIS A 514 41.91 -35.35 7.00
CA HIS A 514 43.33 -35.65 6.99
C HIS A 514 44.10 -34.94 8.08
N VAL A 515 44.00 -33.61 8.17
CA VAL A 515 44.75 -32.85 9.19
C VAL A 515 44.23 -33.07 10.59
N ILE A 516 42.98 -33.46 10.73
CA ILE A 516 42.41 -33.72 12.06
C ILE A 516 42.93 -35.09 12.48
N SER A 517 43.34 -35.88 11.50
CA SER A 517 43.87 -37.23 11.76
C SER A 517 45.38 -37.21 11.99
N GLN A 518 46.09 -36.91 10.93
CA GLN A 518 47.52 -36.85 10.84
C GLN A 518 48.17 -35.63 11.45
N HIS A 519 47.66 -34.43 11.24
CA HIS A 519 48.26 -33.22 11.74
C HIS A 519 47.74 -32.53 12.96
N GLN A 520 47.35 -33.22 14.02
CA GLN A 520 46.86 -32.54 15.20
C GLN A 520 47.92 -31.75 15.94
N ALA A 521 49.13 -31.74 15.46
CA ALA A 521 50.18 -30.99 16.14
C ALA A 521 50.32 -29.60 15.56
N LEU A 522 49.92 -29.46 14.31
CA LEU A 522 50.00 -28.15 13.64
C LEU A 522 48.79 -27.34 14.10
N LEU A 523 47.65 -28.02 14.12
CA LEU A 523 46.41 -27.38 14.54
C LEU A 523 46.59 -26.95 16.00
N SER A 524 47.27 -27.80 16.79
CA SER A 524 47.49 -27.47 18.21
C SER A 524 48.37 -26.23 18.28
N LYS A 525 49.27 -26.07 17.30
CA LYS A 525 50.15 -24.91 17.25
C LYS A 525 49.26 -23.70 16.98
N ILE A 526 48.70 -23.71 15.77
CA ILE A 526 47.79 -22.65 15.32
C ILE A 526 46.93 -22.21 16.48
N ARG A 527 46.36 -23.24 17.10
CA ARG A 527 45.51 -23.02 18.28
C ARG A 527 46.33 -22.23 19.28
N THR A 528 47.28 -22.86 19.93
CA THR A 528 48.14 -22.21 20.91
C THR A 528 48.72 -20.90 20.46
N ASP A 529 49.65 -20.90 19.53
CA ASP A 529 50.25 -19.66 19.07
C ASP A 529 49.20 -18.61 18.68
N GLY A 530 47.95 -19.06 18.61
CA GLY A 530 46.84 -18.19 18.26
C GLY A 530 46.93 -17.59 16.88
N LYS A 531 47.98 -17.85 16.12
CA LYS A 531 48.05 -17.28 14.77
C LYS A 531 48.75 -18.23 13.82
N ILE A 532 49.03 -17.82 12.58
CA ILE A 532 49.71 -18.74 11.67
C ILE A 532 51.17 -18.29 11.57
N SER A 533 52.01 -19.00 12.35
CA SER A 533 53.43 -18.64 12.33
C SER A 533 53.98 -18.86 10.93
N GLU A 534 55.11 -18.24 10.67
CA GLU A 534 55.78 -18.35 9.36
C GLU A 534 56.08 -19.81 9.05
N GLU A 535 56.31 -20.57 10.11
CA GLU A 535 56.59 -21.98 10.09
C GLU A 535 55.36 -22.80 9.67
N SER A 536 54.43 -22.85 10.61
CA SER A 536 53.16 -23.54 10.40
C SER A 536 52.60 -23.13 9.05
N ASP A 537 52.99 -21.92 8.62
CA ASP A 537 52.51 -21.46 7.32
C ASP A 537 53.08 -22.37 6.24
N ALA A 538 54.38 -22.57 6.33
CA ALA A 538 55.13 -23.40 5.38
C ALA A 538 54.71 -24.86 5.45
N LYS A 539 54.40 -25.33 6.64
CA LYS A 539 53.97 -26.71 6.83
C LYS A 539 52.61 -26.92 6.16
N LEU A 540 51.74 -25.93 6.28
CA LEU A 540 50.42 -26.00 5.64
C LEU A 540 50.63 -25.99 4.13
N LYS A 541 51.54 -25.12 3.65
CA LYS A 541 51.74 -25.09 2.20
C LYS A 541 51.97 -26.49 1.66
N GLU A 542 52.92 -27.21 2.21
CA GLU A 542 53.23 -28.56 1.80
C GLU A 542 52.06 -29.52 2.02
N ILE A 543 51.47 -29.47 3.21
CA ILE A 543 50.34 -30.34 3.48
C ILE A 543 49.28 -30.16 2.39
N VAL A 544 48.99 -28.93 1.93
CA VAL A 544 47.93 -28.79 0.92
C VAL A 544 48.38 -29.04 -0.50
N THR A 545 49.63 -28.75 -0.80
CA THR A 545 50.11 -28.97 -2.16
C THR A 545 50.36 -30.43 -2.44
N ASN A 546 50.46 -31.24 -1.38
CA ASN A 546 50.70 -32.67 -1.60
C ASN A 546 49.37 -33.40 -1.56
N PHE A 547 48.48 -32.88 -0.72
CA PHE A 547 47.14 -33.43 -0.60
C PHE A 547 46.36 -33.14 -1.88
N LEU A 548 46.52 -31.92 -2.38
CA LEU A 548 45.84 -31.56 -3.63
C LEU A 548 46.30 -32.47 -4.76
N ALA A 549 47.60 -32.68 -4.87
CA ALA A 549 48.19 -33.55 -5.89
C ALA A 549 47.54 -34.93 -5.75
N GLY A 550 47.55 -35.37 -4.49
CA GLY A 550 46.92 -36.67 -4.22
C GLY A 550 45.49 -36.58 -4.80
N PHE A 551 44.76 -35.58 -4.36
CA PHE A 551 43.39 -35.32 -4.71
C PHE A 551 43.05 -35.37 -6.19
N GLU A 552 43.83 -34.88 -7.10
CA GLU A 552 43.50 -34.92 -8.53
C GLU A 552 44.23 -35.97 -9.36
N ALA A 553 44.37 -37.15 -8.76
CA ALA A 553 45.03 -38.29 -9.35
C ALA A 553 44.03 -39.25 -9.96
N ASP B 67 -21.86 33.68 35.82
CA ASP B 67 -22.47 33.97 34.53
C ASP B 67 -22.08 32.97 33.44
N LEU B 68 -23.02 32.08 33.14
CA LEU B 68 -22.76 31.07 32.10
C LEU B 68 -23.33 31.46 30.76
N GLU B 69 -23.71 32.73 30.62
CA GLU B 69 -24.27 33.18 29.35
C GLU B 69 -23.19 33.79 28.47
N GLU B 70 -22.27 34.55 29.07
CA GLU B 70 -21.23 35.17 28.26
C GLU B 70 -19.86 34.64 28.65
N THR B 71 -19.89 33.75 29.65
CA THR B 71 -18.61 33.19 30.12
C THR B 71 -18.69 31.67 30.19
N GLY B 72 -17.57 31.02 30.37
CA GLY B 72 -17.49 29.58 30.51
C GLY B 72 -16.26 29.19 31.32
N ARG B 73 -16.29 28.02 31.96
CA ARG B 73 -15.11 27.57 32.73
C ARG B 73 -14.62 26.35 31.95
N VAL B 74 -13.33 26.23 31.68
CA VAL B 74 -12.81 25.10 30.92
C VAL B 74 -13.08 23.77 31.60
N LEU B 75 -13.59 22.77 30.86
CA LEU B 75 -13.87 21.47 31.43
C LEU B 75 -12.64 20.58 31.27
N SER B 76 -11.94 20.81 30.16
CA SER B 76 -10.76 19.99 29.88
C SER B 76 -9.99 20.54 28.68
N ILE B 77 -8.68 20.61 28.80
CA ILE B 77 -7.85 21.08 27.68
C ILE B 77 -6.92 19.87 27.36
N GLY B 78 -6.62 19.66 26.10
CA GLY B 78 -5.80 18.57 25.63
C GLY B 78 -5.93 18.44 24.10
N ASP B 79 -4.73 18.26 23.49
CA ASP B 79 -4.72 18.12 22.02
C ASP B 79 -5.34 19.34 21.38
N GLY B 80 -5.06 20.51 21.95
CA GLY B 80 -5.50 21.77 21.46
C GLY B 80 -6.98 21.98 21.23
N ILE B 81 -7.77 21.22 21.97
CA ILE B 81 -9.22 21.42 21.85
C ILE B 81 -9.68 21.64 23.29
N ALA B 82 -10.17 22.83 23.60
CA ALA B 82 -10.60 23.05 24.99
C ALA B 82 -12.11 22.79 25.02
N ARG B 83 -12.55 22.04 26.02
CA ARG B 83 -14.00 21.80 26.07
C ARG B 83 -14.54 22.70 27.16
N VAL B 84 -15.15 23.82 26.79
CA VAL B 84 -15.69 24.78 27.74
C VAL B 84 -17.13 24.51 28.13
N HIS B 85 -17.44 24.84 29.37
CA HIS B 85 -18.80 24.67 29.91
C HIS B 85 -19.44 26.06 30.02
N GLY B 86 -20.63 26.26 29.49
CA GLY B 86 -21.24 27.60 29.57
C GLY B 86 -21.16 28.28 28.21
N LEU B 87 -20.92 29.58 28.17
CA LEU B 87 -20.86 30.28 26.88
C LEU B 87 -22.15 30.02 26.12
N ARG B 88 -23.28 30.02 26.86
CA ARG B 88 -24.54 29.77 26.20
C ARG B 88 -24.87 30.78 25.11
N ASN B 89 -24.16 31.88 25.03
CA ASN B 89 -24.52 32.83 23.96
C ASN B 89 -23.54 32.85 22.82
N VAL B 90 -22.45 32.08 22.86
CA VAL B 90 -21.53 32.14 21.73
C VAL B 90 -22.22 31.76 20.41
N GLN B 91 -21.72 32.38 19.34
CA GLN B 91 -22.21 32.04 18.02
C GLN B 91 -21.21 31.02 17.45
N ALA B 92 -21.59 30.28 16.40
CA ALA B 92 -20.58 29.33 15.88
C ALA B 92 -19.48 30.15 15.19
N GLU B 93 -18.22 29.83 15.47
CA GLU B 93 -17.07 30.49 14.86
C GLU B 93 -16.75 31.87 15.40
N GLU B 94 -17.20 32.15 16.62
CA GLU B 94 -16.93 33.47 17.20
C GLU B 94 -15.60 33.36 17.94
N MET B 95 -14.82 34.41 18.04
CA MET B 95 -13.57 34.43 18.78
C MET B 95 -13.88 34.46 20.29
N VAL B 96 -13.17 33.75 21.15
CA VAL B 96 -13.49 33.82 22.59
C VAL B 96 -12.17 34.10 23.28
N GLU B 97 -12.07 34.40 24.56
CA GLU B 97 -10.78 34.68 25.17
C GLU B 97 -10.49 33.87 26.41
N PHE B 98 -9.26 33.40 26.56
CA PHE B 98 -8.92 32.59 27.74
C PHE B 98 -8.33 33.43 28.85
N SER B 99 -8.51 33.05 30.11
CA SER B 99 -7.94 33.79 31.23
C SER B 99 -6.54 34.32 30.90
N SER B 100 -5.75 33.53 30.19
CA SER B 100 -4.39 33.85 29.82
C SER B 100 -4.27 34.68 28.56
N GLY B 101 -5.32 35.39 28.20
CA GLY B 101 -5.28 36.21 27.00
C GLY B 101 -5.02 35.39 25.75
N LEU B 102 -5.29 34.10 25.81
CA LEU B 102 -5.10 33.24 24.61
C LEU B 102 -6.41 33.32 23.82
N LYS B 103 -6.38 33.07 22.53
CA LYS B 103 -7.64 33.18 21.78
C LYS B 103 -8.11 31.86 21.22
N GLY B 104 -9.39 31.73 20.91
CA GLY B 104 -9.89 30.49 20.36
C GLY B 104 -11.08 30.72 19.46
N MET B 105 -11.45 29.69 18.70
CA MET B 105 -12.59 29.78 17.80
C MET B 105 -13.63 28.74 18.26
N SER B 106 -14.87 29.15 18.50
CA SER B 106 -15.93 28.21 18.88
C SER B 106 -16.26 27.41 17.62
N LEU B 107 -15.86 26.15 17.64
CA LEU B 107 -16.01 25.22 16.54
C LEU B 107 -17.32 24.42 16.61
N ASN B 108 -17.45 23.67 17.69
CA ASN B 108 -18.61 22.85 17.93
C ASN B 108 -19.53 23.44 19.00
N LEU B 109 -20.78 23.60 18.62
CA LEU B 109 -21.76 24.08 19.61
C LEU B 109 -22.62 22.85 19.91
N GLU B 110 -22.24 22.18 20.99
CA GLU B 110 -22.93 20.98 21.42
C GLU B 110 -23.86 21.30 22.57
N PRO B 111 -24.90 20.50 22.73
CA PRO B 111 -25.88 20.64 23.77
C PRO B 111 -25.33 20.89 25.14
N ASP B 112 -24.05 20.71 25.45
CA ASP B 112 -23.70 20.96 26.87
C ASP B 112 -22.23 21.27 27.01
N ASN B 113 -21.71 21.94 26.01
CA ASN B 113 -20.31 22.36 26.02
C ASN B 113 -19.99 22.96 24.65
N VAL B 114 -18.91 23.70 24.59
CA VAL B 114 -18.48 24.31 23.34
C VAL B 114 -17.10 23.77 23.00
N GLY B 115 -16.91 23.17 21.84
CA GLY B 115 -15.53 22.70 21.58
C GLY B 115 -14.80 23.94 21.03
N VAL B 116 -13.74 24.39 21.72
CA VAL B 116 -13.03 25.56 21.21
C VAL B 116 -11.66 25.18 20.67
N VAL B 117 -11.23 25.78 19.59
CA VAL B 117 -9.94 25.55 18.97
C VAL B 117 -9.00 26.66 19.46
N VAL B 118 -8.01 26.33 20.26
CA VAL B 118 -7.07 27.27 20.84
C VAL B 118 -6.03 27.75 19.87
N PHE B 119 -5.91 29.05 19.64
CA PHE B 119 -4.94 29.61 18.70
C PHE B 119 -3.58 29.83 19.34
N GLY B 120 -3.02 28.82 19.97
CA GLY B 120 -1.70 28.96 20.61
C GLY B 120 -1.44 27.73 21.47
N ASN B 121 -0.30 27.68 22.16
CA ASN B 121 0.03 26.54 23.01
C ASN B 121 -1.07 26.30 24.05
N ASP B 122 -1.54 25.07 24.17
CA ASP B 122 -2.58 24.76 25.13
C ASP B 122 -1.99 24.45 26.50
N LYS B 123 -0.72 24.74 26.71
CA LYS B 123 -0.15 24.48 28.04
C LYS B 123 -0.76 25.53 28.99
N LEU B 124 -0.95 26.75 28.47
CA LEU B 124 -1.50 27.89 29.17
C LEU B 124 -2.94 27.72 29.62
N ILE B 125 -3.68 26.78 29.05
CA ILE B 125 -5.07 26.60 29.48
C ILE B 125 -5.16 25.45 30.48
N LYS B 126 -6.06 25.58 31.44
CA LYS B 126 -6.21 24.53 32.43
C LYS B 126 -7.68 24.33 32.76
N GLU B 127 -7.97 23.17 33.34
CA GLU B 127 -9.34 22.85 33.73
C GLU B 127 -9.82 23.99 34.62
N GLY B 128 -11.00 24.53 34.38
CA GLY B 128 -11.49 25.61 35.22
C GLY B 128 -11.19 27.02 34.81
N ASP B 129 -10.32 27.29 33.87
CA ASP B 129 -10.02 28.66 33.44
C ASP B 129 -11.29 29.35 32.95
N ILE B 130 -11.24 30.69 32.96
CA ILE B 130 -12.44 31.39 32.50
C ILE B 130 -12.30 31.70 31.00
N VAL B 131 -13.40 31.50 30.28
CA VAL B 131 -13.43 31.78 28.85
C VAL B 131 -14.49 32.85 28.63
N LYS B 132 -14.17 33.93 27.95
CA LYS B 132 -15.16 34.98 27.73
C LYS B 132 -15.41 35.23 26.25
N ARG B 133 -16.70 35.47 25.92
CA ARG B 133 -17.01 35.76 24.52
C ARG B 133 -16.35 37.09 24.12
N THR B 134 -16.53 37.46 22.86
CA THR B 134 -16.00 38.69 22.33
C THR B 134 -17.06 39.19 21.32
N GLY B 135 -18.08 38.38 21.17
CA GLY B 135 -19.19 38.62 20.27
C GLY B 135 -18.74 38.78 18.83
N ALA B 136 -17.53 38.28 18.54
CA ALA B 136 -17.00 38.41 17.20
C ALA B 136 -16.57 37.16 16.46
N ILE B 137 -17.13 36.95 15.27
CA ILE B 137 -16.74 35.79 14.43
C ILE B 137 -15.26 36.11 14.10
N VAL B 138 -14.36 35.15 14.20
CA VAL B 138 -12.96 35.41 13.93
C VAL B 138 -12.76 36.41 12.81
N ASP B 139 -11.99 37.47 13.10
CA ASP B 139 -11.71 38.45 12.04
C ASP B 139 -10.28 38.95 12.24
N VAL B 140 -9.86 39.89 11.41
CA VAL B 140 -8.53 40.44 11.53
C VAL B 140 -8.37 41.87 10.98
N PRO B 141 -7.42 42.55 11.59
CA PRO B 141 -7.02 43.89 11.22
C PRO B 141 -6.84 43.96 9.72
N VAL B 142 -7.38 44.95 9.08
CA VAL B 142 -7.26 45.07 7.61
C VAL B 142 -7.04 46.51 7.20
N GLY B 143 -6.36 46.79 6.11
CA GLY B 143 -6.18 48.15 5.65
C GLY B 143 -4.73 48.47 5.36
N GLU B 144 -4.52 49.56 4.64
CA GLU B 144 -3.21 50.02 4.25
C GLU B 144 -2.16 50.17 5.32
N GLU B 145 -2.52 50.22 6.61
CA GLU B 145 -1.51 50.38 7.65
C GLU B 145 -0.81 49.09 8.04
N LEU B 146 -0.98 48.02 7.29
CA LEU B 146 -0.32 46.74 7.58
C LEU B 146 0.92 46.68 6.70
N LEU B 147 0.84 47.40 5.57
CA LEU B 147 2.00 47.44 4.67
C LEU B 147 3.27 47.65 5.44
N GLY B 148 4.34 46.92 5.16
CA GLY B 148 5.61 47.12 5.88
C GLY B 148 5.51 46.51 7.25
N ARG B 149 4.37 45.92 7.60
CA ARG B 149 4.34 45.26 8.91
C ARG B 149 4.53 43.75 8.80
N VAL B 150 5.05 43.15 9.86
CA VAL B 150 5.25 41.71 9.97
C VAL B 150 4.33 41.27 11.13
N VAL B 151 3.19 40.70 10.76
CA VAL B 151 2.20 40.25 11.74
C VAL B 151 2.09 38.73 11.83
N ASP B 152 1.49 38.28 12.91
CA ASP B 152 1.25 36.85 13.13
C ASP B 152 -0.09 36.48 12.45
N ALA B 153 -0.60 35.26 12.66
CA ALA B 153 -1.84 34.86 11.99
C ALA B 153 -3.07 35.56 12.51
N LEU B 154 -2.95 36.31 13.60
CA LEU B 154 -4.09 37.03 14.18
C LEU B 154 -4.09 38.51 13.85
N GLY B 155 -3.02 38.99 13.24
CA GLY B 155 -2.92 40.42 12.91
C GLY B 155 -1.98 41.12 13.88
N ASN B 156 -1.57 40.48 14.97
CA ASN B 156 -0.66 41.03 15.95
C ASN B 156 0.71 41.29 15.32
N ALA B 157 1.31 42.43 15.66
CA ALA B 157 2.61 42.78 15.07
C ALA B 157 3.69 41.91 15.69
N ILE B 158 4.66 41.50 14.88
CA ILE B 158 5.74 40.67 15.44
C ILE B 158 7.10 41.26 15.02
N ASP B 159 7.05 42.45 14.43
CA ASP B 159 8.29 43.13 14.05
C ASP B 159 8.71 43.98 15.26
N GLY B 160 7.87 43.91 16.30
CA GLY B 160 8.13 44.68 17.52
C GLY B 160 8.24 46.17 17.19
N LYS B 161 7.70 46.60 16.04
CA LYS B 161 7.71 47.97 15.62
C LYS B 161 6.45 48.73 16.01
N GLY B 162 5.85 48.44 17.15
CA GLY B 162 4.65 49.19 17.53
C GLY B 162 3.38 48.71 16.88
N PRO B 163 2.28 48.90 17.60
CA PRO B 163 0.94 48.54 17.23
C PRO B 163 0.53 48.93 15.83
N ILE B 164 -0.30 48.09 15.23
CA ILE B 164 -0.80 48.35 13.87
C ILE B 164 -2.00 49.30 14.07
N GLY B 165 -1.93 50.47 13.45
CA GLY B 165 -3.08 51.39 13.67
C GLY B 165 -4.19 51.05 12.68
N SER B 166 -4.90 49.94 12.92
CA SER B 166 -5.93 49.60 11.95
C SER B 166 -7.32 50.11 12.25
N LYS B 167 -7.98 50.61 11.20
CA LYS B 167 -9.35 51.11 11.34
C LYS B 167 -10.34 50.00 11.00
N ALA B 168 -10.14 49.31 9.88
CA ALA B 168 -11.02 48.23 9.49
C ALA B 168 -10.62 46.87 10.07
N ARG B 169 -11.64 46.03 10.10
CA ARG B 169 -11.56 44.64 10.52
C ARG B 169 -12.27 43.81 9.44
N ARG B 170 -11.94 42.53 9.36
CA ARG B 170 -12.57 41.68 8.32
C ARG B 170 -12.56 40.23 8.77
N ARG B 171 -13.64 39.49 8.56
CA ARG B 171 -13.71 38.08 8.95
C ARG B 171 -12.72 37.29 8.07
N VAL B 172 -12.10 36.28 8.65
CA VAL B 172 -11.12 35.46 7.91
C VAL B 172 -11.81 34.48 6.96
N GLY B 173 -13.00 34.06 7.36
CA GLY B 173 -13.78 33.17 6.63
C GLY B 173 -14.79 33.63 5.63
N LEU B 174 -14.84 34.80 5.05
CA LEU B 174 -15.87 35.13 4.07
C LEU B 174 -15.86 34.30 2.80
N LYS B 175 -17.03 34.16 2.20
CA LYS B 175 -17.16 33.38 0.97
C LYS B 175 -16.71 34.17 -0.24
N ALA B 176 -16.08 33.55 -1.21
CA ALA B 176 -15.63 34.29 -2.37
C ALA B 176 -16.76 34.89 -3.18
N PRO B 177 -16.46 35.97 -3.88
CA PRO B 177 -17.39 36.63 -4.77
C PRO B 177 -17.91 35.62 -5.81
N GLY B 178 -19.18 35.74 -6.12
CA GLY B 178 -19.91 34.93 -7.06
C GLY B 178 -19.53 35.14 -8.51
N ILE B 179 -20.40 34.66 -9.40
CA ILE B 179 -20.17 34.73 -10.84
C ILE B 179 -20.31 36.13 -11.42
N ILE B 180 -21.38 36.84 -11.06
CA ILE B 180 -21.71 38.15 -11.56
C ILE B 180 -20.70 39.24 -11.35
N PRO B 181 -20.20 39.46 -10.17
CA PRO B 181 -19.24 40.51 -9.88
C PRO B 181 -17.90 40.41 -10.59
N ARG B 182 -17.45 39.28 -11.13
CA ARG B 182 -16.16 39.14 -11.78
C ARG B 182 -16.14 39.43 -13.26
N ILE B 183 -14.95 39.47 -13.83
CA ILE B 183 -14.67 39.70 -15.24
C ILE B 183 -13.34 38.99 -15.57
N SER B 184 -13.20 38.52 -16.79
CA SER B 184 -12.02 37.83 -17.25
C SER B 184 -10.73 38.56 -16.93
N VAL B 185 -9.74 37.91 -16.32
CA VAL B 185 -8.49 38.61 -16.03
C VAL B 185 -7.98 39.17 -17.37
N ARG B 186 -7.62 40.45 -17.34
CA ARG B 186 -7.18 41.09 -18.58
C ARG B 186 -5.94 41.94 -18.35
N GLU B 187 -5.56 42.11 -17.08
CA GLU B 187 -4.40 42.93 -16.77
C GLU B 187 -3.22 42.04 -16.42
N PRO B 188 -2.08 42.33 -17.00
CA PRO B 188 -0.87 41.59 -16.73
C PRO B 188 -0.46 41.75 -15.26
N MET B 189 0.13 40.72 -14.69
CA MET B 189 0.66 40.72 -13.33
C MET B 189 2.13 40.31 -13.58
N GLN B 190 2.97 41.27 -13.91
CA GLN B 190 4.36 41.00 -14.26
C GLN B 190 5.17 40.44 -13.10
N THR B 191 5.98 39.43 -13.42
CA THR B 191 6.83 38.79 -12.43
C THR B 191 8.25 39.37 -12.59
N GLY B 192 8.60 39.68 -13.84
CA GLY B 192 9.97 40.20 -14.08
C GLY B 192 10.87 39.02 -14.46
N ILE B 193 10.32 37.82 -14.39
CA ILE B 193 11.00 36.58 -14.74
C ILE B 193 10.65 36.18 -16.17
N LYS B 194 11.64 36.19 -17.08
CA LYS B 194 11.45 35.91 -18.47
C LYS B 194 10.63 34.66 -18.83
N ALA B 195 10.95 33.52 -18.23
CA ALA B 195 10.26 32.26 -18.54
C ALA B 195 8.77 32.40 -18.21
N VAL B 196 8.56 32.97 -17.02
CA VAL B 196 7.18 33.13 -16.60
C VAL B 196 6.45 34.15 -17.45
N ASP B 197 6.90 35.38 -17.57
CA ASP B 197 6.18 36.38 -18.36
C ASP B 197 6.14 36.09 -19.85
N SER B 198 6.93 35.20 -20.41
CA SER B 198 6.80 34.98 -21.86
C SER B 198 5.96 33.73 -22.13
N LEU B 199 6.20 32.67 -21.34
CA LEU B 199 5.51 31.43 -21.58
C LEU B 199 4.41 31.08 -20.60
N VAL B 200 4.36 31.71 -19.44
CA VAL B 200 3.32 31.37 -18.46
C VAL B 200 2.74 32.62 -17.81
N PRO B 201 2.20 33.47 -18.68
CA PRO B 201 1.63 34.72 -18.33
C PRO B 201 0.63 34.68 -17.17
N ILE B 202 0.85 35.45 -16.11
CA ILE B 202 -0.13 35.52 -15.02
C ILE B 202 -1.00 36.79 -15.25
N GLY B 203 -2.32 36.70 -15.09
CA GLY B 203 -3.17 37.89 -15.24
C GLY B 203 -3.54 38.30 -13.80
N ARG B 204 -3.99 39.52 -13.58
CA ARG B 204 -4.39 39.96 -12.25
C ARG B 204 -5.79 39.42 -11.93
N GLY B 205 -5.84 38.63 -10.85
CA GLY B 205 -7.10 38.01 -10.45
C GLY B 205 -6.99 36.52 -10.77
N GLN B 206 -5.81 36.12 -11.21
CA GLN B 206 -5.56 34.71 -11.52
C GLN B 206 -5.02 34.00 -10.28
N ARG B 207 -5.13 32.68 -10.30
CA ARG B 207 -4.60 31.82 -9.24
C ARG B 207 -3.60 30.95 -10.04
N GLU B 208 -2.32 31.12 -9.80
CA GLU B 208 -1.33 30.35 -10.57
C GLU B 208 -0.50 29.60 -9.54
N LEU B 209 -0.37 28.30 -9.67
CA LEU B 209 0.33 27.50 -8.66
C LEU B 209 1.81 27.37 -8.93
N ILE B 210 2.60 27.49 -7.86
CA ILE B 210 4.06 27.31 -8.00
C ILE B 210 4.24 25.89 -7.37
N ILE B 211 4.68 24.95 -8.22
CA ILE B 211 4.80 23.58 -7.65
C ILE B 211 6.12 22.92 -7.95
N GLY B 212 6.74 22.22 -7.00
CA GLY B 212 8.01 21.57 -7.22
C GLY B 212 8.54 20.87 -5.99
N ASP B 213 9.67 20.14 -6.04
CA ASP B 213 10.11 19.49 -4.81
C ASP B 213 10.78 20.51 -3.89
N ARG B 214 11.33 20.06 -2.76
CA ARG B 214 12.00 20.97 -1.84
C ARG B 214 13.22 21.58 -2.51
N GLN B 215 13.54 22.82 -2.17
CA GLN B 215 14.69 23.50 -2.73
C GLN B 215 14.69 23.55 -4.24
N THR B 216 13.62 23.74 -4.97
CA THR B 216 13.76 23.81 -6.44
C THR B 216 13.67 25.27 -6.89
N GLY B 217 13.57 26.19 -5.90
CA GLY B 217 13.47 27.62 -6.18
C GLY B 217 12.05 28.11 -6.28
N LYS B 218 11.15 27.58 -5.45
CA LYS B 218 9.74 28.00 -5.52
C LYS B 218 9.61 29.40 -4.96
N THR B 219 9.90 29.55 -3.66
CA THR B 219 9.83 30.86 -3.05
C THR B 219 10.56 31.90 -3.90
N SER B 220 11.76 31.58 -4.41
CA SER B 220 12.45 32.56 -5.23
C SER B 220 11.54 33.13 -6.31
N ILE B 221 10.55 32.44 -6.83
CA ILE B 221 9.73 33.09 -7.88
C ILE B 221 8.79 34.10 -7.25
N ALA B 222 8.28 33.76 -6.06
CA ALA B 222 7.37 34.66 -5.37
C ALA B 222 8.08 36.01 -5.13
N ILE B 223 9.29 35.91 -4.56
CA ILE B 223 10.11 37.06 -4.27
C ILE B 223 10.40 37.92 -5.49
N ASP B 224 11.17 37.45 -6.48
CA ASP B 224 11.40 38.30 -7.63
C ASP B 224 10.06 38.95 -8.00
N THR B 225 8.95 38.24 -7.88
CA THR B 225 7.67 38.87 -8.23
C THR B 225 7.38 40.06 -7.33
N ILE B 226 7.55 39.88 -6.01
CA ILE B 226 7.25 40.97 -5.10
C ILE B 226 8.12 42.17 -5.43
N ILE B 227 9.42 41.96 -5.53
CA ILE B 227 10.40 42.99 -5.84
C ILE B 227 10.14 43.70 -7.15
N ASN B 228 9.75 43.01 -8.20
CA ASN B 228 9.50 43.60 -9.52
C ASN B 228 8.37 44.62 -9.47
N GLN B 229 7.57 44.55 -8.41
CA GLN B 229 6.42 45.46 -8.30
C GLN B 229 6.81 46.90 -8.02
N LYS B 230 7.95 47.09 -7.34
CA LYS B 230 8.41 48.43 -7.02
C LYS B 230 8.41 49.35 -8.23
N ARG B 231 8.70 48.78 -9.41
CA ARG B 231 8.74 49.60 -10.61
C ARG B 231 7.42 50.27 -10.85
N PHE B 232 6.31 49.77 -10.32
CA PHE B 232 5.02 50.42 -10.55
C PHE B 232 4.53 51.10 -9.27
N ASN B 233 4.91 50.50 -8.14
CA ASN B 233 4.47 51.08 -6.87
C ASN B 233 5.15 52.45 -6.70
N ASP B 234 6.35 52.63 -7.27
CA ASP B 234 7.01 53.94 -7.12
C ASP B 234 6.55 54.87 -8.24
N GLY B 235 5.55 54.42 -8.99
CA GLY B 235 5.02 55.15 -10.12
C GLY B 235 3.84 56.05 -9.78
N THR B 236 3.33 56.64 -10.86
CA THR B 236 2.23 57.59 -10.79
C THR B 236 0.83 57.00 -10.69
N ASP B 237 0.51 56.20 -11.69
CA ASP B 237 -0.76 55.52 -11.85
C ASP B 237 -1.11 54.51 -10.78
N GLU B 238 -2.20 54.74 -10.06
CA GLU B 238 -2.62 53.83 -9.03
C GLU B 238 -3.21 52.52 -9.58
N LYS B 239 -3.59 52.45 -10.84
CA LYS B 239 -4.17 51.22 -11.39
C LYS B 239 -3.13 50.24 -11.90
N LYS B 240 -1.86 50.63 -11.86
CA LYS B 240 -0.77 49.81 -12.31
C LYS B 240 0.04 49.30 -11.11
N LYS B 241 -0.43 49.57 -9.90
CA LYS B 241 0.28 49.13 -8.72
C LYS B 241 -0.23 47.78 -8.22
N LEU B 242 0.57 47.22 -7.30
CA LEU B 242 0.27 45.92 -6.73
C LEU B 242 0.79 45.76 -5.33
N TYR B 243 -0.05 45.75 -4.31
CA TYR B 243 0.49 45.55 -2.95
C TYR B 243 0.65 44.05 -2.76
N CYS B 244 1.78 43.61 -2.26
CA CYS B 244 2.01 42.18 -2.08
C CYS B 244 1.76 41.72 -0.66
N ILE B 245 1.29 40.48 -0.50
CA ILE B 245 1.09 39.91 0.84
C ILE B 245 1.86 38.58 0.79
N TYR B 246 2.69 38.25 1.76
CA TYR B 246 3.44 37.00 1.71
C TYR B 246 3.08 36.22 2.96
N VAL B 247 2.35 35.13 2.83
CA VAL B 247 1.99 34.34 4.01
C VAL B 247 2.93 33.17 4.19
N ALA B 248 3.49 33.02 5.38
CA ALA B 248 4.44 31.96 5.67
C ALA B 248 3.78 30.98 6.63
N ILE B 249 3.79 29.73 6.18
CA ILE B 249 3.18 28.62 6.94
C ILE B 249 4.19 27.51 7.08
N GLY B 250 4.45 27.04 8.30
CA GLY B 250 5.35 25.96 8.53
C GLY B 250 6.79 26.24 8.24
N GLN B 251 7.16 27.40 7.71
CA GLN B 251 8.57 27.73 7.47
C GLN B 251 9.32 27.93 8.81
N LYS B 252 10.59 28.24 8.64
CA LYS B 252 11.52 28.50 9.74
C LYS B 252 11.55 30.02 9.94
N ARG B 253 11.50 30.53 11.18
CA ARG B 253 11.54 31.99 11.29
C ARG B 253 12.87 32.49 10.67
N SER B 254 13.97 31.81 11.05
CA SER B 254 15.26 32.22 10.48
C SER B 254 15.03 32.58 9.01
N THR B 255 14.20 31.80 8.31
CA THR B 255 13.92 32.10 6.91
C THR B 255 13.05 33.30 6.63
N VAL B 256 12.01 33.52 7.41
CA VAL B 256 11.11 34.67 7.16
C VAL B 256 11.85 35.97 7.49
N ALA B 257 12.52 35.93 8.64
CA ALA B 257 13.34 37.01 9.13
C ALA B 257 14.41 37.35 8.08
N GLN B 258 14.95 36.38 7.36
CA GLN B 258 15.95 36.78 6.35
C GLN B 258 15.21 37.24 5.10
N LEU B 259 13.98 36.77 4.98
CA LEU B 259 13.12 37.03 3.81
C LEU B 259 12.75 38.52 3.75
N VAL B 260 12.34 39.01 4.95
CA VAL B 260 11.97 40.43 5.01
C VAL B 260 13.24 41.27 4.88
N LYS B 261 14.37 40.74 5.41
CA LYS B 261 15.62 41.51 5.29
C LYS B 261 15.85 41.78 3.79
N ARG B 262 15.74 40.75 2.99
CA ARG B 262 15.93 40.90 1.54
C ARG B 262 14.88 41.86 0.99
N LEU B 263 13.65 41.74 1.48
CA LEU B 263 12.56 42.60 0.98
C LEU B 263 12.81 44.05 1.36
N THR B 264 13.28 44.25 2.57
CA THR B 264 13.61 45.55 3.14
C THR B 264 14.74 46.15 2.31
N ASP B 265 15.86 45.43 2.19
CA ASP B 265 16.91 46.03 1.37
C ASP B 265 16.41 46.27 -0.04
N ALA B 266 15.30 45.70 -0.51
CA ALA B 266 15.00 46.02 -1.94
C ALA B 266 13.96 47.13 -1.96
N ASP B 267 13.60 47.55 -0.75
CA ASP B 267 12.59 48.59 -0.60
C ASP B 267 11.28 48.15 -1.27
N ALA B 268 10.87 46.95 -0.83
CA ALA B 268 9.66 46.28 -1.29
C ALA B 268 8.71 46.05 -0.11
N MET B 269 9.30 46.11 1.11
CA MET B 269 8.47 45.96 2.31
C MET B 269 7.49 47.13 2.37
N LYS B 270 7.95 48.26 1.82
CA LYS B 270 7.10 49.44 1.83
C LYS B 270 5.77 49.02 1.22
N TYR B 271 5.78 48.06 0.28
CA TYR B 271 4.47 47.69 -0.26
C TYR B 271 4.10 46.23 0.01
N THR B 272 4.61 45.61 1.05
CA THR B 272 4.29 44.20 1.33
C THR B 272 3.77 43.99 2.73
N ILE B 273 2.88 43.03 2.99
CA ILE B 273 2.48 42.75 4.38
C ILE B 273 3.07 41.37 4.68
N VAL B 274 3.29 40.89 5.87
CA VAL B 274 3.86 39.52 5.94
C VAL B 274 3.22 38.79 7.09
N VAL B 275 2.41 37.77 6.79
CA VAL B 275 1.78 37.03 7.90
C VAL B 275 2.66 35.80 8.16
N SER B 276 3.04 35.53 9.38
CA SER B 276 3.84 34.40 9.69
C SER B 276 3.20 33.46 10.70
N ALA B 277 3.10 32.20 10.30
CA ALA B 277 2.62 31.12 11.18
C ALA B 277 3.75 30.10 10.87
N THR B 278 4.82 30.15 11.64
CA THR B 278 5.96 29.29 11.34
C THR B 278 6.00 27.95 12.07
N ALA B 279 7.05 27.20 11.74
CA ALA B 279 7.29 25.87 12.23
C ALA B 279 7.04 25.67 13.70
N SER B 280 7.05 26.75 14.48
CA SER B 280 6.85 26.60 15.92
C SER B 280 5.50 27.06 16.42
N ASP B 281 4.66 27.63 15.58
CA ASP B 281 3.33 28.07 16.05
C ASP B 281 2.32 26.94 16.04
N ALA B 282 1.40 26.95 16.99
CA ALA B 282 0.40 25.88 17.05
C ALA B 282 -0.25 25.69 15.68
N ALA B 283 -0.56 24.43 15.37
CA ALA B 283 -1.18 24.07 14.09
C ALA B 283 -2.34 24.98 13.73
N PRO B 284 -3.23 25.30 14.64
CA PRO B 284 -4.36 26.18 14.42
C PRO B 284 -3.93 27.54 13.88
N LEU B 285 -2.76 28.01 14.32
CA LEU B 285 -2.28 29.29 13.75
C LEU B 285 -1.78 29.07 12.34
N GLN B 286 -1.07 27.96 12.11
CA GLN B 286 -0.58 27.71 10.75
C GLN B 286 -1.78 27.50 9.80
N TYR B 287 -2.81 26.82 10.31
CA TYR B 287 -4.03 26.56 9.59
C TYR B 287 -4.68 27.91 9.24
N LEU B 288 -4.85 28.78 10.23
CA LEU B 288 -5.47 30.09 10.05
C LEU B 288 -4.77 31.05 9.13
N ALA B 289 -3.47 31.22 9.32
CA ALA B 289 -2.64 32.13 8.57
C ALA B 289 -3.07 32.49 7.18
N PRO B 290 -3.28 31.60 6.24
CA PRO B 290 -3.67 31.92 4.87
C PRO B 290 -5.00 32.64 4.72
N TYR B 291 -5.97 32.36 5.59
CA TYR B 291 -7.27 33.01 5.54
C TYR B 291 -7.14 34.47 5.94
N SER B 292 -6.38 34.72 7.01
CA SER B 292 -6.07 36.08 7.46
C SER B 292 -5.40 36.86 6.34
N GLY B 293 -4.24 36.39 5.89
CA GLY B 293 -3.56 37.09 4.79
C GLY B 293 -4.58 37.32 3.68
N CYS B 294 -5.39 36.31 3.35
CA CYS B 294 -6.36 36.52 2.26
C CYS B 294 -7.28 37.69 2.55
N SER B 295 -7.84 37.78 3.76
CA SER B 295 -8.72 38.91 4.08
C SER B 295 -8.02 40.25 3.87
N MET B 296 -6.73 40.33 4.24
CA MET B 296 -5.95 41.54 4.03
C MET B 296 -5.85 41.79 2.54
N GLY B 297 -5.60 40.74 1.75
CA GLY B 297 -5.52 41.01 0.30
C GLY B 297 -6.88 41.48 -0.22
N GLU B 298 -7.97 41.00 0.41
CA GLU B 298 -9.31 41.33 -0.02
C GLU B 298 -9.68 42.79 0.15
N TYR B 299 -9.08 43.42 1.17
CA TYR B 299 -9.38 44.88 1.31
C TYR B 299 -9.00 45.55 -0.03
N PHE B 300 -7.75 45.32 -0.46
CA PHE B 300 -7.35 45.91 -1.73
C PHE B 300 -8.27 45.50 -2.85
N ARG B 301 -8.57 44.22 -3.04
CA ARG B 301 -9.45 43.78 -4.12
C ARG B 301 -10.79 44.53 -4.07
N ASP B 302 -11.30 44.58 -2.84
CA ASP B 302 -12.58 45.25 -2.66
C ASP B 302 -12.55 46.73 -2.89
N ASN B 303 -11.43 47.45 -2.86
CA ASN B 303 -11.45 48.88 -3.09
C ASN B 303 -10.79 49.30 -4.38
N GLY B 304 -11.17 48.78 -5.53
CA GLY B 304 -10.53 49.26 -6.76
C GLY B 304 -9.02 49.12 -6.78
N LYS B 305 -8.41 48.52 -5.76
CA LYS B 305 -6.96 48.35 -5.75
C LYS B 305 -6.55 46.97 -6.22
N HIS B 306 -5.26 46.64 -6.27
CA HIS B 306 -4.80 45.33 -6.75
C HIS B 306 -3.81 44.66 -5.84
N ALA B 307 -4.09 43.52 -5.23
CA ALA B 307 -3.11 42.90 -4.34
C ALA B 307 -2.61 41.56 -4.87
N LEU B 308 -1.50 41.10 -4.32
CA LEU B 308 -0.88 39.84 -4.65
C LEU B 308 -0.67 39.02 -3.37
N ILE B 309 -1.22 37.80 -3.32
CA ILE B 309 -1.02 37.02 -2.09
C ILE B 309 -0.21 35.77 -2.44
N ILE B 310 0.77 35.46 -1.58
CA ILE B 310 1.63 34.31 -1.72
C ILE B 310 1.50 33.39 -0.50
N TYR B 311 0.92 32.21 -0.79
CA TYR B 311 0.74 31.22 0.28
C TYR B 311 1.91 30.24 0.23
N ASP B 312 2.82 30.37 1.18
CA ASP B 312 4.00 29.47 1.12
C ASP B 312 4.12 28.66 2.39
N ASP B 313 3.80 27.39 2.37
CA ASP B 313 3.29 26.58 1.30
C ASP B 313 1.85 26.14 1.75
N LEU B 314 1.06 25.66 0.81
CA LEU B 314 -0.25 25.11 1.15
C LEU B 314 -0.07 23.65 1.57
N SER B 315 1.09 23.09 1.22
CA SER B 315 1.48 21.75 1.63
C SER B 315 1.44 21.67 3.17
N LYS B 316 2.23 22.54 3.83
CA LYS B 316 2.30 22.55 5.28
C LYS B 316 1.02 22.99 5.95
N GLN B 317 0.23 23.81 5.24
CA GLN B 317 -1.03 24.23 5.91
C GLN B 317 -1.90 22.95 6.01
N ALA B 318 -1.91 22.22 4.90
CA ALA B 318 -2.64 20.96 4.80
C ALA B 318 -2.25 19.98 5.91
N VAL B 319 -0.93 19.87 6.20
CA VAL B 319 -0.58 18.95 7.30
C VAL B 319 -1.00 19.54 8.64
N ALA B 320 -1.03 20.86 8.78
CA ALA B 320 -1.44 21.46 10.05
C ALA B 320 -2.92 21.14 10.26
N TYR B 321 -3.71 21.32 9.17
CA TYR B 321 -5.16 21.05 9.27
C TYR B 321 -5.48 19.59 9.54
N ARG B 322 -4.65 18.72 8.95
CA ARG B 322 -4.78 17.28 9.17
C ARG B 322 -4.40 16.99 10.62
N GLN B 323 -3.38 17.65 11.16
CA GLN B 323 -3.09 17.35 12.57
C GLN B 323 -4.35 17.69 13.38
N MET B 324 -4.94 18.85 13.05
CA MET B 324 -6.16 19.25 13.79
C MET B 324 -7.25 18.20 13.65
N SER B 325 -7.53 17.83 12.37
CA SER B 325 -8.53 16.82 12.09
C SER B 325 -8.28 15.48 12.73
N LEU B 326 -7.07 14.93 12.76
CA LEU B 326 -6.87 13.65 13.44
C LEU B 326 -7.07 13.85 14.93
N LEU B 327 -6.61 14.99 15.46
CA LEU B 327 -6.80 15.20 16.91
C LEU B 327 -8.27 15.38 17.18
N LEU B 328 -9.07 15.91 16.28
CA LEU B 328 -10.50 16.02 16.62
C LEU B 328 -11.22 14.69 16.43
N ARG B 329 -10.51 13.71 15.88
CA ARG B 329 -10.93 12.37 15.54
C ARG B 329 -11.73 12.21 14.26
N ARG B 330 -11.56 13.11 13.30
CA ARG B 330 -12.32 12.95 12.04
C ARG B 330 -11.67 11.89 11.18
N PRO B 331 -12.47 11.02 10.57
CA PRO B 331 -12.05 9.92 9.74
C PRO B 331 -10.92 10.30 8.81
N PRO B 332 -9.78 9.68 8.92
CA PRO B 332 -8.65 9.90 8.04
C PRO B 332 -8.95 9.26 6.69
N GLY B 333 -8.65 9.87 5.57
CA GLY B 333 -8.93 9.22 4.28
C GLY B 333 -7.64 9.05 3.51
N ARG B 334 -7.71 9.29 2.19
CA ARG B 334 -6.48 9.17 1.39
C ARG B 334 -5.34 9.90 2.07
N GLU B 335 -4.18 9.30 2.20
CA GLU B 335 -3.01 9.82 2.87
C GLU B 335 -3.34 10.33 4.27
N ALA B 336 -4.34 9.76 4.92
CA ALA B 336 -4.75 10.15 6.26
C ALA B 336 -5.33 11.55 6.28
N TYR B 337 -5.48 12.17 5.10
CA TYR B 337 -6.09 13.51 5.10
C TYR B 337 -7.59 13.42 5.28
N PRO B 338 -8.15 14.34 6.03
CA PRO B 338 -9.58 14.43 6.30
C PRO B 338 -10.30 14.72 4.98
N GLY B 339 -11.54 14.30 4.86
CA GLY B 339 -12.35 14.43 3.69
C GLY B 339 -12.53 15.80 3.13
N ASP B 340 -12.38 16.82 3.96
CA ASP B 340 -12.55 18.19 3.49
C ASP B 340 -11.29 18.97 3.20
N VAL B 341 -10.10 18.37 3.10
CA VAL B 341 -8.95 19.15 2.72
C VAL B 341 -9.06 19.76 1.33
N PHE B 342 -9.91 19.30 0.43
CA PHE B 342 -9.91 19.98 -0.88
C PHE B 342 -10.59 21.34 -0.62
N TYR B 343 -11.61 21.26 0.24
CA TYR B 343 -12.34 22.52 0.53
C TYR B 343 -11.47 23.45 1.34
N LEU B 344 -10.58 22.94 2.19
CA LEU B 344 -9.64 23.81 2.91
C LEU B 344 -8.99 24.73 1.86
N HIS B 345 -8.72 24.14 0.69
CA HIS B 345 -8.07 24.91 -0.33
C HIS B 345 -8.99 25.61 -1.28
N SER B 346 -10.09 25.03 -1.75
CA SER B 346 -10.95 25.75 -2.73
C SER B 346 -11.50 27.03 -2.14
N ARG B 347 -11.95 26.92 -0.88
CA ARG B 347 -12.53 28.14 -0.26
C ARG B 347 -11.49 29.24 -0.31
N LEU B 348 -10.30 28.96 0.20
CA LEU B 348 -9.23 29.94 0.17
C LEU B 348 -8.97 30.51 -1.22
N LEU B 349 -8.55 29.71 -2.19
CA LEU B 349 -8.23 30.21 -3.50
C LEU B 349 -9.34 30.73 -4.36
N GLU B 350 -10.59 30.58 -3.98
CA GLU B 350 -11.71 31.11 -4.78
C GLU B 350 -11.77 32.62 -4.59
N ARG B 351 -11.24 33.05 -3.44
CA ARG B 351 -11.21 34.45 -3.09
C ARG B 351 -10.23 35.25 -3.93
N ALA B 352 -9.27 34.62 -4.60
CA ALA B 352 -8.42 35.49 -5.48
C ALA B 352 -9.43 35.78 -6.59
N ALA B 353 -9.47 36.93 -7.21
CA ALA B 353 -10.48 37.19 -8.24
C ALA B 353 -10.31 38.57 -8.86
N LYS B 354 -10.86 38.73 -10.05
CA LYS B 354 -10.82 39.98 -10.79
C LYS B 354 -12.24 40.53 -10.88
N MET B 355 -12.48 41.60 -10.13
CA MET B 355 -13.80 42.23 -10.12
C MET B 355 -14.01 43.06 -11.37
N ASN B 356 -15.25 43.39 -11.73
CA ASN B 356 -15.44 44.21 -12.92
C ASN B 356 -15.58 45.66 -12.45
N ASP B 357 -15.70 46.56 -13.42
CA ASP B 357 -15.86 47.98 -13.07
C ASP B 357 -16.97 48.27 -12.09
N ALA B 358 -18.18 47.72 -12.30
CA ALA B 358 -19.28 47.96 -11.39
C ALA B 358 -18.92 47.55 -9.97
N PHE B 359 -17.83 46.85 -9.72
CA PHE B 359 -17.44 46.49 -8.37
C PHE B 359 -16.05 47.00 -7.99
N GLY B 360 -15.53 47.91 -8.80
CA GLY B 360 -14.25 48.52 -8.52
C GLY B 360 -13.17 48.19 -9.51
N GLY B 361 -13.28 47.11 -10.26
CA GLY B 361 -12.21 46.75 -11.21
C GLY B 361 -11.02 46.21 -10.41
N GLY B 362 -11.06 46.23 -9.08
CA GLY B 362 -9.93 45.74 -8.30
C GLY B 362 -9.60 44.28 -8.52
N SER B 363 -8.62 43.72 -7.78
CA SER B 363 -8.31 42.31 -7.99
C SER B 363 -7.40 41.71 -6.94
N LEU B 364 -7.39 40.39 -6.83
CA LEU B 364 -6.53 39.67 -5.88
C LEU B 364 -5.84 38.55 -6.68
N THR B 365 -4.54 38.43 -6.69
CA THR B 365 -3.84 37.39 -7.45
C THR B 365 -3.19 36.40 -6.52
N ALA B 366 -3.49 35.10 -6.61
CA ALA B 366 -2.85 34.21 -5.63
C ALA B 366 -1.81 33.30 -6.26
N LEU B 367 -0.63 33.24 -5.68
CA LEU B 367 0.45 32.35 -6.11
C LEU B 367 0.70 31.39 -4.95
N PRO B 368 -0.11 30.37 -4.78
CA PRO B 368 0.01 29.43 -3.67
C PRO B 368 1.17 28.49 -3.90
N VAL B 369 1.88 28.03 -2.87
CA VAL B 369 2.98 27.10 -3.20
C VAL B 369 2.66 25.71 -2.70
N ILE B 370 3.04 24.69 -3.46
CA ILE B 370 2.75 23.29 -3.08
C ILE B 370 4.05 22.50 -3.25
N GLU B 371 4.45 21.76 -2.24
CA GLU B 371 5.69 20.99 -2.38
C GLU B 371 5.48 19.50 -2.68
N THR B 372 5.86 19.02 -3.87
CA THR B 372 5.70 17.63 -4.25
C THR B 372 6.88 16.81 -3.71
N GLN B 373 6.70 15.51 -3.58
CA GLN B 373 7.80 14.63 -3.15
C GLN B 373 8.25 13.90 -4.44
N ALA B 374 9.52 13.76 -4.67
CA ALA B 374 10.07 13.08 -5.83
C ALA B 374 9.37 13.43 -7.12
N GLY B 375 9.04 14.68 -7.37
CA GLY B 375 8.42 15.08 -8.63
C GLY B 375 7.12 14.41 -8.92
N ASP B 376 6.53 13.79 -7.90
CA ASP B 376 5.25 13.10 -8.05
C ASP B 376 4.12 14.12 -8.10
N VAL B 377 3.69 14.54 -9.30
CA VAL B 377 2.60 15.52 -9.32
C VAL B 377 1.24 14.83 -9.29
N SER B 378 1.13 13.55 -8.97
CA SER B 378 -0.18 12.92 -8.91
C SER B 378 -0.70 12.76 -7.50
N ALA B 379 0.09 13.06 -6.52
CA ALA B 379 -0.31 12.92 -5.14
C ALA B 379 -1.64 13.61 -4.87
N TYR B 380 -2.25 13.22 -3.77
CA TYR B 380 -3.56 13.75 -3.40
C TYR B 380 -3.54 15.25 -3.29
N ILE B 381 -2.62 15.79 -2.49
CA ILE B 381 -2.61 17.25 -2.30
C ILE B 381 -2.27 17.97 -3.57
N PRO B 382 -1.18 17.71 -4.25
CA PRO B 382 -0.87 18.40 -5.50
C PRO B 382 -2.06 18.36 -6.43
N THR B 383 -2.64 17.16 -6.65
CA THR B 383 -3.76 17.13 -7.59
C THR B 383 -4.88 18.05 -7.14
N ASN B 384 -5.24 17.94 -5.87
CA ASN B 384 -6.28 18.83 -5.34
C ASN B 384 -6.01 20.25 -5.85
N VAL B 385 -4.87 20.79 -5.42
CA VAL B 385 -4.53 22.15 -5.80
C VAL B 385 -4.47 22.38 -7.29
N ILE B 386 -4.08 21.41 -8.11
CA ILE B 386 -4.05 21.70 -9.56
C ILE B 386 -5.47 21.87 -10.05
N SER B 387 -6.40 21.18 -9.39
CA SER B 387 -7.81 21.24 -9.80
C SER B 387 -8.55 22.45 -9.28
N ILE B 388 -7.76 23.40 -8.74
CA ILE B 388 -8.34 24.63 -8.21
C ILE B 388 -7.79 25.86 -8.92
N THR B 389 -6.48 25.95 -9.05
CA THR B 389 -5.85 27.12 -9.67
C THR B 389 -6.10 27.20 -11.16
N ASP B 390 -5.55 28.17 -11.84
CA ASP B 390 -5.74 28.39 -13.26
C ASP B 390 -4.49 28.15 -14.08
N GLY B 391 -3.66 27.22 -13.60
CA GLY B 391 -2.42 26.88 -14.30
C GLY B 391 -1.40 26.48 -13.22
N GLN B 392 -0.23 26.02 -13.63
CA GLN B 392 0.80 25.67 -12.67
C GLN B 392 2.17 26.08 -13.32
N ILE B 393 3.15 26.19 -12.46
CA ILE B 393 4.53 26.45 -12.83
C ILE B 393 5.31 25.31 -12.10
N PHE B 394 5.65 24.28 -12.88
CA PHE B 394 6.36 23.20 -12.26
C PHE B 394 7.88 23.41 -12.50
N LEU B 395 8.59 23.44 -11.39
CA LEU B 395 10.04 23.54 -11.36
C LEU B 395 10.58 22.12 -11.22
N GLU B 396 11.56 21.69 -11.99
CA GLU B 396 12.11 20.35 -11.93
C GLU B 396 13.48 20.23 -11.29
N THR B 397 13.74 19.30 -10.40
CA THR B 397 15.06 19.16 -9.81
C THR B 397 16.15 18.92 -10.83
N GLU B 398 15.83 18.09 -11.82
CA GLU B 398 16.79 17.78 -12.88
C GLU B 398 17.26 19.13 -13.44
N LEU B 399 16.32 19.93 -13.92
CA LEU B 399 16.62 21.23 -14.52
C LEU B 399 17.55 22.06 -13.66
N PHE B 400 17.19 22.19 -12.40
CA PHE B 400 17.90 22.93 -11.37
C PHE B 400 19.38 22.58 -11.29
N TYR B 401 19.75 21.32 -11.16
CA TYR B 401 21.15 20.90 -11.13
C TYR B 401 21.85 21.13 -12.46
N LYS B 402 21.21 20.69 -13.54
CA LYS B 402 21.72 20.83 -14.89
C LYS B 402 22.01 22.30 -15.18
N GLY B 403 21.72 23.18 -14.21
CA GLY B 403 21.94 24.60 -14.38
C GLY B 403 20.81 25.37 -15.05
N ILE B 404 19.61 24.82 -15.24
CA ILE B 404 18.59 25.67 -15.84
C ILE B 404 17.77 26.23 -14.67
N ARG B 405 17.85 27.51 -14.47
CA ARG B 405 17.12 28.19 -13.39
C ARG B 405 16.65 29.54 -13.92
N PRO B 406 15.42 29.87 -13.67
CA PRO B 406 14.47 29.08 -12.93
C PRO B 406 14.21 27.72 -13.55
N ALA B 407 14.25 26.68 -12.73
CA ALA B 407 14.03 25.30 -13.13
C ALA B 407 12.63 25.04 -13.66
N ILE B 408 12.09 25.98 -14.44
CA ILE B 408 10.76 25.80 -14.99
C ILE B 408 10.69 24.68 -16.02
N ASN B 409 9.59 23.91 -16.03
CA ASN B 409 9.37 22.85 -16.99
C ASN B 409 8.39 23.46 -18.00
N VAL B 410 8.91 24.04 -19.07
CA VAL B 410 8.06 24.69 -20.05
C VAL B 410 7.03 23.84 -20.72
N GLY B 411 7.11 22.53 -20.84
CA GLY B 411 6.02 21.80 -21.51
C GLY B 411 4.87 21.53 -20.52
N LEU B 412 5.19 21.05 -19.33
CA LEU B 412 4.25 20.74 -18.28
C LEU B 412 3.54 21.97 -17.71
N SER B 413 4.23 23.07 -17.48
CA SER B 413 3.62 24.26 -16.90
C SER B 413 2.58 24.87 -17.81
N VAL B 414 1.59 25.57 -17.28
CA VAL B 414 0.51 26.18 -18.02
C VAL B 414 -0.06 27.45 -17.34
N SER B 415 -0.75 28.23 -18.18
CA SER B 415 -1.48 29.40 -17.72
C SER B 415 -2.84 29.36 -18.45
N ARG B 416 -3.84 28.76 -17.81
CA ARG B 416 -5.14 28.61 -18.40
C ARG B 416 -5.81 29.92 -18.74
N VAL B 417 -5.65 30.99 -17.96
CA VAL B 417 -6.30 32.25 -18.21
C VAL B 417 -5.49 33.45 -18.64
N GLY B 418 -4.18 33.46 -18.53
CA GLY B 418 -3.28 34.50 -18.84
C GLY B 418 -2.94 34.97 -20.20
N SER B 419 -3.25 34.33 -21.33
CA SER B 419 -2.87 34.86 -22.63
C SER B 419 -3.43 36.26 -22.84
N ALA B 420 -4.68 36.46 -22.47
CA ALA B 420 -5.34 37.75 -22.63
C ALA B 420 -4.57 38.82 -21.84
N ALA B 421 -4.18 38.43 -20.63
CA ALA B 421 -3.46 39.34 -19.77
C ALA B 421 -2.11 39.69 -20.40
N GLN B 422 -1.63 38.89 -21.36
CA GLN B 422 -0.34 39.15 -21.95
C GLN B 422 -0.25 40.36 -22.87
N THR B 423 0.89 41.04 -22.70
CA THR B 423 1.21 42.24 -23.47
C THR B 423 1.41 41.87 -24.93
N ARG B 424 1.12 42.77 -25.87
CA ARG B 424 1.29 42.44 -27.29
C ARG B 424 2.76 42.28 -27.65
N ALA B 425 3.60 43.13 -27.06
CA ALA B 425 5.03 43.12 -27.27
C ALA B 425 5.58 41.70 -27.11
N MET B 426 5.18 41.07 -26.01
CA MET B 426 5.58 39.69 -25.74
C MET B 426 4.87 38.76 -26.72
N LYS B 427 3.57 39.03 -26.90
CA LYS B 427 2.86 38.19 -27.87
C LYS B 427 3.78 38.07 -29.12
N GLN B 428 4.29 39.25 -29.49
CA GLN B 428 5.15 39.43 -30.65
C GLN B 428 6.41 38.61 -30.63
N VAL B 429 7.08 38.51 -29.49
CA VAL B 429 8.31 37.72 -29.44
C VAL B 429 8.13 36.36 -28.79
N ALA B 430 7.44 36.31 -27.66
CA ALA B 430 7.20 35.07 -26.94
C ALA B 430 6.30 34.13 -27.72
N GLY B 431 5.49 34.68 -28.62
CA GLY B 431 4.59 33.90 -29.45
C GLY B 431 5.25 32.83 -30.30
N THR B 432 6.40 33.14 -30.89
CA THR B 432 7.14 32.21 -31.74
C THR B 432 8.30 31.55 -30.98
N MET B 433 8.26 31.73 -29.65
CA MET B 433 9.26 31.16 -28.76
C MET B 433 8.82 29.77 -28.29
N LYS B 434 7.56 29.59 -27.90
CA LYS B 434 7.24 28.19 -27.47
C LYS B 434 7.23 27.35 -28.76
N LEU B 435 6.79 27.99 -29.86
CA LEU B 435 6.76 27.32 -31.16
C LEU B 435 8.12 26.75 -31.54
N GLU B 436 9.16 27.57 -31.43
CA GLU B 436 10.52 27.14 -31.73
C GLU B 436 10.92 26.05 -30.72
N LEU B 437 10.58 26.37 -29.48
CA LEU B 437 10.84 25.53 -28.32
C LEU B 437 9.96 24.27 -28.34
N ALA B 438 8.97 24.29 -29.22
CA ALA B 438 8.10 23.11 -29.31
C ALA B 438 8.88 22.07 -30.13
N GLN B 439 9.41 22.61 -31.23
CA GLN B 439 10.21 21.92 -32.21
C GLN B 439 11.58 21.51 -31.72
N TYR B 440 11.92 21.97 -30.53
CA TYR B 440 13.21 21.65 -29.91
C TYR B 440 12.93 20.64 -28.79
N ARG B 441 11.73 20.77 -28.20
CA ARG B 441 11.41 19.84 -27.12
C ARG B 441 11.65 18.41 -27.56
N GLU B 442 11.19 18.10 -28.78
CA GLU B 442 11.29 16.79 -29.36
C GLU B 442 12.68 16.17 -29.49
N VAL B 443 13.46 16.70 -30.42
CA VAL B 443 14.80 16.26 -30.72
C VAL B 443 15.77 16.40 -29.55
N ALA B 444 15.32 16.96 -28.44
CA ALA B 444 16.22 17.14 -27.28
C ALA B 444 16.14 15.92 -26.37
N LEU B 453 21.56 14.17 -38.10
CA LEU B 453 21.25 14.40 -39.49
C LEU B 453 20.09 15.40 -39.68
N ASP B 454 19.87 15.72 -40.95
CA ASP B 454 18.83 16.64 -41.36
C ASP B 454 19.14 18.06 -40.91
N ALA B 455 19.29 18.94 -41.89
CA ALA B 455 19.57 20.34 -41.63
C ALA B 455 18.49 21.03 -40.80
N ALA B 456 17.22 20.83 -41.17
CA ALA B 456 16.11 21.44 -40.45
C ALA B 456 16.20 21.06 -38.97
N THR B 457 15.87 19.79 -38.70
CA THR B 457 15.91 19.30 -37.32
C THR B 457 17.19 19.76 -36.64
N GLN B 458 18.28 19.84 -37.40
CA GLN B 458 19.54 20.32 -36.82
C GLN B 458 19.32 21.76 -36.32
N GLN B 459 18.84 22.57 -37.25
CA GLN B 459 18.56 23.98 -36.97
C GLN B 459 17.61 24.12 -35.79
N LEU B 460 16.54 23.33 -35.78
CA LEU B 460 15.59 23.39 -34.67
C LEU B 460 16.33 23.17 -33.34
N LEU B 461 17.21 22.16 -33.35
CA LEU B 461 17.98 21.84 -32.16
C LEU B 461 18.90 23.01 -31.80
N SER B 462 19.26 23.81 -32.78
CA SER B 462 20.14 24.94 -32.54
C SER B 462 19.46 26.13 -31.90
N ARG B 463 18.20 26.40 -32.26
CA ARG B 463 17.56 27.55 -31.60
C ARG B 463 17.44 27.16 -30.11
N GLY B 464 16.70 26.06 -29.92
CA GLY B 464 16.40 25.50 -28.64
C GLY B 464 17.44 25.72 -27.56
N VAL B 465 18.71 25.45 -27.86
CA VAL B 465 19.74 25.63 -26.84
C VAL B 465 20.01 27.09 -26.53
N ARG B 466 19.80 27.94 -27.53
CA ARG B 466 20.01 29.39 -27.30
C ARG B 466 18.79 29.89 -26.50
N LEU B 467 17.62 29.63 -27.09
CA LEU B 467 16.39 30.08 -26.43
C LEU B 467 16.43 29.69 -24.95
N THR B 468 16.89 28.48 -24.68
CA THR B 468 16.98 28.03 -23.30
C THR B 468 17.98 28.83 -22.50
N GLU B 469 18.99 29.40 -23.14
CA GLU B 469 19.96 30.18 -22.32
C GLU B 469 19.34 31.54 -21.95
N LEU B 470 18.48 32.00 -22.87
CA LEU B 470 17.79 33.26 -22.73
C LEU B 470 16.79 33.25 -21.55
N LEU B 471 16.35 32.04 -21.17
CA LEU B 471 15.37 31.92 -20.09
C LEU B 471 16.02 31.75 -18.74
N LYS B 472 17.34 31.51 -18.75
CA LYS B 472 18.05 31.40 -17.45
C LYS B 472 18.07 32.82 -16.89
N GLN B 473 17.89 32.96 -15.61
CA GLN B 473 17.83 34.24 -14.92
C GLN B 473 18.30 34.10 -13.47
N GLY B 474 19.05 35.07 -12.99
CA GLY B 474 19.52 34.97 -11.60
C GLY B 474 18.43 35.54 -10.71
N GLN B 475 18.69 35.56 -9.42
CA GLN B 475 17.74 36.08 -8.46
C GLN B 475 17.90 37.57 -8.16
N TYR B 476 16.79 38.16 -7.71
CA TYR B 476 16.77 39.56 -7.35
C TYR B 476 17.06 40.46 -8.53
N SER B 477 16.80 40.00 -9.74
CA SER B 477 17.07 40.91 -10.87
C SER B 477 15.92 40.87 -11.84
N PRO B 478 14.73 41.18 -11.37
CA PRO B 478 13.54 41.16 -12.19
C PRO B 478 13.71 42.14 -13.36
N MET B 479 13.29 41.79 -14.57
CA MET B 479 13.42 42.68 -15.71
C MET B 479 12.15 43.41 -16.11
N ALA B 480 12.31 44.56 -16.78
CA ALA B 480 11.18 45.36 -17.26
C ALA B 480 10.61 44.74 -18.53
N ILE B 481 9.30 44.53 -18.60
CA ILE B 481 8.72 43.86 -19.76
C ILE B 481 9.42 44.23 -21.06
N GLU B 482 9.70 45.52 -21.21
CA GLU B 482 10.33 45.99 -22.44
C GLU B 482 11.76 45.47 -22.52
N GLU B 483 12.41 45.20 -21.39
CA GLU B 483 13.77 44.63 -21.44
C GLU B 483 13.73 43.18 -21.93
N GLN B 484 12.75 42.41 -21.46
CA GLN B 484 12.52 41.02 -21.80
C GLN B 484 12.21 40.87 -23.30
N VAL B 485 11.29 41.69 -23.83
CA VAL B 485 11.00 41.54 -25.25
C VAL B 485 12.28 41.81 -26.04
N ALA B 486 13.08 42.75 -25.53
CA ALA B 486 14.34 43.13 -26.21
C ALA B 486 15.23 41.91 -26.42
N VAL B 487 15.72 41.34 -25.33
CA VAL B 487 16.56 40.13 -25.41
C VAL B 487 15.84 39.00 -26.12
N ILE B 488 14.57 38.69 -25.80
CA ILE B 488 13.87 37.59 -26.46
C ILE B 488 13.90 37.84 -27.98
N TYR B 489 13.77 39.10 -28.37
CA TYR B 489 13.78 39.44 -29.80
C TYR B 489 15.05 38.88 -30.44
N ALA B 490 16.17 39.13 -29.77
CA ALA B 490 17.47 38.68 -30.21
C ALA B 490 17.55 37.20 -30.55
N GLY B 491 17.04 36.30 -29.70
CA GLY B 491 17.08 34.87 -29.94
C GLY B 491 16.04 34.35 -30.92
N VAL B 492 14.81 34.81 -30.76
CA VAL B 492 13.71 34.40 -31.62
C VAL B 492 13.82 34.93 -33.03
N ARG B 493 14.62 35.97 -33.26
CA ARG B 493 14.76 36.53 -34.62
C ARG B 493 15.96 35.93 -35.35
N GLY B 494 16.83 35.25 -34.59
CA GLY B 494 17.96 34.59 -35.18
C GLY B 494 19.30 35.21 -34.88
N TYR B 495 19.28 36.43 -34.34
CA TYR B 495 20.52 37.14 -34.06
C TYR B 495 21.47 36.41 -33.14
N LEU B 496 21.18 35.18 -32.73
CA LEU B 496 22.11 34.45 -31.85
C LEU B 496 22.41 33.07 -32.41
N ASP B 497 21.83 32.79 -33.57
CA ASP B 497 22.00 31.52 -34.24
C ASP B 497 23.47 31.26 -34.55
N LYS B 498 24.12 32.31 -35.06
CA LYS B 498 25.52 32.22 -35.46
C LYS B 498 26.48 32.16 -34.29
N LEU B 499 25.89 32.12 -33.10
CA LEU B 499 26.66 32.14 -31.86
C LEU B 499 26.62 30.89 -31.02
N GLU B 500 27.62 30.79 -30.14
CA GLU B 500 27.81 29.64 -29.27
C GLU B 500 27.12 29.70 -27.92
N PRO B 501 26.26 28.73 -27.68
CA PRO B 501 25.49 28.58 -26.46
C PRO B 501 26.17 29.06 -25.21
N SER B 502 27.50 28.92 -25.11
CA SER B 502 28.14 29.40 -23.89
C SER B 502 28.21 30.92 -23.83
N LYS B 503 28.03 31.62 -24.95
CA LYS B 503 28.08 33.08 -24.89
C LYS B 503 26.75 33.77 -24.66
N ILE B 504 25.65 33.04 -24.81
CA ILE B 504 24.32 33.62 -24.64
C ILE B 504 24.18 34.40 -23.35
N THR B 505 24.55 33.82 -22.21
CA THR B 505 24.41 34.55 -20.95
C THR B 505 25.06 35.94 -21.02
N LYS B 506 26.35 35.88 -21.34
CA LYS B 506 27.25 37.00 -21.48
C LYS B 506 26.79 38.01 -22.52
N PHE B 507 26.14 37.51 -23.59
CA PHE B 507 25.63 38.44 -24.60
C PHE B 507 24.50 39.26 -23.97
N GLU B 508 23.63 38.54 -23.25
CA GLU B 508 22.50 39.15 -22.59
C GLU B 508 22.84 40.32 -21.68
N ASN B 509 23.72 40.13 -20.70
CA ASN B 509 24.04 41.25 -19.80
C ASN B 509 24.63 42.44 -20.57
N ALA B 510 25.62 42.14 -21.41
CA ALA B 510 26.32 43.07 -22.26
C ALA B 510 25.44 43.82 -23.27
N PHE B 511 24.54 43.10 -23.93
CA PHE B 511 23.66 43.72 -24.92
C PHE B 511 22.54 44.47 -24.22
N LEU B 512 22.23 44.01 -23.00
CA LEU B 512 21.13 44.63 -22.24
C LEU B 512 21.58 45.95 -21.64
N SER B 513 22.74 45.95 -20.97
CA SER B 513 23.23 47.19 -20.38
C SER B 513 23.37 48.27 -21.47
N HIS B 514 23.85 47.81 -22.62
CA HIS B 514 24.04 48.61 -23.81
C HIS B 514 22.79 49.37 -24.21
N VAL B 515 21.67 48.69 -24.47
CA VAL B 515 20.44 49.35 -24.87
C VAL B 515 19.79 50.06 -23.69
N ILE B 516 20.24 49.69 -22.47
CA ILE B 516 19.64 50.34 -21.31
C ILE B 516 20.30 51.72 -21.13
N SER B 517 21.61 51.70 -21.34
CA SER B 517 22.40 52.94 -21.24
C SER B 517 22.08 53.85 -22.43
N GLN B 518 22.45 53.36 -23.60
CA GLN B 518 22.26 54.04 -24.85
C GLN B 518 20.87 54.18 -25.41
N HIS B 519 19.97 53.20 -25.39
CA HIS B 519 18.65 53.39 -26.01
C HIS B 519 17.42 53.43 -25.14
N GLN B 520 17.38 54.26 -24.10
CA GLN B 520 16.15 54.29 -23.29
C GLN B 520 14.98 54.77 -24.16
N ALA B 521 15.30 55.39 -25.27
CA ALA B 521 14.43 55.96 -26.25
C ALA B 521 13.53 55.00 -27.02
N LEU B 522 14.08 53.83 -27.31
CA LEU B 522 13.29 52.83 -28.07
C LEU B 522 12.51 52.04 -27.03
N LEU B 523 13.24 51.74 -25.94
CA LEU B 523 12.61 50.98 -24.86
C LEU B 523 11.32 51.67 -24.47
N SER B 524 11.40 52.92 -24.07
CA SER B 524 10.23 53.71 -23.70
C SER B 524 9.13 53.62 -24.75
N LYS B 525 9.45 53.63 -26.06
CA LYS B 525 8.35 53.53 -27.01
C LYS B 525 7.69 52.14 -26.81
N ILE B 526 8.52 51.11 -26.97
CA ILE B 526 8.06 49.73 -26.82
C ILE B 526 7.12 49.65 -25.62
N ARG B 527 7.69 50.03 -24.47
CA ARG B 527 7.01 50.03 -23.21
C ARG B 527 5.76 50.89 -23.24
N THR B 528 5.90 52.10 -23.76
CA THR B 528 4.71 52.99 -23.84
C THR B 528 3.75 52.52 -24.89
N ASP B 529 4.19 52.41 -26.14
CA ASP B 529 3.28 51.89 -27.17
C ASP B 529 2.62 50.62 -26.59
N GLY B 530 3.45 49.71 -26.10
CA GLY B 530 2.95 48.45 -25.53
C GLY B 530 2.95 47.38 -26.63
N LYS B 531 3.46 47.81 -27.77
CA LYS B 531 3.54 46.95 -28.97
C LYS B 531 4.88 47.21 -29.66
N ILE B 532 5.18 46.47 -30.72
CA ILE B 532 6.45 46.69 -31.42
C ILE B 532 6.12 47.23 -32.82
N SER B 533 6.11 48.55 -32.94
CA SER B 533 5.81 49.20 -34.22
C SER B 533 6.93 48.93 -35.23
N GLU B 534 6.55 49.13 -36.50
CA GLU B 534 7.47 48.89 -37.61
C GLU B 534 8.80 49.59 -37.47
N GLU B 535 8.74 50.81 -36.94
CA GLU B 535 9.97 51.59 -36.77
C GLU B 535 10.78 51.04 -35.59
N SER B 536 10.08 50.77 -34.49
CA SER B 536 10.70 50.22 -33.30
C SER B 536 11.38 48.89 -33.64
N ASP B 537 10.62 48.07 -34.36
CA ASP B 537 11.16 46.77 -34.75
C ASP B 537 12.34 46.95 -35.71
N ALA B 538 12.16 47.89 -36.64
CA ALA B 538 13.19 48.21 -37.62
C ALA B 538 14.46 48.71 -36.91
N LYS B 539 14.23 49.59 -35.96
CA LYS B 539 15.24 50.20 -35.12
C LYS B 539 15.96 49.15 -34.26
N LEU B 540 15.14 48.27 -33.69
CA LEU B 540 15.67 47.19 -32.85
C LEU B 540 16.57 46.28 -33.68
N LYS B 541 16.08 45.85 -34.86
CA LYS B 541 16.83 44.97 -35.73
C LYS B 541 18.27 45.44 -35.97
N GLU B 542 18.42 46.71 -36.30
CA GLU B 542 19.76 47.25 -36.55
C GLU B 542 20.55 47.22 -35.23
N ILE B 543 19.84 47.54 -34.15
CA ILE B 543 20.47 47.56 -32.83
C ILE B 543 21.04 46.19 -32.48
N VAL B 544 20.32 45.11 -32.79
CA VAL B 544 20.94 43.81 -32.45
C VAL B 544 22.12 43.59 -33.41
N THR B 545 21.83 44.02 -34.65
CA THR B 545 22.75 43.91 -35.76
C THR B 545 24.15 44.44 -35.44
N ASN B 546 24.17 45.73 -35.13
CA ASN B 546 25.45 46.39 -34.83
C ASN B 546 26.08 45.84 -33.56
N PHE B 547 25.33 45.77 -32.46
CA PHE B 547 25.89 45.25 -31.22
C PHE B 547 26.60 43.92 -31.50
N LEU B 548 25.91 43.09 -32.29
CA LEU B 548 26.48 41.80 -32.65
C LEU B 548 27.86 41.97 -33.27
N ALA B 549 27.80 42.70 -34.39
CA ALA B 549 28.95 43.01 -35.19
C ALA B 549 30.14 43.49 -34.38
N GLY B 550 29.94 43.99 -33.18
CA GLY B 550 31.08 44.44 -32.36
C GLY B 550 31.33 43.50 -31.19
N PHE B 551 30.44 42.52 -30.98
CA PHE B 551 30.59 41.61 -29.85
C PHE B 551 31.87 40.79 -29.88
N GLU B 552 32.61 40.93 -28.77
CA GLU B 552 33.86 40.18 -28.61
C GLU B 552 33.52 38.79 -28.07
N ALA B 553 34.06 37.79 -28.75
CA ALA B 553 33.85 36.40 -28.39
C ALA B 553 34.38 36.13 -26.97
N ALA C 62 -60.87 0.61 26.82
CA ALA C 62 -59.60 -0.10 26.85
C ALA C 62 -59.11 -0.44 25.44
N ASP C 63 -58.70 0.64 24.74
CA ASP C 63 -58.19 0.38 23.38
C ASP C 63 -56.95 -0.48 23.61
N THR C 64 -56.97 -1.71 23.12
CA THR C 64 -55.81 -2.60 23.34
C THR C 64 -55.22 -3.06 22.02
N SER C 65 -55.28 -2.20 21.01
CA SER C 65 -54.76 -2.59 19.71
C SER C 65 -53.26 -2.36 19.60
N VAL C 66 -52.72 -1.48 20.44
CA VAL C 66 -51.30 -1.14 20.38
C VAL C 66 -50.50 -1.48 21.61
N ASP C 67 -50.51 -2.72 22.06
CA ASP C 67 -49.78 -3.27 23.18
C ASP C 67 -48.34 -3.44 22.72
N LEU C 68 -47.35 -3.39 23.59
CA LEU C 68 -46.00 -3.50 23.03
C LEU C 68 -45.52 -4.90 22.77
N GLU C 69 -46.43 -5.86 22.52
CA GLU C 69 -45.92 -7.21 22.27
C GLU C 69 -46.01 -7.58 20.81
N GLU C 70 -47.01 -7.03 20.13
CA GLU C 70 -47.16 -7.35 18.70
C GLU C 70 -47.01 -6.08 17.87
N THR C 71 -46.78 -4.99 18.56
CA THR C 71 -46.60 -3.70 17.88
C THR C 71 -45.46 -2.93 18.57
N GLY C 72 -44.95 -1.90 17.91
CA GLY C 72 -43.90 -1.10 18.54
C GLY C 72 -44.03 0.31 17.99
N ARG C 73 -43.15 1.20 18.40
CA ARG C 73 -43.22 2.57 17.85
C ARG C 73 -41.81 3.01 17.50
N VAL C 74 -41.65 3.62 16.35
CA VAL C 74 -40.33 4.07 15.90
C VAL C 74 -39.68 5.05 16.87
N LEU C 75 -38.54 4.65 17.45
CA LEU C 75 -37.77 5.52 18.34
C LEU C 75 -36.98 6.53 17.45
N SER C 76 -36.45 6.05 16.34
CA SER C 76 -35.72 6.95 15.47
C SER C 76 -35.60 6.31 14.10
N ILE C 77 -35.39 7.08 13.07
CA ILE C 77 -35.25 6.54 11.71
C ILE C 77 -34.24 7.40 10.95
N GLY C 78 -33.37 6.78 10.19
CA GLY C 78 -32.37 7.46 9.41
C GLY C 78 -31.64 6.44 8.53
N ASP C 79 -31.35 6.86 7.32
CA ASP C 79 -30.58 6.00 6.41
C ASP C 79 -31.11 4.61 6.25
N GLY C 80 -32.43 4.45 6.29
CA GLY C 80 -33.03 3.14 6.10
C GLY C 80 -32.98 2.22 7.27
N ILE C 81 -32.65 2.71 8.46
CA ILE C 81 -32.64 1.82 9.62
C ILE C 81 -33.60 2.39 10.66
N ALA C 82 -34.60 1.61 11.05
CA ALA C 82 -35.55 2.05 12.05
C ALA C 82 -35.17 1.43 13.39
N ARG C 83 -35.18 2.17 14.46
CA ARG C 83 -34.92 1.57 15.78
C ARG C 83 -36.29 1.58 16.49
N VAL C 84 -37.06 0.52 16.31
CA VAL C 84 -38.37 0.30 16.83
C VAL C 84 -38.41 -0.09 18.30
N HIS C 85 -39.28 0.53 19.07
CA HIS C 85 -39.42 0.23 20.52
C HIS C 85 -40.56 -0.76 20.68
N GLY C 86 -40.61 -1.63 21.67
CA GLY C 86 -41.76 -2.57 21.67
C GLY C 86 -41.42 -3.83 20.87
N LEU C 87 -42.30 -4.30 20.01
CA LEU C 87 -42.08 -5.50 19.22
C LEU C 87 -41.49 -6.61 20.07
N ARG C 88 -41.99 -6.74 21.30
CA ARG C 88 -41.52 -7.76 22.19
C ARG C 88 -41.57 -9.19 21.75
N ASN C 89 -42.47 -9.54 20.84
CA ASN C 89 -42.58 -10.90 20.38
C ASN C 89 -42.06 -11.09 18.97
N VAL C 90 -41.33 -10.15 18.36
CA VAL C 90 -40.86 -10.38 17.01
C VAL C 90 -39.77 -11.47 17.03
N GLN C 91 -39.62 -12.11 15.89
CA GLN C 91 -38.59 -13.18 15.81
C GLN C 91 -37.43 -12.61 15.01
N ALA C 92 -36.21 -13.04 15.26
CA ALA C 92 -35.14 -12.50 14.40
C ALA C 92 -35.53 -12.80 12.95
N GLU C 93 -35.29 -11.89 12.03
CA GLU C 93 -35.56 -12.05 10.63
C GLU C 93 -37.00 -12.04 10.23
N GLU C 94 -37.89 -11.57 11.11
CA GLU C 94 -39.31 -11.56 10.71
C GLU C 94 -39.64 -10.28 9.99
N MET C 95 -40.69 -10.30 9.19
CA MET C 95 -41.09 -9.07 8.51
C MET C 95 -42.10 -8.29 9.38
N VAL C 96 -41.96 -6.97 9.36
CA VAL C 96 -42.83 -6.09 10.13
C VAL C 96 -43.45 -5.08 9.18
N GLU C 97 -44.51 -4.38 9.59
CA GLU C 97 -45.10 -3.39 8.71
C GLU C 97 -45.08 -2.01 9.39
N PHE C 98 -44.89 -0.99 8.56
CA PHE C 98 -44.84 0.40 8.99
C PHE C 98 -46.19 1.07 8.72
N SER C 99 -46.62 2.07 9.47
CA SER C 99 -47.90 2.73 9.21
C SER C 99 -48.11 2.99 7.72
N SER C 100 -47.03 3.40 7.07
CA SER C 100 -47.01 3.72 5.65
C SER C 100 -47.08 2.54 4.70
N GLY C 101 -47.46 1.35 5.14
CA GLY C 101 -47.53 0.23 4.18
C GLY C 101 -46.16 -0.25 3.76
N LEU C 102 -45.12 0.36 4.31
CA LEU C 102 -43.75 -0.02 4.02
C LEU C 102 -43.36 -1.21 4.92
N LYS C 103 -42.81 -2.24 4.31
CA LYS C 103 -42.32 -3.43 4.98
C LYS C 103 -40.85 -3.29 5.33
N GLY C 104 -40.43 -3.94 6.40
CA GLY C 104 -39.05 -3.91 6.89
C GLY C 104 -38.70 -5.30 7.41
N MET C 105 -37.48 -5.50 7.88
CA MET C 105 -37.11 -6.83 8.37
C MET C 105 -36.33 -6.71 9.67
N SER C 106 -36.68 -7.47 10.68
CA SER C 106 -36.09 -7.46 11.99
C SER C 106 -34.73 -8.10 12.08
N LEU C 107 -33.65 -7.32 11.95
CA LEU C 107 -32.31 -7.89 11.99
C LEU C 107 -31.65 -7.87 13.35
N ASN C 108 -31.64 -6.79 14.10
CA ASN C 108 -31.00 -6.78 15.43
C ASN C 108 -32.02 -6.90 16.55
N LEU C 109 -32.07 -7.96 17.32
CA LEU C 109 -33.07 -7.92 18.40
C LEU C 109 -32.26 -7.59 19.65
N GLU C 110 -32.25 -6.32 20.03
CA GLU C 110 -31.54 -5.84 21.19
C GLU C 110 -32.41 -5.74 22.44
N PRO C 111 -31.76 -5.67 23.58
CA PRO C 111 -32.43 -5.59 24.86
C PRO C 111 -33.53 -4.56 24.83
N ASP C 112 -33.20 -3.34 24.43
CA ASP C 112 -34.17 -2.26 24.43
C ASP C 112 -34.69 -1.83 23.09
N ASN C 113 -34.35 -2.48 21.98
CA ASN C 113 -34.94 -1.96 20.72
C ASN C 113 -34.82 -3.04 19.66
N VAL C 114 -35.44 -2.92 18.52
CA VAL C 114 -35.31 -3.89 17.44
C VAL C 114 -34.70 -3.11 16.27
N GLY C 115 -33.59 -3.55 15.70
CA GLY C 115 -33.04 -2.77 14.57
C GLY C 115 -33.76 -3.28 13.30
N VAL C 116 -34.56 -2.47 12.64
CA VAL C 116 -35.30 -2.85 11.47
C VAL C 116 -34.75 -2.22 10.21
N VAL C 117 -34.46 -3.10 9.28
CA VAL C 117 -33.94 -2.70 7.94
C VAL C 117 -35.18 -2.41 7.13
N VAL C 118 -35.27 -1.32 6.39
CA VAL C 118 -36.45 -0.94 5.64
C VAL C 118 -36.41 -1.21 4.15
N PHE C 119 -37.40 -1.97 3.68
CA PHE C 119 -37.53 -2.30 2.28
C PHE C 119 -38.18 -1.17 1.50
N GLY C 120 -37.55 0.01 1.50
CA GLY C 120 -38.13 1.13 0.74
C GLY C 120 -37.64 2.47 1.23
N ASN C 121 -38.19 3.56 0.68
CA ASN C 121 -37.75 4.89 1.10
C ASN C 121 -38.11 5.20 2.54
N ASP C 122 -37.13 5.36 3.43
CA ASP C 122 -37.46 5.70 4.80
C ASP C 122 -38.01 7.11 4.93
N LYS C 123 -38.21 7.85 3.85
CA LYS C 123 -38.73 9.22 4.02
C LYS C 123 -40.15 9.19 4.57
N LEU C 124 -40.90 8.11 4.36
CA LEU C 124 -42.26 8.08 4.88
C LEU C 124 -42.31 7.62 6.32
N ILE C 125 -41.16 7.37 6.95
CA ILE C 125 -41.18 6.88 8.33
C ILE C 125 -40.72 7.96 9.28
N LYS C 126 -41.43 8.15 10.39
CA LYS C 126 -41.05 9.18 11.33
C LYS C 126 -41.00 8.62 12.75
N GLU C 127 -40.31 9.33 13.63
CA GLU C 127 -40.26 8.85 15.01
C GLU C 127 -41.69 8.69 15.51
N GLY C 128 -42.04 7.67 16.27
CA GLY C 128 -43.38 7.53 16.75
C GLY C 128 -44.23 6.60 15.93
N ASP C 129 -44.00 6.44 14.64
CA ASP C 129 -44.83 5.54 13.84
C ASP C 129 -45.08 4.19 14.49
N ILE C 130 -46.24 3.59 14.16
CA ILE C 130 -46.57 2.27 14.71
C ILE C 130 -45.97 1.26 13.74
N VAL C 131 -45.37 0.23 14.27
CA VAL C 131 -44.79 -0.87 13.51
C VAL C 131 -45.53 -2.13 14.00
N LYS C 132 -45.97 -2.97 13.07
CA LYS C 132 -46.72 -4.15 13.40
C LYS C 132 -46.04 -5.44 12.96
N ARG C 133 -46.06 -6.47 13.81
CA ARG C 133 -45.48 -7.73 13.41
C ARG C 133 -46.29 -8.26 12.21
N THR C 134 -45.79 -9.33 11.63
CA THR C 134 -46.45 -9.97 10.49
C THR C 134 -46.57 -11.45 10.82
N GLY C 135 -45.76 -11.80 11.81
CA GLY C 135 -45.65 -13.14 12.33
C GLY C 135 -44.91 -14.00 11.35
N ALA C 136 -44.58 -13.41 10.20
CA ALA C 136 -43.89 -14.22 9.21
C ALA C 136 -42.46 -13.89 8.89
N ILE C 137 -41.64 -14.94 8.88
CA ILE C 137 -40.23 -14.74 8.47
C ILE C 137 -40.34 -14.42 6.96
N VAL C 138 -39.56 -13.47 6.49
CA VAL C 138 -39.56 -13.00 5.12
C VAL C 138 -39.68 -14.08 4.08
N ASP C 139 -40.61 -13.93 3.12
CA ASP C 139 -40.76 -14.93 2.06
C ASP C 139 -41.17 -14.23 0.77
N VAL C 140 -41.52 -15.00 -0.25
CA VAL C 140 -41.95 -14.46 -1.52
C VAL C 140 -42.70 -15.44 -2.41
N PRO C 141 -43.50 -14.90 -3.29
CA PRO C 141 -44.25 -15.64 -4.28
C PRO C 141 -43.33 -16.63 -4.96
N VAL C 142 -43.81 -17.78 -5.38
CA VAL C 142 -42.90 -18.74 -6.05
C VAL C 142 -43.72 -19.53 -7.04
N GLY C 143 -43.11 -20.13 -8.06
CA GLY C 143 -43.89 -20.93 -8.99
C GLY C 143 -43.96 -20.47 -10.41
N GLU C 144 -44.56 -21.31 -11.26
CA GLU C 144 -44.70 -21.09 -12.67
C GLU C 144 -45.40 -19.81 -13.07
N GLU C 145 -46.18 -19.21 -12.19
CA GLU C 145 -46.86 -17.99 -12.55
C GLU C 145 -45.89 -16.86 -12.88
N LEU C 146 -44.74 -16.86 -12.24
CA LEU C 146 -43.75 -15.81 -12.45
C LEU C 146 -43.07 -15.84 -13.80
N LEU C 147 -42.98 -16.97 -14.47
CA LEU C 147 -42.29 -17.02 -15.77
C LEU C 147 -42.74 -15.90 -16.69
N GLY C 148 -41.82 -15.30 -17.45
CA GLY C 148 -42.18 -14.24 -18.36
C GLY C 148 -42.51 -12.95 -17.65
N ARG C 149 -42.30 -12.89 -16.33
CA ARG C 149 -42.61 -11.64 -15.63
C ARG C 149 -41.43 -10.98 -14.99
N VAL C 150 -41.47 -9.67 -14.82
CA VAL C 150 -40.40 -8.90 -14.20
C VAL C 150 -40.81 -8.48 -12.80
N VAL C 151 -40.23 -9.10 -11.78
CA VAL C 151 -40.58 -8.75 -10.39
C VAL C 151 -39.49 -7.99 -9.66
N ASP C 152 -39.84 -7.30 -8.58
CA ASP C 152 -38.87 -6.54 -7.77
C ASP C 152 -38.27 -7.52 -6.76
N ALA C 153 -37.46 -7.06 -5.79
CA ALA C 153 -36.89 -8.04 -4.86
C ALA C 153 -37.89 -8.72 -3.94
N LEU C 154 -39.15 -8.28 -3.89
CA LEU C 154 -40.10 -8.96 -2.99
C LEU C 154 -41.13 -9.80 -3.73
N GLY C 155 -41.16 -9.74 -5.05
CA GLY C 155 -42.13 -10.55 -5.79
C GLY C 155 -43.12 -9.68 -6.56
N ASN C 156 -43.37 -8.46 -6.13
CA ASN C 156 -44.28 -7.56 -6.80
C ASN C 156 -43.91 -7.39 -8.25
N ALA C 157 -44.87 -7.36 -9.15
CA ALA C 157 -44.58 -7.17 -10.57
C ALA C 157 -44.12 -5.75 -10.83
N ILE C 158 -43.29 -5.55 -11.86
CA ILE C 158 -42.83 -4.20 -12.19
C ILE C 158 -42.95 -4.00 -13.67
N ASP C 159 -43.59 -4.95 -14.34
CA ASP C 159 -43.83 -4.86 -15.79
C ASP C 159 -45.25 -4.35 -15.99
N GLY C 160 -45.85 -3.87 -14.89
CA GLY C 160 -47.19 -3.35 -14.96
C GLY C 160 -48.07 -4.19 -15.89
N LYS C 161 -47.92 -5.49 -15.87
CA LYS C 161 -48.67 -6.46 -16.63
C LYS C 161 -49.60 -7.24 -15.69
N GLY C 162 -50.02 -6.63 -14.58
CA GLY C 162 -50.93 -7.35 -13.71
C GLY C 162 -50.29 -8.13 -12.59
N PRO C 163 -51.09 -8.48 -11.61
CA PRO C 163 -50.68 -9.24 -10.45
C PRO C 163 -50.21 -10.61 -10.91
N ILE C 164 -49.38 -11.25 -10.12
CA ILE C 164 -48.83 -12.58 -10.39
C ILE C 164 -49.87 -13.56 -9.89
N GLY C 165 -50.23 -14.64 -10.56
CA GLY C 165 -51.28 -15.48 -9.89
C GLY C 165 -50.68 -16.50 -8.95
N SER C 166 -49.89 -16.09 -7.97
CA SER C 166 -49.20 -17.01 -7.10
C SER C 166 -50.01 -17.73 -6.06
N LYS C 167 -49.76 -19.03 -5.97
CA LYS C 167 -50.46 -19.85 -4.98
C LYS C 167 -49.46 -20.36 -3.96
N ALA C 168 -48.17 -20.29 -4.27
CA ALA C 168 -47.17 -20.78 -3.34
C ALA C 168 -46.27 -19.65 -2.88
N ARG C 169 -45.70 -19.82 -1.72
CA ARG C 169 -44.77 -18.85 -1.16
C ARG C 169 -43.56 -19.62 -0.66
N ARG C 170 -42.47 -18.94 -0.42
CA ARG C 170 -41.24 -19.62 0.01
C ARG C 170 -40.37 -18.66 0.79
N ARG C 171 -39.76 -19.10 1.87
CA ARG C 171 -38.89 -18.22 2.65
C ARG C 171 -37.66 -17.88 1.82
N VAL C 172 -37.24 -16.63 1.74
CA VAL C 172 -36.07 -16.27 0.94
C VAL C 172 -34.80 -16.89 1.49
N GLY C 173 -34.73 -17.05 2.80
CA GLY C 173 -33.58 -17.63 3.42
C GLY C 173 -33.66 -19.04 3.96
N LEU C 174 -33.50 -20.04 3.12
CA LEU C 174 -33.54 -21.42 3.57
C LEU C 174 -32.19 -22.10 3.35
N LYS C 175 -31.75 -22.88 4.32
CA LYS C 175 -30.44 -23.54 4.20
C LYS C 175 -30.48 -24.47 2.99
N ALA C 176 -29.34 -24.67 2.37
CA ALA C 176 -29.23 -25.54 1.22
C ALA C 176 -29.35 -26.99 1.67
N PRO C 177 -29.96 -27.79 0.83
CA PRO C 177 -30.11 -29.21 1.06
C PRO C 177 -28.73 -29.81 1.43
N GLY C 178 -28.71 -30.70 2.39
CA GLY C 178 -27.55 -31.37 2.85
C GLY C 178 -26.91 -32.35 1.92
N ILE C 179 -26.11 -33.22 2.51
CA ILE C 179 -25.36 -34.26 1.82
C ILE C 179 -26.20 -35.33 1.15
N ILE C 180 -27.09 -35.92 1.97
CA ILE C 180 -27.97 -37.01 1.60
C ILE C 180 -28.94 -36.74 0.47
N PRO C 181 -29.64 -35.65 0.39
CA PRO C 181 -30.55 -35.34 -0.68
C PRO C 181 -29.92 -35.06 -2.01
N ARG C 182 -28.61 -35.10 -2.25
CA ARG C 182 -28.16 -34.77 -3.61
C ARG C 182 -27.47 -35.94 -4.30
N ILE C 183 -27.18 -35.77 -5.58
CA ILE C 183 -26.49 -36.74 -6.41
C ILE C 183 -25.48 -36.02 -7.31
N SER C 184 -24.32 -36.59 -7.59
CA SER C 184 -23.29 -35.97 -8.40
C SER C 184 -23.87 -35.31 -9.64
N VAL C 185 -23.37 -34.16 -10.03
CA VAL C 185 -23.82 -33.43 -11.22
C VAL C 185 -23.47 -34.29 -12.44
N ARG C 186 -24.42 -34.65 -13.28
CA ARG C 186 -24.05 -35.45 -14.44
C ARG C 186 -24.63 -34.98 -15.76
N GLU C 187 -25.73 -34.25 -15.72
CA GLU C 187 -26.35 -33.76 -16.95
C GLU C 187 -25.76 -32.43 -17.36
N PRO C 188 -25.36 -32.30 -18.60
CA PRO C 188 -24.83 -31.06 -19.13
C PRO C 188 -25.86 -29.94 -19.02
N MET C 189 -25.37 -28.73 -19.03
CA MET C 189 -26.12 -27.46 -19.01
C MET C 189 -25.37 -26.76 -20.16
N GLN C 190 -25.89 -26.85 -21.39
CA GLN C 190 -25.21 -26.31 -22.53
C GLN C 190 -25.40 -24.79 -22.63
N THR C 191 -24.28 -24.10 -22.74
CA THR C 191 -24.29 -22.65 -22.86
C THR C 191 -24.54 -22.27 -24.32
N GLY C 192 -23.91 -22.96 -25.23
CA GLY C 192 -24.11 -22.60 -26.67
C GLY C 192 -22.78 -22.00 -27.13
N ILE C 193 -21.90 -21.89 -26.14
CA ILE C 193 -20.57 -21.30 -26.38
C ILE C 193 -19.49 -22.35 -26.37
N LYS C 194 -18.87 -22.57 -27.52
CA LYS C 194 -17.85 -23.59 -27.63
C LYS C 194 -16.84 -23.54 -26.50
N ALA C 195 -16.17 -22.40 -26.43
CA ALA C 195 -15.13 -22.15 -25.41
C ALA C 195 -15.54 -22.68 -24.05
N VAL C 196 -16.77 -22.39 -23.66
CA VAL C 196 -17.28 -22.80 -22.37
C VAL C 196 -17.66 -24.27 -22.36
N ASP C 197 -18.60 -24.65 -23.23
CA ASP C 197 -19.03 -26.04 -23.30
C ASP C 197 -17.93 -27.03 -23.59
N SER C 198 -16.78 -26.65 -24.13
CA SER C 198 -15.69 -27.54 -24.45
C SER C 198 -14.57 -27.54 -23.42
N LEU C 199 -14.21 -26.37 -22.90
CA LEU C 199 -13.13 -26.24 -21.93
C LEU C 199 -13.60 -26.13 -20.48
N VAL C 200 -14.69 -25.44 -20.16
CA VAL C 200 -15.12 -25.35 -18.74
C VAL C 200 -16.60 -25.71 -18.68
N PRO C 201 -16.88 -27.00 -18.90
CA PRO C 201 -18.19 -27.59 -18.97
C PRO C 201 -19.07 -27.28 -17.80
N ILE C 202 -20.35 -27.03 -18.00
CA ILE C 202 -21.23 -26.74 -16.84
C ILE C 202 -22.33 -27.80 -16.85
N GLY C 203 -22.50 -28.49 -15.73
CA GLY C 203 -23.50 -29.53 -15.51
C GLY C 203 -24.66 -28.97 -14.69
N ARG C 204 -25.77 -29.68 -14.57
CA ARG C 204 -26.92 -29.13 -13.83
C ARG C 204 -26.74 -29.35 -12.35
N GLY C 205 -26.95 -28.32 -11.56
CA GLY C 205 -26.76 -28.42 -10.09
C GLY C 205 -25.39 -27.77 -9.76
N GLN C 206 -24.68 -27.41 -10.84
CA GLN C 206 -23.38 -26.78 -10.74
C GLN C 206 -23.46 -25.26 -10.60
N ARG C 207 -22.46 -24.71 -9.90
CA ARG C 207 -22.32 -23.27 -9.75
C ARG C 207 -21.06 -22.85 -10.50
N GLU C 208 -21.17 -22.08 -11.54
CA GLU C 208 -19.95 -21.68 -12.26
C GLU C 208 -19.97 -20.16 -12.30
N LEU C 209 -18.89 -19.53 -11.89
CA LEU C 209 -18.78 -18.07 -11.81
C LEU C 209 -18.33 -17.38 -13.07
N ILE C 210 -18.95 -16.27 -13.40
CA ILE C 210 -18.49 -15.49 -14.60
C ILE C 210 -17.74 -14.31 -13.97
N ILE C 211 -16.44 -14.14 -14.13
CA ILE C 211 -15.76 -13.02 -13.43
C ILE C 211 -14.84 -12.28 -14.37
N GLY C 212 -14.70 -10.98 -14.24
CA GLY C 212 -13.84 -10.17 -15.12
C GLY C 212 -14.05 -8.67 -14.90
N ASP C 213 -13.25 -7.78 -15.50
CA ASP C 213 -13.44 -6.35 -15.24
C ASP C 213 -14.69 -5.79 -15.89
N ARG C 214 -14.97 -4.49 -15.71
CA ARG C 214 -16.17 -3.93 -16.34
C ARG C 214 -16.11 -4.10 -17.84
N GLN C 215 -17.23 -4.34 -18.51
CA GLN C 215 -17.22 -4.49 -19.96
C GLN C 215 -16.38 -5.58 -20.55
N THR C 216 -16.08 -6.71 -19.88
CA THR C 216 -15.26 -7.71 -20.59
C THR C 216 -16.22 -8.73 -21.22
N GLY C 217 -17.53 -8.55 -21.02
CA GLY C 217 -18.51 -9.45 -21.60
C GLY C 217 -19.18 -10.42 -20.66
N LYS C 218 -19.10 -10.26 -19.36
CA LYS C 218 -19.69 -11.18 -18.42
C LYS C 218 -21.18 -11.40 -18.66
N THR C 219 -22.02 -10.40 -18.80
CA THR C 219 -23.45 -10.61 -19.00
C THR C 219 -23.75 -11.38 -20.26
N SER C 220 -22.98 -11.08 -21.30
CA SER C 220 -23.24 -11.77 -22.56
C SER C 220 -23.23 -13.27 -22.33
N ILE C 221 -22.22 -13.81 -21.66
CA ILE C 221 -22.18 -15.25 -21.42
C ILE C 221 -23.55 -15.70 -20.90
N ALA C 222 -24.10 -15.01 -19.92
CA ALA C 222 -25.38 -15.31 -19.32
C ALA C 222 -26.53 -15.20 -20.31
N ILE C 223 -26.59 -14.14 -21.12
CA ILE C 223 -27.70 -14.01 -22.08
C ILE C 223 -27.63 -15.15 -23.08
N ASP C 224 -26.52 -15.29 -23.77
CA ASP C 224 -26.40 -16.39 -24.71
C ASP C 224 -26.89 -17.71 -24.11
N THR C 225 -26.61 -17.98 -22.84
CA THR C 225 -27.01 -19.20 -22.16
C THR C 225 -28.52 -19.30 -22.06
N ILE C 226 -29.17 -18.22 -21.62
CA ILE C 226 -30.62 -18.19 -21.47
C ILE C 226 -31.29 -18.43 -22.81
N ILE C 227 -30.73 -17.77 -23.83
CA ILE C 227 -31.24 -17.88 -25.20
C ILE C 227 -31.03 -19.26 -25.76
N ASN C 228 -29.91 -19.90 -25.46
CA ASN C 228 -29.64 -21.23 -25.98
C ASN C 228 -30.66 -22.25 -25.49
N GLN C 229 -31.34 -22.00 -24.39
CA GLN C 229 -32.29 -22.95 -23.83
C GLN C 229 -33.58 -23.10 -24.60
N LYS C 230 -33.83 -22.32 -25.64
CA LYS C 230 -35.11 -22.46 -26.37
C LYS C 230 -35.13 -23.87 -26.97
N ARG C 231 -34.00 -24.26 -27.54
CA ARG C 231 -33.79 -25.56 -28.13
C ARG C 231 -34.60 -26.64 -27.38
N PHE C 232 -34.32 -26.76 -26.09
CA PHE C 232 -34.99 -27.78 -25.33
C PHE C 232 -36.37 -27.37 -24.87
N ASN C 233 -36.57 -26.10 -24.55
CA ASN C 233 -37.86 -25.64 -24.02
C ASN C 233 -38.97 -25.70 -25.05
N ASP C 234 -38.58 -25.54 -26.30
CA ASP C 234 -39.55 -25.59 -27.39
C ASP C 234 -39.79 -27.04 -27.72
N GLY C 235 -38.92 -27.91 -27.23
CA GLY C 235 -39.01 -29.33 -27.45
C GLY C 235 -40.08 -30.00 -26.56
N THR C 236 -40.10 -31.32 -26.71
CA THR C 236 -41.00 -32.23 -26.05
C THR C 236 -40.59 -32.63 -24.64
N ASP C 237 -39.39 -33.20 -24.56
CA ASP C 237 -38.80 -33.69 -23.32
C ASP C 237 -38.85 -32.66 -22.19
N GLU C 238 -39.47 -33.03 -21.07
CA GLU C 238 -39.53 -32.09 -19.97
C GLU C 238 -38.29 -32.14 -19.07
N LYS C 239 -37.51 -33.21 -19.18
CA LYS C 239 -36.30 -33.34 -18.36
C LYS C 239 -35.17 -32.47 -18.90
N LYS C 240 -35.21 -32.21 -20.22
CA LYS C 240 -34.16 -31.41 -20.80
C LYS C 240 -34.47 -29.92 -20.67
N LYS C 241 -35.69 -29.57 -20.32
CA LYS C 241 -36.04 -28.15 -20.20
C LYS C 241 -35.36 -27.45 -19.03
N LEU C 242 -35.08 -26.17 -19.24
CA LEU C 242 -34.44 -25.34 -18.23
C LEU C 242 -35.08 -23.97 -18.08
N TYR C 243 -35.72 -23.76 -16.94
CA TYR C 243 -36.35 -22.45 -16.67
C TYR C 243 -35.26 -21.53 -16.17
N CYS C 244 -35.23 -20.31 -16.60
CA CYS C 244 -34.17 -19.39 -16.19
C CYS C 244 -34.65 -18.28 -15.30
N ILE C 245 -33.74 -17.80 -14.46
CA ILE C 245 -34.03 -16.67 -13.57
C ILE C 245 -32.85 -15.72 -13.73
N TYR C 246 -33.17 -14.46 -13.91
CA TYR C 246 -32.14 -13.43 -14.09
C TYR C 246 -32.33 -12.34 -13.04
N VAL C 247 -31.43 -12.29 -12.07
CA VAL C 247 -31.47 -11.30 -11.00
C VAL C 247 -30.54 -10.12 -11.27
N ALA C 248 -31.09 -8.95 -11.51
CA ALA C 248 -30.26 -7.77 -11.73
C ALA C 248 -29.99 -7.14 -10.37
N ILE C 249 -28.76 -6.77 -10.03
CA ILE C 249 -28.56 -6.14 -8.71
C ILE C 249 -27.69 -4.90 -8.81
N GLY C 250 -28.17 -3.73 -8.41
CA GLY C 250 -27.37 -2.52 -8.43
C GLY C 250 -27.26 -1.98 -9.83
N GLN C 251 -27.72 -2.76 -10.77
CA GLN C 251 -27.73 -2.37 -12.20
C GLN C 251 -28.60 -1.14 -12.42
N LYS C 252 -28.72 -0.68 -13.63
CA LYS C 252 -29.54 0.49 -14.02
C LYS C 252 -30.82 0.08 -14.72
N ARG C 253 -31.97 0.65 -14.37
CA ARG C 253 -33.24 0.29 -15.00
C ARG C 253 -33.24 0.29 -16.52
N SER C 254 -32.61 1.27 -17.17
CA SER C 254 -32.64 1.25 -18.62
C SER C 254 -31.88 0.04 -19.16
N THR C 255 -30.84 -0.46 -18.53
CA THR C 255 -30.05 -1.59 -18.95
C THR C 255 -30.86 -2.88 -18.85
N VAL C 256 -31.58 -2.98 -17.73
CA VAL C 256 -32.45 -4.14 -17.49
C VAL C 256 -33.55 -4.08 -18.56
N ALA C 257 -34.21 -2.95 -18.71
CA ALA C 257 -35.23 -2.77 -19.73
C ALA C 257 -34.67 -3.18 -21.10
N GLN C 258 -33.42 -2.89 -21.38
CA GLN C 258 -32.78 -3.24 -22.61
C GLN C 258 -32.70 -4.78 -22.64
N LEU C 259 -32.30 -5.33 -21.52
CA LEU C 259 -32.11 -6.77 -21.31
C LEU C 259 -33.38 -7.57 -21.54
N VAL C 260 -34.48 -7.14 -20.91
CA VAL C 260 -35.72 -7.88 -21.05
C VAL C 260 -36.25 -7.69 -22.46
N LYS C 261 -35.81 -6.62 -23.13
CA LYS C 261 -36.29 -6.45 -24.51
C LYS C 261 -35.68 -7.58 -25.36
N ARG C 262 -34.38 -7.65 -25.44
CA ARG C 262 -33.66 -8.68 -26.16
C ARG C 262 -34.17 -10.08 -25.85
N LEU C 263 -34.40 -10.37 -24.56
CA LEU C 263 -34.93 -11.68 -24.20
C LEU C 263 -36.28 -11.85 -24.88
N THR C 264 -37.13 -10.82 -24.83
CA THR C 264 -38.40 -10.92 -25.51
C THR C 264 -38.18 -11.14 -27.01
N ASP C 265 -37.35 -10.32 -27.64
CA ASP C 265 -37.09 -10.49 -29.06
C ASP C 265 -36.53 -11.86 -29.40
N ALA C 266 -36.00 -12.63 -28.48
CA ALA C 266 -35.43 -13.94 -28.75
C ALA C 266 -36.41 -15.05 -28.38
N ASP C 267 -37.57 -14.60 -27.88
CA ASP C 267 -38.62 -15.51 -27.47
C ASP C 267 -38.14 -16.39 -26.34
N ALA C 268 -37.47 -15.76 -25.38
CA ALA C 268 -36.93 -16.39 -24.19
C ALA C 268 -37.65 -15.95 -22.92
N MET C 269 -38.39 -14.84 -22.96
CA MET C 269 -39.06 -14.42 -21.72
C MET C 269 -40.00 -15.48 -21.20
N LYS C 270 -40.66 -16.17 -22.14
CA LYS C 270 -41.62 -17.21 -21.82
C LYS C 270 -41.06 -18.11 -20.74
N TYR C 271 -39.77 -18.45 -20.80
CA TYR C 271 -39.24 -19.33 -19.73
C TYR C 271 -38.32 -18.63 -18.74
N THR C 272 -38.35 -17.30 -18.67
CA THR C 272 -37.47 -16.57 -17.75
C THR C 272 -38.33 -15.75 -16.81
N ILE C 273 -37.84 -15.56 -15.60
CA ILE C 273 -38.40 -14.72 -14.56
C ILE C 273 -37.32 -13.62 -14.39
N VAL C 274 -37.63 -12.38 -14.16
CA VAL C 274 -36.47 -11.44 -14.01
C VAL C 274 -36.67 -10.76 -12.68
N VAL C 275 -35.80 -11.01 -11.70
CA VAL C 275 -36.01 -10.32 -10.40
C VAL C 275 -35.16 -9.05 -10.50
N SER C 276 -35.70 -7.87 -10.38
CA SER C 276 -34.87 -6.68 -10.56
C SER C 276 -34.71 -5.91 -9.26
N ALA C 277 -33.48 -5.61 -8.87
CA ALA C 277 -33.23 -4.82 -7.65
C ALA C 277 -32.16 -3.82 -8.09
N THR C 278 -32.56 -2.77 -8.77
CA THR C 278 -31.69 -1.77 -9.35
C THR C 278 -31.18 -0.64 -8.47
N ALA C 279 -30.22 0.08 -9.05
CA ALA C 279 -29.46 1.17 -8.52
C ALA C 279 -30.13 2.10 -7.53
N SER C 280 -31.40 2.47 -7.78
CA SER C 280 -32.08 3.33 -6.81
C SER C 280 -32.84 2.48 -5.80
N ASP C 281 -33.00 1.16 -5.93
CA ASP C 281 -33.73 0.42 -4.91
C ASP C 281 -32.94 0.46 -3.60
N ALA C 282 -33.63 0.46 -2.48
CA ALA C 282 -33.00 0.51 -1.17
C ALA C 282 -31.95 -0.56 -1.01
N ALA C 283 -30.93 -0.30 -0.22
CA ALA C 283 -29.91 -1.30 -0.02
C ALA C 283 -30.47 -2.65 0.32
N PRO C 284 -31.40 -2.78 1.24
CA PRO C 284 -31.99 -4.05 1.66
C PRO C 284 -32.70 -4.71 0.51
N LEU C 285 -33.24 -3.97 -0.46
CA LEU C 285 -33.86 -4.74 -1.55
C LEU C 285 -32.75 -5.42 -2.34
N GLN C 286 -31.71 -4.67 -2.71
CA GLN C 286 -30.56 -5.17 -3.45
C GLN C 286 -29.92 -6.36 -2.77
N TYR C 287 -29.86 -6.25 -1.44
CA TYR C 287 -29.30 -7.31 -0.60
C TYR C 287 -30.10 -8.60 -0.72
N LEU C 288 -31.43 -8.53 -0.53
CA LEU C 288 -32.36 -9.63 -0.56
C LEU C 288 -32.48 -10.24 -1.94
N ALA C 289 -32.57 -9.38 -2.93
CA ALA C 289 -32.77 -9.81 -4.31
C ALA C 289 -32.20 -11.16 -4.61
N PRO C 290 -30.97 -11.49 -4.38
CA PRO C 290 -30.42 -12.81 -4.69
C PRO C 290 -31.18 -13.89 -3.96
N TYR C 291 -31.38 -13.81 -2.64
CA TYR C 291 -32.11 -14.86 -1.93
C TYR C 291 -33.53 -14.99 -2.50
N SER C 292 -34.16 -13.85 -2.80
CA SER C 292 -35.50 -13.90 -3.38
C SER C 292 -35.47 -14.77 -4.63
N GLY C 293 -34.69 -14.39 -5.61
CA GLY C 293 -34.57 -15.09 -6.86
C GLY C 293 -34.20 -16.55 -6.67
N CYS C 294 -33.37 -16.84 -5.69
CA CYS C 294 -32.96 -18.21 -5.43
C CYS C 294 -34.15 -19.11 -5.11
N SER C 295 -35.00 -18.63 -4.19
CA SER C 295 -36.19 -19.28 -3.71
C SER C 295 -37.15 -19.57 -4.84
N MET C 296 -37.20 -18.67 -5.82
CA MET C 296 -38.10 -18.90 -6.95
C MET C 296 -37.48 -20.03 -7.78
N GLY C 297 -36.17 -20.21 -7.68
CA GLY C 297 -35.53 -21.24 -8.47
C GLY C 297 -35.66 -22.57 -7.76
N GLU C 298 -35.78 -22.55 -6.43
CA GLU C 298 -35.85 -23.84 -5.72
C GLU C 298 -37.17 -24.51 -5.97
N TYR C 299 -38.19 -23.69 -6.29
CA TYR C 299 -39.53 -24.25 -6.58
C TYR C 299 -39.34 -25.29 -7.67
N PHE C 300 -38.69 -24.91 -8.76
CA PHE C 300 -38.41 -25.82 -9.84
C PHE C 300 -37.47 -26.94 -9.36
N ARG C 301 -36.47 -26.60 -8.56
CA ARG C 301 -35.48 -27.59 -8.13
C ARG C 301 -36.10 -28.68 -7.29
N ASP C 302 -36.99 -28.29 -6.39
CA ASP C 302 -37.62 -29.25 -5.51
C ASP C 302 -38.75 -30.03 -6.15
N ASN C 303 -39.16 -29.68 -7.36
CA ASN C 303 -40.26 -30.37 -8.01
C ASN C 303 -39.80 -31.09 -9.25
N GLY C 304 -38.65 -31.75 -9.21
CA GLY C 304 -38.16 -32.50 -10.35
C GLY C 304 -38.05 -31.71 -11.61
N LYS C 305 -38.11 -30.39 -11.58
CA LYS C 305 -37.92 -29.55 -12.77
C LYS C 305 -36.49 -28.99 -12.72
N HIS C 306 -36.07 -28.30 -13.74
CA HIS C 306 -34.72 -27.75 -13.80
C HIS C 306 -34.71 -26.23 -13.94
N ALA C 307 -33.89 -25.55 -13.14
CA ALA C 307 -33.81 -24.09 -13.17
C ALA C 307 -32.37 -23.62 -13.31
N LEU C 308 -32.17 -22.45 -13.86
CA LEU C 308 -30.89 -21.81 -14.06
C LEU C 308 -30.95 -20.37 -13.52
N ILE C 309 -30.14 -19.97 -12.56
CA ILE C 309 -30.25 -18.58 -12.05
C ILE C 309 -28.99 -17.78 -12.26
N ILE C 310 -29.08 -16.55 -12.75
CA ILE C 310 -27.89 -15.71 -12.99
C ILE C 310 -27.89 -14.63 -11.91
N TYR C 311 -26.86 -14.50 -11.11
CA TYR C 311 -26.83 -13.43 -10.08
C TYR C 311 -25.97 -12.31 -10.65
N ASP C 312 -26.59 -11.33 -11.28
CA ASP C 312 -25.78 -10.28 -11.92
C ASP C 312 -25.86 -8.94 -11.29
N ASP C 313 -24.90 -8.54 -10.46
CA ASP C 313 -23.72 -9.24 -10.06
C ASP C 313 -23.66 -9.30 -8.51
N LEU C 314 -22.79 -10.14 -7.98
CA LEU C 314 -22.68 -10.34 -6.54
C LEU C 314 -21.77 -9.36 -5.82
N SER C 315 -21.24 -8.47 -6.66
CA SER C 315 -20.34 -7.40 -6.23
C SER C 315 -21.17 -6.25 -5.66
N LYS C 316 -22.17 -5.86 -6.47
CA LYS C 316 -23.05 -4.80 -6.02
C LYS C 316 -23.88 -5.24 -4.83
N GLN C 317 -24.15 -6.55 -4.73
CA GLN C 317 -24.92 -6.98 -3.57
C GLN C 317 -24.04 -6.79 -2.33
N ALA C 318 -22.79 -7.21 -2.45
CA ALA C 318 -21.87 -7.12 -1.28
C ALA C 318 -21.82 -5.69 -0.78
N VAL C 319 -21.78 -4.75 -1.73
CA VAL C 319 -21.77 -3.32 -1.36
C VAL C 319 -23.05 -3.02 -0.57
N ALA C 320 -24.18 -3.46 -1.10
CA ALA C 320 -25.47 -3.27 -0.43
C ALA C 320 -25.36 -3.89 0.96
N TYR C 321 -24.87 -5.11 1.00
CA TYR C 321 -24.78 -5.72 2.33
C TYR C 321 -23.92 -4.85 3.22
N ARG C 322 -22.74 -4.47 2.77
CA ARG C 322 -21.82 -3.63 3.51
C ARG C 322 -22.49 -2.37 4.05
N GLN C 323 -23.23 -1.68 3.20
CA GLN C 323 -23.97 -0.49 3.57
C GLN C 323 -25.01 -0.84 4.65
N MET C 324 -25.90 -1.79 4.32
CA MET C 324 -26.94 -2.12 5.29
C MET C 324 -26.31 -2.40 6.64
N SER C 325 -25.29 -3.25 6.57
CA SER C 325 -24.59 -3.67 7.76
C SER C 325 -23.91 -2.58 8.54
N LEU C 326 -23.24 -1.62 7.90
CA LEU C 326 -22.54 -0.55 8.63
C LEU C 326 -23.58 0.36 9.29
N LEU C 327 -24.66 0.64 8.56
CA LEU C 327 -25.71 1.49 9.07
C LEU C 327 -26.36 0.81 10.28
N LEU C 328 -26.09 -0.46 10.53
CA LEU C 328 -26.71 -1.09 11.71
C LEU C 328 -25.69 -0.98 12.85
N ARG C 329 -24.57 -0.34 12.51
CA ARG C 329 -23.45 -0.15 13.41
C ARG C 329 -22.68 -1.45 13.66
N ARG C 330 -22.70 -2.39 12.72
CA ARG C 330 -21.91 -3.66 12.95
C ARG C 330 -20.50 -3.34 12.50
N PRO C 331 -19.50 -3.51 13.32
CA PRO C 331 -18.12 -3.15 13.02
C PRO C 331 -17.68 -3.64 11.67
N PRO C 332 -17.10 -2.77 10.89
CA PRO C 332 -16.62 -3.09 9.56
C PRO C 332 -15.48 -4.08 9.71
N GLY C 333 -15.21 -4.83 8.66
CA GLY C 333 -14.08 -5.81 8.74
C GLY C 333 -13.17 -5.55 7.54
N ARG C 334 -12.51 -6.62 7.12
CA ARG C 334 -11.57 -6.52 6.00
C ARG C 334 -12.19 -5.74 4.86
N GLU C 335 -11.41 -4.83 4.29
CA GLU C 335 -11.91 -4.02 3.20
C GLU C 335 -13.21 -3.26 3.46
N ALA C 336 -13.61 -3.12 4.71
CA ALA C 336 -14.80 -2.39 5.08
C ALA C 336 -16.04 -3.27 5.06
N TYR C 337 -15.97 -4.47 4.48
CA TYR C 337 -17.14 -5.35 4.47
C TYR C 337 -17.30 -6.06 5.83
N PRO C 338 -18.50 -6.54 6.07
CA PRO C 338 -18.86 -7.26 7.27
C PRO C 338 -17.92 -8.44 7.38
N GLY C 339 -17.64 -8.90 8.58
CA GLY C 339 -16.71 -10.03 8.69
C GLY C 339 -17.35 -11.25 8.04
N ASP C 340 -18.64 -11.22 7.71
CA ASP C 340 -19.22 -12.42 7.12
C ASP C 340 -19.59 -12.28 5.67
N VAL C 341 -18.87 -11.52 4.83
CA VAL C 341 -19.27 -11.48 3.44
C VAL C 341 -19.07 -12.86 2.79
N PHE C 342 -18.09 -13.65 3.20
CA PHE C 342 -17.95 -14.98 2.55
C PHE C 342 -19.31 -15.68 2.79
N TYR C 343 -19.61 -15.76 4.10
CA TYR C 343 -20.87 -16.37 4.44
C TYR C 343 -22.01 -15.78 3.61
N LEU C 344 -22.08 -14.49 3.41
CA LEU C 344 -23.18 -13.89 2.64
C LEU C 344 -23.37 -14.62 1.31
N HIS C 345 -22.30 -14.88 0.59
CA HIS C 345 -22.43 -15.59 -0.67
C HIS C 345 -22.44 -17.12 -0.58
N SER C 346 -21.77 -17.77 0.37
CA SER C 346 -21.76 -19.22 0.47
C SER C 346 -23.18 -19.75 0.67
N ARG C 347 -23.86 -19.29 1.67
CA ARG C 347 -25.24 -19.54 2.03
C ARG C 347 -26.12 -19.54 0.77
N LEU C 348 -25.93 -18.54 -0.07
CA LEU C 348 -26.74 -18.38 -1.26
C LEU C 348 -26.43 -19.42 -2.30
N LEU C 349 -25.21 -19.46 -2.78
CA LEU C 349 -24.76 -20.38 -3.81
C LEU C 349 -24.77 -21.84 -3.39
N GLU C 350 -24.82 -22.19 -2.12
CA GLU C 350 -24.87 -23.61 -1.75
C GLU C 350 -26.25 -24.15 -2.20
N ARG C 351 -27.21 -23.23 -2.29
CA ARG C 351 -28.56 -23.59 -2.66
C ARG C 351 -28.64 -24.11 -4.08
N ALA C 352 -27.77 -23.69 -4.99
CA ALA C 352 -27.82 -24.25 -6.36
C ALA C 352 -27.40 -25.70 -6.12
N ALA C 353 -28.14 -26.68 -6.58
CA ALA C 353 -27.81 -28.08 -6.29
C ALA C 353 -28.54 -29.09 -7.16
N LYS C 354 -28.04 -30.32 -7.16
CA LYS C 354 -28.65 -31.40 -7.93
C LYS C 354 -29.31 -32.38 -6.96
N MET C 355 -30.62 -32.50 -6.94
CA MET C 355 -31.28 -33.43 -6.01
C MET C 355 -31.34 -34.85 -6.53
N ASN C 356 -31.30 -35.86 -5.68
CA ASN C 356 -31.34 -37.23 -6.21
C ASN C 356 -32.77 -37.59 -6.62
N ASP C 357 -32.92 -38.71 -7.33
CA ASP C 357 -34.25 -39.14 -7.76
C ASP C 357 -35.17 -39.23 -6.55
N ALA C 358 -34.58 -39.55 -5.39
CA ALA C 358 -35.42 -39.63 -4.19
C ALA C 358 -36.07 -38.29 -3.90
N PHE C 359 -35.50 -37.19 -4.42
CA PHE C 359 -36.08 -35.88 -4.18
C PHE C 359 -36.59 -35.18 -5.44
N GLY C 360 -36.77 -35.96 -6.51
CA GLY C 360 -37.32 -35.40 -7.73
C GLY C 360 -36.31 -35.31 -8.82
N GLY C 361 -35.03 -35.46 -8.50
CA GLY C 361 -33.99 -35.35 -9.54
C GLY C 361 -33.92 -33.95 -10.16
N GLY C 362 -34.68 -32.99 -9.60
CA GLY C 362 -34.64 -31.64 -10.15
C GLY C 362 -33.27 -31.06 -9.77
N SER C 363 -33.03 -29.82 -10.22
CA SER C 363 -31.78 -29.12 -9.94
C SER C 363 -31.89 -27.61 -10.08
N LEU C 364 -30.88 -26.95 -9.56
CA LEU C 364 -30.72 -25.49 -9.63
C LEU C 364 -29.25 -25.25 -10.01
N THR C 365 -29.00 -24.54 -11.09
CA THR C 365 -27.67 -24.24 -11.56
C THR C 365 -27.44 -22.75 -11.39
N ALA C 366 -26.32 -22.33 -10.79
CA ALA C 366 -26.15 -20.88 -10.65
C ALA C 366 -24.96 -20.33 -11.41
N LEU C 367 -25.17 -19.16 -11.99
CA LEU C 367 -24.13 -18.45 -12.70
C LEU C 367 -24.04 -17.04 -12.07
N PRO C 368 -23.34 -16.93 -10.96
CA PRO C 368 -23.11 -15.66 -10.28
C PRO C 368 -22.04 -14.86 -11.06
N VAL C 369 -22.15 -13.56 -11.06
CA VAL C 369 -21.18 -12.68 -11.72
C VAL C 369 -20.47 -11.85 -10.65
N ILE C 370 -19.22 -11.61 -10.82
CA ILE C 370 -18.41 -10.81 -9.92
C ILE C 370 -17.52 -9.91 -10.80
N GLU C 371 -17.40 -8.66 -10.41
CA GLU C 371 -16.56 -7.73 -11.16
C GLU C 371 -15.16 -7.53 -10.59
N THR C 372 -14.11 -7.84 -11.32
CA THR C 372 -12.77 -7.62 -10.77
C THR C 372 -12.35 -6.19 -11.13
N GLN C 373 -11.22 -5.74 -10.58
CA GLN C 373 -10.68 -4.41 -10.92
C GLN C 373 -9.25 -4.68 -11.39
N ALA C 374 -8.89 -4.02 -12.47
CA ALA C 374 -7.53 -4.23 -13.00
C ALA C 374 -7.29 -5.74 -13.08
N GLY C 375 -8.20 -6.42 -13.77
CA GLY C 375 -8.10 -7.86 -13.94
C GLY C 375 -7.49 -8.59 -12.76
N ASP C 376 -7.59 -8.09 -11.53
CA ASP C 376 -6.98 -8.80 -10.42
C ASP C 376 -7.91 -9.80 -9.77
N VAL C 377 -7.77 -11.08 -10.17
CA VAL C 377 -8.56 -12.17 -9.64
C VAL C 377 -8.07 -12.62 -8.26
N SER C 378 -6.85 -12.19 -7.89
CA SER C 378 -6.46 -12.67 -6.56
C SER C 378 -7.21 -11.88 -5.53
N ALA C 379 -7.72 -10.72 -5.85
CA ALA C 379 -8.49 -9.95 -4.86
C ALA C 379 -9.38 -10.72 -3.91
N TYR C 380 -9.41 -10.33 -2.64
CA TYR C 380 -10.19 -10.92 -1.56
C TYR C 380 -11.59 -11.29 -1.95
N ILE C 381 -12.43 -10.38 -2.43
CA ILE C 381 -13.80 -10.80 -2.79
C ILE C 381 -13.70 -11.80 -3.92
N PRO C 382 -13.10 -11.48 -5.04
CA PRO C 382 -12.98 -12.42 -6.14
C PRO C 382 -12.62 -13.79 -5.62
N THR C 383 -11.58 -13.93 -4.80
CA THR C 383 -11.26 -15.32 -4.35
C THR C 383 -12.29 -15.81 -3.39
N ASN C 384 -12.91 -14.96 -2.58
CA ASN C 384 -13.93 -15.46 -1.67
C ASN C 384 -14.96 -16.25 -2.50
N VAL C 385 -15.46 -15.65 -3.56
CA VAL C 385 -16.46 -16.30 -4.39
C VAL C 385 -15.87 -17.41 -5.24
N ILE C 386 -14.64 -17.28 -5.73
CA ILE C 386 -14.10 -18.39 -6.53
C ILE C 386 -14.02 -19.62 -5.62
N SER C 387 -13.95 -19.44 -4.31
CA SER C 387 -13.82 -20.60 -3.40
C SER C 387 -15.11 -21.23 -2.95
N ILE C 388 -16.18 -20.86 -3.62
CA ILE C 388 -17.51 -21.36 -3.27
C ILE C 388 -18.04 -22.10 -4.49
N THR C 389 -17.90 -21.50 -5.67
CA THR C 389 -18.45 -22.13 -6.86
C THR C 389 -17.64 -23.31 -7.36
N ASP C 390 -18.22 -24.02 -8.32
CA ASP C 390 -17.65 -25.20 -8.93
C ASP C 390 -16.88 -24.85 -10.18
N GLY C 391 -16.16 -23.71 -10.14
CA GLY C 391 -15.36 -23.28 -11.30
C GLY C 391 -15.58 -21.81 -11.59
N GLN C 392 -14.84 -21.27 -12.55
CA GLN C 392 -14.94 -19.89 -12.97
C GLN C 392 -14.57 -19.74 -14.47
N ILE C 393 -15.19 -18.71 -15.01
CA ILE C 393 -14.92 -18.33 -16.41
C ILE C 393 -14.28 -16.94 -16.31
N PHE C 394 -12.98 -16.85 -16.53
CA PHE C 394 -12.35 -15.53 -16.37
C PHE C 394 -12.15 -14.85 -17.69
N LEU C 395 -12.75 -13.67 -17.83
CA LEU C 395 -12.67 -12.89 -19.07
C LEU C 395 -11.64 -11.79 -18.99
N GLU C 396 -10.71 -11.64 -19.92
CA GLU C 396 -9.70 -10.59 -19.81
C GLU C 396 -9.90 -9.52 -20.87
N THR C 397 -9.62 -8.26 -20.51
CA THR C 397 -9.84 -7.18 -21.49
C THR C 397 -8.74 -7.26 -22.54
N GLU C 398 -7.59 -7.78 -22.12
CA GLU C 398 -6.48 -7.89 -23.08
C GLU C 398 -6.89 -8.79 -24.24
N LEU C 399 -7.39 -9.98 -23.92
CA LEU C 399 -7.87 -10.96 -24.90
C LEU C 399 -8.97 -10.35 -25.75
N PHE C 400 -9.93 -9.71 -25.09
CA PHE C 400 -11.06 -9.06 -25.74
C PHE C 400 -10.59 -8.07 -26.82
N TYR C 401 -9.69 -7.16 -26.47
CA TYR C 401 -9.23 -6.16 -27.42
C TYR C 401 -8.46 -6.84 -28.52
N LYS C 402 -7.69 -7.85 -28.12
CA LYS C 402 -6.91 -8.62 -29.07
C LYS C 402 -7.75 -9.36 -30.10
N GLY C 403 -9.05 -9.45 -29.93
CA GLY C 403 -9.89 -10.15 -30.89
C GLY C 403 -10.46 -11.44 -30.32
N ILE C 404 -9.87 -11.94 -29.24
CA ILE C 404 -10.35 -13.14 -28.58
C ILE C 404 -11.66 -12.94 -27.80
N ARG C 405 -12.78 -13.10 -28.48
CA ARG C 405 -14.09 -12.99 -27.85
C ARG C 405 -14.89 -14.27 -28.11
N PRO C 406 -15.38 -14.88 -27.04
CA PRO C 406 -15.28 -14.48 -25.68
C PRO C 406 -13.87 -14.29 -25.17
N ALA C 407 -13.61 -13.37 -24.24
CA ALA C 407 -12.25 -13.20 -23.73
C ALA C 407 -11.93 -14.26 -22.70
N ILE C 408 -12.39 -15.51 -22.89
CA ILE C 408 -12.12 -16.53 -21.88
C ILE C 408 -10.63 -16.79 -21.81
N ASN C 409 -10.09 -16.77 -20.59
CA ASN C 409 -8.71 -17.07 -20.28
C ASN C 409 -8.63 -18.56 -19.89
N VAL C 410 -8.28 -19.40 -20.85
CA VAL C 410 -8.20 -20.83 -20.76
C VAL C 410 -7.54 -21.28 -19.49
N GLY C 411 -6.32 -20.82 -19.30
CA GLY C 411 -5.47 -21.15 -18.17
C GLY C 411 -6.09 -20.90 -16.84
N LEU C 412 -6.65 -19.71 -16.59
CA LEU C 412 -7.26 -19.35 -15.33
C LEU C 412 -8.69 -19.79 -15.08
N SER C 413 -9.44 -20.24 -16.09
CA SER C 413 -10.81 -20.70 -15.87
C SER C 413 -10.81 -22.18 -15.55
N VAL C 414 -11.77 -22.65 -14.79
CA VAL C 414 -11.82 -24.07 -14.48
C VAL C 414 -13.28 -24.52 -14.28
N SER C 415 -13.46 -25.82 -14.27
CA SER C 415 -14.77 -26.42 -14.05
C SER C 415 -14.47 -27.57 -13.10
N ARG C 416 -14.98 -27.54 -11.91
CA ARG C 416 -14.65 -28.60 -10.96
C ARG C 416 -15.46 -29.86 -11.23
N VAL C 417 -16.32 -29.83 -12.23
CA VAL C 417 -17.14 -30.98 -12.58
C VAL C 417 -16.44 -31.80 -13.67
N GLY C 418 -15.59 -31.14 -14.45
CA GLY C 418 -14.85 -31.89 -15.47
C GLY C 418 -15.85 -32.39 -16.52
N SER C 419 -15.45 -33.44 -17.23
CA SER C 419 -16.18 -34.05 -18.31
C SER C 419 -17.44 -34.73 -17.82
N ALA C 420 -17.58 -35.05 -16.55
CA ALA C 420 -18.87 -35.60 -16.11
C ALA C 420 -20.01 -34.69 -16.51
N ALA C 421 -19.79 -33.46 -16.96
CA ALA C 421 -20.94 -32.62 -17.29
C ALA C 421 -21.04 -32.49 -18.81
N GLN C 422 -20.25 -33.32 -19.51
CA GLN C 422 -20.18 -33.33 -20.95
C GLN C 422 -20.72 -34.54 -21.70
N THR C 423 -21.33 -34.32 -22.86
CA THR C 423 -21.82 -35.46 -23.66
C THR C 423 -20.59 -36.23 -24.12
N ARG C 424 -20.65 -37.50 -24.47
CA ARG C 424 -19.48 -38.24 -24.91
C ARG C 424 -18.95 -37.64 -26.21
N ALA C 425 -19.84 -37.14 -27.06
CA ALA C 425 -19.38 -36.54 -28.32
C ALA C 425 -18.35 -35.46 -27.97
N MET C 426 -18.75 -34.56 -27.06
CA MET C 426 -17.87 -33.49 -26.67
C MET C 426 -16.64 -34.00 -25.93
N LYS C 427 -16.82 -34.87 -24.95
CA LYS C 427 -15.67 -35.41 -24.21
C LYS C 427 -14.67 -35.99 -25.19
N GLN C 428 -15.20 -36.68 -26.20
CA GLN C 428 -14.37 -37.32 -27.21
C GLN C 428 -13.49 -36.28 -27.86
N VAL C 429 -14.06 -35.19 -28.38
CA VAL C 429 -13.25 -34.18 -29.03
C VAL C 429 -12.45 -33.28 -28.11
N ALA C 430 -12.98 -32.82 -26.99
CA ALA C 430 -12.24 -31.90 -26.15
C ALA C 430 -11.66 -32.49 -24.89
N GLY C 431 -11.47 -33.78 -24.78
CA GLY C 431 -10.94 -34.41 -23.59
C GLY C 431 -9.61 -33.89 -23.11
N THR C 432 -8.64 -33.61 -23.99
CA THR C 432 -7.36 -33.12 -23.48
C THR C 432 -7.05 -31.71 -23.92
N MET C 433 -7.88 -31.11 -24.75
CA MET C 433 -7.68 -29.76 -25.26
C MET C 433 -7.34 -28.69 -24.25
N LYS C 434 -8.02 -28.70 -23.09
CA LYS C 434 -7.77 -27.68 -22.09
C LYS C 434 -6.31 -27.64 -21.67
N LEU C 435 -5.73 -28.70 -21.17
CA LEU C 435 -4.32 -28.64 -20.78
C LEU C 435 -3.39 -28.44 -21.97
N GLU C 436 -3.90 -28.65 -23.16
CA GLU C 436 -3.08 -28.52 -24.38
C GLU C 436 -2.91 -27.03 -24.65
N LEU C 437 -4.00 -26.31 -24.58
CA LEU C 437 -4.02 -24.86 -24.77
C LEU C 437 -3.28 -24.15 -23.65
N ALA C 438 -3.31 -24.69 -22.43
CA ALA C 438 -2.57 -24.12 -21.31
C ALA C 438 -1.08 -24.20 -21.70
N GLN C 439 -0.64 -25.41 -22.00
CA GLN C 439 0.73 -25.66 -22.41
C GLN C 439 1.11 -24.91 -23.68
N TYR C 440 0.13 -24.48 -24.45
CA TYR C 440 0.41 -23.76 -25.69
C TYR C 440 0.72 -22.30 -25.41
N ARG C 441 -0.05 -21.75 -24.49
CA ARG C 441 0.10 -20.35 -24.09
C ARG C 441 1.49 -20.14 -23.52
N GLU C 442 1.95 -21.12 -22.73
CA GLU C 442 3.31 -21.02 -22.17
C GLU C 442 4.34 -20.97 -23.29
N VAL C 443 4.58 -22.03 -24.05
CA VAL C 443 5.54 -22.01 -25.14
C VAL C 443 5.30 -20.84 -26.08
N ALA C 444 4.05 -20.47 -26.33
CA ALA C 444 3.86 -19.32 -27.24
C ALA C 444 4.60 -18.14 -26.61
N ALA C 445 4.67 -18.13 -25.28
CA ALA C 445 5.40 -17.02 -24.65
C ALA C 445 6.87 -17.33 -24.74
N PHE C 446 7.31 -18.50 -24.29
CA PHE C 446 8.72 -18.88 -24.34
C PHE C 446 9.39 -18.77 -25.69
N ALA C 447 8.71 -18.47 -26.78
CA ALA C 447 9.40 -18.35 -28.07
C ALA C 447 9.07 -17.02 -28.73
N GLN C 448 8.66 -16.03 -27.91
CA GLN C 448 8.35 -14.69 -28.44
C GLN C 448 9.72 -14.12 -28.89
N PHE C 449 10.50 -15.12 -29.23
CA PHE C 449 11.86 -15.18 -29.68
C PHE C 449 12.07 -16.64 -30.14
N GLY C 450 11.88 -16.92 -31.41
CA GLY C 450 12.01 -18.25 -31.97
C GLY C 450 13.27 -19.02 -31.61
N SER C 451 13.45 -19.28 -30.32
CA SER C 451 14.60 -19.97 -29.76
C SER C 451 14.86 -21.37 -30.27
N ASP C 452 15.55 -21.50 -31.40
CA ASP C 452 15.87 -22.82 -31.96
C ASP C 452 14.83 -23.86 -31.51
N LEU C 453 13.61 -23.65 -31.99
CA LEU C 453 12.48 -24.51 -31.64
C LEU C 453 12.31 -25.77 -32.46
N ASP C 454 12.22 -26.90 -31.76
CA ASP C 454 12.05 -28.20 -32.37
C ASP C 454 10.77 -28.35 -33.17
N ALA C 455 10.30 -29.60 -33.31
CA ALA C 455 9.08 -29.80 -34.08
C ALA C 455 7.90 -29.97 -33.14
N ALA C 456 8.06 -30.84 -32.16
CA ALA C 456 6.97 -31.06 -31.20
C ALA C 456 6.37 -29.76 -30.70
N THR C 457 7.18 -28.69 -30.66
CA THR C 457 6.69 -27.40 -30.18
C THR C 457 6.21 -26.52 -31.31
N GLN C 458 6.67 -26.80 -32.52
CA GLN C 458 6.24 -26.04 -33.71
C GLN C 458 4.83 -26.55 -34.03
N GLN C 459 4.64 -27.83 -33.76
CA GLN C 459 3.36 -28.49 -33.96
C GLN C 459 2.41 -27.99 -32.87
N LEU C 460 2.97 -27.81 -31.68
CA LEU C 460 2.23 -27.32 -30.52
C LEU C 460 1.75 -25.90 -30.77
N LEU C 461 2.58 -25.09 -31.40
CA LEU C 461 2.19 -23.71 -31.67
C LEU C 461 1.22 -23.67 -32.84
N SER C 462 1.32 -24.59 -33.78
CA SER C 462 0.45 -24.66 -34.96
C SER C 462 -0.95 -25.09 -34.61
N ARG C 463 -1.09 -26.02 -33.67
CA ARG C 463 -2.40 -26.44 -33.20
C ARG C 463 -2.98 -25.30 -32.31
N GLY C 464 -2.18 -24.89 -31.32
CA GLY C 464 -2.58 -23.85 -30.42
C GLY C 464 -3.23 -22.70 -31.17
N VAL C 465 -2.58 -22.09 -32.15
CA VAL C 465 -3.21 -20.99 -32.84
C VAL C 465 -4.51 -21.36 -33.55
N ARG C 466 -4.55 -22.47 -34.27
CA ARG C 466 -5.75 -22.88 -35.01
C ARG C 466 -6.91 -23.12 -34.04
N LEU C 467 -6.64 -23.82 -32.95
CA LEU C 467 -7.68 -24.12 -31.97
C LEU C 467 -8.22 -22.86 -31.31
N THR C 468 -7.36 -21.87 -31.13
CA THR C 468 -7.72 -20.60 -30.50
C THR C 468 -8.72 -19.84 -31.35
N GLU C 469 -8.57 -19.98 -32.65
CA GLU C 469 -9.45 -19.30 -33.58
C GLU C 469 -10.84 -19.94 -33.55
N LEU C 470 -10.91 -21.25 -33.38
CA LEU C 470 -12.18 -21.97 -33.39
C LEU C 470 -13.04 -21.71 -32.17
N LEU C 471 -12.36 -21.45 -31.06
CA LEU C 471 -13.07 -21.16 -29.81
C LEU C 471 -13.63 -19.74 -29.84
N LYS C 472 -13.33 -18.96 -30.87
CA LYS C 472 -13.84 -17.60 -30.95
C LYS C 472 -15.33 -17.66 -31.21
N GLN C 473 -16.13 -16.66 -30.95
CA GLN C 473 -17.57 -16.83 -31.22
C GLN C 473 -18.25 -15.46 -31.13
N GLY C 474 -19.31 -15.27 -31.90
CA GLY C 474 -20.02 -13.99 -31.89
C GLY C 474 -21.09 -14.03 -30.82
N GLN C 475 -21.98 -13.06 -30.82
CA GLN C 475 -23.03 -12.99 -29.83
C GLN C 475 -24.43 -13.40 -30.29
N TYR C 476 -25.26 -13.85 -29.35
CA TYR C 476 -26.61 -14.25 -29.68
C TYR C 476 -26.73 -15.46 -30.59
N SER C 477 -25.70 -16.21 -30.91
CA SER C 477 -25.85 -17.36 -31.79
C SER C 477 -25.38 -18.65 -31.14
N PRO C 478 -26.00 -19.01 -30.05
CA PRO C 478 -25.64 -20.21 -29.30
C PRO C 478 -25.60 -21.42 -30.19
N MET C 479 -24.55 -22.21 -30.27
CA MET C 479 -24.57 -23.37 -31.17
C MET C 479 -25.11 -24.63 -30.50
N ALA C 480 -25.60 -25.55 -31.35
CA ALA C 480 -26.11 -26.83 -30.85
C ALA C 480 -24.91 -27.75 -30.60
N ILE C 481 -25.02 -28.60 -29.58
CA ILE C 481 -23.91 -29.48 -29.24
C ILE C 481 -23.26 -30.18 -30.40
N GLU C 482 -24.01 -30.80 -31.31
CA GLU C 482 -23.42 -31.49 -32.45
C GLU C 482 -22.68 -30.53 -33.38
N GLU C 483 -23.12 -29.29 -33.42
CA GLU C 483 -22.46 -28.25 -34.24
C GLU C 483 -21.07 -27.95 -33.68
N GLN C 484 -20.98 -27.87 -32.34
CA GLN C 484 -19.70 -27.65 -31.68
C GLN C 484 -18.80 -28.83 -31.99
N VAL C 485 -19.28 -30.03 -31.69
CA VAL C 485 -18.46 -31.23 -32.00
C VAL C 485 -17.98 -31.24 -33.44
N ALA C 486 -18.82 -30.94 -34.43
CA ALA C 486 -18.33 -30.93 -35.80
C ALA C 486 -17.12 -30.03 -36.01
N VAL C 487 -17.21 -28.74 -35.64
CA VAL C 487 -16.14 -27.77 -35.80
C VAL C 487 -14.92 -28.00 -34.91
N ILE C 488 -15.06 -28.39 -33.64
CA ILE C 488 -13.87 -28.62 -32.82
C ILE C 488 -13.08 -29.78 -33.47
N TYR C 489 -13.86 -30.80 -33.83
CA TYR C 489 -13.40 -32.03 -34.46
C TYR C 489 -12.36 -31.70 -35.54
N ALA C 490 -12.83 -30.85 -36.46
CA ALA C 490 -11.99 -30.41 -37.58
C ALA C 490 -10.64 -29.95 -37.09
N GLY C 491 -10.59 -29.16 -36.02
CA GLY C 491 -9.35 -28.62 -35.49
C GLY C 491 -8.46 -29.57 -34.73
N VAL C 492 -9.04 -30.19 -33.74
CA VAL C 492 -8.44 -31.16 -32.84
C VAL C 492 -7.84 -32.34 -33.58
N ARG C 493 -8.36 -32.62 -34.77
CA ARG C 493 -7.88 -33.75 -35.56
C ARG C 493 -6.76 -33.38 -36.47
N GLY C 494 -6.40 -32.10 -36.50
CA GLY C 494 -5.30 -31.71 -37.37
C GLY C 494 -5.77 -31.42 -38.76
N TYR C 495 -7.03 -31.64 -39.12
CA TYR C 495 -7.35 -31.30 -40.52
C TYR C 495 -7.11 -29.84 -40.83
N LEU C 496 -7.04 -28.93 -39.86
CA LEU C 496 -6.84 -27.53 -40.15
C LEU C 496 -5.43 -27.04 -39.93
N ASP C 497 -4.50 -27.91 -39.55
CA ASP C 497 -3.12 -27.50 -39.31
C ASP C 497 -2.43 -26.85 -40.49
N LYS C 498 -3.02 -26.93 -41.68
CA LYS C 498 -2.34 -26.32 -42.84
C LYS C 498 -3.13 -25.14 -43.38
N LEU C 499 -4.27 -24.86 -42.76
CA LEU C 499 -5.08 -23.71 -43.20
C LEU C 499 -4.42 -22.50 -42.54
N GLU C 500 -4.68 -21.30 -43.03
CA GLU C 500 -4.08 -20.10 -42.47
C GLU C 500 -4.98 -19.59 -41.35
N PRO C 501 -4.42 -19.35 -40.19
CA PRO C 501 -5.17 -18.87 -39.05
C PRO C 501 -6.25 -17.91 -39.48
N SER C 502 -5.92 -16.89 -40.24
CA SER C 502 -6.89 -15.90 -40.69
C SER C 502 -8.10 -16.50 -41.40
N LYS C 503 -7.89 -17.66 -42.01
CA LYS C 503 -8.96 -18.34 -42.72
C LYS C 503 -9.97 -19.01 -41.82
N ILE C 504 -9.55 -19.66 -40.76
CA ILE C 504 -10.29 -20.41 -39.81
C ILE C 504 -11.69 -19.96 -39.47
N THR C 505 -11.90 -18.70 -39.17
CA THR C 505 -13.24 -18.22 -38.84
C THR C 505 -14.15 -18.39 -40.03
N LYS C 506 -13.70 -17.97 -41.20
CA LYS C 506 -14.48 -18.05 -42.45
C LYS C 506 -14.80 -19.49 -42.82
N PHE C 507 -13.80 -20.35 -42.66
CA PHE C 507 -13.94 -21.77 -42.92
C PHE C 507 -15.06 -22.30 -42.02
N GLU C 508 -14.98 -22.05 -40.71
CA GLU C 508 -16.03 -22.56 -39.83
C GLU C 508 -17.41 -22.14 -40.29
N ASN C 509 -17.58 -20.96 -40.87
CA ASN C 509 -18.95 -20.57 -41.26
C ASN C 509 -19.38 -21.33 -42.49
N ALA C 510 -18.44 -21.58 -43.41
CA ALA C 510 -18.65 -22.32 -44.65
C ALA C 510 -18.96 -23.79 -44.37
N PHE C 511 -18.03 -24.43 -43.64
CA PHE C 511 -18.14 -25.81 -43.23
C PHE C 511 -19.44 -26.06 -42.50
N LEU C 512 -19.70 -25.36 -41.42
CA LEU C 512 -20.93 -25.54 -40.64
C LEU C 512 -22.15 -25.41 -41.53
N SER C 513 -22.03 -24.53 -42.52
CA SER C 513 -23.15 -24.30 -43.43
C SER C 513 -23.43 -25.60 -44.18
N HIS C 514 -22.34 -26.09 -44.75
CA HIS C 514 -22.41 -27.31 -45.53
C HIS C 514 -23.05 -28.43 -44.73
N VAL C 515 -22.44 -28.89 -43.65
CA VAL C 515 -23.02 -29.97 -42.86
C VAL C 515 -24.43 -29.73 -42.38
N ILE C 516 -24.81 -28.54 -41.96
CA ILE C 516 -26.16 -28.27 -41.48
C ILE C 516 -27.22 -28.50 -42.54
N SER C 517 -26.92 -28.01 -43.73
CA SER C 517 -27.80 -28.07 -44.89
C SER C 517 -27.81 -29.45 -45.53
N GLN C 518 -26.65 -29.83 -46.05
CA GLN C 518 -26.54 -31.14 -46.67
C GLN C 518 -26.66 -32.21 -45.58
N HIS C 519 -25.64 -32.55 -44.84
CA HIS C 519 -25.57 -33.55 -43.81
C HIS C 519 -26.30 -33.57 -42.51
N GLN C 520 -27.54 -33.12 -42.37
CA GLN C 520 -28.16 -33.22 -41.06
C GLN C 520 -28.34 -34.65 -40.59
N ALA C 521 -27.94 -35.63 -41.39
CA ALA C 521 -28.11 -37.02 -40.93
C ALA C 521 -27.00 -37.38 -39.95
N LEU C 522 -25.84 -36.76 -40.20
CA LEU C 522 -24.66 -37.01 -39.35
C LEU C 522 -24.76 -36.17 -38.09
N LEU C 523 -25.40 -35.02 -38.27
CA LEU C 523 -25.59 -34.11 -37.14
C LEU C 523 -26.64 -34.73 -36.22
N SER C 524 -27.76 -35.19 -36.77
CA SER C 524 -28.81 -35.82 -35.99
C SER C 524 -28.37 -37.12 -35.32
N LYS C 525 -27.35 -37.80 -35.85
CA LYS C 525 -26.88 -39.07 -35.29
C LYS C 525 -25.92 -38.80 -34.13
N ILE C 526 -24.99 -37.89 -34.35
CA ILE C 526 -24.00 -37.46 -33.36
C ILE C 526 -24.81 -36.90 -32.18
N ARG C 527 -25.79 -36.08 -32.57
CA ARG C 527 -26.67 -35.46 -31.60
C ARG C 527 -27.42 -36.55 -30.83
N THR C 528 -28.05 -37.44 -31.58
CA THR C 528 -28.84 -38.54 -31.02
C THR C 528 -27.98 -39.56 -30.31
N ASP C 529 -27.17 -40.34 -31.00
CA ASP C 529 -26.34 -41.30 -30.30
C ASP C 529 -25.68 -40.59 -29.10
N GLY C 530 -25.43 -39.30 -29.30
CA GLY C 530 -24.79 -38.48 -28.28
C GLY C 530 -23.28 -38.71 -28.27
N LYS C 531 -22.82 -39.64 -29.10
CA LYS C 531 -21.43 -40.01 -29.22
C LYS C 531 -20.96 -39.90 -30.67
N ILE C 532 -19.69 -40.18 -30.89
CA ILE C 532 -19.14 -40.18 -32.23
C ILE C 532 -18.74 -41.64 -32.46
N SER C 533 -19.63 -42.34 -33.17
CA SER C 533 -19.40 -43.74 -33.51
C SER C 533 -18.22 -43.84 -34.47
N GLU C 534 -17.85 -45.06 -34.86
CA GLU C 534 -16.71 -45.24 -35.76
C GLU C 534 -17.07 -44.83 -37.18
N GLU C 535 -18.31 -45.01 -37.61
CA GLU C 535 -18.67 -44.62 -38.95
C GLU C 535 -18.90 -43.11 -39.01
N SER C 536 -19.49 -42.53 -37.96
CA SER C 536 -19.75 -41.08 -37.96
C SER C 536 -18.39 -40.39 -38.04
N ASP C 537 -17.50 -40.94 -37.22
CA ASP C 537 -16.14 -40.41 -37.22
C ASP C 537 -15.56 -40.56 -38.61
N ALA C 538 -15.94 -41.56 -39.40
CA ALA C 538 -15.42 -41.76 -40.75
C ALA C 538 -16.16 -40.89 -41.75
N LYS C 539 -17.46 -40.72 -41.57
CA LYS C 539 -18.20 -39.84 -42.48
C LYS C 539 -17.69 -38.41 -42.28
N LEU C 540 -17.36 -38.04 -41.05
CA LEU C 540 -16.84 -36.72 -40.75
C LEU C 540 -15.44 -36.52 -41.35
N LYS C 541 -14.52 -37.46 -41.15
CA LYS C 541 -13.18 -37.25 -41.72
C LYS C 541 -13.29 -36.93 -43.21
N GLU C 542 -14.17 -37.67 -43.87
CA GLU C 542 -14.41 -37.57 -45.30
C GLU C 542 -14.91 -36.18 -45.68
N ILE C 543 -15.95 -35.72 -45.01
CA ILE C 543 -16.47 -34.40 -45.29
C ILE C 543 -15.42 -33.33 -45.09
N VAL C 544 -14.81 -33.22 -43.90
CA VAL C 544 -13.87 -32.13 -43.67
C VAL C 544 -12.74 -32.09 -44.68
N THR C 545 -11.97 -33.14 -44.82
CA THR C 545 -10.86 -33.18 -45.75
C THR C 545 -11.24 -32.77 -47.17
N ASN C 546 -12.36 -33.28 -47.69
CA ASN C 546 -12.75 -32.91 -49.04
C ASN C 546 -13.24 -31.49 -49.12
N PHE C 547 -14.17 -31.10 -48.27
CA PHE C 547 -14.66 -29.71 -48.28
C PHE C 547 -13.48 -28.77 -48.09
N LEU C 548 -12.60 -29.12 -47.14
CA LEU C 548 -11.44 -28.28 -46.91
C LEU C 548 -10.69 -28.01 -48.22
N ALA C 549 -10.40 -29.05 -48.99
CA ALA C 549 -9.68 -28.92 -50.26
C ALA C 549 -10.40 -28.00 -51.24
N GLY C 550 -11.67 -28.28 -51.45
CA GLY C 550 -12.45 -27.46 -52.38
C GLY C 550 -12.40 -26.03 -51.82
N PHE C 551 -12.44 -25.94 -50.50
CA PHE C 551 -12.41 -24.64 -49.83
C PHE C 551 -11.09 -23.91 -50.09
N GLU C 552 -9.97 -24.61 -50.13
CA GLU C 552 -8.71 -23.92 -50.36
C GLU C 552 -8.31 -23.87 -51.83
N ALA C 553 -9.29 -23.86 -52.73
CA ALA C 553 -9.01 -23.83 -54.16
C ALA C 553 -8.41 -22.48 -54.58
N THR D 59 -29.83 -25.23 35.35
CA THR D 59 -30.26 -23.82 35.31
C THR D 59 -31.03 -23.52 34.03
N THR D 60 -31.80 -22.44 34.09
CA THR D 60 -32.63 -21.99 32.98
C THR D 60 -32.34 -20.50 32.75
N GLY D 61 -31.91 -20.12 31.57
CA GLY D 61 -31.66 -18.67 31.34
C GLY D 61 -32.68 -18.20 30.32
N ARG D 62 -32.68 -16.93 30.00
CA ARG D 62 -33.61 -16.41 28.99
C ARG D 62 -32.78 -15.72 27.91
N ILE D 63 -33.28 -15.64 26.70
CA ILE D 63 -32.49 -14.94 25.65
C ILE D 63 -32.71 -13.45 25.82
N VAL D 64 -31.70 -12.60 25.85
CA VAL D 64 -32.03 -11.17 26.03
C VAL D 64 -31.75 -10.37 24.78
N ALA D 65 -30.85 -10.87 23.94
CA ALA D 65 -30.46 -10.25 22.70
C ALA D 65 -30.00 -11.26 21.66
N VAL D 66 -30.40 -11.03 20.42
CA VAL D 66 -30.05 -11.85 19.30
C VAL D 66 -29.50 -10.92 18.18
N ILE D 67 -28.28 -11.20 17.74
CA ILE D 67 -27.69 -10.44 16.66
C ILE D 67 -26.86 -11.42 15.85
N GLY D 68 -27.47 -12.03 14.85
CA GLY D 68 -26.72 -13.00 14.07
C GLY D 68 -26.46 -14.29 14.87
N ALA D 69 -25.26 -14.84 14.73
CA ALA D 69 -24.86 -16.05 15.39
C ALA D 69 -24.57 -15.83 16.86
N VAL D 70 -24.63 -14.60 17.32
CA VAL D 70 -24.31 -14.32 18.73
C VAL D 70 -25.58 -14.13 19.52
N VAL D 71 -25.75 -14.86 20.60
CA VAL D 71 -26.96 -14.74 21.44
C VAL D 71 -26.55 -14.49 22.88
N ASP D 72 -27.13 -13.49 23.53
CA ASP D 72 -26.78 -13.20 24.93
C ASP D 72 -27.86 -13.85 25.79
N VAL D 73 -27.46 -14.50 26.87
CA VAL D 73 -28.46 -15.16 27.73
C VAL D 73 -28.32 -14.67 29.16
N GLN D 74 -29.45 -14.46 29.82
CA GLN D 74 -29.46 -14.03 31.21
C GLN D 74 -29.95 -15.13 32.16
N PHE D 75 -29.09 -15.58 33.06
CA PHE D 75 -29.48 -16.62 34.03
C PHE D 75 -29.83 -15.94 35.36
N ASP D 76 -30.86 -16.41 36.04
CA ASP D 76 -31.28 -15.82 37.32
C ASP D 76 -30.45 -16.38 38.46
N GLU D 77 -30.26 -17.69 38.44
CA GLU D 77 -29.45 -18.38 39.42
C GLU D 77 -28.52 -19.32 38.65
N GLY D 78 -27.30 -19.49 39.11
CA GLY D 78 -26.40 -20.41 38.42
C GLY D 78 -26.07 -20.11 36.97
N LEU D 79 -24.91 -19.46 36.83
CA LEU D 79 -24.31 -19.05 35.58
C LEU D 79 -23.45 -20.15 35.00
N PRO D 80 -23.80 -20.68 33.86
CA PRO D 80 -23.06 -21.74 33.19
C PRO D 80 -21.66 -21.23 32.85
N PRO D 81 -20.70 -22.07 33.13
CA PRO D 81 -19.30 -21.78 32.91
C PRO D 81 -19.03 -21.55 31.42
N ILE D 82 -17.89 -20.93 31.10
CA ILE D 82 -17.52 -20.71 29.71
C ILE D 82 -17.28 -22.07 29.04
N LEU D 83 -17.69 -22.25 27.79
CA LEU D 83 -17.55 -23.45 27.01
C LEU D 83 -18.76 -24.38 27.16
N ASN D 84 -19.56 -24.13 28.19
CA ASN D 84 -20.75 -24.96 28.39
C ASN D 84 -21.71 -24.85 27.21
N ALA D 85 -22.44 -25.92 26.91
CA ALA D 85 -23.39 -25.88 25.79
C ALA D 85 -24.78 -25.71 26.41
N LEU D 86 -25.60 -24.85 25.84
CA LEU D 86 -26.94 -24.60 26.34
C LEU D 86 -27.92 -25.01 25.24
N GLU D 87 -29.09 -25.50 25.55
CA GLU D 87 -30.04 -25.87 24.51
C GLU D 87 -31.23 -24.89 24.58
N VAL D 88 -31.56 -24.37 23.41
CA VAL D 88 -32.69 -23.41 23.32
C VAL D 88 -33.98 -24.20 23.38
N GLN D 89 -34.88 -23.81 24.27
CA GLN D 89 -36.15 -24.54 24.37
C GLN D 89 -37.14 -24.04 23.36
N GLY D 90 -38.09 -24.84 22.95
CA GLY D 90 -39.10 -24.48 22.00
C GLY D 90 -38.74 -24.54 20.55
N ARG D 91 -37.87 -25.44 20.09
CA ARG D 91 -37.49 -25.48 18.69
C ARG D 91 -37.63 -26.81 17.98
N GLU D 92 -38.14 -26.79 16.76
CA GLU D 92 -38.31 -28.03 16.01
C GLU D 92 -37.01 -28.81 15.95
N THR D 93 -35.89 -28.09 15.86
CA THR D 93 -34.58 -28.72 15.79
C THR D 93 -33.71 -28.27 16.97
N ARG D 94 -32.76 -29.13 17.30
CA ARG D 94 -31.86 -28.85 18.41
C ARG D 94 -30.93 -27.68 18.20
N LEU D 95 -31.07 -26.61 18.95
CA LEU D 95 -30.15 -25.48 18.80
C LEU D 95 -29.24 -25.40 20.04
N VAL D 96 -27.95 -25.56 19.81
CA VAL D 96 -26.97 -25.49 20.91
C VAL D 96 -26.24 -24.13 20.79
N LEU D 97 -26.05 -23.48 21.93
CA LEU D 97 -25.36 -22.23 22.08
C LEU D 97 -24.09 -22.48 22.92
N GLU D 98 -22.91 -22.14 22.42
CA GLU D 98 -21.74 -22.41 23.29
C GLU D 98 -21.46 -21.15 24.07
N VAL D 99 -21.33 -21.22 25.38
CA VAL D 99 -21.04 -20.00 26.14
C VAL D 99 -19.66 -19.47 25.79
N ALA D 100 -19.61 -18.18 25.42
CA ALA D 100 -18.32 -17.62 25.02
C ALA D 100 -17.72 -16.69 26.05
N GLN D 101 -18.59 -15.92 26.72
CA GLN D 101 -18.09 -14.96 27.68
C GLN D 101 -19.09 -14.68 28.81
N HIS D 102 -18.54 -14.15 29.89
CA HIS D 102 -19.34 -13.73 31.05
C HIS D 102 -19.32 -12.20 30.95
N LEU D 103 -20.41 -11.62 30.48
CA LEU D 103 -20.50 -10.17 30.31
C LEU D 103 -20.67 -9.48 31.65
N GLY D 104 -21.14 -10.23 32.63
CA GLY D 104 -21.39 -9.71 33.98
C GLY D 104 -22.89 -9.44 34.12
N GLU D 105 -23.38 -9.39 35.35
CA GLU D 105 -24.82 -9.14 35.51
C GLU D 105 -25.58 -10.40 35.14
N SER D 106 -24.88 -11.50 35.42
CA SER D 106 -25.43 -12.82 35.18
C SER D 106 -25.97 -12.94 33.76
N THR D 107 -25.15 -12.47 32.83
CA THR D 107 -25.50 -12.55 31.42
C THR D 107 -24.26 -13.14 30.75
N VAL D 108 -24.50 -14.12 29.90
CA VAL D 108 -23.40 -14.76 29.17
C VAL D 108 -23.56 -14.48 27.67
N ARG D 109 -22.46 -14.27 26.97
CA ARG D 109 -22.51 -14.07 25.53
C ARG D 109 -22.14 -15.43 24.92
N THR D 110 -22.94 -15.86 23.95
CA THR D 110 -22.71 -17.18 23.34
C THR D 110 -22.74 -17.19 21.82
N ILE D 111 -22.17 -18.25 21.23
CA ILE D 111 -22.16 -18.43 19.78
C ILE D 111 -23.13 -19.54 19.39
N ALA D 112 -24.09 -19.28 18.53
CA ALA D 112 -25.06 -20.29 18.11
C ALA D 112 -24.50 -21.43 17.27
N MET D 113 -24.89 -22.70 17.49
CA MET D 113 -24.34 -23.77 16.63
C MET D 113 -25.24 -23.96 15.39
N ASP D 114 -26.19 -23.03 15.21
CA ASP D 114 -27.05 -23.16 14.03
C ASP D 114 -27.78 -21.84 13.83
N GLY D 115 -28.69 -21.82 12.89
CA GLY D 115 -29.48 -20.63 12.60
C GLY D 115 -30.19 -20.04 13.80
N THR D 116 -30.21 -18.70 13.82
CA THR D 116 -30.85 -17.97 14.90
C THR D 116 -32.20 -17.40 14.46
N GLU D 117 -32.69 -17.79 13.27
CA GLU D 117 -33.99 -17.30 12.86
C GLU D 117 -35.08 -17.80 13.81
N GLY D 118 -36.07 -16.93 14.01
CA GLY D 118 -37.21 -17.28 14.83
C GLY D 118 -36.92 -17.27 16.31
N LEU D 119 -35.69 -16.97 16.72
CA LEU D 119 -35.49 -16.92 18.20
C LEU D 119 -36.20 -15.63 18.67
N VAL D 120 -36.61 -15.61 19.94
CA VAL D 120 -37.31 -14.47 20.49
C VAL D 120 -36.68 -14.02 21.79
N ARG D 121 -36.74 -12.69 21.99
CA ARG D 121 -36.18 -12.19 23.25
C ARG D 121 -37.04 -12.82 24.35
N GLY D 122 -36.45 -13.33 25.40
CA GLY D 122 -37.21 -13.94 26.47
C GLY D 122 -37.24 -15.44 26.30
N GLN D 123 -36.92 -15.97 25.13
CA GLN D 123 -36.95 -17.43 24.95
C GLN D 123 -36.13 -18.17 26.00
N LYS D 124 -36.60 -19.37 26.38
CA LYS D 124 -35.93 -20.13 27.42
C LYS D 124 -34.74 -20.91 26.91
N VAL D 125 -33.75 -21.08 27.78
CA VAL D 125 -32.49 -21.78 27.50
C VAL D 125 -32.01 -22.52 28.73
N LEU D 126 -31.78 -23.83 28.61
CA LEU D 126 -31.32 -24.64 29.73
C LEU D 126 -29.82 -24.90 29.75
N ASP D 127 -29.11 -24.68 30.87
CA ASP D 127 -27.68 -25.01 30.79
C ASP D 127 -27.50 -26.52 30.70
N SER D 128 -26.87 -27.09 29.68
CA SER D 128 -26.70 -28.53 29.67
C SER D 128 -25.69 -28.97 30.73
N GLY D 129 -25.00 -28.08 31.41
CA GLY D 129 -24.03 -28.50 32.40
C GLY D 129 -22.74 -29.02 31.83
N ALA D 130 -22.40 -28.92 30.56
CA ALA D 130 -21.09 -29.40 30.05
C ALA D 130 -20.84 -28.94 28.61
N PRO D 131 -19.61 -28.84 28.18
CA PRO D 131 -19.28 -28.46 26.82
C PRO D 131 -19.90 -29.43 25.83
N ILE D 132 -19.95 -29.09 24.56
CA ILE D 132 -20.52 -30.02 23.55
C ILE D 132 -19.78 -31.33 23.70
N ARG D 133 -20.53 -32.42 23.89
CA ARG D 133 -20.00 -33.77 24.04
C ARG D 133 -20.50 -34.64 22.89
N ILE D 134 -19.67 -35.39 22.22
CA ILE D 134 -20.19 -36.20 21.10
C ILE D 134 -19.97 -37.71 21.26
N PRO D 135 -20.77 -38.50 20.55
CA PRO D 135 -20.60 -39.94 20.54
C PRO D 135 -19.19 -40.28 20.02
N VAL D 136 -18.30 -40.83 20.82
CA VAL D 136 -16.97 -41.21 20.32
C VAL D 136 -16.86 -42.73 20.48
N GLY D 137 -16.09 -43.40 19.66
CA GLY D 137 -15.91 -44.85 19.71
C GLY D 137 -15.95 -45.43 18.30
N PRO D 138 -15.78 -46.74 18.19
CA PRO D 138 -15.80 -47.45 16.93
C PRO D 138 -17.14 -47.37 16.21
N GLU D 139 -18.26 -47.19 16.90
CA GLU D 139 -19.52 -47.11 16.18
C GLU D 139 -19.74 -45.78 15.48
N THR D 140 -18.69 -44.98 15.34
CA THR D 140 -18.73 -43.73 14.61
C THR D 140 -18.23 -43.98 13.17
N LEU D 141 -17.44 -45.04 13.01
CA LEU D 141 -16.90 -45.43 11.70
C LEU D 141 -18.00 -45.72 10.70
N GLY D 142 -17.81 -45.29 9.46
CA GLY D 142 -18.82 -45.47 8.44
C GLY D 142 -19.98 -44.52 8.65
N ARG D 143 -19.94 -43.67 9.69
CA ARG D 143 -21.05 -42.74 9.89
C ARG D 143 -20.68 -41.30 9.58
N ILE D 144 -21.70 -40.45 9.47
CA ILE D 144 -21.63 -39.03 9.23
C ILE D 144 -22.30 -38.28 10.40
N MET D 145 -21.52 -37.45 11.04
CA MET D 145 -21.88 -36.66 12.20
C MET D 145 -21.82 -35.15 11.93
N ASN D 146 -22.46 -34.41 12.77
CA ASN D 146 -22.67 -33.04 13.00
C ASN D 146 -21.63 -32.35 13.90
N VAL D 147 -21.75 -31.04 14.10
CA VAL D 147 -20.81 -30.39 15.00
C VAL D 147 -21.10 -30.95 16.42
N ILE D 148 -22.42 -31.10 16.65
CA ILE D 148 -22.91 -31.53 17.92
C ILE D 148 -23.10 -33.03 18.03
N GLY D 149 -22.48 -33.81 17.17
CA GLY D 149 -22.58 -35.25 17.31
C GLY D 149 -23.86 -35.88 16.86
N GLU D 150 -24.67 -35.29 15.99
CA GLU D 150 -25.90 -36.01 15.60
C GLU D 150 -25.68 -36.65 14.26
N PRO D 151 -26.17 -37.85 14.02
CA PRO D 151 -26.00 -38.50 12.72
C PRO D 151 -26.73 -37.58 11.74
N ILE D 152 -26.20 -37.53 10.55
CA ILE D 152 -26.81 -36.70 9.51
C ILE D 152 -26.86 -37.54 8.24
N ASP D 153 -26.73 -38.86 8.46
CA ASP D 153 -26.79 -39.78 7.33
C ASP D 153 -28.10 -40.54 7.34
N GLU D 154 -29.06 -40.17 8.17
CA GLU D 154 -30.34 -40.87 8.16
C GLU D 154 -30.22 -42.36 8.46
N ARG D 155 -29.22 -42.84 9.17
CA ARG D 155 -29.10 -44.26 9.44
C ARG D 155 -29.35 -44.56 10.91
N GLY D 156 -30.03 -43.68 11.64
CA GLY D 156 -30.29 -43.94 13.05
C GLY D 156 -29.22 -43.46 14.00
N PRO D 157 -29.49 -43.56 15.28
CA PRO D 157 -28.63 -43.16 16.36
C PRO D 157 -27.25 -43.78 16.20
N ILE D 158 -26.32 -43.19 16.93
CA ILE D 158 -24.92 -43.69 16.93
C ILE D 158 -24.80 -44.23 18.36
N LYS D 159 -24.88 -45.55 18.49
CA LYS D 159 -24.89 -46.14 19.83
C LYS D 159 -23.54 -46.41 20.41
N THR D 160 -22.89 -45.34 20.86
CA THR D 160 -21.55 -45.44 21.46
C THR D 160 -21.64 -45.71 22.96
N LYS D 161 -20.58 -46.33 23.50
CA LYS D 161 -20.58 -46.62 24.92
C LYS D 161 -20.32 -45.31 25.67
N GLN D 162 -19.44 -44.51 25.08
CA GLN D 162 -19.05 -43.24 25.67
C GLN D 162 -19.33 -42.04 24.76
N PHE D 163 -19.21 -40.89 25.41
CA PHE D 163 -19.37 -39.56 24.89
C PHE D 163 -18.18 -38.70 25.32
N ALA D 164 -17.74 -37.83 24.42
CA ALA D 164 -16.60 -36.97 24.71
C ALA D 164 -16.91 -35.52 24.43
N ALA D 165 -16.34 -34.66 25.26
CA ALA D 165 -16.49 -33.22 25.09
C ALA D 165 -15.41 -32.81 24.07
N ILE D 166 -15.84 -32.02 23.10
CA ILE D 166 -15.01 -31.55 22.00
C ILE D 166 -13.92 -30.62 22.46
N HIS D 167 -14.07 -30.08 23.69
CA HIS D 167 -13.02 -29.20 24.21
C HIS D 167 -12.12 -30.01 25.14
N ALA D 168 -10.81 -29.99 24.99
CA ALA D 168 -9.90 -30.73 25.86
C ALA D 168 -8.49 -30.15 25.78
N GLU D 169 -7.61 -30.36 26.75
CA GLU D 169 -6.26 -29.85 26.78
C GLU D 169 -5.34 -30.60 25.82
N ALA D 170 -4.34 -29.97 25.25
CA ALA D 170 -3.45 -30.72 24.36
C ALA D 170 -2.41 -31.54 25.11
N PRO D 171 -1.95 -32.64 24.56
CA PRO D 171 -0.95 -33.51 25.11
C PRO D 171 0.23 -32.75 25.68
N GLU D 172 0.71 -33.21 26.82
CA GLU D 172 1.83 -32.58 27.47
C GLU D 172 3.13 -32.80 26.71
N PHE D 173 4.13 -32.02 27.03
CA PHE D 173 5.44 -32.10 26.40
C PHE D 173 6.05 -33.48 26.59
N VAL D 174 5.90 -34.08 27.78
CA VAL D 174 6.44 -35.39 28.02
C VAL D 174 5.61 -36.50 27.33
N GLU D 175 4.65 -36.17 26.52
CA GLU D 175 3.83 -37.14 25.81
C GLU D 175 4.24 -37.17 24.35
N MET D 176 5.11 -36.26 23.94
CA MET D 176 5.55 -36.18 22.55
C MET D 176 6.41 -37.35 22.12
N SER D 177 6.37 -37.60 20.83
CA SER D 177 7.14 -38.65 20.16
C SER D 177 8.05 -38.04 19.11
N VAL D 178 9.16 -38.71 18.79
CA VAL D 178 10.06 -38.11 17.79
C VAL D 178 10.53 -39.11 16.76
N GLU D 179 9.71 -40.11 16.46
CA GLU D 179 10.08 -41.09 15.44
C GLU D 179 9.83 -40.38 14.10
N GLN D 180 10.63 -40.62 13.08
CA GLN D 180 10.40 -39.93 11.82
C GLN D 180 10.54 -40.89 10.65
N GLU D 181 9.43 -41.42 10.20
CA GLU D 181 9.44 -42.35 9.08
C GLU D 181 8.82 -41.79 7.82
N ILE D 182 9.57 -41.78 6.71
CA ILE D 182 8.97 -41.26 5.48
C ILE D 182 7.68 -42.00 5.16
N LEU D 183 6.65 -41.32 4.66
CA LEU D 183 5.36 -41.93 4.28
C LEU D 183 5.21 -41.82 2.77
N VAL D 184 5.71 -42.74 1.94
CA VAL D 184 5.60 -42.62 0.49
C VAL D 184 4.20 -42.48 -0.06
N THR D 185 3.97 -41.52 -0.94
CA THR D 185 2.64 -41.27 -1.49
C THR D 185 2.41 -41.63 -2.95
N GLY D 186 3.44 -41.72 -3.77
CA GLY D 186 3.24 -42.05 -5.17
C GLY D 186 3.21 -40.81 -6.02
N ILE D 187 3.27 -39.64 -5.34
CA ILE D 187 3.28 -38.33 -6.04
C ILE D 187 4.74 -37.90 -6.26
N LYS D 188 5.21 -37.78 -7.49
CA LYS D 188 6.60 -37.41 -7.74
C LYS D 188 7.10 -36.24 -6.92
N VAL D 189 6.54 -35.05 -7.09
CA VAL D 189 6.92 -33.85 -6.40
C VAL D 189 6.99 -34.03 -4.87
N VAL D 190 5.86 -34.39 -4.27
CA VAL D 190 5.92 -34.48 -2.81
C VAL D 190 7.08 -35.35 -2.37
N ASP D 191 7.04 -36.60 -2.87
CA ASP D 191 8.05 -37.56 -2.48
C ASP D 191 9.46 -37.06 -2.69
N LEU D 192 9.72 -36.62 -3.92
CA LEU D 192 11.07 -36.20 -4.20
C LEU D 192 11.60 -35.10 -3.30
N LEU D 193 10.88 -33.99 -3.24
CA LEU D 193 11.24 -32.78 -2.55
C LEU D 193 10.71 -32.50 -1.19
N ALA D 194 9.52 -32.95 -0.83
CA ALA D 194 8.95 -32.63 0.50
C ALA D 194 8.18 -33.84 1.04
N PRO D 195 8.90 -34.92 1.28
CA PRO D 195 8.39 -36.17 1.76
C PRO D 195 7.47 -36.05 2.95
N TYR D 196 6.37 -36.80 2.99
CA TYR D 196 5.48 -36.73 4.14
C TYR D 196 6.08 -37.70 5.16
N ALA D 197 5.74 -37.57 6.41
CA ALA D 197 6.23 -38.44 7.45
C ALA D 197 5.04 -39.03 8.22
N LYS D 198 5.20 -40.34 8.39
CA LYS D 198 4.20 -41.11 9.12
C LYS D 198 4.04 -40.45 10.48
N GLY D 199 2.82 -40.23 10.94
CA GLY D 199 2.59 -39.64 12.25
C GLY D 199 2.92 -38.16 12.29
N GLY D 200 3.38 -37.59 11.19
CA GLY D 200 3.73 -36.17 11.16
C GLY D 200 2.55 -35.27 10.83
N LYS D 201 2.75 -33.96 10.87
CA LYS D 201 1.69 -33.00 10.57
C LYS D 201 1.93 -32.49 9.17
N ILE D 202 0.99 -32.64 8.25
CA ILE D 202 1.21 -32.22 6.87
C ILE D 202 0.29 -31.10 6.50
N GLY D 203 0.74 -30.13 5.68
CA GLY D 203 -0.16 -29.04 5.32
C GLY D 203 -0.14 -28.73 3.83
N LEU D 204 -1.35 -28.65 3.24
CA LEU D 204 -1.41 -28.35 1.81
C LEU D 204 -1.88 -26.90 1.70
N PHE D 205 -1.00 -25.98 1.33
CA PHE D 205 -1.38 -24.57 1.22
C PHE D 205 -1.78 -24.17 -0.19
N GLY D 206 -2.86 -23.40 -0.37
CA GLY D 206 -3.27 -23.00 -1.70
C GLY D 206 -4.41 -22.01 -1.72
N GLY D 207 -4.40 -21.08 -2.65
CA GLY D 207 -5.45 -20.06 -2.83
C GLY D 207 -6.66 -20.76 -3.45
N ALA D 208 -7.73 -20.07 -3.80
CA ALA D 208 -8.91 -20.73 -4.33
C ALA D 208 -8.70 -21.41 -5.65
N GLY D 209 -9.07 -22.69 -5.68
CA GLY D 209 -9.01 -23.48 -6.86
C GLY D 209 -7.66 -23.83 -7.40
N VAL D 210 -6.66 -24.18 -6.58
CA VAL D 210 -5.34 -24.55 -7.11
C VAL D 210 -5.04 -26.04 -6.91
N GLY D 211 -5.86 -26.80 -6.17
CA GLY D 211 -5.60 -28.23 -6.05
C GLY D 211 -5.55 -28.77 -4.65
N LYS D 212 -5.85 -27.96 -3.63
CA LYS D 212 -5.80 -28.48 -2.29
C LYS D 212 -6.62 -29.76 -2.17
N THR D 213 -7.90 -29.72 -2.45
CA THR D 213 -8.77 -30.89 -2.29
C THR D 213 -8.47 -32.09 -3.16
N VAL D 214 -8.18 -31.85 -4.44
CA VAL D 214 -7.87 -32.97 -5.34
C VAL D 214 -6.64 -33.65 -4.72
N LEU D 215 -5.63 -32.86 -4.34
CA LEU D 215 -4.45 -33.47 -3.73
C LEU D 215 -4.91 -34.25 -2.51
N ILE D 216 -5.91 -33.77 -1.78
CA ILE D 216 -6.28 -34.54 -0.56
C ILE D 216 -6.99 -35.80 -1.02
N MET D 217 -7.61 -35.70 -2.19
CA MET D 217 -8.36 -36.80 -2.77
C MET D 217 -7.47 -37.94 -3.24
N GLU D 218 -6.35 -37.62 -3.88
CA GLU D 218 -5.44 -38.64 -4.36
C GLU D 218 -4.66 -39.24 -3.19
N LEU D 219 -4.53 -38.55 -2.10
CA LEU D 219 -3.78 -39.10 -0.95
C LEU D 219 -4.70 -40.10 -0.23
N ILE D 220 -5.99 -39.82 -0.27
CA ILE D 220 -6.93 -40.74 0.40
C ILE D 220 -6.84 -42.05 -0.38
N ASN D 221 -6.76 -41.92 -1.71
CA ASN D 221 -6.67 -43.08 -2.59
C ASN D 221 -5.33 -43.77 -2.43
N ASN D 222 -4.20 -43.14 -2.68
CA ASN D 222 -2.88 -43.73 -2.55
C ASN D 222 -2.41 -44.06 -1.15
N VAL D 223 -3.09 -43.72 -0.08
CA VAL D 223 -2.64 -44.00 1.28
C VAL D 223 -3.75 -44.44 2.22
N ALA D 224 -4.80 -43.63 2.28
CA ALA D 224 -5.89 -43.96 3.19
C ALA D 224 -6.38 -45.34 2.78
N LYS D 225 -6.57 -45.56 1.49
CA LYS D 225 -7.10 -46.86 1.09
C LYS D 225 -6.35 -48.06 1.53
N ALA D 226 -5.02 -48.09 1.59
CA ALA D 226 -4.36 -49.30 2.08
C ALA D 226 -4.20 -49.24 3.58
N HIS D 227 -4.18 -48.08 4.19
CA HIS D 227 -3.99 -47.93 5.63
C HIS D 227 -4.75 -48.88 6.52
N GLY D 228 -3.99 -49.57 7.37
CA GLY D 228 -4.60 -50.52 8.33
C GLY D 228 -4.74 -49.73 9.63
N GLY D 229 -5.88 -49.10 9.80
CA GLY D 229 -6.09 -48.29 11.03
C GLY D 229 -7.30 -47.42 10.69
N TYR D 230 -7.73 -46.56 11.59
CA TYR D 230 -8.88 -45.76 11.15
C TYR D 230 -8.46 -44.51 10.42
N SER D 231 -9.41 -43.76 9.92
CA SER D 231 -9.30 -42.52 9.22
C SER D 231 -10.52 -41.69 9.66
N VAL D 232 -10.28 -40.41 9.78
CA VAL D 232 -11.37 -39.49 10.19
C VAL D 232 -11.22 -38.37 9.18
N PHE D 233 -12.26 -38.06 8.46
CA PHE D 233 -12.23 -36.97 7.49
C PHE D 233 -13.24 -35.93 8.01
N ALA D 234 -12.76 -34.78 8.40
CA ALA D 234 -13.60 -33.71 8.94
C ALA D 234 -13.74 -32.63 7.90
N GLY D 235 -14.92 -32.37 7.38
CA GLY D 235 -15.05 -31.31 6.36
C GLY D 235 -15.44 -30.06 7.17
N VAL D 236 -14.54 -29.08 7.15
CA VAL D 236 -14.77 -27.83 7.88
C VAL D 236 -15.00 -26.66 6.92
N GLY D 237 -16.21 -26.17 6.85
CA GLY D 237 -16.57 -25.06 6.02
C GLY D 237 -16.29 -25.23 4.55
N GLU D 238 -16.34 -26.45 4.04
CA GLU D 238 -16.11 -26.63 2.60
C GLU D 238 -17.39 -26.87 1.84
N ARG D 239 -17.33 -27.38 0.63
CA ARG D 239 -18.52 -27.57 -0.20
C ARG D 239 -19.36 -28.80 0.08
N THR D 240 -20.66 -28.58 0.27
CA THR D 240 -21.54 -29.71 0.57
C THR D 240 -21.46 -30.73 -0.57
N ARG D 241 -21.52 -30.23 -1.81
CA ARG D 241 -21.42 -31.16 -2.94
C ARG D 241 -20.29 -32.17 -2.68
N GLU D 242 -19.15 -31.73 -2.20
CA GLU D 242 -17.98 -32.51 -1.94
C GLU D 242 -18.14 -33.58 -0.89
N GLY D 243 -18.89 -33.38 0.18
CA GLY D 243 -19.04 -34.44 1.20
C GLY D 243 -19.87 -35.57 0.60
N ASN D 244 -20.77 -35.22 -0.31
CA ASN D 244 -21.62 -36.19 -1.00
C ASN D 244 -20.75 -36.91 -2.02
N ASP D 245 -19.80 -36.25 -2.66
CA ASP D 245 -18.96 -36.98 -3.62
C ASP D 245 -18.12 -38.00 -2.85
N LEU D 246 -17.46 -37.60 -1.79
CA LEU D 246 -16.61 -38.46 -0.99
C LEU D 246 -17.38 -39.59 -0.31
N TYR D 247 -18.46 -39.31 0.38
CA TYR D 247 -19.24 -40.38 1.04
C TYR D 247 -19.53 -41.50 0.04
N HIS D 248 -20.20 -41.13 -1.06
CA HIS D 248 -20.52 -42.13 -2.04
C HIS D 248 -19.31 -42.78 -2.65
N GLU D 249 -18.15 -42.17 -2.61
CA GLU D 249 -16.95 -42.80 -3.17
C GLU D 249 -16.42 -43.80 -2.12
N MET D 250 -16.44 -43.40 -0.85
CA MET D 250 -15.99 -44.26 0.22
C MET D 250 -16.78 -45.60 0.12
N ILE D 251 -18.10 -45.45 -0.05
CA ILE D 251 -18.97 -46.61 -0.17
C ILE D 251 -18.64 -47.44 -1.40
N GLU D 252 -18.73 -46.85 -2.58
CA GLU D 252 -18.41 -47.60 -3.78
C GLU D 252 -17.07 -48.31 -3.65
N SER D 253 -16.19 -47.97 -2.74
CA SER D 253 -14.89 -48.62 -2.62
C SER D 253 -14.73 -49.37 -1.30
N GLY D 254 -15.87 -49.61 -0.66
CA GLY D 254 -15.87 -50.32 0.57
C GLY D 254 -15.12 -49.68 1.69
N VAL D 255 -14.61 -48.46 1.62
CA VAL D 255 -13.95 -47.95 2.87
C VAL D 255 -15.05 -47.70 3.93
N ILE D 256 -16.25 -47.44 3.41
CA ILE D 256 -17.43 -47.27 4.22
C ILE D 256 -18.28 -48.50 3.83
N ASN D 257 -18.78 -49.20 4.83
CA ASN D 257 -19.62 -50.37 4.63
C ASN D 257 -20.96 -50.12 5.31
N LEU D 258 -22.06 -50.06 4.56
CA LEU D 258 -23.34 -49.79 5.21
C LEU D 258 -24.05 -51.00 5.77
N LYS D 259 -23.56 -52.20 5.44
CA LYS D 259 -24.19 -53.42 5.88
C LYS D 259 -23.53 -54.05 7.08
N ASP D 260 -22.21 -53.89 7.16
CA ASP D 260 -21.50 -54.48 8.29
C ASP D 260 -20.62 -53.48 9.01
N ALA D 261 -19.80 -54.04 9.91
CA ALA D 261 -18.90 -53.22 10.70
C ALA D 261 -17.50 -53.20 10.12
N THR D 262 -17.39 -53.20 8.79
CA THR D 262 -16.05 -53.15 8.21
C THR D 262 -15.62 -51.72 7.85
N SER D 263 -16.38 -50.74 8.35
CA SER D 263 -16.05 -49.35 8.03
C SER D 263 -14.74 -48.92 8.66
N LYS D 264 -13.92 -48.30 7.82
CA LYS D 264 -12.61 -47.88 8.29
C LYS D 264 -12.46 -46.36 8.27
N VAL D 265 -13.55 -45.62 8.20
CA VAL D 265 -13.49 -44.18 8.16
C VAL D 265 -14.71 -43.54 8.81
N ALA D 266 -14.55 -42.67 9.80
CA ALA D 266 -15.71 -41.95 10.36
C ALA D 266 -15.79 -40.58 9.67
N LEU D 267 -16.96 -39.99 9.44
CA LEU D 267 -16.95 -38.67 8.78
C LEU D 267 -17.63 -37.61 9.61
N VAL D 268 -17.15 -36.37 9.63
CA VAL D 268 -17.81 -35.30 10.40
C VAL D 268 -17.89 -34.09 9.48
N TYR D 269 -19.03 -33.40 9.41
CA TYR D 269 -19.19 -32.30 8.50
C TYR D 269 -19.85 -31.05 9.03
N GLY D 270 -19.28 -29.90 8.71
CA GLY D 270 -19.79 -28.58 9.09
C GLY D 270 -19.47 -27.65 7.92
N GLN D 271 -20.13 -27.86 6.80
CA GLN D 271 -19.91 -27.12 5.57
C GLN D 271 -20.26 -25.64 5.56
N MET D 272 -19.91 -25.01 4.44
CA MET D 272 -20.08 -23.63 4.09
C MET D 272 -21.50 -23.07 4.16
N ASN D 273 -22.47 -23.93 4.26
CA ASN D 273 -23.85 -23.49 4.36
C ASN D 273 -24.20 -23.34 5.84
N GLU D 274 -23.25 -23.51 6.74
CA GLU D 274 -23.49 -23.35 8.17
C GLU D 274 -23.12 -21.97 8.72
N PRO D 275 -23.70 -21.66 9.85
CA PRO D 275 -23.46 -20.40 10.57
C PRO D 275 -22.06 -20.46 11.16
N PRO D 276 -21.35 -19.37 11.28
CA PRO D 276 -20.01 -19.26 11.81
C PRO D 276 -19.79 -20.23 12.95
N GLY D 277 -20.69 -20.23 13.93
CA GLY D 277 -20.54 -21.11 15.07
C GLY D 277 -20.24 -22.55 14.74
N ALA D 278 -21.05 -23.14 13.84
CA ALA D 278 -20.80 -24.54 13.50
C ALA D 278 -19.40 -24.66 12.92
N ARG D 279 -19.07 -23.68 12.08
CA ARG D 279 -17.76 -23.71 11.44
C ARG D 279 -16.61 -23.55 12.38
N ALA D 280 -16.82 -22.87 13.50
CA ALA D 280 -15.75 -22.67 14.47
C ALA D 280 -15.56 -23.90 15.33
N ARG D 281 -16.48 -24.88 15.22
CA ARG D 281 -16.35 -26.10 16.01
C ARG D 281 -16.23 -27.43 15.29
N VAL D 282 -16.79 -27.69 14.08
CA VAL D 282 -16.64 -29.00 13.48
C VAL D 282 -15.22 -29.56 13.62
N ALA D 283 -14.20 -28.77 13.34
CA ALA D 283 -12.84 -29.31 13.43
C ALA D 283 -12.67 -29.93 14.81
N LEU D 284 -13.25 -29.28 15.80
CA LEU D 284 -13.07 -29.83 17.15
C LEU D 284 -13.73 -31.19 17.20
N THR D 285 -14.99 -31.24 16.72
CA THR D 285 -15.70 -32.53 16.72
C THR D 285 -14.87 -33.58 15.99
N GLY D 286 -14.41 -33.25 14.80
CA GLY D 286 -13.63 -34.15 13.97
C GLY D 286 -12.38 -34.64 14.72
N LEU D 287 -11.65 -33.65 15.20
CA LEU D 287 -10.44 -33.95 15.93
C LEU D 287 -10.77 -34.80 17.14
N THR D 288 -11.89 -34.53 17.82
CA THR D 288 -12.21 -35.33 19.01
C THR D 288 -12.42 -36.81 18.68
N VAL D 289 -13.12 -37.05 17.57
CA VAL D 289 -13.35 -38.44 17.14
C VAL D 289 -11.97 -39.08 16.97
N ALA D 290 -11.10 -38.42 16.21
CA ALA D 290 -9.76 -38.94 16.00
C ALA D 290 -8.98 -39.15 17.29
N GLU D 291 -9.07 -38.25 18.27
CA GLU D 291 -8.25 -38.50 19.47
C GLU D 291 -8.63 -39.80 20.18
N TYR D 292 -9.89 -40.21 20.06
CA TYR D 292 -10.34 -41.44 20.71
C TYR D 292 -9.57 -42.64 20.16
N PHE D 293 -9.60 -42.76 18.83
CA PHE D 293 -8.87 -43.90 18.29
C PHE D 293 -7.38 -43.82 18.62
N ARG D 294 -6.86 -42.65 18.95
CA ARG D 294 -5.44 -42.54 19.23
C ARG D 294 -5.09 -43.01 20.64
N ASP D 295 -5.88 -42.55 21.58
CA ASP D 295 -5.68 -42.82 22.99
C ASP D 295 -6.40 -44.02 23.53
N GLN D 296 -7.73 -44.04 23.52
CA GLN D 296 -8.53 -45.15 24.00
C GLN D 296 -8.35 -46.44 23.20
N GLU D 297 -7.85 -46.43 21.98
CA GLU D 297 -7.66 -47.69 21.26
C GLU D 297 -6.17 -47.81 21.00
N GLY D 298 -5.44 -46.71 20.88
CA GLY D 298 -3.99 -46.74 20.68
C GLY D 298 -3.63 -46.98 19.22
N GLN D 299 -4.61 -46.82 18.32
CA GLN D 299 -4.33 -47.07 16.92
C GLN D 299 -3.61 -46.02 16.10
N ASP D 300 -3.30 -46.39 14.85
CA ASP D 300 -2.64 -45.49 13.92
C ASP D 300 -3.74 -44.75 13.16
N VAL D 301 -3.94 -43.47 13.48
CA VAL D 301 -5.01 -42.74 12.79
C VAL D 301 -4.52 -41.92 11.64
N LEU D 302 -5.40 -41.68 10.68
CA LEU D 302 -5.10 -40.84 9.53
C LEU D 302 -6.16 -39.73 9.68
N LEU D 303 -5.76 -38.48 9.81
CA LEU D 303 -6.75 -37.40 9.97
C LEU D 303 -6.80 -36.49 8.77
N PHE D 304 -7.93 -36.32 8.11
CA PHE D 304 -7.94 -35.40 6.97
C PHE D 304 -8.87 -34.24 7.33
N ILE D 305 -8.42 -33.02 7.14
CA ILE D 305 -9.23 -31.86 7.45
C ILE D 305 -9.19 -30.97 6.21
N ASP D 306 -10.35 -30.59 5.76
CA ASP D 306 -10.40 -29.74 4.55
C ASP D 306 -11.60 -28.85 4.83
N ASN D 307 -11.40 -27.61 5.14
CA ASN D 307 -10.11 -26.90 5.17
C ASN D 307 -9.95 -26.22 6.51
N ILE D 308 -8.87 -26.40 7.23
CA ILE D 308 -8.68 -25.81 8.56
C ILE D 308 -8.72 -24.29 8.58
N PHE D 309 -8.47 -23.61 7.46
CA PHE D 309 -8.58 -22.15 7.43
C PHE D 309 -9.99 -21.80 7.89
N ARG D 310 -10.98 -22.56 7.41
CA ARG D 310 -12.38 -22.29 7.80
C ARG D 310 -12.60 -22.16 9.29
N PHE D 311 -11.81 -22.83 10.12
CA PHE D 311 -11.98 -22.72 11.57
C PHE D 311 -11.66 -21.27 12.01
N THR D 312 -10.59 -20.75 11.44
CA THR D 312 -10.14 -19.41 11.73
C THR D 312 -11.01 -18.38 11.07
N GLN D 313 -11.59 -18.70 9.92
CA GLN D 313 -12.45 -17.65 9.30
C GLN D 313 -13.73 -17.59 10.12
N ALA D 314 -14.11 -18.77 10.61
CA ALA D 314 -15.33 -18.82 11.42
C ALA D 314 -15.22 -17.84 12.58
N GLY D 315 -14.12 -17.93 13.32
CA GLY D 315 -13.89 -17.06 14.45
C GLY D 315 -13.84 -15.59 14.05
N SER D 316 -13.14 -15.30 12.93
CA SER D 316 -13.11 -13.88 12.57
C SER D 316 -14.51 -13.38 12.25
N GLU D 317 -15.41 -14.24 11.79
CA GLU D 317 -16.75 -13.79 11.45
C GLU D 317 -17.58 -13.39 12.66
N VAL D 318 -17.32 -13.86 13.86
CA VAL D 318 -18.21 -13.43 14.98
C VAL D 318 -17.46 -12.47 15.89
N SER D 319 -16.14 -12.48 15.69
CA SER D 319 -15.26 -11.67 16.49
C SER D 319 -15.77 -10.29 16.81
N ALA D 320 -16.17 -9.52 15.81
CA ALA D 320 -16.64 -8.16 16.12
C ALA D 320 -17.86 -8.28 17.01
N LEU D 321 -18.82 -9.17 16.68
CA LEU D 321 -19.96 -9.26 17.58
C LEU D 321 -19.55 -9.70 18.98
N LEU D 322 -18.29 -10.07 19.24
CA LEU D 322 -17.84 -10.47 20.57
C LEU D 322 -17.20 -9.27 21.25
N GLY D 323 -17.26 -8.14 20.57
CA GLY D 323 -16.75 -6.89 21.05
C GLY D 323 -15.26 -6.78 21.13
N ARG D 324 -14.56 -7.08 20.03
CA ARG D 324 -13.11 -7.01 20.09
C ARG D 324 -12.48 -6.05 19.13
N ILE D 325 -11.41 -5.36 19.50
CA ILE D 325 -10.74 -4.49 18.48
C ILE D 325 -10.07 -5.51 17.52
N PRO D 326 -10.20 -5.30 16.24
CA PRO D 326 -9.64 -6.19 15.23
C PRO D 326 -8.13 -6.18 15.27
N SER D 327 -7.47 -7.28 14.98
CA SER D 327 -5.99 -7.28 14.91
C SER D 327 -5.65 -6.91 13.47
N ALA D 328 -4.49 -7.21 12.89
CA ALA D 328 -4.31 -6.81 11.48
C ALA D 328 -5.07 -7.70 10.51
N VAL D 329 -5.24 -7.22 9.28
CA VAL D 329 -5.96 -7.88 8.21
C VAL D 329 -7.38 -8.27 8.62
N GLY D 330 -7.97 -7.69 9.66
CA GLY D 330 -9.37 -7.99 9.98
C GLY D 330 -9.48 -9.11 10.93
N TYR D 331 -8.44 -9.92 11.06
CA TYR D 331 -8.50 -11.07 11.96
C TYR D 331 -8.81 -10.69 13.38
N GLN D 332 -9.21 -11.64 14.18
CA GLN D 332 -9.49 -11.41 15.61
C GLN D 332 -8.13 -11.37 16.32
N PRO D 333 -7.97 -10.72 17.44
CA PRO D 333 -6.72 -10.63 18.16
C PRO D 333 -6.30 -11.95 18.75
N THR D 334 -7.18 -12.95 18.83
CA THR D 334 -6.78 -14.23 19.45
C THR D 334 -6.49 -15.33 18.44
N LEU D 335 -6.32 -14.98 17.18
CA LEU D 335 -6.04 -15.93 16.12
C LEU D 335 -5.01 -16.97 16.48
N ALA D 336 -3.78 -16.56 16.78
CA ALA D 336 -2.72 -17.52 17.06
C ALA D 336 -3.01 -18.41 18.23
N THR D 337 -3.48 -17.85 19.35
CA THR D 337 -3.75 -18.72 20.50
C THR D 337 -4.92 -19.65 20.21
N ASP D 338 -5.94 -19.12 19.52
CA ASP D 338 -7.10 -19.92 19.13
C ASP D 338 -6.63 -21.10 18.27
N MET D 339 -5.66 -20.84 17.42
CA MET D 339 -5.13 -21.86 16.54
C MET D 339 -4.25 -22.80 17.35
N GLY D 340 -3.50 -22.23 18.29
CA GLY D 340 -2.58 -23.04 19.09
C GLY D 340 -3.25 -24.10 19.94
N THR D 341 -4.25 -23.72 20.76
CA THR D 341 -4.90 -24.71 21.59
C THR D 341 -5.59 -25.76 20.75
N MET D 342 -5.77 -25.49 19.47
CA MET D 342 -6.41 -26.53 18.66
C MET D 342 -5.33 -27.38 18.00
N GLN D 343 -4.51 -26.74 17.18
CA GLN D 343 -3.44 -27.47 16.52
C GLN D 343 -2.65 -28.34 17.48
N GLU D 344 -2.54 -27.97 18.76
CA GLU D 344 -1.72 -28.80 19.65
C GLU D 344 -2.33 -30.12 20.04
N ARG D 345 -3.60 -30.40 19.75
CA ARG D 345 -4.24 -31.68 20.04
C ARG D 345 -4.08 -32.61 18.81
N ILE D 346 -4.05 -32.02 17.63
CA ILE D 346 -3.85 -32.77 16.40
C ILE D 346 -2.38 -33.21 16.45
N THR D 347 -2.10 -34.29 17.16
CA THR D 347 -0.74 -34.73 17.26
C THR D 347 -0.53 -36.19 17.64
N THR D 348 0.63 -36.73 17.24
CA THR D 348 0.99 -38.09 17.55
C THR D 348 1.52 -38.06 18.98
N THR D 349 1.23 -39.07 19.76
CA THR D 349 1.74 -39.16 21.13
C THR D 349 2.40 -40.54 21.30
N LYS D 350 2.70 -40.88 22.54
CA LYS D 350 3.31 -42.22 22.76
C LYS D 350 2.17 -43.23 22.76
N LYS D 351 0.96 -42.80 23.08
CA LYS D 351 -0.17 -43.70 23.07
C LYS D 351 -0.56 -44.13 21.67
N GLY D 352 -0.79 -43.16 20.80
CA GLY D 352 -1.22 -43.46 19.43
C GLY D 352 -0.53 -42.53 18.44
N SER D 353 -0.84 -42.71 17.18
CA SER D 353 -0.22 -41.90 16.14
C SER D 353 -1.27 -41.25 15.26
N ILE D 354 -1.09 -39.96 14.95
CA ILE D 354 -2.04 -39.31 14.07
C ILE D 354 -1.25 -38.85 12.85
N THR D 355 -1.76 -38.99 11.66
CA THR D 355 -1.10 -38.54 10.43
C THR D 355 -2.19 -37.63 9.85
N SER D 356 -2.04 -36.35 10.18
CA SER D 356 -2.97 -35.32 9.78
C SER D 356 -2.57 -34.66 8.48
N VAL D 357 -3.51 -34.56 7.55
CA VAL D 357 -3.30 -33.90 6.27
C VAL D 357 -4.34 -32.76 6.29
N GLN D 358 -3.89 -31.52 6.45
CA GLN D 358 -4.80 -30.41 6.56
C GLN D 358 -4.72 -29.51 5.34
N ALA D 359 -5.88 -29.23 4.76
CA ALA D 359 -5.89 -28.31 3.60
C ALA D 359 -5.90 -26.91 4.24
N ILE D 360 -5.12 -25.97 3.67
CA ILE D 360 -5.04 -24.63 4.24
C ILE D 360 -5.25 -23.60 3.15
N TYR D 361 -6.39 -22.93 3.23
CA TYR D 361 -6.78 -21.89 2.27
C TYR D 361 -5.92 -20.65 2.47
N VAL D 362 -5.62 -19.97 1.41
CA VAL D 362 -4.77 -18.78 1.41
C VAL D 362 -5.51 -17.61 0.78
N PRO D 363 -6.11 -16.81 1.62
CA PRO D 363 -6.89 -15.63 1.23
C PRO D 363 -6.15 -14.72 0.28
N ALA D 364 -6.82 -14.28 -0.78
CA ALA D 364 -6.17 -13.40 -1.75
C ALA D 364 -4.89 -13.99 -2.27
N ASP D 365 -4.62 -15.27 -2.14
CA ASP D 365 -3.41 -15.87 -2.63
C ASP D 365 -2.17 -15.36 -1.90
N ASP D 366 -2.36 -14.59 -0.83
CA ASP D 366 -1.23 -14.08 -0.09
C ASP D 366 -0.69 -14.95 1.02
N LEU D 367 0.38 -15.70 0.81
CA LEU D 367 0.89 -16.54 1.89
C LEU D 367 1.26 -15.78 3.16
N THR D 368 1.33 -14.45 3.16
CA THR D 368 1.71 -13.78 4.42
C THR D 368 0.48 -13.46 5.25
N ASP D 369 -0.71 -13.65 4.71
CA ASP D 369 -1.96 -13.40 5.46
C ASP D 369 -1.84 -14.01 6.85
N PRO D 370 -2.17 -13.27 7.88
CA PRO D 370 -2.10 -13.78 9.22
C PRO D 370 -2.51 -15.23 9.36
N ALA D 371 -3.52 -15.76 8.65
CA ALA D 371 -3.89 -17.17 8.90
C ALA D 371 -2.94 -18.21 8.36
N PRO D 372 -2.73 -18.26 7.05
CA PRO D 372 -1.83 -19.23 6.44
C PRO D 372 -0.48 -19.05 7.14
N ALA D 373 -0.07 -17.78 7.24
CA ALA D 373 1.17 -17.40 7.88
C ALA D 373 1.32 -17.99 9.28
N THR D 374 0.30 -17.87 10.13
CA THR D 374 0.33 -18.43 11.47
C THR D 374 0.36 -19.95 11.48
N THR D 375 -0.05 -20.67 10.45
CA THR D 375 -0.10 -22.14 10.47
C THR D 375 1.16 -22.90 10.12
N PHE D 376 2.11 -22.29 9.43
CA PHE D 376 3.32 -22.98 9.05
C PHE D 376 3.98 -23.65 10.25
N ALA D 377 4.10 -22.97 11.38
CA ALA D 377 4.76 -23.47 12.55
C ALA D 377 4.13 -24.75 13.08
N HIS D 378 2.88 -25.04 12.73
CA HIS D 378 2.27 -26.27 13.25
C HIS D 378 2.54 -27.48 12.36
N LEU D 379 3.36 -27.33 11.32
CA LEU D 379 3.55 -28.48 10.44
C LEU D 379 4.92 -29.06 10.38
N ASP D 380 5.02 -30.36 10.01
CA ASP D 380 6.32 -31.00 9.86
C ASP D 380 6.65 -31.06 8.39
N ALA D 381 5.63 -30.97 7.55
CA ALA D 381 5.86 -30.99 6.09
C ALA D 381 4.83 -30.05 5.46
N THR D 382 5.24 -29.34 4.42
CA THR D 382 4.27 -28.43 3.80
C THR D 382 4.36 -28.53 2.28
N THR D 383 3.18 -28.61 1.67
CA THR D 383 3.08 -28.68 0.20
C THR D 383 2.42 -27.36 -0.22
N VAL D 384 3.21 -26.44 -0.79
CA VAL D 384 2.61 -25.16 -1.16
C VAL D 384 2.18 -25.15 -2.61
N LEU D 385 0.90 -24.99 -2.92
CA LEU D 385 0.43 -25.02 -4.32
C LEU D 385 0.38 -23.60 -4.86
N SER D 386 0.55 -23.37 -6.14
CA SER D 386 0.56 -22.02 -6.67
C SER D 386 -0.23 -21.86 -7.95
N ARG D 387 -1.06 -20.82 -8.01
CA ARG D 387 -1.88 -20.54 -9.18
C ARG D 387 -0.98 -20.19 -10.34
N ALA D 388 0.24 -19.75 -10.08
CA ALA D 388 1.14 -19.40 -11.19
C ALA D 388 1.60 -20.68 -11.87
N ILE D 389 1.76 -21.74 -11.08
CA ILE D 389 2.17 -23.01 -11.66
C ILE D 389 0.94 -23.62 -12.34
N ALA D 390 -0.15 -23.77 -11.60
CA ALA D 390 -1.39 -24.30 -12.14
C ALA D 390 -1.77 -23.66 -13.48
N GLU D 391 -1.59 -22.35 -13.51
CA GLU D 391 -1.94 -21.59 -14.70
C GLU D 391 -1.24 -22.13 -15.91
N LEU D 392 -0.08 -22.74 -15.76
CA LEU D 392 0.66 -23.27 -16.90
C LEU D 392 0.17 -24.65 -17.29
N GLY D 393 -0.73 -25.23 -16.53
CA GLY D 393 -1.23 -26.57 -16.81
C GLY D 393 -0.37 -27.59 -16.08
N ILE D 394 0.42 -27.21 -15.09
CA ILE D 394 1.26 -28.18 -14.40
C ILE D 394 0.56 -28.63 -13.13
N TYR D 395 -0.05 -29.81 -13.16
CA TYR D 395 -0.72 -30.35 -11.95
C TYR D 395 -0.03 -31.63 -11.51
N PRO D 396 0.10 -31.89 -10.22
CA PRO D 396 -0.32 -31.00 -9.16
C PRO D 396 0.53 -29.71 -9.21
N ALA D 397 -0.07 -28.56 -8.98
CA ALA D 397 0.63 -27.30 -9.01
C ALA D 397 1.49 -27.03 -7.78
N VAL D 398 2.29 -27.98 -7.30
CA VAL D 398 3.15 -27.71 -6.14
C VAL D 398 4.28 -26.78 -6.55
N ASP D 399 4.66 -25.88 -5.66
CA ASP D 399 5.77 -24.96 -5.89
C ASP D 399 7.00 -25.67 -5.32
N PRO D 400 7.89 -26.17 -6.14
CA PRO D 400 9.10 -26.89 -5.81
C PRO D 400 10.11 -26.16 -4.93
N LEU D 401 10.03 -24.84 -4.93
CA LEU D 401 10.90 -23.99 -4.14
C LEU D 401 10.19 -23.41 -2.94
N ASP D 402 9.01 -23.85 -2.59
CA ASP D 402 8.35 -23.27 -1.42
C ASP D 402 7.71 -24.38 -0.62
N SER D 403 8.08 -25.62 -0.95
CA SER D 403 7.53 -26.78 -0.25
C SER D 403 8.57 -27.40 0.63
N THR D 404 8.25 -27.80 1.86
CA THR D 404 9.37 -28.34 2.65
C THR D 404 8.88 -29.50 3.52
N SER D 405 9.83 -30.27 4.02
CA SER D 405 9.56 -31.41 4.87
C SER D 405 10.68 -31.51 5.92
N ARG D 406 10.32 -31.86 7.15
CA ARG D 406 11.34 -31.94 8.18
C ARG D 406 12.23 -33.14 8.03
N ILE D 407 11.83 -34.08 7.16
CA ILE D 407 12.65 -35.27 6.93
C ILE D 407 13.55 -35.10 5.71
N MET D 408 13.60 -33.95 5.09
CA MET D 408 14.51 -33.79 3.94
C MET D 408 15.91 -33.62 4.54
N ASP D 409 16.36 -34.73 5.07
CA ASP D 409 17.64 -34.83 5.74
C ASP D 409 18.39 -36.04 5.20
N PRO D 410 19.64 -35.88 4.83
CA PRO D 410 20.46 -36.98 4.33
C PRO D 410 20.43 -38.09 5.36
N ASN D 411 20.44 -37.73 6.64
CA ASN D 411 20.39 -38.75 7.67
C ASN D 411 19.08 -39.50 7.71
N ILE D 412 18.06 -39.04 7.01
CA ILE D 412 16.78 -39.73 7.09
C ILE D 412 16.31 -40.33 5.79
N VAL D 413 16.49 -39.64 4.66
CA VAL D 413 16.04 -40.19 3.39
C VAL D 413 17.20 -40.75 2.58
N GLY D 414 18.42 -40.42 2.99
CA GLY D 414 19.60 -40.85 2.28
C GLY D 414 20.12 -39.75 1.34
N SER D 415 21.40 -39.82 1.04
CA SER D 415 22.06 -38.86 0.19
C SER D 415 21.65 -38.96 -1.25
N GLU D 416 21.21 -40.13 -1.72
CA GLU D 416 20.82 -40.17 -3.16
C GLU D 416 19.51 -39.39 -3.30
N HIS D 417 18.62 -39.64 -2.34
CA HIS D 417 17.35 -38.97 -2.31
C HIS D 417 17.61 -37.47 -2.18
N TYR D 418 18.42 -37.16 -1.19
CA TYR D 418 18.76 -35.79 -0.86
C TYR D 418 19.52 -34.99 -1.91
N ASP D 419 20.49 -35.59 -2.58
CA ASP D 419 21.27 -34.87 -3.57
C ASP D 419 20.48 -34.59 -4.83
N VAL D 420 19.53 -35.47 -5.12
CA VAL D 420 18.67 -35.34 -6.30
C VAL D 420 17.70 -34.17 -6.09
N ALA D 421 17.04 -34.24 -4.93
CA ALA D 421 16.05 -33.24 -4.53
C ALA D 421 16.71 -31.87 -4.63
N ARG D 422 17.76 -31.70 -3.83
CA ARG D 422 18.48 -30.42 -3.86
C ARG D 422 19.00 -30.11 -5.25
N GLY D 423 19.33 -31.15 -6.01
CA GLY D 423 19.86 -30.97 -7.36
C GLY D 423 18.77 -30.39 -8.26
N VAL D 424 17.58 -30.91 -8.05
CA VAL D 424 16.43 -30.45 -8.84
C VAL D 424 16.05 -29.03 -8.47
N GLN D 425 16.16 -28.71 -7.17
CA GLN D 425 15.82 -27.39 -6.68
C GLN D 425 16.82 -26.36 -7.11
N LYS D 426 18.11 -26.68 -7.12
CA LYS D 426 19.08 -25.70 -7.57
C LYS D 426 18.77 -25.26 -9.00
N ILE D 427 18.61 -26.19 -9.91
CA ILE D 427 18.33 -25.93 -11.32
C ILE D 427 17.05 -25.17 -11.56
N LEU D 428 16.00 -25.40 -10.79
CA LEU D 428 14.73 -24.69 -10.93
C LEU D 428 14.91 -23.24 -10.42
N GLN D 429 15.72 -23.10 -9.37
CA GLN D 429 16.05 -21.79 -8.84
C GLN D 429 16.92 -21.06 -9.87
N ASP D 430 17.97 -21.73 -10.33
CA ASP D 430 18.86 -21.19 -11.36
C ASP D 430 18.03 -20.69 -12.55
N TYR D 431 17.04 -21.43 -12.96
CA TYR D 431 16.17 -21.07 -14.09
C TYR D 431 15.21 -19.95 -13.72
N LYS D 432 14.73 -19.95 -12.48
CA LYS D 432 13.81 -18.88 -12.04
C LYS D 432 14.53 -17.53 -12.21
N SER D 433 15.73 -17.42 -11.67
CA SER D 433 16.53 -16.22 -11.81
C SER D 433 16.71 -15.81 -13.26
N LEU D 434 17.04 -16.70 -14.17
CA LEU D 434 17.20 -16.31 -15.56
C LEU D 434 15.90 -15.94 -16.24
N GLN D 435 14.77 -16.52 -15.87
CA GLN D 435 13.50 -16.27 -16.52
C GLN D 435 13.23 -14.81 -16.92
N ASP D 436 13.28 -13.91 -15.95
CA ASP D 436 12.96 -12.52 -16.19
C ASP D 436 13.94 -11.84 -17.13
N ILE D 437 15.14 -12.36 -17.16
CA ILE D 437 16.19 -11.79 -17.98
C ILE D 437 16.16 -12.30 -19.40
N ILE D 438 16.07 -13.58 -19.69
CA ILE D 438 16.06 -13.97 -21.11
C ILE D 438 14.74 -13.46 -21.70
N ALA D 439 13.84 -13.06 -20.81
CA ALA D 439 12.53 -12.54 -21.22
C ALA D 439 12.74 -11.35 -22.15
N ILE D 440 13.55 -10.43 -21.70
CA ILE D 440 13.88 -9.20 -22.42
C ILE D 440 15.12 -9.31 -23.29
N LEU D 441 16.26 -9.58 -22.69
CA LEU D 441 17.51 -9.70 -23.42
C LEU D 441 17.58 -10.95 -24.27
N GLY D 442 16.57 -11.80 -24.32
CA GLY D 442 16.64 -12.99 -25.17
C GLY D 442 17.66 -14.02 -24.73
N MET D 443 17.80 -15.09 -25.51
CA MET D 443 18.68 -16.19 -25.18
C MET D 443 20.01 -16.37 -25.86
N ASP D 444 20.30 -15.71 -26.97
CA ASP D 444 21.54 -15.88 -27.69
C ASP D 444 22.79 -15.69 -26.84
N GLU D 445 22.90 -14.57 -26.14
CA GLU D 445 24.06 -14.27 -25.32
C GLU D 445 24.36 -15.26 -24.21
N LEU D 446 23.42 -16.13 -23.88
CA LEU D 446 23.63 -17.10 -22.82
C LEU D 446 24.67 -18.15 -23.16
N SER D 447 25.43 -18.53 -22.15
CA SER D 447 26.47 -19.55 -22.26
C SER D 447 25.89 -20.93 -22.49
N GLU D 448 26.40 -21.71 -23.44
CA GLU D 448 25.81 -23.05 -23.63
C GLU D 448 25.63 -23.74 -22.29
N GLU D 449 26.48 -23.38 -21.33
CA GLU D 449 26.39 -23.94 -19.98
C GLU D 449 25.05 -23.58 -19.35
N ASP D 450 24.61 -22.36 -19.57
CA ASP D 450 23.37 -21.81 -19.06
C ASP D 450 22.13 -22.10 -19.89
N LYS D 451 22.25 -22.48 -21.16
CA LYS D 451 21.04 -22.74 -21.96
C LYS D 451 20.67 -24.22 -21.92
N LEU D 452 21.49 -24.91 -21.16
CA LEU D 452 21.29 -26.36 -20.93
C LEU D 452 20.49 -26.46 -19.63
N THR D 453 20.74 -25.49 -18.73
CA THR D 453 20.00 -25.55 -17.47
C THR D 453 18.60 -25.02 -17.77
N VAL D 454 18.48 -24.19 -18.79
CA VAL D 454 17.13 -23.72 -19.15
C VAL D 454 16.38 -24.95 -19.67
N SER D 455 17.06 -25.73 -20.50
CA SER D 455 16.54 -26.95 -21.06
C SER D 455 16.05 -27.90 -19.95
N ARG D 456 17.02 -28.47 -19.24
CA ARG D 456 16.78 -29.41 -18.17
C ARG D 456 15.74 -28.92 -17.20
N ALA D 457 15.79 -27.65 -16.86
CA ALA D 457 14.80 -27.10 -15.93
C ALA D 457 13.41 -27.24 -16.52
N ARG D 458 13.21 -26.78 -17.76
CA ARG D 458 11.90 -26.86 -18.39
C ARG D 458 11.39 -28.30 -18.49
N LYS D 459 12.28 -29.28 -18.62
CA LYS D 459 11.88 -30.68 -18.70
C LYS D 459 11.54 -31.15 -17.29
N ILE D 460 12.31 -30.81 -16.28
CA ILE D 460 12.04 -31.20 -14.90
C ILE D 460 10.69 -30.64 -14.43
N GLN D 461 10.47 -29.39 -14.80
CA GLN D 461 9.27 -28.64 -14.50
C GLN D 461 8.06 -29.45 -14.92
N ARG D 462 8.25 -30.16 -16.01
CA ARG D 462 7.20 -31.02 -16.57
C ARG D 462 7.22 -32.38 -15.91
N PHE D 463 8.41 -32.97 -15.83
CA PHE D 463 8.48 -34.30 -15.24
C PHE D 463 7.88 -34.22 -13.85
N LEU D 464 7.71 -33.02 -13.30
CA LEU D 464 7.15 -32.96 -11.94
C LEU D 464 5.64 -33.02 -12.00
N SER D 465 5.05 -32.79 -13.17
CA SER D 465 3.59 -32.90 -13.21
C SER D 465 3.26 -34.39 -13.24
N GLN D 466 2.02 -34.73 -12.98
CA GLN D 466 1.58 -36.13 -12.98
C GLN D 466 0.05 -36.17 -13.07
N PRO D 467 -0.48 -37.10 -13.85
CA PRO D 467 -1.90 -37.34 -14.02
C PRO D 467 -2.41 -38.08 -12.78
N PHE D 468 -3.26 -37.45 -12.00
CA PHE D 468 -3.79 -38.07 -10.79
C PHE D 468 -4.93 -39.00 -11.16
N GLN D 469 -5.14 -40.02 -10.34
CA GLN D 469 -6.22 -40.98 -10.60
C GLN D 469 -7.58 -40.44 -10.23
N VAL D 470 -7.65 -39.30 -9.60
CA VAL D 470 -8.86 -38.64 -9.12
C VAL D 470 -9.20 -37.40 -9.93
N ALA D 471 -8.41 -37.17 -10.98
CA ALA D 471 -8.54 -36.04 -11.87
C ALA D 471 -8.54 -36.46 -13.33
N GLU D 472 -8.99 -37.69 -13.61
CA GLU D 472 -9.04 -38.06 -15.03
C GLU D 472 -10.15 -37.15 -15.64
N VAL D 473 -11.19 -36.87 -14.83
CA VAL D 473 -12.25 -36.01 -15.36
C VAL D 473 -11.64 -34.67 -15.72
N PHE D 474 -10.44 -34.40 -15.20
CA PHE D 474 -9.83 -33.09 -15.46
C PHE D 474 -8.77 -33.13 -16.53
N THR D 475 -7.85 -34.07 -16.41
CA THR D 475 -6.75 -34.14 -17.34
C THR D 475 -7.01 -34.94 -18.60
N GLY D 476 -8.00 -35.82 -18.62
CA GLY D 476 -8.20 -36.67 -19.81
C GLY D 476 -7.03 -37.67 -19.90
N HIS D 477 -6.41 -38.03 -18.77
CA HIS D 477 -5.28 -38.94 -18.72
C HIS D 477 -5.43 -39.93 -17.57
N LEU D 478 -4.99 -41.15 -17.80
CA LEU D 478 -5.10 -42.17 -16.76
C LEU D 478 -4.16 -41.82 -15.63
N GLY D 479 -4.65 -41.97 -14.41
CA GLY D 479 -3.83 -41.62 -13.24
C GLY D 479 -2.65 -42.55 -13.04
N LYS D 480 -1.48 -42.02 -12.74
CA LYS D 480 -0.29 -42.81 -12.52
C LYS D 480 0.21 -42.64 -11.10
N LEU D 481 0.67 -43.71 -10.46
CA LEU D 481 1.20 -43.60 -9.08
C LEU D 481 2.66 -44.03 -9.25
N VAL D 482 3.63 -43.18 -8.93
CA VAL D 482 5.02 -43.57 -9.13
C VAL D 482 5.66 -43.88 -7.79
N PRO D 483 6.40 -44.96 -7.76
CA PRO D 483 7.13 -45.44 -6.60
C PRO D 483 8.37 -44.60 -6.33
N LEU D 484 8.73 -44.43 -5.06
CA LEU D 484 9.85 -43.59 -4.69
C LEU D 484 11.10 -43.80 -5.48
N LYS D 485 11.47 -45.02 -5.84
CA LYS D 485 12.71 -45.24 -6.59
C LYS D 485 12.57 -44.87 -8.05
N GLU D 486 11.36 -44.98 -8.59
CA GLU D 486 11.16 -44.61 -9.99
C GLU D 486 11.31 -43.10 -10.10
N THR D 487 10.92 -42.40 -9.03
CA THR D 487 11.01 -40.95 -8.98
C THR D 487 12.48 -40.52 -8.90
N ILE D 488 13.15 -40.89 -7.81
CA ILE D 488 14.55 -40.52 -7.61
C ILE D 488 15.40 -40.74 -8.86
N LYS D 489 15.22 -41.89 -9.48
CA LYS D 489 15.94 -42.29 -10.68
C LYS D 489 15.60 -41.40 -11.86
N GLY D 490 14.32 -41.23 -12.14
CA GLY D 490 13.91 -40.41 -13.26
C GLY D 490 14.57 -39.04 -13.24
N PHE D 491 14.52 -38.41 -12.06
CA PHE D 491 15.12 -37.07 -11.93
C PHE D 491 16.62 -37.14 -12.05
N GLN D 492 17.21 -38.12 -11.38
CA GLN D 492 18.67 -38.35 -11.42
C GLN D 492 19.16 -38.36 -12.86
N GLN D 493 18.45 -39.04 -13.74
CA GLN D 493 18.82 -39.12 -15.14
C GLN D 493 18.62 -37.81 -15.86
N ILE D 494 17.51 -37.11 -15.60
CA ILE D 494 17.32 -35.84 -16.32
C ILE D 494 18.47 -34.91 -15.96
N LEU D 495 18.78 -34.86 -14.67
CA LEU D 495 19.86 -34.06 -14.15
C LEU D 495 21.22 -34.46 -14.71
N ALA D 496 21.34 -35.74 -15.01
CA ALA D 496 22.55 -36.32 -15.55
C ALA D 496 22.74 -36.06 -17.04
N GLY D 497 21.79 -35.48 -17.72
CA GLY D 497 21.93 -35.21 -19.15
C GLY D 497 21.48 -36.39 -20.00
N GLU D 498 21.00 -37.45 -19.38
CA GLU D 498 20.57 -38.64 -20.07
C GLU D 498 19.31 -38.50 -20.90
N TYR D 499 18.72 -37.34 -21.15
CA TYR D 499 17.51 -37.23 -21.97
C TYR D 499 17.45 -35.86 -22.66
N ASP D 500 18.60 -35.22 -22.73
CA ASP D 500 18.70 -33.90 -23.36
C ASP D 500 18.26 -33.97 -24.81
N HIS D 501 18.02 -35.19 -25.30
CA HIS D 501 17.60 -35.36 -26.68
C HIS D 501 16.08 -35.37 -26.76
N LEU D 502 15.36 -35.99 -25.82
CA LEU D 502 13.91 -35.98 -25.90
C LEU D 502 13.38 -34.55 -25.75
N PRO D 503 12.19 -34.34 -26.27
CA PRO D 503 11.50 -33.07 -26.24
C PRO D 503 10.82 -32.82 -24.89
N GLU D 504 10.67 -31.56 -24.45
CA GLU D 504 10.04 -31.24 -23.19
C GLU D 504 8.67 -31.94 -23.10
N GLN D 505 7.84 -31.64 -24.10
CA GLN D 505 6.50 -32.19 -24.12
C GLN D 505 6.45 -33.67 -23.78
N ALA D 506 7.50 -34.40 -24.08
CA ALA D 506 7.50 -35.83 -23.77
C ALA D 506 7.44 -36.04 -22.26
N PHE D 507 7.92 -35.06 -21.51
CA PHE D 507 7.97 -35.15 -20.06
C PHE D 507 6.70 -34.68 -19.36
N TYR D 508 5.79 -34.01 -20.05
CA TYR D 508 4.56 -33.51 -19.50
C TYR D 508 3.45 -34.55 -19.33
N MET D 509 2.77 -34.60 -18.23
CA MET D 509 1.72 -35.46 -17.83
C MET D 509 2.03 -36.93 -18.13
N VAL D 510 2.97 -37.48 -17.39
CA VAL D 510 3.38 -38.87 -17.52
C VAL D 510 3.71 -39.38 -16.11
N GLY D 511 3.80 -40.68 -15.92
CA GLY D 511 4.16 -41.23 -14.61
C GLY D 511 5.68 -41.35 -14.60
N PRO D 512 6.16 -42.56 -14.70
CA PRO D 512 7.58 -42.91 -14.67
C PRO D 512 8.33 -42.46 -15.89
N ILE D 513 9.63 -42.25 -15.81
CA ILE D 513 10.48 -41.78 -16.89
C ILE D 513 10.35 -42.57 -18.17
N GLU D 514 10.01 -43.87 -18.10
CA GLU D 514 9.87 -44.65 -19.32
C GLU D 514 8.72 -44.14 -20.17
N GLU D 515 7.68 -43.61 -19.52
CA GLU D 515 6.55 -43.09 -20.28
C GLU D 515 6.95 -41.82 -21.05
N ALA D 516 7.96 -41.12 -20.54
CA ALA D 516 8.47 -39.90 -21.17
C ALA D 516 9.23 -40.28 -22.45
N VAL D 517 9.93 -41.41 -22.36
CA VAL D 517 10.67 -41.94 -23.50
C VAL D 517 9.69 -42.46 -24.55
N ALA D 518 8.70 -43.24 -24.11
CA ALA D 518 7.70 -43.73 -25.04
C ALA D 518 6.99 -42.56 -25.71
N LYS D 519 6.50 -41.62 -24.91
CA LYS D 519 5.81 -40.43 -25.39
C LYS D 519 6.66 -39.66 -26.39
N ALA D 520 7.98 -39.72 -26.27
CA ALA D 520 8.84 -39.01 -27.23
C ALA D 520 8.59 -39.60 -28.62
N ASP D 521 8.65 -40.92 -28.72
CA ASP D 521 8.42 -41.62 -29.98
C ASP D 521 7.03 -41.26 -30.49
N LYS D 522 6.01 -41.53 -29.67
CA LYS D 522 4.65 -41.20 -30.12
C LYS D 522 4.64 -39.80 -30.69
N LEU D 523 5.40 -38.90 -30.07
CA LEU D 523 5.44 -37.52 -30.56
C LEU D 523 6.39 -37.46 -31.76
N ALA D 524 7.32 -38.40 -31.81
CA ALA D 524 8.29 -38.39 -32.89
C ALA D 524 7.61 -38.18 -34.23
N GLU D 525 6.31 -38.29 -34.24
CA GLU D 525 5.29 -38.14 -35.21
C GLU D 525 4.00 -38.96 -34.90
N THR E 59 1.35 21.16 45.58
CA THR E 59 0.20 20.27 45.52
C THR E 59 0.57 18.79 45.65
N THR E 60 -0.32 18.04 46.29
CA THR E 60 -0.12 16.59 46.44
C THR E 60 -1.25 15.83 45.78
N GLY E 61 -0.98 15.10 44.68
CA GLY E 61 -2.07 14.36 44.06
C GLY E 61 -1.94 12.88 44.42
N ARG E 62 -2.96 12.12 44.00
CA ARG E 62 -2.95 10.68 44.21
C ARG E 62 -2.86 10.04 42.79
N ILE E 63 -2.47 8.79 42.74
CA ILE E 63 -2.46 8.11 41.45
C ILE E 63 -3.86 7.48 41.32
N VAL E 64 -4.56 7.74 40.23
CA VAL E 64 -5.88 7.14 40.07
C VAL E 64 -5.77 5.94 39.13
N ALA E 65 -4.79 5.96 38.23
CA ALA E 65 -4.69 4.81 37.32
C ALA E 65 -3.28 4.67 36.78
N VAL E 66 -2.88 3.43 36.50
CA VAL E 66 -1.57 3.14 35.93
C VAL E 66 -1.82 2.12 34.81
N ILE E 67 -1.55 2.57 33.58
CA ILE E 67 -1.69 1.70 32.43
C ILE E 67 -0.40 1.75 31.62
N GLY E 68 0.54 0.87 31.98
CA GLY E 68 1.79 0.89 31.17
C GLY E 68 2.53 2.15 31.56
N ALA E 69 3.03 2.88 30.60
CA ALA E 69 3.80 4.09 30.97
C ALA E 69 2.92 5.32 30.94
N VAL E 70 1.67 5.17 31.34
CA VAL E 70 0.78 6.33 31.35
C VAL E 70 0.07 6.31 32.71
N VAL E 71 0.43 7.29 33.50
CA VAL E 71 -0.13 7.42 34.85
C VAL E 71 -1.11 8.57 34.97
N ASP E 72 -2.28 8.26 35.54
CA ASP E 72 -3.28 9.35 35.67
C ASP E 72 -3.22 9.75 37.14
N VAL E 73 -3.20 11.05 37.38
CA VAL E 73 -3.08 11.57 38.74
C VAL E 73 -4.19 12.55 39.02
N GLN E 74 -4.87 12.38 40.15
CA GLN E 74 -5.96 13.26 40.54
C GLN E 74 -5.55 14.18 41.69
N PHE E 75 -5.74 15.47 41.46
CA PHE E 75 -5.44 16.50 42.44
C PHE E 75 -6.70 17.01 43.12
N ASP E 76 -6.64 17.21 44.46
CA ASP E 76 -7.84 17.68 45.17
C ASP E 76 -7.91 19.20 45.04
N GLU E 77 -6.84 19.87 45.46
CA GLU E 77 -6.81 21.33 45.31
C GLU E 77 -5.62 21.63 44.40
N GLY E 78 -5.75 22.46 43.38
CA GLY E 78 -4.63 22.78 42.52
C GLY E 78 -4.06 21.76 41.58
N LEU E 79 -4.40 21.94 40.30
CA LEU E 79 -4.00 21.09 39.19
C LEU E 79 -2.80 21.60 38.41
N PRO E 80 -1.72 20.83 38.31
CA PRO E 80 -0.54 21.21 37.58
C PRO E 80 -0.86 21.46 36.12
N PRO E 81 -0.31 22.51 35.55
CA PRO E 81 -0.49 22.83 34.14
C PRO E 81 0.16 21.71 33.29
N ILE E 82 -0.11 21.72 32.00
CA ILE E 82 0.48 20.72 31.11
C ILE E 82 1.98 20.96 30.96
N LEU E 83 2.79 19.95 31.06
CA LEU E 83 4.22 19.95 30.90
C LEU E 83 4.97 19.95 32.21
N ASN E 84 4.22 20.21 33.29
CA ASN E 84 4.89 20.18 34.60
C ASN E 84 5.41 18.78 34.87
N ALA E 85 6.41 18.67 35.73
CA ALA E 85 6.98 17.39 36.14
C ALA E 85 6.46 17.07 37.55
N LEU E 86 5.95 15.88 37.77
CA LEU E 86 5.43 15.50 39.08
C LEU E 86 6.38 14.45 39.65
N GLU E 87 6.60 14.37 40.93
CA GLU E 87 7.50 13.36 41.51
C GLU E 87 6.63 12.35 42.24
N VAL E 88 6.88 11.08 42.01
CA VAL E 88 6.05 10.04 42.69
C VAL E 88 6.65 9.82 44.07
N GLN E 89 5.83 9.82 45.11
CA GLN E 89 6.33 9.65 46.47
C GLN E 89 6.50 8.23 46.95
N GLY E 90 7.62 7.91 47.61
CA GLY E 90 7.85 6.57 48.14
C GLY E 90 8.45 5.57 47.17
N ARG E 91 9.50 5.96 46.45
CA ARG E 91 10.10 5.03 45.50
C ARG E 91 11.62 4.97 45.53
N GLU E 92 12.16 3.77 45.66
CA GLU E 92 13.61 3.58 45.67
C GLU E 92 14.33 4.65 44.85
N THR E 93 13.79 4.89 43.65
CA THR E 93 14.42 5.89 42.79
C THR E 93 13.41 6.94 42.34
N ARG E 94 13.97 7.96 41.72
CA ARG E 94 13.18 9.08 41.24
C ARG E 94 12.32 8.74 40.04
N LEU E 95 11.01 8.94 40.19
CA LEU E 95 10.06 8.69 39.12
C LEU E 95 9.40 10.04 38.77
N VAL E 96 9.75 10.56 37.60
CA VAL E 96 9.18 11.83 37.16
C VAL E 96 8.11 11.52 36.10
N LEU E 97 6.91 12.04 36.33
CA LEU E 97 5.76 11.91 35.48
C LEU E 97 5.54 13.22 34.73
N GLU E 98 5.72 13.36 33.44
CA GLU E 98 5.45 14.67 32.85
C GLU E 98 3.97 14.81 32.61
N VAL E 99 3.35 15.97 32.81
CA VAL E 99 1.92 16.12 32.52
C VAL E 99 1.65 16.29 31.04
N ALA E 100 0.55 15.67 30.56
CA ALA E 100 0.27 15.79 29.13
C ALA E 100 -1.12 16.30 28.81
N GLN E 101 -2.09 16.10 29.71
CA GLN E 101 -3.44 16.54 29.43
C GLN E 101 -4.23 16.75 30.71
N HIS E 102 -5.29 17.53 30.58
CA HIS E 102 -6.23 17.82 31.66
C HIS E 102 -7.55 17.12 31.34
N LEU E 103 -7.64 15.84 31.73
CA LEU E 103 -8.81 15.05 31.47
C LEU E 103 -10.06 15.63 32.11
N GLY E 104 -9.97 16.67 32.92
CA GLY E 104 -11.23 17.18 33.52
C GLY E 104 -11.52 16.36 34.77
N GLU E 105 -12.17 16.98 35.75
CA GLU E 105 -12.49 16.36 37.02
C GLU E 105 -11.25 16.31 37.90
N SER E 106 -10.43 17.33 37.83
CA SER E 106 -9.22 17.37 38.65
C SER E 106 -8.27 16.23 38.36
N THR E 107 -8.26 15.68 37.15
CA THR E 107 -7.30 14.59 36.95
C THR E 107 -6.41 14.95 35.78
N VAL E 108 -5.14 14.66 35.90
CA VAL E 108 -4.18 14.89 34.84
C VAL E 108 -3.76 13.52 34.25
N ARG E 109 -3.38 13.53 32.98
CA ARG E 109 -2.89 12.34 32.31
C ARG E 109 -1.41 12.60 32.05
N THR E 110 -0.56 11.78 32.64
CA THR E 110 0.88 11.98 32.47
C THR E 110 1.60 10.79 31.85
N ILE E 111 2.85 11.00 31.43
CA ILE E 111 3.64 9.91 30.89
C ILE E 111 4.86 9.72 31.79
N ALA E 112 5.08 8.51 32.31
CA ALA E 112 6.20 8.23 33.23
C ALA E 112 7.57 8.37 32.60
N MET E 113 8.62 8.83 33.28
CA MET E 113 9.91 8.91 32.60
C MET E 113 10.75 7.67 32.89
N ASP E 114 10.15 6.72 33.58
CA ASP E 114 10.82 5.45 33.90
C ASP E 114 9.79 4.41 34.33
N GLY E 115 10.11 3.14 34.48
CA GLY E 115 9.21 2.10 34.86
C GLY E 115 8.18 2.40 35.90
N THR E 116 6.91 2.14 35.61
CA THR E 116 5.81 2.36 36.54
C THR E 116 5.54 1.10 37.36
N GLU E 117 6.44 0.15 37.23
CA GLU E 117 6.35 -1.16 37.89
C GLU E 117 6.10 -0.95 39.36
N GLY E 118 5.08 -1.57 39.96
CA GLY E 118 4.94 -1.34 41.42
C GLY E 118 4.06 -0.21 41.85
N LEU E 119 3.80 0.80 41.03
CA LEU E 119 2.93 1.89 41.45
C LEU E 119 1.62 1.33 42.00
N VAL E 120 1.00 2.15 42.85
CA VAL E 120 -0.23 1.79 43.49
C VAL E 120 -1.29 2.86 43.40
N ARG E 121 -2.50 2.44 43.03
CA ARG E 121 -3.58 3.44 42.93
C ARG E 121 -3.63 4.05 44.33
N GLY E 122 -3.65 5.37 44.36
CA GLY E 122 -3.68 6.04 45.67
C GLY E 122 -2.28 6.54 45.99
N GLN E 123 -1.23 5.99 45.42
CA GLN E 123 0.13 6.47 45.72
C GLN E 123 0.16 7.98 45.66
N LYS E 124 1.07 8.62 46.39
CA LYS E 124 1.16 10.08 46.44
C LYS E 124 2.08 10.65 45.37
N VAL E 125 1.65 11.79 44.83
CA VAL E 125 2.38 12.50 43.78
C VAL E 125 2.43 14.01 44.11
N LEU E 126 3.66 14.53 44.06
CA LEU E 126 3.93 15.90 44.36
C LEU E 126 4.22 16.76 43.16
N ASP E 127 3.33 17.71 42.85
CA ASP E 127 3.59 18.59 41.71
C ASP E 127 4.87 19.37 41.89
N SER E 128 5.90 19.16 41.09
CA SER E 128 7.10 19.97 41.32
C SER E 128 6.83 21.40 40.85
N GLY E 129 5.59 21.68 40.48
CA GLY E 129 5.21 23.00 40.01
C GLY E 129 6.01 23.53 38.84
N ALA E 130 6.58 22.68 38.00
CA ALA E 130 7.35 23.10 36.83
C ALA E 130 7.76 21.90 36.00
N PRO E 131 8.08 22.13 34.75
CA PRO E 131 8.53 21.11 33.84
C PRO E 131 9.87 20.59 34.37
N ILE E 132 10.33 19.52 33.74
CA ILE E 132 11.63 18.92 34.07
C ILE E 132 12.68 20.01 33.94
N ARG E 133 13.40 20.19 35.06
CA ARG E 133 14.48 21.18 35.13
C ARG E 133 15.80 20.43 35.37
N ILE E 134 16.86 20.95 34.80
CA ILE E 134 18.15 20.26 34.94
C ILE E 134 19.32 21.19 35.24
N PRO E 135 20.35 20.64 35.86
CA PRO E 135 21.54 21.39 36.16
C PRO E 135 22.09 21.80 34.79
N VAL E 136 22.35 23.06 34.59
CA VAL E 136 22.90 23.67 33.39
C VAL E 136 24.17 24.45 33.76
N GLY E 137 25.07 24.64 32.79
CA GLY E 137 26.28 25.39 33.10
C GLY E 137 27.53 24.57 32.85
N PRO E 138 28.68 25.09 33.23
CA PRO E 138 29.99 24.52 33.04
C PRO E 138 30.23 23.19 33.72
N GLU E 139 29.76 23.05 34.95
CA GLU E 139 29.99 21.80 35.69
C GLU E 139 29.25 20.61 35.14
N THR E 140 28.69 20.76 33.96
CA THR E 140 27.97 19.70 33.28
C THR E 140 28.95 19.12 32.23
N LEU E 141 29.82 20.01 31.76
CA LEU E 141 30.78 19.59 30.74
C LEU E 141 31.52 18.37 31.27
N GLY E 142 31.64 17.32 30.47
CA GLY E 142 32.30 16.09 30.80
C GLY E 142 31.53 15.09 31.66
N ARG E 143 30.34 15.50 32.10
CA ARG E 143 29.53 14.60 32.89
C ARG E 143 28.52 13.91 31.99
N ILE E 144 27.96 12.79 32.48
CA ILE E 144 26.95 12.09 31.69
C ILE E 144 25.62 12.28 32.45
N MET E 145 24.60 12.69 31.68
CA MET E 145 23.33 12.93 32.38
C MET E 145 22.09 12.36 31.73
N ASN E 146 21.24 12.02 32.65
CA ASN E 146 19.91 11.46 32.57
C ASN E 146 19.02 12.48 31.87
N VAL E 147 17.75 12.18 31.73
CA VAL E 147 16.73 12.99 31.09
C VAL E 147 16.24 14.12 31.99
N ILE E 148 16.26 13.82 33.27
CA ILE E 148 15.85 14.76 34.33
C ILE E 148 17.06 15.29 35.08
N GLY E 149 18.14 15.45 34.29
CA GLY E 149 19.40 15.94 34.73
C GLY E 149 20.00 15.22 35.92
N GLU E 150 20.12 13.90 35.84
CA GLU E 150 20.78 13.15 36.91
C GLU E 150 22.08 12.58 36.34
N PRO E 151 23.00 12.32 37.23
CA PRO E 151 24.30 11.79 36.87
C PRO E 151 24.19 10.28 36.70
N ILE E 152 24.76 9.81 35.61
CA ILE E 152 24.75 8.37 35.32
C ILE E 152 26.17 7.88 35.01
N ASP E 153 27.18 8.59 35.50
CA ASP E 153 28.58 8.30 35.32
C ASP E 153 29.21 8.04 36.69
N GLU E 154 28.36 8.18 37.71
CA GLU E 154 28.78 7.92 39.08
C GLU E 154 29.91 8.78 39.61
N ARG E 155 30.00 10.03 39.16
CA ARG E 155 31.01 10.97 39.59
C ARG E 155 30.35 11.96 40.55
N GLY E 156 29.36 11.50 41.30
CA GLY E 156 28.69 12.38 42.25
C GLY E 156 27.77 13.38 41.58
N PRO E 157 27.19 14.26 42.36
CA PRO E 157 26.24 15.26 41.95
C PRO E 157 26.68 16.30 40.94
N ILE E 158 25.76 16.58 40.02
CA ILE E 158 26.11 17.66 39.05
C ILE E 158 25.72 18.93 39.82
N LYS E 159 26.76 19.60 40.33
CA LYS E 159 26.52 20.80 41.13
C LYS E 159 26.69 22.09 40.34
N THR E 160 25.59 22.61 39.82
CA THR E 160 25.66 23.86 39.08
C THR E 160 24.91 24.91 39.91
N LYS E 161 24.90 26.15 39.44
CA LYS E 161 24.16 27.19 40.16
C LYS E 161 22.74 27.26 39.58
N GLN E 162 22.65 27.21 38.25
CA GLN E 162 21.37 27.28 37.59
C GLN E 162 20.83 25.90 37.17
N PHE E 163 19.51 25.87 37.17
CA PHE E 163 18.66 24.75 36.75
C PHE E 163 17.88 25.27 35.55
N ALA E 164 17.63 24.49 34.52
CA ALA E 164 16.91 25.04 33.36
C ALA E 164 15.77 24.13 32.93
N ALA E 165 14.54 24.61 32.98
CA ALA E 165 13.41 23.79 32.55
C ALA E 165 13.64 23.41 31.08
N ILE E 166 13.40 22.16 30.74
CA ILE E 166 13.62 21.69 29.39
C ILE E 166 12.62 22.15 28.35
N HIS E 167 11.36 22.36 28.77
CA HIS E 167 10.38 22.81 27.78
C HIS E 167 10.47 24.34 27.67
N ALA E 168 11.15 24.84 26.66
CA ALA E 168 11.34 26.26 26.45
C ALA E 168 10.83 26.70 25.08
N GLU E 169 10.38 27.93 24.95
CA GLU E 169 9.88 28.35 23.62
C GLU E 169 11.08 28.77 22.77
N ALA E 170 10.86 29.14 21.51
CA ALA E 170 12.04 29.50 20.70
C ALA E 170 12.18 30.98 20.41
N PRO E 171 13.41 31.38 20.14
CA PRO E 171 13.83 32.71 19.83
C PRO E 171 12.91 33.56 18.98
N GLU E 172 12.11 34.43 19.61
CA GLU E 172 11.21 35.33 18.96
C GLU E 172 11.86 35.88 17.69
N PHE E 173 11.04 36.23 16.73
CA PHE E 173 11.48 36.77 15.45
C PHE E 173 12.51 37.89 15.55
N VAL E 174 12.29 38.73 16.55
CA VAL E 174 13.16 39.88 16.77
C VAL E 174 14.47 39.49 17.42
N GLU E 175 14.70 38.20 17.66
CA GLU E 175 15.96 37.75 18.25
C GLU E 175 16.72 37.07 17.12
N MET E 176 15.94 36.75 16.07
CA MET E 176 16.53 36.08 14.93
C MET E 176 17.70 36.86 14.35
N SER E 177 18.70 36.15 13.86
CA SER E 177 19.80 36.84 13.20
C SER E 177 19.25 36.98 11.76
N VAL E 178 19.62 38.00 11.04
CA VAL E 178 19.10 38.17 9.69
C VAL E 178 20.07 37.65 8.66
N GLU E 179 21.20 37.11 9.13
CA GLU E 179 22.16 36.66 8.12
C GLU E 179 22.89 35.35 8.29
N GLN E 180 23.18 34.81 7.11
CA GLN E 180 23.85 33.58 6.84
C GLN E 180 25.38 33.71 6.86
N GLU E 181 25.99 33.02 7.81
CA GLU E 181 27.42 32.98 8.01
C GLU E 181 27.89 31.52 8.08
N ILE E 182 28.99 31.21 7.40
CA ILE E 182 29.45 29.82 7.50
C ILE E 182 30.13 29.62 8.85
N LEU E 183 29.96 28.47 9.47
CA LEU E 183 30.67 28.21 10.74
C LEU E 183 31.87 27.35 10.28
N VAL E 184 33.11 27.76 10.52
CA VAL E 184 34.25 26.95 10.07
C VAL E 184 34.64 25.91 11.11
N THR E 185 34.95 24.71 10.59
CA THR E 185 35.30 23.57 11.45
C THR E 185 36.77 23.23 11.25
N GLY E 186 37.32 23.75 10.12
CA GLY E 186 38.72 23.46 9.83
C GLY E 186 38.86 22.18 9.03
N ILE E 187 37.74 21.60 8.58
CA ILE E 187 37.79 20.37 7.78
C ILE E 187 37.62 20.69 6.31
N LYS E 188 38.72 20.47 5.58
CA LYS E 188 38.78 20.76 4.16
C LYS E 188 37.60 20.36 3.33
N VAL E 189 37.04 19.15 3.45
CA VAL E 189 35.90 18.78 2.61
C VAL E 189 34.67 19.60 3.09
N VAL E 190 34.44 19.46 4.39
CA VAL E 190 33.30 20.10 5.00
C VAL E 190 33.28 21.58 4.69
N ASP E 191 34.36 22.26 5.03
CA ASP E 191 34.43 23.71 4.81
C ASP E 191 34.49 24.06 3.33
N LEU E 192 35.01 23.21 2.46
CA LEU E 192 35.08 23.62 1.05
C LEU E 192 33.83 23.29 0.24
N LEU E 193 33.26 22.10 0.38
CA LEU E 193 32.13 21.71 -0.43
C LEU E 193 30.77 21.66 0.23
N ALA E 194 30.71 21.46 1.54
CA ALA E 194 29.41 21.41 2.22
C ALA E 194 29.47 22.19 3.54
N PRO E 195 29.71 23.48 3.45
CA PRO E 195 29.85 24.37 4.56
C PRO E 195 28.69 24.35 5.55
N TYR E 196 29.07 24.12 6.81
CA TYR E 196 28.05 24.12 7.88
C TYR E 196 27.52 25.54 7.96
N ALA E 197 26.44 25.81 8.64
CA ALA E 197 25.91 27.17 8.74
C ALA E 197 25.78 27.51 10.20
N LYS E 198 26.06 28.76 10.59
CA LYS E 198 25.92 29.03 12.04
C LYS E 198 24.48 28.85 12.46
N GLY E 199 24.16 28.11 13.50
CA GLY E 199 22.77 28.01 13.94
C GLY E 199 21.93 27.04 13.11
N GLY E 200 22.48 26.56 12.00
CA GLY E 200 21.88 25.62 11.11
C GLY E 200 21.87 24.19 11.61
N LYS E 201 21.25 23.29 10.82
CA LYS E 201 21.16 21.87 11.16
C LYS E 201 21.78 21.02 10.07
N ILE E 202 22.62 20.08 10.51
CA ILE E 202 23.30 19.24 9.53
C ILE E 202 22.90 17.77 9.67
N GLY E 203 22.63 17.19 8.51
CA GLY E 203 22.26 15.78 8.44
C GLY E 203 23.52 14.95 8.20
N LEU E 204 23.94 14.23 9.23
CA LEU E 204 25.11 13.37 9.15
C LEU E 204 24.67 11.94 8.83
N PHE E 205 24.95 11.54 7.60
CA PHE E 205 24.65 10.24 7.05
C PHE E 205 25.90 9.34 7.12
N GLY E 206 25.69 8.04 6.98
CA GLY E 206 26.79 7.06 7.04
C GLY E 206 26.83 6.62 8.52
N GLY E 207 27.29 5.39 8.78
CA GLY E 207 27.33 4.92 10.16
C GLY E 207 28.70 4.44 10.61
N ALA E 208 28.79 3.11 10.73
CA ALA E 208 29.99 2.47 11.19
C ALA E 208 31.08 2.17 10.16
N GLY E 209 32.26 2.00 10.76
CA GLY E 209 33.44 1.66 9.96
C GLY E 209 33.92 2.95 9.29
N VAL E 210 32.92 3.73 8.92
CA VAL E 210 33.26 5.05 8.32
C VAL E 210 33.37 5.87 9.62
N GLY E 211 34.40 6.64 9.79
CA GLY E 211 34.71 7.41 10.95
C GLY E 211 33.75 8.28 11.69
N LYS E 212 32.47 7.94 11.70
CA LYS E 212 31.48 8.74 12.39
C LYS E 212 31.97 9.25 13.74
N THR E 213 32.37 8.42 14.69
CA THR E 213 32.73 8.96 16.00
C THR E 213 33.98 9.79 16.09
N VAL E 214 34.88 9.60 15.14
CA VAL E 214 36.12 10.39 15.17
C VAL E 214 35.84 11.75 14.59
N LEU E 215 34.91 11.84 13.66
CA LEU E 215 34.50 13.08 13.02
C LEU E 215 33.66 13.89 14.02
N ILE E 216 32.86 13.18 14.79
CA ILE E 216 32.05 13.91 15.79
C ILE E 216 32.99 14.51 16.82
N MET E 217 34.07 13.79 17.09
CA MET E 217 35.04 14.24 18.09
C MET E 217 36.01 15.29 17.59
N GLU E 218 36.32 15.32 16.30
CA GLU E 218 37.20 16.38 15.81
C GLU E 218 36.40 17.69 15.79
N LEU E 219 35.15 17.63 15.29
CA LEU E 219 34.30 18.81 15.26
C LEU E 219 34.30 19.42 16.68
N ILE E 220 34.03 18.58 17.68
CA ILE E 220 34.02 19.05 19.07
C ILE E 220 35.29 19.88 19.34
N ASN E 221 36.42 19.20 19.25
CA ASN E 221 37.72 19.81 19.45
C ASN E 221 37.80 21.09 18.63
N ASN E 222 37.70 21.01 17.33
CA ASN E 222 37.77 22.22 16.50
C ASN E 222 36.77 23.29 16.88
N VAL E 223 35.69 22.95 17.59
CA VAL E 223 34.75 24.06 17.96
C VAL E 223 35.38 24.73 19.17
N ALA E 224 35.89 23.92 20.11
CA ALA E 224 36.57 24.49 21.27
C ALA E 224 37.72 25.39 20.79
N LYS E 225 38.57 24.85 19.95
CA LYS E 225 39.70 25.57 19.42
C LYS E 225 39.36 26.88 18.71
N ALA E 226 38.78 26.77 17.51
CA ALA E 226 38.50 27.96 16.74
C ALA E 226 37.35 28.81 17.19
N HIS E 227 36.50 28.42 18.13
CA HIS E 227 35.39 29.35 18.41
C HIS E 227 35.18 29.44 19.90
N GLY E 228 36.06 28.79 20.63
CA GLY E 228 35.92 28.84 22.11
C GLY E 228 34.52 28.40 22.52
N GLY E 229 33.86 27.67 21.61
CA GLY E 229 32.49 27.18 21.93
C GLY E 229 32.62 25.73 22.41
N TYR E 230 31.73 25.36 23.30
CA TYR E 230 31.63 24.03 23.84
C TYR E 230 30.56 23.22 23.09
N SER E 231 30.49 21.91 23.34
CA SER E 231 29.48 21.07 22.71
C SER E 231 28.78 20.12 23.67
N VAL E 232 27.54 19.77 23.28
CA VAL E 232 26.70 18.83 24.00
C VAL E 232 26.46 17.58 23.14
N PHE E 233 26.22 16.48 23.86
CA PHE E 233 25.94 15.26 23.10
C PHE E 233 24.70 14.60 23.71
N ALA E 234 23.69 14.58 22.84
CA ALA E 234 22.42 13.98 23.25
C ALA E 234 22.25 12.65 22.48
N GLY E 235 22.25 11.55 23.24
CA GLY E 235 22.08 10.23 22.59
C GLY E 235 20.60 9.91 22.77
N VAL E 236 19.81 10.04 21.71
CA VAL E 236 18.35 9.75 21.78
C VAL E 236 18.15 8.27 21.41
N GLY E 237 17.80 7.45 22.39
CA GLY E 237 17.67 6.01 22.13
C GLY E 237 19.07 5.42 21.84
N GLU E 238 20.03 5.66 22.72
CA GLU E 238 21.39 5.16 22.55
C GLU E 238 21.48 3.71 23.05
N ARG E 239 22.30 2.90 22.40
CA ARG E 239 22.44 1.51 22.92
C ARG E 239 23.40 1.57 24.11
N THR E 240 22.98 1.28 25.33
CA THR E 240 23.89 1.34 26.47
C THR E 240 25.32 0.91 26.16
N ARG E 241 25.50 -0.15 25.39
CA ARG E 241 26.83 -0.60 25.02
C ARG E 241 27.58 0.52 24.29
N GLU E 242 26.94 1.07 23.28
CA GLU E 242 27.51 2.13 22.47
C GLU E 242 27.70 3.44 23.21
N GLY E 243 27.00 3.73 24.30
CA GLY E 243 27.26 5.04 24.96
C GLY E 243 28.59 4.93 25.72
N ASN E 244 28.64 3.88 26.53
CA ASN E 244 29.81 3.59 27.37
C ASN E 244 31.06 3.54 26.50
N ASP E 245 30.88 3.09 25.28
CA ASP E 245 32.00 3.00 24.33
C ASP E 245 32.32 4.38 23.76
N LEU E 246 31.31 5.25 23.74
CA LEU E 246 31.52 6.60 23.21
C LEU E 246 32.22 7.37 24.34
N TYR E 247 31.77 7.10 25.55
CA TYR E 247 32.34 7.73 26.73
C TYR E 247 33.85 7.56 26.78
N HIS E 248 34.31 6.33 26.97
CA HIS E 248 35.74 6.03 27.03
C HIS E 248 36.52 6.47 25.80
N GLU E 249 35.87 6.59 24.66
CA GLU E 249 36.57 6.99 23.45
C GLU E 249 36.83 8.48 23.39
N MET E 250 35.98 9.25 24.03
CA MET E 250 36.15 10.71 24.06
C MET E 250 37.26 10.96 25.08
N ILE E 251 37.14 10.23 26.19
CA ILE E 251 38.08 10.27 27.29
C ILE E 251 39.50 10.04 26.78
N GLU E 252 39.74 8.90 26.13
CA GLU E 252 41.04 8.58 25.60
C GLU E 252 41.56 9.63 24.61
N SER E 253 40.66 10.37 23.97
CA SER E 253 41.07 11.41 23.02
C SER E 253 41.04 12.79 23.68
N GLY E 254 40.80 12.79 24.98
CA GLY E 254 40.75 13.99 25.75
C GLY E 254 39.51 14.82 25.76
N VAL E 255 38.74 14.96 24.69
CA VAL E 255 37.53 15.81 24.73
C VAL E 255 36.85 15.75 26.09
N ILE E 256 37.04 14.66 26.81
CA ILE E 256 36.51 14.56 28.16
C ILE E 256 37.74 14.39 29.07
N ASN E 257 37.69 15.06 30.22
CA ASN E 257 38.81 14.98 31.17
C ASN E 257 38.24 14.73 32.57
N LEU E 258 38.55 13.58 33.14
CA LEU E 258 38.01 13.22 34.46
C LEU E 258 38.80 13.82 35.62
N LYS E 259 40.05 14.16 35.34
CA LYS E 259 40.98 14.74 36.29
C LYS E 259 40.84 16.24 36.46
N ASP E 260 40.76 16.96 35.34
CA ASP E 260 40.68 18.41 35.48
C ASP E 260 39.33 19.03 35.16
N ALA E 261 39.35 20.19 34.50
CA ALA E 261 38.17 20.93 34.09
C ALA E 261 38.37 21.44 32.65
N THR E 262 38.87 20.55 31.82
CA THR E 262 39.10 20.86 30.42
C THR E 262 38.21 20.05 29.49
N SER E 263 37.15 19.47 30.04
CA SER E 263 36.21 18.68 29.22
C SER E 263 35.51 19.62 28.24
N LYS E 264 35.41 19.27 26.96
CA LYS E 264 34.73 20.19 26.03
C LYS E 264 33.37 19.64 25.63
N VAL E 265 32.87 18.63 26.34
CA VAL E 265 31.58 18.06 26.00
C VAL E 265 30.79 17.66 27.25
N ALA E 266 29.48 17.84 27.17
CA ALA E 266 28.62 17.37 28.27
C ALA E 266 27.82 16.23 27.61
N LEU E 267 27.68 15.07 28.25
CA LEU E 267 26.91 14.03 27.53
C LEU E 267 25.54 13.85 28.14
N VAL E 268 24.50 13.85 27.29
CA VAL E 268 23.14 13.61 27.79
C VAL E 268 22.65 12.31 27.18
N TYR E 269 22.19 11.36 28.00
CA TYR E 269 21.78 10.08 27.42
C TYR E 269 20.36 9.64 27.58
N GLY E 270 19.74 9.12 26.52
CA GLY E 270 18.37 8.56 26.57
C GLY E 270 18.52 7.13 26.01
N GLN E 271 18.93 6.19 26.86
CA GLN E 271 19.15 4.81 26.47
C GLN E 271 17.90 4.12 25.95
N MET E 272 18.13 3.09 25.14
CA MET E 272 17.04 2.35 24.50
C MET E 272 16.10 1.64 25.45
N ASN E 273 16.46 1.37 26.69
CA ASN E 273 15.57 0.70 27.60
C ASN E 273 14.57 1.71 28.18
N GLU E 274 14.89 3.00 28.09
CA GLU E 274 14.02 4.02 28.74
C GLU E 274 12.69 4.02 28.04
N PRO E 275 11.62 4.37 28.73
CA PRO E 275 10.27 4.39 28.19
C PRO E 275 10.16 5.50 27.15
N PRO E 276 9.20 5.42 26.27
CA PRO E 276 8.96 6.36 25.21
C PRO E 276 9.16 7.82 25.61
N GLY E 277 8.47 8.27 26.65
CA GLY E 277 8.54 9.62 27.19
C GLY E 277 9.94 10.11 27.47
N ALA E 278 10.85 9.28 27.98
CA ALA E 278 12.24 9.62 28.27
C ALA E 278 13.05 9.78 27.00
N ARG E 279 12.92 8.81 26.10
CA ARG E 279 13.72 8.92 24.84
C ARG E 279 13.07 10.03 24.04
N ALA E 280 11.90 10.46 24.53
CA ALA E 280 11.17 11.51 23.81
C ALA E 280 11.74 12.89 24.13
N ARG E 281 11.97 13.10 25.44
CA ARG E 281 12.49 14.34 25.97
C ARG E 281 13.99 14.48 26.00
N VAL E 282 14.78 13.43 26.24
CA VAL E 282 16.22 13.64 26.30
C VAL E 282 16.76 14.55 25.21
N ALA E 283 16.17 14.70 24.03
CA ALA E 283 16.89 15.58 23.09
C ALA E 283 16.64 17.01 23.53
N LEU E 284 15.53 17.24 24.23
CA LEU E 284 15.22 18.60 24.71
C LEU E 284 16.22 18.91 25.83
N THR E 285 16.38 17.99 26.78
CA THR E 285 17.35 18.18 27.85
C THR E 285 18.70 18.61 27.30
N GLY E 286 19.19 17.87 26.31
CA GLY E 286 20.49 18.19 25.71
C GLY E 286 20.39 19.61 25.16
N LEU E 287 19.24 19.90 24.57
CA LEU E 287 19.02 21.23 24.00
C LEU E 287 19.18 22.28 25.09
N THR E 288 18.54 22.05 26.25
CA THR E 288 18.56 22.98 27.36
C THR E 288 19.98 23.38 27.73
N VAL E 289 20.78 22.34 27.89
CA VAL E 289 22.20 22.52 28.21
C VAL E 289 22.82 23.42 27.18
N ALA E 290 22.78 23.03 25.90
CA ALA E 290 23.38 23.89 24.86
C ALA E 290 22.87 25.32 24.89
N GLU E 291 21.58 25.55 25.06
CA GLU E 291 21.05 26.91 25.07
C GLU E 291 21.76 27.75 26.12
N TYR E 292 22.19 27.10 27.21
CA TYR E 292 22.91 27.89 28.22
C TYR E 292 24.21 28.48 27.66
N PHE E 293 25.08 27.64 27.08
CA PHE E 293 26.33 28.17 26.56
C PHE E 293 26.12 29.20 25.46
N ARG E 294 24.87 29.57 25.21
CA ARG E 294 24.56 30.58 24.18
C ARG E 294 23.80 31.77 24.76
N ASP E 295 22.78 31.49 25.57
CA ASP E 295 21.96 32.53 26.16
C ASP E 295 22.50 33.07 27.46
N GLN E 296 23.49 32.41 28.03
CA GLN E 296 24.11 32.80 29.27
C GLN E 296 25.57 33.19 29.14
N GLU E 297 26.24 32.68 28.12
CA GLU E 297 27.64 32.89 27.86
C GLU E 297 27.95 33.20 26.41
N GLY E 298 26.91 33.40 25.63
CA GLY E 298 26.97 33.76 24.26
C GLY E 298 28.05 33.15 23.42
N GLN E 299 28.18 31.82 23.55
CA GLN E 299 29.18 31.11 22.72
C GLN E 299 28.46 30.63 21.45
N ASP E 300 29.21 29.83 20.75
CA ASP E 300 28.76 29.10 19.56
C ASP E 300 28.85 27.63 19.99
N VAL E 301 27.74 27.11 20.51
CA VAL E 301 27.67 25.74 20.98
C VAL E 301 27.40 24.84 19.77
N LEU E 302 27.67 23.56 19.96
CA LEU E 302 27.46 22.50 19.01
C LEU E 302 26.45 21.50 19.62
N LEU E 303 25.39 21.19 18.88
CA LEU E 303 24.43 20.21 19.45
C LEU E 303 24.48 18.96 18.55
N PHE E 304 24.64 17.81 19.19
CA PHE E 304 24.68 16.54 18.48
C PHE E 304 23.50 15.68 18.97
N ILE E 305 22.60 15.38 18.03
CA ILE E 305 21.46 14.54 18.37
C ILE E 305 21.69 13.24 17.57
N ASP E 306 21.94 12.16 18.30
CA ASP E 306 22.15 10.85 17.71
C ASP E 306 21.12 9.88 18.28
N ASN E 307 20.14 9.45 17.48
CA ASN E 307 20.03 9.89 16.09
C ASN E 307 18.64 10.51 15.94
N ILE E 308 18.54 11.49 15.06
CA ILE E 308 17.29 12.22 14.87
C ILE E 308 16.05 11.38 14.59
N PHE E 309 16.18 10.16 14.08
CA PHE E 309 15.05 9.30 13.80
C PHE E 309 14.45 8.73 15.08
N ARG E 310 15.29 8.38 16.03
CA ARG E 310 14.76 7.81 17.28
C ARG E 310 14.02 8.82 18.09
N PHE E 311 14.18 10.09 17.69
CA PHE E 311 13.48 11.20 18.39
C PHE E 311 11.99 11.13 18.03
N THR E 312 11.76 11.08 16.73
CA THR E 312 10.52 10.96 16.03
C THR E 312 9.78 9.69 16.44
N GLN E 313 10.53 8.58 16.44
CA GLN E 313 9.93 7.31 16.85
C GLN E 313 9.47 7.44 18.30
N ALA E 314 10.31 8.05 19.15
CA ALA E 314 9.89 8.16 20.57
C ALA E 314 8.58 8.95 20.61
N GLY E 315 8.48 9.92 19.69
CA GLY E 315 7.30 10.78 19.57
C GLY E 315 6.06 9.93 19.29
N SER E 316 6.14 9.08 18.26
CA SER E 316 5.04 8.19 17.93
C SER E 316 4.69 7.28 19.12
N GLU E 317 5.68 6.69 19.77
CA GLU E 317 5.31 5.79 20.88
C GLU E 317 4.47 6.57 21.87
N VAL E 318 4.99 7.75 22.26
CA VAL E 318 4.26 8.55 23.23
C VAL E 318 2.86 8.83 22.68
N SER E 319 2.80 9.22 21.40
CA SER E 319 1.50 9.56 20.84
C SER E 319 0.51 8.42 20.96
N ALA E 320 0.87 7.23 20.49
CA ALA E 320 0.05 6.04 20.53
C ALA E 320 -0.43 5.75 21.95
N LEU E 321 0.49 5.93 22.90
CA LEU E 321 0.14 5.66 24.29
C LEU E 321 -0.96 6.61 24.77
N LEU E 322 -0.92 7.83 24.21
CA LEU E 322 -1.94 8.80 24.63
C LEU E 322 -3.17 8.55 23.77
N GLY E 323 -3.26 7.37 23.17
CA GLY E 323 -4.40 7.06 22.35
C GLY E 323 -4.72 7.98 21.22
N ARG E 324 -3.79 8.69 20.60
CA ARG E 324 -4.20 9.51 19.47
C ARG E 324 -4.03 8.73 18.14
N ILE E 325 -5.00 8.89 17.25
CA ILE E 325 -4.99 8.27 15.93
C ILE E 325 -3.72 8.62 15.17
N PRO E 326 -3.00 7.62 14.71
CA PRO E 326 -1.72 7.84 14.03
C PRO E 326 -1.93 8.55 12.73
N SER E 327 -0.98 9.14 12.03
CA SER E 327 -1.39 9.68 10.71
C SER E 327 -0.70 8.80 9.64
N ALA E 328 -0.50 9.27 8.43
CA ALA E 328 0.12 8.52 7.36
C ALA E 328 1.36 7.75 7.86
N VAL E 329 1.47 6.49 7.47
CA VAL E 329 2.55 5.60 7.79
C VAL E 329 2.65 5.29 9.27
N GLY E 330 1.61 5.61 10.05
CA GLY E 330 1.69 5.25 11.48
C GLY E 330 2.35 6.23 12.39
N TYR E 331 2.93 7.32 11.87
CA TYR E 331 3.55 8.31 12.74
C TYR E 331 2.47 9.09 13.49
N GLN E 332 2.96 10.02 14.33
CA GLN E 332 2.07 10.88 15.09
C GLN E 332 1.42 11.96 14.23
N PRO E 333 0.21 12.35 14.60
CA PRO E 333 -0.58 13.39 13.96
C PRO E 333 0.23 14.69 14.04
N THR E 334 0.94 14.81 15.15
CA THR E 334 1.76 15.98 15.43
C THR E 334 3.22 15.83 15.02
N LEU E 335 3.50 14.99 14.06
CA LEU E 335 4.89 14.79 13.64
C LEU E 335 5.60 16.10 13.37
N ALA E 336 5.01 17.01 12.59
CA ALA E 336 5.62 18.25 12.18
C ALA E 336 5.78 19.27 13.27
N THR E 337 4.91 19.23 14.24
CA THR E 337 5.02 20.20 15.36
C THR E 337 5.98 19.67 16.40
N ASP E 338 5.92 18.36 16.66
CA ASP E 338 6.85 17.76 17.61
C ASP E 338 8.28 18.10 17.21
N MET E 339 8.53 18.17 15.92
CA MET E 339 9.85 18.40 15.34
C MET E 339 10.20 19.87 15.36
N GLY E 340 9.23 20.67 14.88
CA GLY E 340 9.39 22.11 14.83
C GLY E 340 9.59 22.70 16.23
N THR E 341 8.80 22.28 17.21
CA THR E 341 9.05 22.91 18.52
C THR E 341 10.44 22.65 19.01
N MET E 342 11.13 21.64 18.49
CA MET E 342 12.50 21.36 18.94
C MET E 342 13.51 21.97 18.00
N GLN E 343 13.45 21.66 16.71
CA GLN E 343 14.38 22.20 15.73
C GLN E 343 14.55 23.71 15.80
N GLU E 344 13.47 24.43 16.01
CA GLU E 344 13.48 25.89 15.98
C GLU E 344 14.24 26.60 17.08
N ARG E 345 14.49 25.89 18.18
CA ARG E 345 15.26 26.42 19.29
C ARG E 345 16.75 26.37 18.94
N ILE E 346 17.06 25.82 17.76
CA ILE E 346 18.42 25.69 17.29
C ILE E 346 18.60 26.73 16.19
N THR E 347 19.29 27.78 16.59
CA THR E 347 19.60 28.91 15.75
C THR E 347 20.63 29.86 16.37
N THR E 348 20.89 30.88 15.55
CA THR E 348 21.75 31.97 15.88
C THR E 348 20.94 33.16 16.40
N THR E 349 20.91 33.34 17.71
CA THR E 349 20.19 34.53 18.21
C THR E 349 21.21 35.64 18.35
N LYS E 350 20.82 36.81 18.82
CA LYS E 350 21.80 37.91 18.95
C LYS E 350 22.85 37.56 19.98
N LYS E 351 22.52 36.79 21.01
CA LYS E 351 23.44 36.37 22.03
C LYS E 351 24.49 35.38 21.54
N GLY E 352 24.13 34.41 20.72
CA GLY E 352 25.12 33.43 20.21
C GLY E 352 24.43 32.50 19.21
N SER E 353 24.79 31.22 19.18
CA SER E 353 24.15 30.28 18.28
C SER E 353 24.41 28.84 18.65
N ILE E 354 23.41 28.00 18.38
CA ILE E 354 23.57 26.55 18.58
C ILE E 354 23.58 25.96 17.17
N THR E 355 24.54 25.10 16.89
CA THR E 355 24.62 24.43 15.58
C THR E 355 24.43 22.94 15.84
N SER E 356 23.48 22.33 15.12
CA SER E 356 23.25 20.91 15.38
C SER E 356 23.62 19.89 14.34
N VAL E 357 24.42 18.91 14.79
CA VAL E 357 24.78 17.78 13.93
C VAL E 357 23.86 16.62 14.38
N GLN E 358 23.00 16.32 13.42
CA GLN E 358 21.97 15.30 13.61
C GLN E 358 22.19 14.03 12.82
N ALA E 359 22.29 12.93 13.57
CA ALA E 359 22.50 11.65 12.84
C ALA E 359 21.13 11.17 12.36
N ILE E 360 21.04 11.01 11.04
CA ILE E 360 19.80 10.58 10.40
C ILE E 360 19.77 9.12 9.97
N TYR E 361 18.68 8.46 10.32
CA TYR E 361 18.42 7.09 9.92
C TYR E 361 17.27 7.15 8.92
N VAL E 362 17.36 6.68 7.71
CA VAL E 362 16.23 6.76 6.76
C VAL E 362 15.52 5.43 6.70
N PRO E 363 14.29 5.37 7.11
CA PRO E 363 13.55 4.13 7.12
C PRO E 363 13.27 3.60 5.73
N ALA E 364 13.33 2.28 5.59
CA ALA E 364 13.10 1.62 4.32
C ALA E 364 13.88 2.24 3.20
N ASP E 365 14.96 2.96 3.50
CA ASP E 365 15.71 3.59 2.40
C ASP E 365 14.74 4.48 1.61
N ASP E 366 13.65 4.88 2.26
CA ASP E 366 12.64 5.72 1.65
C ASP E 366 12.81 7.18 2.04
N LEU E 367 13.41 7.99 1.17
CA LEU E 367 13.60 9.40 1.49
C LEU E 367 12.32 10.21 1.49
N THR E 368 11.22 9.62 1.03
CA THR E 368 9.95 10.35 1.07
C THR E 368 9.12 9.80 2.24
N ASP E 369 9.74 8.98 3.09
CA ASP E 369 8.99 8.46 4.23
C ASP E 369 8.75 9.68 5.12
N PRO E 370 7.58 9.82 5.69
CA PRO E 370 7.23 10.93 6.56
C PRO E 370 8.29 11.31 7.58
N ALA E 371 9.01 10.34 8.18
CA ALA E 371 10.00 10.71 9.19
C ALA E 371 11.08 11.55 8.54
N PRO E 372 11.79 10.97 7.60
CA PRO E 372 12.87 11.65 6.90
C PRO E 372 12.41 12.92 6.20
N ALA E 373 11.39 12.89 5.37
CA ALA E 373 10.83 14.01 4.66
C ALA E 373 10.60 15.24 5.54
N THR E 374 9.97 14.97 6.68
CA THR E 374 9.72 16.05 7.63
C THR E 374 11.08 16.63 8.01
N THR E 375 11.98 15.75 8.46
CA THR E 375 13.30 16.19 8.88
C THR E 375 14.04 17.07 7.92
N PHE E 376 14.03 16.79 6.62
CA PHE E 376 14.82 17.64 5.73
C PHE E 376 14.30 19.05 5.70
N ALA E 377 13.09 19.26 6.21
CA ALA E 377 12.50 20.61 6.16
C ALA E 377 13.39 21.59 6.90
N HIS E 378 14.12 21.07 7.87
CA HIS E 378 14.97 21.87 8.71
C HIS E 378 16.44 21.85 8.38
N LEU E 379 16.97 20.89 7.65
CA LEU E 379 18.39 20.75 7.38
C LEU E 379 18.96 21.76 6.40
N ASP E 380 20.14 22.31 6.74
CA ASP E 380 20.84 23.28 5.91
C ASP E 380 22.03 22.70 5.19
N ALA E 381 22.28 21.43 5.52
CA ALA E 381 23.38 20.68 4.95
C ALA E 381 23.42 19.24 5.49
N THR E 382 24.00 18.43 4.63
CA THR E 382 24.23 17.02 4.84
C THR E 382 25.72 16.73 4.70
N THR E 383 26.15 15.87 5.59
CA THR E 383 27.54 15.37 5.64
C THR E 383 27.38 13.87 5.43
N VAL E 384 27.64 13.42 4.22
CA VAL E 384 27.49 12.00 3.90
C VAL E 384 28.78 11.20 4.13
N LEU E 385 28.87 10.43 5.20
CA LEU E 385 30.12 9.64 5.36
C LEU E 385 30.07 8.46 4.41
N SER E 386 31.12 8.14 3.63
CA SER E 386 31.08 7.06 2.68
C SER E 386 32.09 5.95 2.83
N ARG E 387 31.65 4.71 2.92
CA ARG E 387 32.51 3.54 3.03
C ARG E 387 33.40 3.37 1.81
N ALA E 388 32.91 3.81 0.68
CA ALA E 388 33.67 3.71 -0.57
C ALA E 388 34.91 4.60 -0.50
N ILE E 389 34.66 5.85 -0.08
CA ILE E 389 35.73 6.83 0.04
C ILE E 389 36.77 6.29 1.02
N ALA E 390 36.28 5.78 2.16
CA ALA E 390 37.18 5.24 3.19
C ALA E 390 38.13 4.24 2.56
N GLU E 391 37.56 3.37 1.72
CA GLU E 391 38.33 2.35 1.03
C GLU E 391 39.44 2.94 0.20
N LEU E 392 39.34 4.22 -0.14
CA LEU E 392 40.43 4.83 -0.91
C LEU E 392 41.50 5.21 0.14
N GLY E 393 41.18 4.95 1.41
CA GLY E 393 42.11 5.29 2.49
C GLY E 393 41.78 6.74 2.90
N ILE E 394 41.09 7.44 2.01
CA ILE E 394 40.70 8.82 2.21
C ILE E 394 39.87 9.04 3.46
N TYR E 395 40.35 9.95 4.30
CA TYR E 395 39.70 10.27 5.57
C TYR E 395 40.06 11.72 5.97
N PRO E 396 39.07 12.45 6.46
CA PRO E 396 37.71 11.98 6.62
C PRO E 396 37.10 11.50 5.29
N ALA E 397 36.38 10.40 5.43
CA ALA E 397 35.68 9.68 4.39
C ALA E 397 34.40 10.35 3.90
N VAL E 398 34.33 11.67 3.98
CA VAL E 398 33.18 12.46 3.52
C VAL E 398 33.09 12.37 2.00
N ASP E 399 31.91 12.29 1.43
CA ASP E 399 31.76 12.22 -0.04
C ASP E 399 31.61 13.65 -0.59
N PRO E 400 32.56 14.12 -1.35
CA PRO E 400 32.61 15.43 -1.94
C PRO E 400 31.54 15.75 -2.97
N LEU E 401 30.85 14.72 -3.48
CA LEU E 401 29.81 14.95 -4.48
C LEU E 401 28.44 14.66 -3.91
N ASP E 402 28.36 13.84 -2.86
CA ASP E 402 27.04 13.55 -2.31
C ASP E 402 26.70 14.46 -1.16
N SER E 403 27.70 14.95 -0.44
CA SER E 403 27.42 15.85 0.69
C SER E 403 26.92 17.21 0.22
N THR E 404 25.96 17.83 0.93
CA THR E 404 25.49 19.10 0.40
C THR E 404 25.29 20.21 1.42
N SER E 405 25.01 21.43 0.94
CA SER E 405 24.80 22.57 1.81
C SER E 405 23.94 23.67 1.18
N ARG E 406 23.04 24.21 2.00
CA ARG E 406 22.17 25.26 1.50
C ARG E 406 22.96 26.55 1.22
N ILE E 407 23.94 26.86 2.06
CA ILE E 407 24.72 28.06 1.92
C ILE E 407 25.78 28.05 0.83
N MET E 408 25.80 27.06 -0.05
CA MET E 408 26.77 27.08 -1.15
C MET E 408 26.15 27.89 -2.31
N ASP E 409 26.09 29.18 -1.99
CA ASP E 409 25.55 30.20 -2.89
C ASP E 409 26.54 31.35 -2.89
N PRO E 410 26.99 31.75 -4.05
CA PRO E 410 27.93 32.84 -4.23
C PRO E 410 27.39 34.07 -3.49
N ASN E 411 26.07 34.17 -3.44
CA ASN E 411 25.45 35.26 -2.73
C ASN E 411 25.65 35.08 -1.22
N ILE E 412 26.29 33.97 -0.84
CA ILE E 412 26.48 33.70 0.60
C ILE E 412 27.91 33.34 0.93
N VAL E 413 28.55 32.56 0.06
CA VAL E 413 29.94 32.20 0.38
C VAL E 413 30.90 33.03 -0.45
N GLY E 414 30.31 33.78 -1.38
CA GLY E 414 31.15 34.62 -2.24
C GLY E 414 31.64 33.81 -3.43
N SER E 415 31.61 34.44 -4.57
CA SER E 415 32.01 33.89 -5.86
C SER E 415 33.26 33.04 -5.84
N GLU E 416 34.30 33.57 -5.18
CA GLU E 416 35.57 32.81 -5.13
C GLU E 416 35.24 31.45 -4.51
N HIS E 417 34.89 31.48 -3.22
CA HIS E 417 34.56 30.23 -2.54
C HIS E 417 33.66 29.36 -3.43
N TYR E 418 32.56 29.94 -3.89
CA TYR E 418 31.60 29.24 -4.74
C TYR E 418 32.23 28.68 -5.99
N ASP E 419 33.12 29.42 -6.66
CA ASP E 419 33.71 28.88 -7.88
C ASP E 419 34.70 27.75 -7.64
N VAL E 420 35.48 27.87 -6.58
CA VAL E 420 36.50 26.84 -6.31
C VAL E 420 35.77 25.51 -6.10
N ALA E 421 34.82 25.59 -5.18
CA ALA E 421 33.98 24.46 -4.80
C ALA E 421 33.38 23.83 -6.04
N ARG E 422 32.72 24.64 -6.86
CA ARG E 422 32.13 24.12 -8.09
C ARG E 422 33.23 23.63 -9.03
N GLY E 423 34.49 24.02 -8.76
CA GLY E 423 35.58 23.60 -9.66
C GLY E 423 36.04 22.19 -9.27
N VAL E 424 36.18 22.04 -7.95
CA VAL E 424 36.58 20.81 -7.31
C VAL E 424 35.61 19.68 -7.68
N GLN E 425 34.31 19.96 -7.57
CA GLN E 425 33.30 18.95 -7.86
C GLN E 425 33.23 18.51 -9.32
N LYS E 426 33.24 19.50 -10.23
CA LYS E 426 33.16 19.12 -11.64
C LYS E 426 34.33 18.18 -11.98
N ILE E 427 35.52 18.63 -11.62
CA ILE E 427 36.72 17.83 -11.93
C ILE E 427 36.51 16.44 -11.35
N LEU E 428 36.06 16.39 -10.09
CA LEU E 428 35.80 15.11 -9.42
C LEU E 428 34.72 14.31 -10.19
N GLN E 429 33.81 15.07 -10.82
CA GLN E 429 32.76 14.42 -11.58
C GLN E 429 33.35 13.85 -12.88
N ASP E 430 34.06 14.71 -13.59
CA ASP E 430 34.65 14.30 -14.87
C ASP E 430 35.49 13.04 -14.72
N TYR E 431 36.37 13.11 -13.71
CA TYR E 431 37.24 11.96 -13.47
C TYR E 431 36.37 10.72 -13.29
N LYS E 432 35.26 10.89 -12.55
CA LYS E 432 34.34 9.77 -12.31
C LYS E 432 33.97 9.12 -13.65
N SER E 433 33.66 9.96 -14.65
CA SER E 433 33.30 9.49 -15.98
C SER E 433 34.40 8.56 -16.53
N LEU E 434 35.57 9.17 -16.64
CA LEU E 434 36.73 8.46 -17.17
C LEU E 434 37.05 7.16 -16.45
N GLN E 435 36.74 7.12 -15.16
CA GLN E 435 37.01 5.94 -14.36
C GLN E 435 36.62 4.65 -15.06
N ASP E 436 35.48 4.66 -15.74
CA ASP E 436 35.01 3.45 -16.42
C ASP E 436 35.93 3.04 -17.57
N ILE E 437 36.32 4.04 -18.35
CA ILE E 437 37.18 3.89 -19.53
C ILE E 437 38.54 3.30 -19.16
N ILE E 438 39.23 4.01 -18.29
CA ILE E 438 40.54 3.64 -17.80
C ILE E 438 40.72 2.15 -17.56
N ALA E 439 39.83 1.58 -16.75
CA ALA E 439 39.87 0.18 -16.40
C ALA E 439 39.66 -0.77 -17.56
N ILE E 440 38.80 -0.37 -18.50
CA ILE E 440 38.50 -1.29 -19.60
C ILE E 440 39.43 -1.16 -20.77
N LEU E 441 39.29 -0.04 -21.47
CA LEU E 441 40.09 0.23 -22.66
C LEU E 441 41.49 0.70 -22.31
N GLY E 442 41.85 0.70 -21.03
CA GLY E 442 43.19 1.12 -20.63
C GLY E 442 43.41 2.61 -20.71
N MET E 443 44.10 3.13 -19.73
CA MET E 443 44.46 4.50 -19.51
C MET E 443 45.13 5.33 -20.55
N ASP E 444 44.98 5.11 -21.88
CA ASP E 444 45.70 5.98 -22.79
C ASP E 444 45.06 6.67 -23.95
N GLU E 445 43.83 6.43 -24.38
CA GLU E 445 43.38 7.25 -25.55
C GLU E 445 43.26 8.68 -25.00
N LEU E 446 43.60 8.72 -23.70
CA LEU E 446 43.59 9.89 -22.85
C LEU E 446 44.37 11.07 -23.43
N SER E 447 43.66 12.19 -23.54
CA SER E 447 44.20 13.40 -24.10
C SER E 447 45.09 14.24 -23.18
N GLU E 448 45.94 15.04 -23.85
CA GLU E 448 46.84 15.94 -23.11
C GLU E 448 45.95 16.64 -22.06
N GLU E 449 44.66 16.66 -22.42
CA GLU E 449 43.61 17.24 -21.61
C GLU E 449 43.01 16.22 -20.65
N ASP E 450 42.59 15.07 -21.18
CA ASP E 450 41.98 14.05 -20.35
C ASP E 450 42.89 13.46 -19.31
N LYS E 451 44.19 13.62 -19.55
CA LYS E 451 45.23 13.10 -18.66
C LYS E 451 45.55 14.08 -17.54
N LEU E 452 45.14 15.33 -17.73
CA LEU E 452 45.35 16.38 -16.75
C LEU E 452 44.20 16.42 -15.74
N THR E 453 42.98 16.25 -16.24
CA THR E 453 41.80 16.24 -15.37
C THR E 453 41.97 15.11 -14.35
N VAL E 454 42.49 13.98 -14.87
CA VAL E 454 42.71 12.83 -14.00
C VAL E 454 43.76 13.18 -12.95
N SER E 455 44.96 13.50 -13.40
CA SER E 455 46.06 13.84 -12.51
C SER E 455 45.63 14.73 -11.35
N ARG E 456 45.12 15.89 -11.72
CA ARG E 456 44.63 16.88 -10.77
C ARG E 456 43.55 16.29 -9.87
N ALA E 457 42.53 15.67 -10.49
CA ALA E 457 41.44 15.05 -9.73
C ALA E 457 41.96 14.13 -8.62
N ARG E 458 42.96 13.32 -9.00
CA ARG E 458 43.58 12.37 -8.10
C ARG E 458 44.39 13.13 -7.04
N LYS E 459 44.86 14.32 -7.40
CA LYS E 459 45.64 15.10 -6.42
C LYS E 459 44.65 15.71 -5.42
N ILE E 460 43.55 16.19 -6.01
CA ILE E 460 42.44 16.80 -5.30
C ILE E 460 41.85 15.79 -4.29
N GLN E 461 41.47 14.62 -4.82
CA GLN E 461 40.87 13.59 -3.97
C GLN E 461 41.69 13.46 -2.69
N ARG E 462 43.01 13.47 -2.87
CA ARG E 462 43.90 13.32 -1.72
C ARG E 462 43.96 14.57 -0.86
N PHE E 463 44.08 15.72 -1.56
CA PHE E 463 44.13 16.99 -0.83
C PHE E 463 42.89 17.17 0.05
N LEU E 464 41.79 16.49 -0.32
CA LEU E 464 40.56 16.53 0.45
C LEU E 464 40.64 15.64 1.69
N SER E 465 41.68 14.82 1.86
CA SER E 465 41.78 13.97 3.06
C SER E 465 42.53 14.76 4.14
N GLN E 466 42.55 14.29 5.39
CA GLN E 466 43.28 15.11 6.38
C GLN E 466 43.37 14.44 7.74
N PRO E 467 44.48 14.68 8.43
CA PRO E 467 44.82 14.18 9.75
C PRO E 467 44.07 14.87 10.87
N PHE E 468 43.41 14.13 11.75
CA PHE E 468 42.68 14.80 12.82
C PHE E 468 43.47 14.82 14.11
N GLN E 469 43.37 15.93 14.83
CA GLN E 469 44.07 16.00 16.12
C GLN E 469 43.39 15.00 17.04
N VAL E 470 42.15 14.64 16.76
CA VAL E 470 41.53 13.66 17.69
C VAL E 470 42.23 12.32 17.59
N ALA E 471 42.74 11.98 16.40
CA ALA E 471 43.42 10.71 16.19
C ALA E 471 44.92 10.90 16.16
N GLU E 472 45.47 11.32 17.29
CA GLU E 472 46.93 11.53 17.39
C GLU E 472 47.45 10.44 18.32
N VAL E 473 46.62 10.18 19.34
CA VAL E 473 46.93 9.12 20.30
C VAL E 473 47.05 7.81 19.48
N PHE E 474 46.58 7.85 18.24
CA PHE E 474 46.59 6.67 17.39
C PHE E 474 47.34 6.75 16.08
N THR E 475 47.16 7.80 15.27
CA THR E 475 47.83 7.80 13.97
C THR E 475 49.31 8.13 14.09
N GLY E 476 49.79 8.41 15.30
CA GLY E 476 51.22 8.73 15.44
C GLY E 476 51.55 9.92 14.53
N HIS E 477 50.48 10.58 14.09
CA HIS E 477 50.63 11.76 13.23
C HIS E 477 49.94 12.96 13.86
N LEU E 478 50.41 14.12 13.47
CA LEU E 478 49.92 15.38 13.98
C LEU E 478 48.68 15.89 13.27
N GLY E 479 47.67 16.24 14.08
CA GLY E 479 46.40 16.72 13.55
C GLY E 479 46.51 18.10 12.92
N LYS E 480 45.74 18.37 11.88
CA LYS E 480 45.70 19.64 11.19
C LYS E 480 44.31 20.29 11.19
N LEU E 481 44.23 21.58 11.52
CA LEU E 481 42.97 22.32 11.49
C LEU E 481 43.07 23.39 10.41
N VAL E 482 43.07 23.04 9.11
CA VAL E 482 43.16 24.00 8.04
C VAL E 482 42.09 25.09 8.09
N PRO E 483 42.47 26.32 7.87
CA PRO E 483 41.64 27.51 7.83
C PRO E 483 40.95 27.66 6.47
N LEU E 484 39.77 28.27 6.49
CA LEU E 484 38.97 28.44 5.29
C LEU E 484 39.72 29.03 4.11
N LYS E 485 40.54 30.03 4.40
CA LYS E 485 41.34 30.78 3.46
C LYS E 485 42.39 29.90 2.76
N GLU E 486 42.96 29.07 3.65
CA GLU E 486 43.97 28.13 3.25
C GLU E 486 43.39 27.02 2.39
N THR E 487 42.14 26.70 2.71
CA THR E 487 41.35 25.69 2.04
C THR E 487 41.07 26.13 0.60
N ILE E 488 40.46 27.32 0.45
CA ILE E 488 40.14 27.78 -0.89
C ILE E 488 41.41 27.97 -1.73
N LYS E 489 42.48 28.48 -1.11
CA LYS E 489 43.71 28.69 -1.88
C LYS E 489 44.25 27.34 -2.37
N GLY E 490 44.36 26.45 -1.37
CA GLY E 490 44.87 25.12 -1.64
C GLY E 490 44.28 24.64 -2.98
N PHE E 491 43.00 24.32 -2.94
CA PHE E 491 42.30 23.80 -4.12
C PHE E 491 42.36 24.71 -5.30
N GLN E 492 42.36 26.02 -5.04
CA GLN E 492 42.43 26.99 -6.13
C GLN E 492 43.60 26.70 -7.07
N GLN E 493 44.79 26.59 -6.47
CA GLN E 493 46.04 26.33 -7.13
C GLN E 493 46.11 24.99 -7.85
N ILE E 494 45.62 23.93 -7.16
CA ILE E 494 45.66 22.61 -7.84
C ILE E 494 44.84 22.73 -9.14
N LEU E 495 43.67 23.39 -8.99
CA LEU E 495 42.83 23.58 -10.17
C LEU E 495 43.64 24.36 -11.21
N ALA E 496 44.23 25.43 -10.67
CA ALA E 496 45.06 26.37 -11.39
C ALA E 496 46.15 25.69 -12.20
N GLY E 497 46.77 24.67 -11.61
CA GLY E 497 47.83 23.93 -12.30
C GLY E 497 49.17 24.26 -11.66
N GLU E 498 49.14 24.97 -10.53
CA GLU E 498 50.36 25.32 -9.83
C GLU E 498 51.15 24.13 -9.31
N TYR E 499 50.56 22.99 -8.97
CA TYR E 499 51.36 21.86 -8.50
C TYR E 499 51.25 20.63 -9.37
N ASP E 500 50.94 20.82 -10.65
CA ASP E 500 50.82 19.64 -11.53
C ASP E 500 52.07 18.79 -11.53
N HIS E 501 53.21 19.45 -11.25
CA HIS E 501 54.46 18.69 -11.21
C HIS E 501 54.50 17.87 -9.94
N LEU E 502 53.98 18.39 -8.83
CA LEU E 502 53.98 17.60 -7.59
C LEU E 502 53.29 16.25 -7.87
N PRO E 503 53.64 15.30 -7.06
CA PRO E 503 53.14 13.93 -7.13
C PRO E 503 51.99 13.71 -6.17
N GLU E 504 51.09 12.80 -6.53
CA GLU E 504 49.93 12.46 -5.76
C GLU E 504 50.19 12.39 -4.25
N GLN E 505 50.90 11.35 -3.86
CA GLN E 505 51.21 11.11 -2.46
C GLN E 505 51.77 12.30 -1.70
N ALA E 506 52.04 13.39 -2.41
CA ALA E 506 52.54 14.57 -1.69
C ALA E 506 51.38 15.21 -0.92
N PHE E 507 50.19 15.03 -1.47
CA PHE E 507 48.97 15.59 -0.92
C PHE E 507 48.20 14.72 0.06
N TYR E 508 48.54 13.42 0.14
CA TYR E 508 47.83 12.54 1.07
C TYR E 508 48.10 12.89 2.54
N MET E 509 47.01 13.04 3.29
CA MET E 509 47.04 13.33 4.71
C MET E 509 47.99 14.44 5.12
N VAL E 510 47.62 15.67 4.79
CA VAL E 510 48.40 16.86 5.13
C VAL E 510 47.41 17.97 5.49
N GLY E 511 47.91 19.14 5.87
CA GLY E 511 46.97 20.23 6.20
C GLY E 511 46.92 21.17 4.97
N PRO E 512 47.56 22.31 5.12
CA PRO E 512 47.67 23.36 4.12
C PRO E 512 48.58 22.96 2.98
N ILE E 513 48.29 23.46 1.79
CA ILE E 513 49.07 23.15 0.59
C ILE E 513 50.57 23.20 0.84
N GLU E 514 51.00 24.10 1.72
CA GLU E 514 52.43 24.24 2.00
C GLU E 514 53.02 22.88 2.37
N GLU E 515 52.19 22.11 3.07
CA GLU E 515 52.63 20.79 3.51
C GLU E 515 52.70 19.83 2.32
N ALA E 516 51.90 20.12 1.30
CA ALA E 516 51.93 19.24 0.12
C ALA E 516 53.27 19.37 -0.59
N VAL E 517 53.81 20.56 -0.48
CA VAL E 517 55.07 20.97 -1.08
C VAL E 517 56.27 20.33 -0.36
N ALA E 518 56.24 20.52 0.95
CA ALA E 518 57.29 19.97 1.81
C ALA E 518 57.29 18.44 1.78
N LYS E 519 56.14 17.79 1.74
CA LYS E 519 56.08 16.32 1.72
C LYS E 519 56.76 15.83 0.43
N ALA E 520 56.56 16.64 -0.60
CA ALA E 520 57.13 16.28 -1.91
C ALA E 520 58.65 16.23 -1.83
N ASP E 521 59.20 17.19 -1.10
CA ASP E 521 60.63 17.34 -0.85
C ASP E 521 61.20 16.08 -0.17
N LYS E 522 60.49 15.71 0.93
CA LYS E 522 60.91 14.52 1.64
C LYS E 522 60.60 13.28 0.78
N LEU E 523 59.85 13.48 -0.29
CA LEU E 523 59.56 12.30 -1.13
C LEU E 523 60.40 12.44 -2.39
N ALA E 524 61.52 13.15 -2.20
CA ALA E 524 62.46 13.37 -3.28
C ALA E 524 61.78 13.86 -4.55
N THR F 59 -44.45 24.94 11.73
CA THR F 59 -43.84 24.51 12.98
C THR F 59 -42.54 25.25 13.26
N THR F 60 -42.28 25.56 14.53
CA THR F 60 -41.05 26.23 14.92
C THR F 60 -40.17 25.35 15.83
N GLY F 61 -38.96 25.07 15.36
CA GLY F 61 -38.05 24.26 16.16
C GLY F 61 -36.95 25.19 16.66
N ARG F 62 -35.99 24.70 17.41
CA ARG F 62 -34.90 25.47 17.94
C ARG F 62 -33.54 24.85 17.65
N ILE F 63 -32.57 25.64 17.25
CA ILE F 63 -31.26 25.06 16.97
C ILE F 63 -30.63 24.53 18.25
N VAL F 64 -30.38 23.22 18.33
CA VAL F 64 -29.79 22.64 19.52
C VAL F 64 -28.27 22.54 19.35
N ALA F 65 -27.80 22.12 18.18
CA ALA F 65 -26.36 21.98 17.98
C ALA F 65 -25.90 22.43 16.63
N VAL F 66 -24.66 22.84 16.49
CA VAL F 66 -24.14 23.30 15.21
C VAL F 66 -22.70 22.81 15.07
N ILE F 67 -22.48 22.11 13.95
CA ILE F 67 -21.15 21.61 13.61
C ILE F 67 -20.98 21.79 12.09
N GLY F 68 -20.23 22.80 11.67
CA GLY F 68 -20.11 22.92 10.22
C GLY F 68 -21.49 23.01 9.59
N ALA F 69 -21.77 22.13 8.61
CA ALA F 69 -23.04 22.18 7.90
C ALA F 69 -24.09 21.26 8.48
N VAL F 70 -23.80 20.73 9.66
CA VAL F 70 -24.80 19.82 10.23
C VAL F 70 -25.41 20.53 11.42
N VAL F 71 -26.66 20.96 11.20
CA VAL F 71 -27.42 21.68 12.23
C VAL F 71 -28.49 20.75 12.81
N ASP F 72 -28.49 20.55 14.11
CA ASP F 72 -29.50 19.71 14.75
C ASP F 72 -30.58 20.63 15.35
N VAL F 73 -31.82 20.44 14.97
CA VAL F 73 -32.94 21.24 15.43
C VAL F 73 -33.99 20.39 16.12
N GLN F 74 -34.46 20.89 17.27
CA GLN F 74 -35.47 20.19 18.06
C GLN F 74 -36.85 20.80 17.90
N PHE F 75 -37.89 20.01 17.77
CA PHE F 75 -39.24 20.54 17.63
C PHE F 75 -40.10 20.06 18.78
N ASP F 76 -41.07 20.88 19.20
CA ASP F 76 -41.96 20.50 20.30
C ASP F 76 -43.24 19.88 19.79
N GLU F 77 -43.85 20.52 18.82
CA GLU F 77 -45.09 19.95 18.27
C GLU F 77 -44.88 19.81 16.77
N GLY F 78 -45.06 18.62 16.18
CA GLY F 78 -44.87 18.58 14.72
C GLY F 78 -43.43 18.61 14.24
N LEU F 79 -42.88 17.41 14.13
CA LEU F 79 -41.56 17.07 13.66
C LEU F 79 -41.66 16.94 12.13
N PRO F 80 -40.83 17.65 11.42
CA PRO F 80 -40.86 17.63 9.98
C PRO F 80 -40.32 16.34 9.43
N PRO F 81 -40.93 15.82 8.38
CA PRO F 81 -40.46 14.62 7.74
C PRO F 81 -39.08 14.88 7.11
N ILE F 82 -38.37 13.79 6.86
CA ILE F 82 -37.07 13.81 6.23
C ILE F 82 -37.17 14.37 4.80
N LEU F 83 -36.23 15.25 4.45
CA LEU F 83 -36.10 15.90 3.18
C LEU F 83 -36.79 17.27 3.15
N ASN F 84 -37.57 17.56 4.17
CA ASN F 84 -38.25 18.85 4.29
C ASN F 84 -37.27 20.00 4.48
N ALA F 85 -37.52 21.15 3.84
CA ALA F 85 -36.62 22.30 3.99
C ALA F 85 -37.10 23.25 5.10
N LEU F 86 -36.27 23.58 6.06
CA LEU F 86 -36.62 24.50 7.14
C LEU F 86 -35.94 25.85 6.93
N GLU F 87 -36.52 26.94 7.36
CA GLU F 87 -35.86 28.25 7.19
C GLU F 87 -35.44 28.71 8.57
N VAL F 88 -34.16 29.00 8.73
CA VAL F 88 -33.64 29.47 10.01
C VAL F 88 -34.16 30.91 10.19
N GLN F 89 -34.58 31.26 11.39
CA GLN F 89 -35.08 32.61 11.61
C GLN F 89 -34.03 33.53 12.20
N GLY F 90 -34.10 34.82 11.85
CA GLY F 90 -33.23 35.84 12.34
C GLY F 90 -31.95 36.00 11.57
N ARG F 91 -31.99 35.98 10.24
CA ARG F 91 -30.81 36.11 9.42
C ARG F 91 -30.89 37.07 8.25
N GLU F 92 -29.77 37.75 7.95
CA GLU F 92 -29.82 38.69 6.81
C GLU F 92 -30.19 37.97 5.53
N THR F 93 -29.74 36.77 5.28
CA THR F 93 -30.18 36.10 4.05
C THR F 93 -30.78 34.72 4.33
N ARG F 94 -31.43 34.21 3.28
CA ARG F 94 -32.06 32.91 3.41
C ARG F 94 -31.13 31.79 3.79
N LEU F 95 -31.45 31.00 4.81
CA LEU F 95 -30.64 29.85 5.18
C LEU F 95 -31.60 28.64 5.30
N VAL F 96 -31.56 27.86 4.23
CA VAL F 96 -32.40 26.66 4.18
C VAL F 96 -31.61 25.47 4.73
N LEU F 97 -32.24 24.68 5.57
CA LEU F 97 -31.79 23.47 6.21
C LEU F 97 -32.57 22.29 5.65
N GLU F 98 -31.93 21.26 5.14
CA GLU F 98 -32.70 20.13 4.62
C GLU F 98 -32.69 18.99 5.63
N VAL F 99 -33.81 18.56 6.16
CA VAL F 99 -33.83 17.48 7.13
C VAL F 99 -33.23 16.20 6.54
N ALA F 100 -32.41 15.52 7.35
CA ALA F 100 -31.74 14.32 6.91
C ALA F 100 -32.13 13.12 7.73
N GLN F 101 -32.50 13.31 9.00
CA GLN F 101 -32.88 12.09 9.74
C GLN F 101 -33.51 12.41 11.07
N HIS F 102 -34.27 11.48 11.63
CA HIS F 102 -34.91 11.71 12.91
C HIS F 102 -34.07 11.00 13.96
N LEU F 103 -33.32 11.76 14.75
CA LEU F 103 -32.47 11.21 15.80
C LEU F 103 -33.30 10.75 16.99
N GLY F 104 -34.61 10.95 16.95
CA GLY F 104 -35.43 10.61 18.11
C GLY F 104 -35.39 11.77 19.13
N GLU F 105 -36.28 11.74 20.12
CA GLU F 105 -36.32 12.82 21.10
C GLU F 105 -36.73 14.11 20.41
N SER F 106 -37.66 13.98 19.46
CA SER F 106 -38.14 15.16 18.77
C SER F 106 -37.03 15.98 18.18
N THR F 107 -35.88 15.39 17.86
CA THR F 107 -34.81 16.15 17.24
C THR F 107 -34.62 15.66 15.81
N VAL F 108 -34.25 16.58 14.94
CA VAL F 108 -33.99 16.26 13.54
C VAL F 108 -32.58 16.71 13.20
N ARG F 109 -31.84 15.86 12.48
CA ARG F 109 -30.50 16.29 12.09
C ARG F 109 -30.65 16.77 10.64
N THR F 110 -30.10 17.93 10.35
CA THR F 110 -30.24 18.58 9.04
C THR F 110 -28.94 19.00 8.42
N ILE F 111 -28.98 19.37 7.15
CA ILE F 111 -27.78 19.79 6.43
C ILE F 111 -27.94 21.23 5.97
N ALA F 112 -27.17 22.21 6.44
CA ALA F 112 -27.41 23.58 5.96
C ALA F 112 -27.19 23.81 4.49
N MET F 113 -27.88 24.74 3.82
CA MET F 113 -27.59 24.96 2.40
C MET F 113 -26.64 26.13 2.17
N ASP F 114 -26.18 26.77 3.25
CA ASP F 114 -25.25 27.87 3.16
C ASP F 114 -24.38 27.94 4.40
N GLY F 115 -23.37 28.76 4.50
CA GLY F 115 -22.55 28.86 5.70
C GLY F 115 -23.38 28.98 6.96
N THR F 116 -22.98 28.33 8.03
CA THR F 116 -23.69 28.30 9.29
C THR F 116 -23.10 29.23 10.34
N GLU F 117 -22.12 30.06 9.95
CA GLU F 117 -21.55 30.97 10.95
C GLU F 117 -22.61 31.91 11.51
N GLY F 118 -22.50 32.21 12.81
CA GLY F 118 -23.51 33.13 13.34
C GLY F 118 -24.67 32.43 13.97
N LEU F 119 -25.02 31.23 13.52
CA LEU F 119 -26.17 30.55 14.17
C LEU F 119 -25.86 30.45 15.68
N VAL F 120 -26.93 30.33 16.45
CA VAL F 120 -26.82 30.22 17.90
C VAL F 120 -27.73 29.13 18.47
N ARG F 121 -27.24 28.39 19.46
CA ARG F 121 -28.11 27.33 20.00
C ARG F 121 -29.35 28.05 20.52
N GLY F 122 -30.50 27.40 20.43
CA GLY F 122 -31.76 27.96 20.84
C GLY F 122 -32.36 28.82 19.73
N GLN F 123 -31.68 29.08 18.63
CA GLN F 123 -32.25 29.91 17.57
C GLN F 123 -33.50 29.30 16.96
N LYS F 124 -34.48 30.07 16.52
CA LYS F 124 -35.70 29.53 15.95
C LYS F 124 -35.56 29.18 14.47
N VAL F 125 -36.14 28.04 14.12
CA VAL F 125 -36.20 27.43 12.82
C VAL F 125 -37.68 27.10 12.51
N LEU F 126 -38.10 27.34 11.29
CA LEU F 126 -39.43 27.13 10.81
C LEU F 126 -39.61 26.08 9.74
N ASP F 127 -40.46 25.08 9.98
CA ASP F 127 -40.66 24.06 8.92
C ASP F 127 -41.24 24.66 7.66
N SER F 128 -40.60 24.61 6.50
CA SER F 128 -41.23 25.18 5.31
C SER F 128 -42.41 24.31 4.91
N GLY F 129 -42.48 23.12 5.49
CA GLY F 129 -43.61 22.25 5.09
C GLY F 129 -43.28 21.43 3.86
N ALA F 130 -42.24 21.70 3.09
CA ALA F 130 -41.92 20.82 1.93
C ALA F 130 -40.40 20.77 1.75
N PRO F 131 -39.90 20.06 0.78
CA PRO F 131 -38.49 19.97 0.43
C PRO F 131 -38.07 21.18 -0.41
N ILE F 132 -36.78 21.44 -0.58
CA ILE F 132 -36.38 22.59 -1.41
C ILE F 132 -37.18 22.51 -2.70
N ARG F 133 -37.90 23.57 -3.04
CA ARG F 133 -38.69 23.68 -4.27
C ARG F 133 -38.14 24.79 -5.15
N ILE F 134 -38.12 24.62 -6.47
CA ILE F 134 -37.54 25.67 -7.28
C ILE F 134 -38.35 26.02 -8.51
N PRO F 135 -38.23 27.23 -8.99
CA PRO F 135 -38.93 27.69 -10.16
C PRO F 135 -38.60 26.76 -11.33
N VAL F 136 -39.65 26.20 -11.94
CA VAL F 136 -39.45 25.36 -13.12
C VAL F 136 -40.42 25.87 -14.20
N GLY F 137 -39.99 25.81 -15.43
CA GLY F 137 -40.71 26.26 -16.61
C GLY F 137 -39.72 26.93 -17.58
N PRO F 138 -40.21 27.47 -18.68
CA PRO F 138 -39.41 28.13 -19.69
C PRO F 138 -38.84 29.45 -19.23
N GLU F 139 -39.36 30.03 -18.14
CA GLU F 139 -38.82 31.30 -17.67
C GLU F 139 -37.47 31.13 -16.94
N THR F 140 -36.93 29.93 -16.89
CA THR F 140 -35.66 29.66 -16.26
C THR F 140 -34.58 29.67 -17.36
N LEU F 141 -35.07 29.63 -18.60
CA LEU F 141 -34.19 29.61 -19.75
C LEU F 141 -33.39 30.90 -19.84
N GLY F 142 -32.08 30.89 -19.90
CA GLY F 142 -31.36 32.16 -19.98
C GLY F 142 -31.13 32.78 -18.61
N ARG F 143 -31.53 32.08 -17.56
CA ARG F 143 -31.31 32.60 -16.20
C ARG F 143 -30.31 31.74 -15.45
N ILE F 144 -29.62 32.35 -14.47
CA ILE F 144 -28.65 31.63 -13.66
C ILE F 144 -29.32 31.44 -12.29
N MET F 145 -29.32 30.25 -11.72
CA MET F 145 -30.02 30.07 -10.41
C MET F 145 -29.19 29.27 -9.44
N ASN F 146 -29.42 29.33 -8.18
CA ASN F 146 -28.93 28.76 -6.98
C ASN F 146 -29.32 27.32 -6.66
N VAL F 147 -28.76 26.73 -5.59
CA VAL F 147 -29.23 25.41 -5.20
C VAL F 147 -30.74 25.46 -4.84
N ILE F 148 -31.09 26.50 -4.09
CA ILE F 148 -32.41 26.78 -3.58
C ILE F 148 -33.24 27.59 -4.57
N GLY F 149 -32.91 27.58 -5.84
CA GLY F 149 -33.63 28.24 -6.86
C GLY F 149 -33.72 29.72 -6.89
N GLU F 150 -32.89 30.50 -6.22
CA GLU F 150 -33.06 31.97 -6.35
C GLU F 150 -32.17 32.45 -7.47
N PRO F 151 -32.56 33.43 -8.25
CA PRO F 151 -31.73 33.96 -9.33
C PRO F 151 -30.46 34.55 -8.73
N ILE F 152 -29.37 34.46 -9.48
CA ILE F 152 -28.09 35.00 -9.05
C ILE F 152 -27.46 35.70 -10.25
N ASP F 153 -28.32 36.17 -11.15
CA ASP F 153 -27.85 36.87 -12.34
C ASP F 153 -28.29 38.33 -12.31
N GLU F 154 -28.73 38.77 -11.14
CA GLU F 154 -29.16 40.14 -10.93
C GLU F 154 -30.13 40.63 -12.00
N ARG F 155 -31.05 39.79 -12.43
CA ARG F 155 -32.02 40.16 -13.44
C ARG F 155 -33.44 40.00 -12.92
N GLY F 156 -33.64 40.09 -11.60
CA GLY F 156 -35.00 39.96 -11.09
C GLY F 156 -35.44 38.56 -10.76
N PRO F 157 -36.69 38.42 -10.35
CA PRO F 157 -37.28 37.15 -9.99
C PRO F 157 -37.56 36.34 -11.24
N ILE F 158 -37.49 35.04 -11.04
CA ILE F 158 -37.79 34.08 -12.10
C ILE F 158 -39.30 33.87 -11.89
N LYS F 159 -40.10 34.48 -12.77
CA LYS F 159 -41.56 34.38 -12.58
C LYS F 159 -42.16 33.23 -13.38
N THR F 160 -42.31 32.12 -12.66
CA THR F 160 -42.80 30.86 -13.12
C THR F 160 -44.18 30.56 -12.51
N LYS F 161 -44.90 29.77 -13.30
CA LYS F 161 -46.23 29.30 -12.92
C LYS F 161 -46.12 28.21 -11.86
N GLN F 162 -45.24 27.25 -12.11
CA GLN F 162 -45.00 26.15 -11.22
C GLN F 162 -43.62 26.17 -10.57
N PHE F 163 -43.57 25.42 -9.48
CA PHE F 163 -42.42 25.17 -8.67
C PHE F 163 -42.22 23.67 -8.52
N ALA F 164 -41.03 23.14 -8.64
CA ALA F 164 -40.79 21.71 -8.46
C ALA F 164 -39.86 21.46 -7.30
N ALA F 165 -40.01 20.36 -6.60
CA ALA F 165 -39.15 20.01 -5.46
C ALA F 165 -37.97 19.22 -6.03
N ILE F 166 -36.78 19.49 -5.54
CA ILE F 166 -35.56 18.87 -6.06
C ILE F 166 -35.46 17.38 -5.76
N HIS F 167 -36.30 16.83 -4.90
CA HIS F 167 -36.24 15.40 -4.60
C HIS F 167 -37.47 14.74 -5.21
N ALA F 168 -37.27 13.89 -6.18
CA ALA F 168 -38.31 13.16 -6.90
C ALA F 168 -37.95 11.68 -7.01
N GLU F 169 -38.85 10.78 -7.41
CA GLU F 169 -38.38 9.38 -7.50
C GLU F 169 -37.91 9.11 -8.91
N ALA F 170 -37.13 8.08 -9.20
CA ALA F 170 -36.69 7.89 -10.59
C ALA F 170 -37.77 7.25 -11.43
N PRO F 171 -37.81 7.55 -12.72
CA PRO F 171 -38.79 6.98 -13.65
C PRO F 171 -38.84 5.47 -13.46
N GLU F 172 -40.02 4.89 -13.57
CA GLU F 172 -40.20 3.47 -13.39
C GLU F 172 -39.69 2.67 -14.56
N PHE F 173 -39.52 1.38 -14.32
CA PHE F 173 -39.06 0.41 -15.30
C PHE F 173 -39.87 0.50 -16.58
N VAL F 174 -41.19 0.40 -16.47
CA VAL F 174 -42.10 0.49 -17.60
C VAL F 174 -41.96 1.83 -18.33
N GLU F 175 -41.37 2.82 -17.69
CA GLU F 175 -41.22 4.13 -18.32
C GLU F 175 -39.96 4.21 -19.15
N MET F 176 -39.04 3.29 -18.99
CA MET F 176 -37.79 3.26 -19.73
C MET F 176 -37.96 3.17 -21.26
N SER F 177 -36.89 3.57 -21.93
CA SER F 177 -36.76 3.58 -23.36
C SER F 177 -35.55 2.74 -23.78
N VAL F 178 -35.56 2.27 -25.01
CA VAL F 178 -34.46 1.43 -25.51
C VAL F 178 -34.13 1.77 -26.94
N GLU F 179 -34.47 2.98 -27.37
CA GLU F 179 -34.09 3.32 -28.77
C GLU F 179 -32.61 3.65 -28.74
N GLN F 180 -31.79 3.18 -29.67
CA GLN F 180 -30.36 3.53 -29.60
C GLN F 180 -29.92 4.24 -30.87
N GLU F 181 -29.80 5.56 -30.81
CA GLU F 181 -29.38 6.33 -32.00
C GLU F 181 -27.98 6.90 -31.78
N ILE F 182 -27.12 6.83 -32.79
CA ILE F 182 -25.77 7.39 -32.58
C ILE F 182 -25.83 8.90 -32.59
N LEU F 183 -25.04 9.55 -31.74
CA LEU F 183 -24.97 11.01 -31.69
C LEU F 183 -23.59 11.37 -32.23
N VAL F 184 -23.45 11.84 -33.46
CA VAL F 184 -22.12 12.18 -33.98
C VAL F 184 -21.67 13.51 -33.40
N THR F 185 -20.42 13.62 -32.98
CA THR F 185 -19.92 14.84 -32.36
C THR F 185 -18.87 15.55 -33.19
N GLY F 186 -18.28 14.90 -34.16
CA GLY F 186 -17.25 15.58 -34.98
C GLY F 186 -15.87 15.38 -34.40
N ILE F 187 -15.82 14.68 -33.27
CA ILE F 187 -14.56 14.38 -32.60
C ILE F 187 -14.12 13.00 -33.12
N LYS F 188 -12.98 12.87 -33.79
CA LYS F 188 -12.56 11.57 -34.33
C LYS F 188 -12.56 10.39 -33.38
N VAL F 189 -11.79 10.41 -32.31
CA VAL F 189 -11.70 9.34 -31.36
C VAL F 189 -13.06 8.91 -30.79
N VAL F 190 -13.85 9.91 -30.40
CA VAL F 190 -15.14 9.61 -29.79
C VAL F 190 -16.00 8.91 -30.83
N ASP F 191 -16.29 9.59 -31.93
CA ASP F 191 -17.09 9.00 -33.00
C ASP F 191 -16.64 7.62 -33.44
N LEU F 192 -15.34 7.42 -33.75
CA LEU F 192 -14.89 6.13 -34.20
C LEU F 192 -14.98 5.00 -33.18
N LEU F 193 -14.37 5.15 -32.02
CA LEU F 193 -14.27 4.19 -30.97
C LEU F 193 -15.29 4.12 -29.86
N ALA F 194 -15.88 5.20 -29.39
CA ALA F 194 -16.86 5.08 -28.28
C ALA F 194 -17.96 6.10 -28.52
N PRO F 195 -18.64 5.98 -29.63
CA PRO F 195 -19.68 6.86 -30.10
C PRO F 195 -20.73 7.18 -29.07
N TYR F 196 -21.18 8.42 -28.96
CA TYR F 196 -22.23 8.74 -27.98
C TYR F 196 -23.59 8.34 -28.59
N ALA F 197 -24.69 8.53 -27.90
CA ALA F 197 -26.01 8.19 -28.39
C ALA F 197 -27.11 9.15 -27.92
N LYS F 198 -27.97 9.51 -28.87
CA LYS F 198 -29.07 10.41 -28.51
C LYS F 198 -29.83 9.85 -27.32
N GLY F 199 -30.16 10.70 -26.38
CA GLY F 199 -30.91 10.36 -25.19
C GLY F 199 -30.09 9.43 -24.30
N GLY F 200 -28.83 9.23 -24.65
CA GLY F 200 -27.98 8.37 -23.84
C GLY F 200 -27.26 9.09 -22.72
N LYS F 201 -26.54 8.34 -21.90
CA LYS F 201 -25.77 8.88 -20.80
C LYS F 201 -24.26 8.77 -21.06
N ILE F 202 -23.60 9.91 -21.24
CA ILE F 202 -22.17 9.96 -21.51
C ILE F 202 -21.36 10.43 -20.33
N GLY F 203 -20.15 9.93 -20.16
CA GLY F 203 -19.32 10.36 -19.02
C GLY F 203 -17.88 10.57 -19.49
N LEU F 204 -17.27 11.66 -19.09
CA LEU F 204 -15.88 11.99 -19.48
C LEU F 204 -15.05 11.86 -18.20
N PHE F 205 -14.27 10.81 -18.03
CA PHE F 205 -13.46 10.62 -16.82
C PHE F 205 -12.12 11.34 -16.95
N GLY F 206 -11.71 12.13 -15.94
CA GLY F 206 -10.42 12.78 -16.13
C GLY F 206 -9.74 13.22 -14.85
N GLY F 207 -8.44 12.99 -14.70
CA GLY F 207 -7.76 13.44 -13.46
C GLY F 207 -7.62 14.96 -13.55
N ALA F 208 -7.02 15.66 -12.59
CA ALA F 208 -6.95 17.11 -12.74
C ALA F 208 -6.24 17.62 -13.98
N GLY F 209 -6.79 18.64 -14.61
CA GLY F 209 -6.32 19.33 -15.76
C GLY F 209 -6.06 18.53 -17.00
N VAL F 210 -6.87 17.49 -17.26
CA VAL F 210 -6.64 16.63 -18.44
C VAL F 210 -7.48 16.95 -19.65
N GLY F 211 -8.63 17.61 -19.53
CA GLY F 211 -9.43 17.93 -20.71
C GLY F 211 -10.91 17.75 -20.50
N LYS F 212 -11.37 17.45 -19.27
CA LYS F 212 -12.81 17.26 -19.10
C LYS F 212 -13.62 18.47 -19.56
N THR F 213 -13.31 19.65 -19.03
CA THR F 213 -14.04 20.86 -19.34
C THR F 213 -13.90 21.33 -20.79
N VAL F 214 -12.69 21.23 -21.31
CA VAL F 214 -12.47 21.66 -22.70
C VAL F 214 -13.33 20.76 -23.59
N LEU F 215 -13.40 19.47 -23.26
CA LEU F 215 -14.21 18.53 -24.06
C LEU F 215 -15.68 18.87 -23.89
N ILE F 216 -16.14 19.26 -22.71
CA ILE F 216 -17.55 19.63 -22.57
C ILE F 216 -17.84 20.87 -23.42
N MET F 217 -16.89 21.81 -23.41
CA MET F 217 -17.07 23.05 -24.17
C MET F 217 -17.15 22.75 -25.64
N GLU F 218 -16.18 22.00 -26.15
CA GLU F 218 -16.21 21.65 -27.58
C GLU F 218 -17.51 20.95 -27.95
N LEU F 219 -18.05 20.07 -27.11
CA LEU F 219 -19.30 19.37 -27.35
C LEU F 219 -20.46 20.37 -27.31
N ILE F 220 -20.38 21.30 -26.36
CA ILE F 220 -21.46 22.31 -26.28
C ILE F 220 -21.47 23.01 -27.64
N ASN F 221 -20.27 23.33 -28.12
CA ASN F 221 -20.11 24.02 -29.41
C ASN F 221 -20.62 23.16 -30.56
N ASN F 222 -20.07 22.00 -30.79
CA ASN F 222 -20.40 21.05 -31.81
C ASN F 222 -21.79 20.42 -31.75
N VAL F 223 -22.43 20.36 -30.58
CA VAL F 223 -23.73 19.71 -30.47
C VAL F 223 -24.81 20.63 -29.93
N ALA F 224 -24.57 21.20 -28.76
CA ALA F 224 -25.57 22.05 -28.14
C ALA F 224 -25.97 23.20 -29.04
N LYS F 225 -24.97 23.85 -29.66
CA LYS F 225 -25.24 25.01 -30.51
C LYS F 225 -26.25 24.77 -31.61
N ALA F 226 -26.23 23.62 -32.27
CA ALA F 226 -27.26 23.41 -33.31
C ALA F 226 -28.25 22.37 -32.83
N HIS F 227 -28.77 22.54 -31.62
CA HIS F 227 -29.71 21.53 -31.11
C HIS F 227 -31.10 22.16 -31.07
N GLY F 228 -32.05 21.45 -31.67
CA GLY F 228 -33.44 22.02 -31.58
C GLY F 228 -33.93 21.48 -30.22
N GLY F 229 -34.28 22.36 -29.30
CA GLY F 229 -34.69 21.75 -27.99
C GLY F 229 -33.84 22.50 -26.96
N TYR F 230 -34.05 22.22 -25.69
CA TYR F 230 -33.32 22.94 -24.66
C TYR F 230 -32.07 22.25 -24.15
N SER F 231 -31.33 22.97 -23.31
CA SER F 231 -30.10 22.54 -22.71
C SER F 231 -30.08 23.04 -21.26
N VAL F 232 -29.42 22.28 -20.41
CA VAL F 232 -29.30 22.69 -19.04
C VAL F 232 -27.84 22.47 -18.64
N PHE F 233 -27.17 23.51 -18.20
CA PHE F 233 -25.79 23.35 -17.77
C PHE F 233 -25.82 23.46 -16.23
N ALA F 234 -25.33 22.46 -15.53
CA ALA F 234 -25.32 22.48 -14.07
C ALA F 234 -23.84 22.45 -13.64
N GLY F 235 -23.43 23.58 -13.04
CA GLY F 235 -22.03 23.68 -12.59
C GLY F 235 -22.05 23.20 -11.13
N VAL F 236 -21.47 22.05 -10.83
CA VAL F 236 -21.41 21.49 -9.50
C VAL F 236 -19.94 21.47 -9.02
N GLY F 237 -19.69 22.16 -7.90
CA GLY F 237 -18.39 22.19 -7.30
C GLY F 237 -17.24 22.62 -8.17
N GLU F 238 -17.48 23.35 -9.26
CA GLU F 238 -16.32 23.75 -10.08
C GLU F 238 -15.93 25.18 -9.89
N ARG F 239 -15.19 25.76 -10.86
CA ARG F 239 -14.71 27.13 -10.67
C ARG F 239 -15.75 28.18 -10.97
N THR F 240 -15.85 29.23 -10.16
CA THR F 240 -16.81 30.30 -10.45
C THR F 240 -16.48 31.02 -11.75
N ARG F 241 -15.20 31.30 -11.99
CA ARG F 241 -14.79 31.99 -13.20
C ARG F 241 -15.31 31.24 -14.42
N GLU F 242 -15.43 29.92 -14.28
CA GLU F 242 -15.87 29.13 -15.43
C GLU F 242 -17.33 29.41 -15.69
N GLY F 243 -18.11 29.54 -14.61
CA GLY F 243 -19.54 29.84 -14.78
C GLY F 243 -19.59 31.16 -15.53
N ASN F 244 -18.75 32.08 -15.03
CA ASN F 244 -18.71 33.40 -15.66
C ASN F 244 -18.20 33.34 -17.09
N ASP F 245 -17.22 32.51 -17.37
CA ASP F 245 -16.69 32.41 -18.73
C ASP F 245 -17.75 31.93 -19.71
N LEU F 246 -18.55 30.98 -19.28
CA LEU F 246 -19.60 30.33 -20.02
C LEU F 246 -20.82 31.19 -20.27
N TYR F 247 -21.34 31.79 -19.21
CA TYR F 247 -22.51 32.66 -19.23
C TYR F 247 -22.36 33.72 -20.31
N HIS F 248 -21.26 34.48 -20.16
CA HIS F 248 -20.95 35.53 -21.11
C HIS F 248 -20.73 35.00 -22.52
N GLU F 249 -20.19 33.80 -22.63
CA GLU F 249 -19.97 33.22 -23.96
C GLU F 249 -21.29 32.81 -24.62
N MET F 250 -22.18 32.33 -23.78
CA MET F 250 -23.51 31.87 -24.16
C MET F 250 -24.31 33.08 -24.65
N ILE F 251 -24.08 34.18 -23.93
CA ILE F 251 -24.74 35.44 -24.30
C ILE F 251 -24.28 35.81 -25.70
N GLU F 252 -22.96 35.87 -25.88
CA GLU F 252 -22.34 36.23 -27.12
C GLU F 252 -22.74 35.46 -28.35
N SER F 253 -22.89 34.15 -28.26
CA SER F 253 -23.28 33.33 -29.42
C SER F 253 -24.81 33.27 -29.52
N GLY F 254 -25.45 34.02 -28.63
CA GLY F 254 -26.87 34.12 -28.56
C GLY F 254 -27.65 32.96 -28.03
N VAL F 255 -27.05 32.03 -27.28
CA VAL F 255 -27.91 30.92 -26.78
C VAL F 255 -28.63 31.45 -25.55
N ILE F 256 -28.04 32.49 -24.95
CA ILE F 256 -28.62 33.20 -23.83
C ILE F 256 -28.94 34.59 -24.48
N ASN F 257 -30.17 35.02 -24.45
CA ASN F 257 -30.56 36.31 -25.02
C ASN F 257 -31.20 37.10 -23.87
N LEU F 258 -30.61 38.24 -23.52
CA LEU F 258 -31.14 39.01 -22.39
C LEU F 258 -32.22 40.00 -22.87
N LYS F 259 -32.51 39.93 -24.16
CA LYS F 259 -33.49 40.83 -24.76
C LYS F 259 -34.81 40.16 -25.04
N ASP F 260 -34.78 39.02 -25.72
CA ASP F 260 -35.96 38.27 -26.04
C ASP F 260 -36.00 36.98 -25.19
N ALA F 261 -37.08 36.27 -25.46
CA ALA F 261 -37.32 34.96 -24.85
C ALA F 261 -36.92 33.97 -25.96
N THR F 262 -35.63 33.83 -26.18
CA THR F 262 -35.17 32.93 -27.24
C THR F 262 -33.98 32.13 -26.74
N SER F 263 -33.76 32.30 -25.42
CA SER F 263 -32.64 31.58 -24.83
C SER F 263 -32.95 30.09 -24.85
N LYS F 264 -31.92 29.31 -25.14
CA LYS F 264 -32.14 27.87 -25.16
C LYS F 264 -31.42 27.17 -24.03
N VAL F 265 -30.84 27.90 -23.08
CA VAL F 265 -30.11 27.30 -21.98
C VAL F 265 -30.50 27.77 -20.59
N ALA F 266 -30.70 26.91 -19.62
CA ALA F 266 -31.00 27.38 -18.24
C ALA F 266 -29.71 27.08 -17.45
N LEU F 267 -29.21 27.95 -16.59
CA LEU F 267 -27.97 27.67 -15.88
C LEU F 267 -28.19 27.51 -14.40
N VAL F 268 -27.60 26.48 -13.78
CA VAL F 268 -27.74 26.27 -12.32
C VAL F 268 -26.30 26.14 -11.82
N TYR F 269 -25.93 26.75 -10.71
CA TYR F 269 -24.55 26.69 -10.22
C TYR F 269 -24.47 26.58 -8.71
N GLY F 270 -23.51 25.82 -8.21
CA GLY F 270 -23.21 25.59 -6.79
C GLY F 270 -21.72 25.22 -6.83
N GLN F 271 -20.85 26.23 -7.00
CA GLN F 271 -19.43 26.03 -7.13
C GLN F 271 -18.57 25.75 -5.91
N MET F 272 -17.27 25.65 -6.18
CA MET F 272 -16.16 25.38 -5.33
C MET F 272 -16.05 26.22 -4.07
N ASN F 273 -16.77 27.31 -4.06
CA ASN F 273 -16.80 28.19 -2.90
C ASN F 273 -17.97 27.89 -1.99
N GLU F 274 -18.92 27.03 -2.35
CA GLU F 274 -20.05 26.80 -1.44
C GLU F 274 -19.74 25.79 -0.36
N PRO F 275 -20.48 25.85 0.73
CA PRO F 275 -20.34 24.88 1.83
C PRO F 275 -20.82 23.54 1.23
N PRO F 276 -20.40 22.41 1.74
CA PRO F 276 -20.69 21.09 1.31
C PRO F 276 -22.13 20.81 0.93
N GLY F 277 -23.10 21.11 1.78
CA GLY F 277 -24.49 20.88 1.50
C GLY F 277 -24.97 21.47 0.19
N ALA F 278 -24.46 22.63 -0.22
CA ALA F 278 -24.90 23.26 -1.46
C ALA F 278 -24.40 22.43 -2.63
N ARG F 279 -23.15 22.00 -2.53
CA ARG F 279 -22.52 21.21 -3.57
C ARG F 279 -23.17 19.84 -3.63
N ALA F 280 -23.68 19.39 -2.49
CA ALA F 280 -24.32 18.10 -2.41
C ALA F 280 -25.69 18.14 -3.05
N ARG F 281 -26.33 19.29 -3.19
CA ARG F 281 -27.64 19.40 -3.81
C ARG F 281 -27.73 20.13 -5.14
N VAL F 282 -26.86 21.04 -5.57
CA VAL F 282 -27.06 21.67 -6.85
C VAL F 282 -27.33 20.68 -8.00
N ALA F 283 -26.71 19.49 -7.98
CA ALA F 283 -26.93 18.56 -9.10
C ALA F 283 -28.43 18.26 -9.17
N LEU F 284 -28.94 17.89 -7.98
CA LEU F 284 -30.38 17.65 -7.94
C LEU F 284 -31.12 18.84 -8.55
N THR F 285 -30.71 20.07 -8.25
CA THR F 285 -31.38 21.26 -8.76
C THR F 285 -31.28 21.39 -10.26
N GLY F 286 -30.10 21.21 -10.85
CA GLY F 286 -30.01 21.35 -12.31
C GLY F 286 -30.87 20.24 -12.90
N LEU F 287 -30.76 19.11 -12.23
CA LEU F 287 -31.49 17.91 -12.65
C LEU F 287 -32.97 18.17 -12.77
N THR F 288 -33.57 18.74 -11.72
CA THR F 288 -34.99 19.04 -11.70
C THR F 288 -35.39 19.93 -12.87
N VAL F 289 -34.60 20.99 -13.09
CA VAL F 289 -34.93 21.89 -14.21
C VAL F 289 -35.08 21.06 -15.47
N ALA F 290 -34.12 20.19 -15.74
CA ALA F 290 -34.12 19.33 -16.92
C ALA F 290 -35.35 18.43 -16.91
N GLU F 291 -35.65 17.79 -15.78
CA GLU F 291 -36.83 16.91 -15.73
C GLU F 291 -38.09 17.67 -16.20
N TYR F 292 -38.27 18.94 -15.81
CA TYR F 292 -39.45 19.66 -16.30
C TYR F 292 -39.56 19.64 -17.82
N PHE F 293 -38.50 20.02 -18.53
CA PHE F 293 -38.62 20.05 -19.99
C PHE F 293 -38.90 18.67 -20.53
N ARG F 294 -38.30 17.64 -19.95
CA ARG F 294 -38.54 16.29 -20.43
C ARG F 294 -39.98 15.83 -20.34
N ASP F 295 -40.55 15.82 -19.15
CA ASP F 295 -41.88 15.32 -18.91
C ASP F 295 -43.03 16.27 -19.08
N GLN F 296 -42.86 17.54 -18.69
CA GLN F 296 -43.92 18.53 -18.81
C GLN F 296 -44.00 19.15 -20.18
N GLU F 297 -43.03 18.91 -21.05
CA GLU F 297 -43.09 19.49 -22.39
C GLU F 297 -42.63 18.46 -23.41
N GLY F 298 -42.43 17.22 -22.98
CA GLY F 298 -41.99 16.17 -23.88
C GLY F 298 -40.81 16.59 -24.75
N GLN F 299 -40.01 17.51 -24.27
CA GLN F 299 -38.86 18.08 -24.93
C GLN F 299 -37.59 17.23 -24.98
N ASP F 300 -36.81 17.48 -26.02
CA ASP F 300 -35.53 16.77 -26.14
C ASP F 300 -34.49 17.69 -25.49
N VAL F 301 -34.03 17.24 -24.33
CA VAL F 301 -33.06 17.96 -23.53
C VAL F 301 -31.63 17.47 -23.73
N LEU F 302 -30.73 18.36 -23.37
CA LEU F 302 -29.29 18.23 -23.34
C LEU F 302 -28.95 18.67 -21.90
N LEU F 303 -28.21 17.84 -21.19
CA LEU F 303 -27.89 18.17 -19.81
C LEU F 303 -26.39 18.01 -19.58
N PHE F 304 -25.70 19.11 -19.32
CA PHE F 304 -24.25 19.12 -19.11
C PHE F 304 -24.01 19.37 -17.62
N ILE F 305 -23.13 18.60 -17.02
CA ILE F 305 -22.84 18.77 -15.61
C ILE F 305 -21.32 18.78 -15.48
N ASP F 306 -20.77 19.73 -14.78
CA ASP F 306 -19.30 19.77 -14.54
C ASP F 306 -19.27 20.15 -13.06
N ASN F 307 -18.89 19.30 -12.17
CA ASN F 307 -18.38 17.96 -12.34
C ASN F 307 -19.23 17.08 -11.42
N ILE F 308 -19.69 15.92 -11.80
CA ILE F 308 -20.57 15.16 -10.90
C ILE F 308 -19.86 14.46 -9.78
N PHE F 309 -18.54 14.45 -9.88
CA PHE F 309 -17.70 13.85 -8.85
C PHE F 309 -17.84 14.73 -7.61
N ARG F 310 -17.99 16.04 -7.81
CA ARG F 310 -18.11 16.99 -6.72
C ARG F 310 -19.30 16.72 -5.80
N PHE F 311 -20.40 16.19 -6.34
CA PHE F 311 -21.60 15.86 -5.54
C PHE F 311 -21.27 14.79 -4.50
N THR F 312 -20.51 13.76 -4.97
CA THR F 312 -20.12 12.65 -4.12
C THR F 312 -19.12 13.15 -3.10
N GLN F 313 -18.16 13.95 -3.54
CA GLN F 313 -17.17 14.52 -2.61
C GLN F 313 -17.93 15.31 -1.52
N ALA F 314 -18.89 16.15 -1.98
CA ALA F 314 -19.66 16.93 -1.01
C ALA F 314 -20.26 16.01 0.05
N GLY F 315 -20.77 14.87 -0.43
CA GLY F 315 -21.37 13.89 0.48
C GLY F 315 -20.37 13.39 1.51
N SER F 316 -19.14 13.18 1.00
CA SER F 316 -18.14 12.67 1.92
C SER F 316 -17.79 13.75 2.93
N GLU F 317 -17.99 15.02 2.54
CA GLU F 317 -17.63 16.07 3.50
C GLU F 317 -18.55 16.07 4.69
N VAL F 318 -19.86 15.93 4.51
CA VAL F 318 -20.78 15.98 5.64
C VAL F 318 -20.96 14.66 6.37
N SER F 319 -20.75 13.56 5.64
CA SER F 319 -20.96 12.24 6.21
C SER F 319 -20.43 12.02 7.61
N ALA F 320 -19.21 12.44 7.92
CA ALA F 320 -18.75 12.16 9.32
C ALA F 320 -19.66 12.97 10.25
N LEU F 321 -19.86 14.24 9.85
CA LEU F 321 -20.75 15.05 10.68
C LEU F 321 -22.08 14.34 10.87
N LEU F 322 -22.63 13.64 9.87
CA LEU F 322 -23.93 12.99 10.17
C LEU F 322 -23.69 11.85 11.14
N GLY F 323 -22.44 11.61 11.52
CA GLY F 323 -22.14 10.54 12.46
C GLY F 323 -22.06 9.14 11.87
N ARG F 324 -21.61 8.99 10.62
CA ARG F 324 -21.55 7.65 10.06
C ARG F 324 -20.19 6.99 10.06
N ILE F 325 -20.18 5.67 10.31
CA ILE F 325 -18.87 4.97 10.23
C ILE F 325 -18.51 5.10 8.76
N PRO F 326 -17.30 5.46 8.44
CA PRO F 326 -16.90 5.63 7.05
C PRO F 326 -16.74 4.28 6.38
N SER F 327 -16.86 4.26 5.08
CA SER F 327 -16.67 3.05 4.25
C SER F 327 -15.23 3.10 3.76
N ALA F 328 -14.85 2.51 2.65
CA ALA F 328 -13.47 2.56 2.18
C ALA F 328 -13.02 3.92 1.68
N VAL F 329 -11.77 4.29 1.94
CA VAL F 329 -11.13 5.52 1.51
C VAL F 329 -11.80 6.74 2.18
N GLY F 330 -12.40 6.53 3.32
CA GLY F 330 -13.07 7.59 4.05
C GLY F 330 -14.40 8.04 3.52
N TYR F 331 -14.86 7.40 2.43
CA TYR F 331 -16.13 7.83 1.85
C TYR F 331 -17.24 7.30 2.75
N GLN F 332 -18.37 7.89 2.59
CA GLN F 332 -19.64 7.58 3.23
C GLN F 332 -20.12 6.19 2.79
N PRO F 333 -20.67 5.43 3.70
CA PRO F 333 -21.21 4.11 3.40
C PRO F 333 -22.37 4.21 2.42
N THR F 334 -22.96 5.39 2.23
CA THR F 334 -24.12 5.50 1.34
C THR F 334 -23.80 6.00 -0.04
N LEU F 335 -22.48 5.97 -0.32
CA LEU F 335 -22.02 6.43 -1.62
C LEU F 335 -22.82 5.91 -2.80
N ALA F 336 -22.91 4.62 -3.02
CA ALA F 336 -23.62 4.06 -4.18
C ALA F 336 -25.09 4.40 -4.25
N THR F 337 -25.80 4.25 -3.13
CA THR F 337 -27.22 4.58 -3.17
C THR F 337 -27.38 6.07 -3.45
N ASP F 338 -26.55 6.94 -2.87
CA ASP F 338 -26.66 8.37 -3.14
C ASP F 338 -26.43 8.67 -4.63
N MET F 339 -25.45 7.99 -5.23
CA MET F 339 -25.21 8.21 -6.66
C MET F 339 -26.43 7.70 -7.42
N GLY F 340 -26.90 6.50 -7.02
CA GLY F 340 -28.03 5.85 -7.60
C GLY F 340 -29.36 6.56 -7.67
N THR F 341 -29.92 6.98 -6.54
CA THR F 341 -31.23 7.64 -6.63
C THR F 341 -31.12 8.97 -7.33
N MET F 342 -29.91 9.45 -7.54
CA MET F 342 -29.69 10.71 -8.25
C MET F 342 -29.44 10.42 -9.74
N GLN F 343 -28.48 9.52 -10.02
CA GLN F 343 -28.18 9.16 -11.40
C GLN F 343 -29.42 8.63 -12.12
N GLU F 344 -30.29 7.89 -11.46
CA GLU F 344 -31.48 7.31 -12.05
C GLU F 344 -32.57 8.25 -12.50
N ARG F 345 -32.46 9.55 -12.23
CA ARG F 345 -33.43 10.54 -12.71
C ARG F 345 -32.85 11.19 -13.98
N ILE F 346 -31.53 11.04 -14.16
CA ILE F 346 -30.89 11.59 -15.34
C ILE F 346 -31.08 10.50 -16.41
N THR F 347 -32.23 10.54 -17.06
CA THR F 347 -32.47 9.50 -18.06
C THR F 347 -33.57 9.87 -19.04
N THR F 348 -33.47 9.26 -20.22
CA THR F 348 -34.46 9.43 -21.27
C THR F 348 -35.64 8.55 -20.87
N THR F 349 -36.83 8.87 -21.31
CA THR F 349 -38.02 8.08 -21.01
C THR F 349 -38.96 8.14 -22.22
N LYS F 350 -40.14 7.58 -22.07
CA LYS F 350 -41.13 7.55 -23.13
C LYS F 350 -41.73 8.94 -23.37
N LYS F 351 -41.67 9.78 -22.36
CA LYS F 351 -42.18 11.13 -22.38
C LYS F 351 -41.17 12.08 -23.01
N GLY F 352 -39.92 11.93 -22.64
CA GLY F 352 -38.91 12.86 -23.18
C GLY F 352 -37.52 12.27 -23.21
N SER F 353 -36.64 12.95 -23.92
CA SER F 353 -35.26 12.52 -24.09
C SER F 353 -34.26 13.37 -23.34
N ILE F 354 -33.31 12.77 -22.62
CA ILE F 354 -32.30 13.61 -21.95
C ILE F 354 -30.93 13.15 -22.42
N THR F 355 -30.24 13.89 -23.28
CA THR F 355 -28.86 13.44 -23.63
C THR F 355 -28.03 14.15 -22.53
N SER F 356 -27.31 13.42 -21.69
CA SER F 356 -26.54 14.04 -20.63
C SER F 356 -25.05 13.67 -20.73
N VAL F 357 -24.24 14.70 -20.61
CA VAL F 357 -22.80 14.64 -20.65
C VAL F 357 -22.35 15.11 -19.26
N GLN F 358 -21.66 14.26 -18.52
CA GLN F 358 -21.21 14.54 -17.19
C GLN F 358 -19.69 14.43 -17.04
N ALA F 359 -19.01 15.45 -16.56
CA ALA F 359 -17.56 15.38 -16.37
C ALA F 359 -17.33 14.70 -15.01
N ILE F 360 -16.45 13.73 -14.97
CA ILE F 360 -16.14 12.98 -13.77
C ILE F 360 -14.66 13.06 -13.39
N TYR F 361 -14.39 13.93 -12.43
CA TYR F 361 -13.07 14.17 -11.87
C TYR F 361 -12.62 12.92 -11.09
N VAL F 362 -11.45 12.45 -11.44
CA VAL F 362 -10.81 11.26 -10.87
C VAL F 362 -9.67 11.68 -9.95
N PRO F 363 -9.85 11.52 -8.66
CA PRO F 363 -8.93 11.88 -7.60
C PRO F 363 -7.60 11.13 -7.62
N ALA F 364 -6.52 11.90 -7.58
CA ALA F 364 -5.16 11.38 -7.63
C ALA F 364 -4.98 10.57 -8.90
N ASP F 365 -5.91 10.72 -9.87
CA ASP F 365 -5.80 9.98 -11.13
C ASP F 365 -6.19 8.51 -10.91
N ASP F 366 -6.67 8.15 -9.73
CA ASP F 366 -7.04 6.78 -9.47
C ASP F 366 -8.46 6.42 -9.89
N LEU F 367 -8.61 5.69 -11.01
CA LEU F 367 -9.95 5.27 -11.47
C LEU F 367 -10.51 4.16 -10.59
N THR F 368 -9.72 3.67 -9.62
CA THR F 368 -10.27 2.64 -8.76
C THR F 368 -10.90 3.28 -7.51
N ASP F 369 -10.87 4.61 -7.50
CA ASP F 369 -11.45 5.36 -6.40
C ASP F 369 -12.95 5.11 -6.34
N PRO F 370 -13.48 4.81 -5.18
CA PRO F 370 -14.89 4.59 -5.01
C PRO F 370 -15.73 5.54 -5.82
N ALA F 371 -15.43 6.84 -5.88
CA ALA F 371 -16.32 7.73 -6.63
C ALA F 371 -16.47 7.40 -8.10
N PRO F 372 -15.40 7.50 -8.87
CA PRO F 372 -15.40 7.23 -10.30
C PRO F 372 -15.74 5.75 -10.54
N ALA F 373 -15.14 4.90 -9.70
CA ALA F 373 -15.35 3.47 -9.83
C ALA F 373 -16.84 3.14 -9.87
N THR F 374 -17.65 3.70 -9.02
CA THR F 374 -19.07 3.48 -8.92
C THR F 374 -19.89 4.17 -9.99
N THR F 375 -19.23 4.97 -10.82
CA THR F 375 -19.99 5.75 -11.82
C THR F 375 -20.08 5.06 -13.18
N PHE F 376 -19.11 4.19 -13.46
CA PHE F 376 -19.08 3.50 -14.76
C PHE F 376 -20.42 2.88 -15.04
N ALA F 377 -20.95 2.05 -14.14
CA ALA F 377 -22.22 1.40 -14.29
C ALA F 377 -23.37 2.33 -14.64
N HIS F 378 -23.26 3.63 -14.69
CA HIS F 378 -24.45 4.44 -15.00
C HIS F 378 -24.39 5.04 -16.38
N LEU F 379 -23.33 4.73 -17.11
CA LEU F 379 -23.20 5.38 -18.41
C LEU F 379 -23.43 4.42 -19.54
N ASP F 380 -23.72 4.94 -20.71
CA ASP F 380 -23.91 4.21 -21.92
C ASP F 380 -22.64 4.34 -22.72
N ALA F 381 -21.92 5.45 -22.53
CA ALA F 381 -20.67 5.69 -23.29
C ALA F 381 -19.67 6.36 -22.36
N THR F 382 -18.42 5.95 -22.41
CA THR F 382 -17.48 6.65 -21.50
C THR F 382 -16.23 7.10 -22.23
N THR F 383 -15.78 8.32 -21.93
CA THR F 383 -14.56 8.88 -22.55
C THR F 383 -13.51 9.02 -21.44
N VAL F 384 -12.63 8.04 -21.24
CA VAL F 384 -11.65 8.07 -20.19
C VAL F 384 -10.41 8.83 -20.62
N LEU F 385 -10.15 10.02 -20.07
CA LEU F 385 -9.00 10.83 -20.41
C LEU F 385 -7.77 10.40 -19.61
N SER F 386 -6.60 10.52 -20.25
CA SER F 386 -5.36 10.08 -19.68
C SER F 386 -4.27 11.12 -19.55
N ARG F 387 -3.63 11.20 -18.40
CA ARG F 387 -2.54 12.15 -18.23
C ARG F 387 -1.42 11.69 -19.16
N ALA F 388 -1.10 10.39 -19.14
CA ALA F 388 -0.03 9.87 -20.00
C ALA F 388 -0.18 10.32 -21.45
N ILE F 389 -1.36 10.15 -22.02
CA ILE F 389 -1.57 10.58 -23.39
C ILE F 389 -1.42 12.09 -23.51
N ALA F 390 -2.05 12.85 -22.63
CA ALA F 390 -2.02 14.32 -22.64
C ALA F 390 -0.56 14.79 -22.67
N GLU F 391 0.23 14.13 -21.82
CA GLU F 391 1.64 14.48 -21.74
C GLU F 391 2.37 14.18 -23.03
N LEU F 392 1.83 13.31 -23.86
CA LEU F 392 2.50 13.04 -25.14
C LEU F 392 2.10 14.19 -26.10
N GLY F 393 1.15 15.02 -25.69
CA GLY F 393 0.71 16.08 -26.60
C GLY F 393 -0.48 15.60 -27.40
N ILE F 394 -1.08 14.46 -27.08
CA ILE F 394 -2.26 14.06 -27.88
C ILE F 394 -3.55 14.62 -27.27
N TYR F 395 -4.27 15.50 -27.95
CA TYR F 395 -5.53 16.02 -27.40
C TYR F 395 -6.63 15.81 -28.43
N PRO F 396 -7.80 15.41 -27.97
CA PRO F 396 -8.10 15.15 -26.57
C PRO F 396 -7.37 13.92 -26.07
N ALA F 397 -6.90 13.95 -24.82
CA ALA F 397 -6.14 12.85 -24.27
C ALA F 397 -6.91 11.57 -23.97
N VAL F 398 -7.82 11.16 -24.85
CA VAL F 398 -8.65 9.98 -24.71
C VAL F 398 -7.89 8.67 -24.81
N ASP F 399 -8.13 7.80 -23.85
CA ASP F 399 -7.48 6.47 -23.86
C ASP F 399 -8.34 5.56 -24.76
N PRO F 400 -7.90 5.19 -25.95
CA PRO F 400 -8.62 4.43 -26.94
C PRO F 400 -8.96 3.01 -26.57
N LEU F 401 -8.18 2.44 -25.68
CA LEU F 401 -8.44 1.08 -25.22
C LEU F 401 -9.18 1.07 -23.89
N ASP F 402 -9.62 2.24 -23.42
CA ASP F 402 -10.31 2.29 -22.14
C ASP F 402 -11.64 2.97 -22.28
N SER F 403 -11.96 3.58 -23.39
CA SER F 403 -13.26 4.22 -23.60
C SER F 403 -14.22 3.23 -24.25
N THR F 404 -15.50 3.27 -23.93
CA THR F 404 -16.39 2.25 -24.53
C THR F 404 -17.74 2.88 -24.82
N SER F 405 -18.60 2.15 -25.49
CA SER F 405 -19.94 2.65 -25.81
C SER F 405 -20.86 1.49 -26.16
N ARG F 406 -22.00 1.39 -25.47
CA ARG F 406 -22.94 0.32 -25.76
C ARG F 406 -23.46 0.34 -27.20
N ILE F 407 -23.06 1.27 -28.02
CA ILE F 407 -23.51 1.40 -29.41
C ILE F 407 -22.49 0.78 -30.35
N MET F 408 -21.34 0.42 -29.75
CA MET F 408 -20.29 -0.18 -30.59
C MET F 408 -20.74 -1.59 -30.92
N ASP F 409 -21.81 -1.69 -31.65
CA ASP F 409 -22.43 -2.94 -32.10
C ASP F 409 -22.62 -2.83 -33.61
N PRO F 410 -22.19 -3.85 -34.32
CA PRO F 410 -22.28 -3.91 -35.77
C PRO F 410 -23.70 -3.62 -36.23
N ASN F 411 -24.67 -4.13 -35.45
CA ASN F 411 -26.06 -3.89 -35.87
C ASN F 411 -26.51 -2.47 -35.57
N ILE F 412 -25.62 -1.58 -35.16
CA ILE F 412 -26.05 -0.21 -34.89
C ILE F 412 -25.17 0.81 -35.62
N VAL F 413 -23.85 0.57 -35.64
CA VAL F 413 -22.97 1.54 -36.32
C VAL F 413 -22.61 1.03 -37.71
N GLY F 414 -23.06 -0.19 -38.04
CA GLY F 414 -22.75 -0.82 -39.33
C GLY F 414 -21.43 -1.57 -39.15
N SER F 415 -21.21 -2.61 -39.92
CA SER F 415 -19.98 -3.39 -39.78
C SER F 415 -18.77 -2.62 -40.28
N GLU F 416 -18.98 -1.69 -41.21
CA GLU F 416 -17.80 -0.94 -41.70
C GLU F 416 -17.23 -0.23 -40.47
N HIS F 417 -18.12 0.48 -39.81
CA HIS F 417 -17.73 1.21 -38.61
C HIS F 417 -17.22 0.21 -37.58
N TYR F 418 -17.99 -0.84 -37.31
CA TYR F 418 -17.57 -1.82 -36.32
C TYR F 418 -16.25 -2.46 -36.65
N ASP F 419 -15.85 -2.61 -37.90
CA ASP F 419 -14.57 -3.28 -38.18
C ASP F 419 -13.34 -2.41 -38.15
N VAL F 420 -13.46 -1.12 -38.42
CA VAL F 420 -12.38 -0.14 -38.39
C VAL F 420 -12.10 0.11 -36.90
N ALA F 421 -13.20 0.33 -36.18
CA ALA F 421 -13.14 0.53 -34.74
C ALA F 421 -12.34 -0.61 -34.11
N ARG F 422 -12.78 -1.84 -34.24
CA ARG F 422 -12.04 -2.95 -33.64
C ARG F 422 -10.67 -3.11 -34.28
N GLY F 423 -10.53 -2.57 -35.49
CA GLY F 423 -9.24 -2.70 -36.19
C GLY F 423 -8.20 -1.83 -35.48
N VAL F 424 -8.60 -0.59 -35.24
CA VAL F 424 -7.76 0.39 -34.59
C VAL F 424 -7.37 -0.08 -33.21
N GLN F 425 -8.34 -0.56 -32.43
CA GLN F 425 -8.02 -1.03 -31.08
C GLN F 425 -7.06 -2.20 -31.08
N LYS F 426 -7.24 -3.13 -32.03
CA LYS F 426 -6.38 -4.29 -32.04
C LYS F 426 -4.91 -3.94 -32.28
N ILE F 427 -4.68 -3.02 -33.19
CA ILE F 427 -3.31 -2.59 -33.52
C ILE F 427 -2.73 -1.81 -32.35
N LEU F 428 -3.55 -1.00 -31.64
CA LEU F 428 -3.02 -0.24 -30.52
C LEU F 428 -2.76 -1.16 -29.33
N GLN F 429 -3.57 -2.24 -29.26
CA GLN F 429 -3.38 -3.19 -28.16
C GLN F 429 -2.06 -3.93 -28.37
N ASP F 430 -1.80 -4.28 -29.63
CA ASP F 430 -0.59 -4.98 -30.06
C ASP F 430 0.65 -4.11 -29.84
N TYR F 431 0.51 -2.84 -30.16
CA TYR F 431 1.63 -1.89 -29.97
C TYR F 431 1.94 -1.83 -28.47
N LYS F 432 0.87 -1.77 -27.68
CA LYS F 432 0.90 -1.71 -26.24
C LYS F 432 1.70 -2.85 -25.65
N SER F 433 1.54 -4.07 -26.14
CA SER F 433 2.35 -5.15 -25.55
C SER F 433 3.80 -5.05 -26.00
N LEU F 434 4.09 -4.56 -27.21
CA LEU F 434 5.50 -4.48 -27.60
C LEU F 434 6.25 -3.44 -26.76
N GLN F 435 5.57 -2.43 -26.26
CA GLN F 435 6.14 -1.34 -25.52
C GLN F 435 7.11 -1.59 -24.42
N ASP F 436 6.95 -2.68 -23.72
CA ASP F 436 7.85 -3.04 -22.61
C ASP F 436 9.28 -3.23 -23.09
N ILE F 437 9.47 -4.04 -24.11
CA ILE F 437 10.73 -4.31 -24.77
C ILE F 437 11.18 -3.03 -25.51
N ILE F 438 10.30 -2.36 -26.26
CA ILE F 438 10.70 -1.16 -26.98
C ILE F 438 11.39 -0.20 -25.98
N ALA F 439 10.88 -0.23 -24.75
CA ALA F 439 11.34 0.59 -23.66
C ALA F 439 12.76 0.43 -23.17
N ILE F 440 13.37 -0.76 -23.23
CA ILE F 440 14.74 -0.93 -22.77
C ILE F 440 15.64 -0.95 -24.02
N LEU F 441 15.22 -1.74 -25.00
CA LEU F 441 15.96 -1.90 -26.23
C LEU F 441 15.50 -1.14 -27.45
N GLY F 442 14.47 -0.33 -27.43
CA GLY F 442 14.09 0.39 -28.65
C GLY F 442 13.54 -0.53 -29.71
N MET F 443 13.58 -0.09 -30.96
CA MET F 443 13.05 -0.88 -32.06
C MET F 443 13.95 -1.82 -32.81
N ASP F 444 15.25 -1.62 -32.77
CA ASP F 444 16.22 -2.43 -33.48
C ASP F 444 15.88 -3.90 -33.53
N GLU F 445 15.82 -4.52 -32.37
CA GLU F 445 15.54 -5.95 -32.27
C GLU F 445 14.17 -6.37 -32.74
N LEU F 446 13.30 -5.42 -33.09
CA LEU F 446 11.96 -5.74 -33.55
C LEU F 446 11.92 -6.38 -34.93
N SER F 447 10.92 -7.24 -35.09
CA SER F 447 10.65 -7.91 -36.35
C SER F 447 10.14 -6.88 -37.37
N GLU F 448 10.42 -7.16 -38.63
CA GLU F 448 9.99 -6.27 -39.70
C GLU F 448 8.48 -6.09 -39.61
N GLU F 449 7.84 -7.21 -39.24
CA GLU F 449 6.38 -7.23 -39.13
C GLU F 449 5.95 -6.41 -37.92
N ASP F 450 6.62 -6.68 -36.81
CA ASP F 450 6.30 -5.93 -35.60
C ASP F 450 6.54 -4.45 -35.80
N LYS F 451 7.62 -4.10 -36.49
CA LYS F 451 7.88 -2.67 -36.71
C LYS F 451 6.79 -2.03 -37.56
N LEU F 452 6.03 -2.80 -38.33
CA LEU F 452 5.00 -2.18 -39.15
C LEU F 452 3.77 -1.91 -38.28
N THR F 453 3.59 -2.72 -37.23
CA THR F 453 2.41 -2.44 -36.39
C THR F 453 2.77 -1.13 -35.69
N VAL F 454 3.99 -1.11 -35.15
CA VAL F 454 4.48 0.07 -34.47
C VAL F 454 4.33 1.32 -35.34
N SER F 455 4.71 1.28 -36.61
CA SER F 455 4.59 2.46 -37.44
C SER F 455 3.13 2.88 -37.51
N ARG F 456 2.28 1.95 -37.92
CA ARG F 456 0.85 2.16 -38.07
C ARG F 456 0.17 2.59 -36.78
N ALA F 457 0.56 1.99 -35.67
CA ALA F 457 -0.01 2.31 -34.37
C ALA F 457 0.31 3.76 -33.98
N ARG F 458 1.55 4.19 -34.24
CA ARG F 458 1.98 5.55 -33.93
C ARG F 458 1.35 6.57 -34.85
N LYS F 459 0.90 6.13 -36.04
CA LYS F 459 0.25 7.01 -36.99
C LYS F 459 -1.25 7.07 -36.71
N ILE F 460 -1.76 5.97 -36.17
CA ILE F 460 -3.19 5.90 -35.78
C ILE F 460 -3.35 6.71 -34.50
N GLN F 461 -2.40 6.56 -33.60
CA GLN F 461 -2.37 7.29 -32.33
C GLN F 461 -2.36 8.80 -32.63
N ARG F 462 -1.51 9.23 -33.55
CA ARG F 462 -1.48 10.65 -33.89
C ARG F 462 -2.75 11.04 -34.60
N PHE F 463 -3.23 10.25 -35.56
CA PHE F 463 -4.47 10.65 -36.25
C PHE F 463 -5.67 10.73 -35.35
N LEU F 464 -5.66 10.20 -34.14
CA LEU F 464 -6.76 10.27 -33.19
C LEU F 464 -6.84 11.63 -32.49
N SER F 465 -5.75 12.39 -32.55
CA SER F 465 -5.72 13.71 -31.94
C SER F 465 -6.40 14.70 -32.88
N GLN F 466 -6.78 15.88 -32.40
CA GLN F 466 -7.46 16.84 -33.31
C GLN F 466 -7.61 18.18 -32.62
N PRO F 467 -7.55 19.28 -33.35
CA PRO F 467 -7.69 20.63 -32.85
C PRO F 467 -9.15 21.00 -32.64
N PHE F 468 -9.45 21.51 -31.46
CA PHE F 468 -10.79 21.95 -31.07
C PHE F 468 -10.91 23.47 -31.21
N GLN F 469 -12.06 24.00 -31.62
CA GLN F 469 -12.14 25.46 -31.73
C GLN F 469 -11.74 26.01 -30.34
N VAL F 470 -12.49 25.50 -29.39
CA VAL F 470 -12.30 25.83 -27.98
C VAL F 470 -10.87 25.73 -27.51
N ALA F 471 -9.97 24.97 -28.14
CA ALA F 471 -8.58 24.91 -27.69
C ALA F 471 -7.61 25.53 -28.71
N GLU F 472 -8.13 26.34 -29.63
CA GLU F 472 -7.30 27.01 -30.63
C GLU F 472 -6.17 27.82 -29.99
N VAL F 473 -6.45 28.55 -28.92
CA VAL F 473 -5.44 29.35 -28.27
C VAL F 473 -4.24 28.53 -27.79
N PHE F 474 -4.44 27.20 -27.69
CA PHE F 474 -3.34 26.38 -27.19
C PHE F 474 -2.76 25.48 -28.27
N THR F 475 -3.58 25.05 -29.24
CA THR F 475 -3.01 24.15 -30.24
C THR F 475 -2.23 24.96 -31.27
N GLY F 476 -2.63 26.23 -31.37
CA GLY F 476 -1.97 27.08 -32.35
C GLY F 476 -2.57 26.72 -33.73
N HIS F 477 -3.65 25.95 -33.71
CA HIS F 477 -4.27 25.58 -34.97
C HIS F 477 -5.78 25.82 -34.94
N LEU F 478 -6.32 25.94 -36.14
CA LEU F 478 -7.75 26.16 -36.33
C LEU F 478 -8.58 24.93 -36.01
N GLY F 479 -9.60 25.04 -35.19
CA GLY F 479 -10.43 23.90 -34.83
C GLY F 479 -11.02 23.18 -36.02
N LYS F 480 -11.12 21.85 -35.95
CA LYS F 480 -11.66 21.02 -37.00
C LYS F 480 -12.81 20.15 -36.48
N LEU F 481 -13.78 19.89 -37.34
CA LEU F 481 -14.93 19.03 -37.05
C LEU F 481 -14.94 17.95 -38.14
N VAL F 482 -14.63 16.69 -37.84
CA VAL F 482 -14.61 15.68 -38.89
C VAL F 482 -15.89 14.85 -38.91
N PRO F 483 -16.48 14.73 -40.06
CA PRO F 483 -17.68 13.94 -40.30
C PRO F 483 -17.37 12.45 -40.15
N LEU F 484 -18.30 11.72 -39.55
CA LEU F 484 -18.13 10.29 -39.31
C LEU F 484 -17.55 9.52 -40.47
N LYS F 485 -18.16 9.58 -41.65
CA LYS F 485 -17.64 8.83 -42.79
C LYS F 485 -16.20 9.20 -43.11
N GLU F 486 -15.80 10.41 -42.76
CA GLU F 486 -14.43 10.86 -43.01
C GLU F 486 -13.46 10.18 -42.04
N THR F 487 -14.01 9.90 -40.85
CA THR F 487 -13.27 9.23 -39.79
C THR F 487 -13.14 7.74 -40.10
N ILE F 488 -14.27 7.10 -40.42
CA ILE F 488 -14.24 5.69 -40.73
C ILE F 488 -13.19 5.45 -41.83
N LYS F 489 -13.30 6.27 -42.87
CA LYS F 489 -12.41 6.21 -44.00
C LYS F 489 -10.94 6.40 -43.65
N GLY F 490 -10.59 7.61 -43.25
CA GLY F 490 -9.20 7.95 -42.90
C GLY F 490 -8.53 6.85 -42.09
N PHE F 491 -9.30 6.22 -41.20
CA PHE F 491 -8.74 5.15 -40.38
C PHE F 491 -8.61 3.87 -41.16
N GLN F 492 -9.54 3.61 -42.09
CA GLN F 492 -9.43 2.41 -42.92
C GLN F 492 -8.04 2.41 -43.60
N GLN F 493 -7.88 3.42 -44.46
CA GLN F 493 -6.66 3.59 -45.23
C GLN F 493 -5.43 3.40 -44.38
N ILE F 494 -5.37 4.07 -43.22
CA ILE F 494 -4.18 3.93 -42.37
C ILE F 494 -3.92 2.46 -42.08
N LEU F 495 -5.00 1.80 -41.67
CA LEU F 495 -4.95 0.39 -41.33
C LEU F 495 -4.46 -0.44 -42.52
N ALA F 496 -5.09 -0.13 -43.64
CA ALA F 496 -4.85 -0.77 -44.92
C ALA F 496 -3.51 -0.49 -45.54
N GLY F 497 -2.61 0.23 -44.90
CA GLY F 497 -1.30 0.51 -45.43
C GLY F 497 -1.23 1.50 -46.57
N GLU F 498 -2.27 2.31 -46.77
CA GLU F 498 -2.26 3.29 -47.85
C GLU F 498 -1.46 4.53 -47.52
N TYR F 499 -0.82 4.61 -46.36
CA TYR F 499 -0.07 5.81 -46.00
C TYR F 499 1.20 5.43 -45.25
N ASP F 500 1.65 4.20 -45.43
CA ASP F 500 2.87 3.76 -44.73
C ASP F 500 4.08 4.56 -45.14
N HIS F 501 3.92 5.35 -46.20
CA HIS F 501 5.01 6.18 -46.69
C HIS F 501 5.03 7.52 -45.97
N LEU F 502 3.88 8.04 -45.56
CA LEU F 502 3.89 9.32 -44.88
C LEU F 502 4.58 9.20 -43.51
N PRO F 503 5.07 10.30 -43.01
CA PRO F 503 5.71 10.41 -41.70
C PRO F 503 4.62 10.56 -40.63
N GLU F 504 4.88 10.18 -39.40
CA GLU F 504 3.92 10.28 -38.30
C GLU F 504 3.40 11.72 -38.16
N GLN F 505 4.38 12.62 -38.01
CA GLN F 505 4.09 14.02 -37.81
C GLN F 505 3.07 14.54 -38.79
N ALA F 506 2.90 13.88 -39.92
CA ALA F 506 1.90 14.39 -40.89
C ALA F 506 0.50 14.24 -40.30
N PHE F 507 0.30 13.18 -39.53
CA PHE F 507 -1.00 12.87 -38.96
C PHE F 507 -1.34 13.67 -37.72
N TYR F 508 -0.35 14.15 -36.98
CA TYR F 508 -0.60 14.90 -35.76
C TYR F 508 -1.34 16.20 -36.00
N MET F 509 -2.31 16.43 -35.14
CA MET F 509 -3.15 17.59 -35.13
C MET F 509 -3.75 17.96 -36.47
N VAL F 510 -4.67 17.15 -36.98
CA VAL F 510 -5.33 17.45 -38.25
C VAL F 510 -6.80 17.00 -38.18
N GLY F 511 -7.58 17.34 -39.18
CA GLY F 511 -8.99 16.90 -39.20
C GLY F 511 -8.97 15.64 -40.08
N PRO F 512 -9.54 15.73 -41.27
CA PRO F 512 -9.64 14.69 -42.25
C PRO F 512 -8.30 14.16 -42.74
N ILE F 513 -8.27 12.92 -43.26
CA ILE F 513 -6.98 12.37 -43.70
C ILE F 513 -6.34 13.22 -44.79
N GLU F 514 -7.18 13.77 -45.66
CA GLU F 514 -6.71 14.59 -46.76
C GLU F 514 -5.77 15.67 -46.24
N GLU F 515 -5.98 16.17 -45.05
CA GLU F 515 -5.11 17.19 -44.48
C GLU F 515 -3.78 16.61 -43.99
N ALA F 516 -3.77 15.31 -43.72
CA ALA F 516 -2.58 14.59 -43.24
C ALA F 516 -1.56 14.36 -44.36
N VAL F 517 -2.09 14.22 -45.56
CA VAL F 517 -1.30 14.03 -46.78
C VAL F 517 -0.59 15.34 -47.12
N ALA F 518 -1.40 16.41 -47.08
CA ALA F 518 -0.95 17.77 -47.31
C ALA F 518 0.18 18.09 -46.34
N LYS F 519 -0.12 18.00 -45.03
CA LYS F 519 0.88 18.30 -44.02
C LYS F 519 2.20 17.60 -44.35
N ALA F 520 2.09 16.43 -44.97
CA ALA F 520 3.25 15.63 -45.33
C ALA F 520 4.06 16.33 -46.42
N ASP F 521 3.36 16.96 -47.36
CA ASP F 521 4.03 17.70 -48.44
C ASP F 521 4.75 18.89 -47.82
N LYS F 522 4.00 19.63 -47.01
CA LYS F 522 4.57 20.80 -46.35
C LYS F 522 5.79 20.38 -45.53
N LEU F 523 5.79 19.16 -44.99
CA LEU F 523 6.92 18.70 -44.18
C LEU F 523 8.04 18.35 -45.18
N ALA F 524 7.58 18.18 -46.40
CA ALA F 524 8.43 17.84 -47.52
C ALA F 524 9.14 16.50 -47.30
N ALA G 26 -1.00 -3.00 -9.19
CA ALA G 26 0.41 -3.22 -8.75
C ALA G 26 0.42 -3.90 -7.37
N THR G 27 1.39 -4.76 -7.18
CA THR G 27 1.55 -5.48 -5.91
C THR G 27 3.02 -5.33 -5.50
N LEU G 28 3.29 -5.03 -4.26
CA LEU G 28 4.71 -4.90 -3.88
C LEU G 28 5.46 -6.11 -4.42
N LYS G 29 4.81 -7.28 -4.43
CA LYS G 29 5.48 -8.49 -4.92
C LYS G 29 5.65 -8.48 -6.44
N ASP G 30 4.73 -7.81 -7.10
CA ASP G 30 4.83 -7.70 -8.55
C ASP G 30 5.95 -6.72 -8.91
N ILE G 31 5.91 -5.57 -8.25
CA ILE G 31 6.87 -4.49 -8.46
C ILE G 31 8.27 -4.96 -8.07
N THR G 32 8.31 -5.82 -7.05
CA THR G 32 9.65 -6.27 -6.65
C THR G 32 10.21 -7.27 -7.65
N ARG G 33 9.35 -7.84 -8.50
CA ARG G 33 9.83 -8.81 -9.49
C ARG G 33 10.52 -8.01 -10.60
N ARG G 34 9.74 -7.12 -11.22
CA ARG G 34 10.30 -6.26 -12.26
C ARG G 34 11.60 -5.63 -11.71
N LEU G 35 11.49 -4.77 -10.70
CA LEU G 35 12.69 -4.16 -10.10
C LEU G 35 13.84 -5.15 -9.96
N LYS G 36 13.52 -6.31 -9.35
CA LYS G 36 14.53 -7.34 -9.18
C LYS G 36 15.17 -7.58 -10.56
N SER G 37 14.35 -7.84 -11.57
CA SER G 37 14.87 -8.12 -12.89
C SER G 37 15.40 -6.94 -13.68
N ILE G 38 14.80 -5.76 -13.62
CA ILE G 38 15.35 -4.65 -14.42
C ILE G 38 16.67 -4.24 -13.80
N LYS G 39 16.86 -4.58 -12.52
CA LYS G 39 18.15 -4.23 -11.89
C LYS G 39 19.23 -5.10 -12.51
N ASN G 40 18.89 -6.34 -12.80
CA ASN G 40 19.83 -7.27 -13.43
C ASN G 40 20.12 -6.91 -14.87
N ILE G 41 19.06 -6.75 -15.65
CA ILE G 41 19.15 -6.37 -17.04
C ILE G 41 20.02 -5.14 -17.19
N GLN G 42 19.96 -4.24 -16.21
CA GLN G 42 20.76 -3.02 -16.28
C GLN G 42 22.23 -3.29 -16.09
N LYS G 43 22.58 -4.24 -15.23
CA LYS G 43 23.98 -4.59 -15.00
C LYS G 43 24.54 -5.45 -16.13
N ILE G 44 23.69 -6.30 -16.71
CA ILE G 44 24.11 -7.16 -17.83
C ILE G 44 24.48 -6.22 -19.00
N THR G 45 23.46 -5.48 -19.40
CA THR G 45 23.52 -4.47 -20.45
C THR G 45 24.75 -3.58 -20.25
N LYS G 46 24.96 -3.09 -19.03
CA LYS G 46 26.12 -2.25 -18.76
C LYS G 46 27.42 -3.03 -19.02
N SER G 47 27.46 -4.27 -18.61
CA SER G 47 28.64 -5.11 -18.82
C SER G 47 28.94 -5.36 -20.30
N MET G 48 27.88 -5.57 -21.09
CA MET G 48 27.99 -5.83 -22.50
C MET G 48 28.58 -4.68 -23.30
N LYS G 49 28.43 -3.47 -22.81
CA LYS G 49 28.96 -2.28 -23.46
C LYS G 49 30.47 -2.20 -23.22
N MET G 50 30.88 -2.40 -21.97
CA MET G 50 32.31 -2.39 -21.65
C MET G 50 33.02 -3.42 -22.53
N VAL G 51 32.30 -4.50 -22.81
CA VAL G 51 32.93 -5.51 -23.69
C VAL G 51 32.97 -4.90 -25.10
N ALA G 52 31.82 -4.46 -25.58
CA ALA G 52 31.67 -3.87 -26.88
C ALA G 52 32.65 -2.72 -27.09
N ALA G 53 33.01 -2.03 -26.03
CA ALA G 53 33.97 -0.92 -26.20
C ALA G 53 35.36 -1.52 -26.44
N ALA G 54 35.67 -2.54 -25.64
CA ALA G 54 36.92 -3.25 -25.71
C ALA G 54 37.25 -3.68 -27.14
N LYS G 55 36.44 -4.61 -27.64
CA LYS G 55 36.62 -5.13 -28.99
C LYS G 55 36.72 -3.98 -30.00
N TYR G 56 35.90 -2.96 -29.77
CA TYR G 56 35.88 -1.80 -30.68
C TYR G 56 37.16 -1.00 -30.57
N ALA G 57 37.88 -1.17 -29.45
CA ALA G 57 39.17 -0.44 -29.37
C ALA G 57 40.06 -1.15 -30.40
N ARG G 58 40.28 -2.44 -30.14
CA ARG G 58 41.07 -3.33 -30.97
C ARG G 58 40.79 -3.09 -32.46
N ALA G 59 39.50 -3.10 -32.80
CA ALA G 59 39.01 -2.91 -34.13
C ALA G 59 39.40 -1.60 -34.80
N GLU G 60 39.32 -0.46 -34.13
CA GLU G 60 39.65 0.80 -34.79
C GLU G 60 41.13 0.85 -35.20
N ARG G 61 41.94 0.07 -34.50
CA ARG G 61 43.37 0.00 -34.80
C ARG G 61 43.56 -0.89 -36.02
N GLU G 62 43.12 -2.15 -35.88
CA GLU G 62 43.22 -3.12 -36.95
C GLU G 62 42.55 -2.57 -38.21
N LEU G 63 41.59 -1.68 -38.02
CA LEU G 63 40.88 -1.10 -39.16
C LEU G 63 41.85 -0.25 -39.99
N LYS G 64 42.63 0.55 -39.27
CA LYS G 64 43.58 1.46 -39.91
C LYS G 64 44.18 0.92 -41.19
N PRO G 65 44.93 -0.15 -41.09
CA PRO G 65 45.62 -0.81 -42.16
C PRO G 65 44.74 -1.43 -43.24
N ALA G 66 43.67 -2.10 -42.84
CA ALA G 66 42.76 -2.77 -43.74
C ALA G 66 42.07 -1.89 -44.75
N ARG G 67 42.00 -0.58 -44.53
CA ARG G 67 41.32 0.27 -45.53
C ARG G 67 42.27 0.56 -46.67
N VAL G 68 43.57 0.54 -46.34
CA VAL G 68 44.61 0.73 -47.37
C VAL G 68 44.75 -0.71 -47.95
N TYR G 69 43.66 -1.06 -48.60
CA TYR G 69 43.45 -2.34 -49.23
C TYR G 69 42.08 -2.31 -49.97
N LEU G 102 22.10 -8.78 -30.35
CA LEU G 102 21.62 -7.42 -30.08
C LEU G 102 22.73 -6.42 -30.47
N CYS G 103 22.88 -6.19 -31.78
CA CYS G 103 23.93 -5.30 -32.25
C CYS G 103 23.48 -3.99 -32.83
N GLY G 104 22.41 -3.34 -32.39
CA GLY G 104 22.01 -2.05 -33.00
C GLY G 104 21.19 -2.36 -34.25
N ALA G 105 21.28 -1.56 -35.31
CA ALA G 105 20.51 -1.88 -36.53
C ALA G 105 21.43 -2.47 -37.59
N ILE G 106 22.37 -3.30 -37.18
CA ILE G 106 23.35 -3.92 -38.05
C ILE G 106 22.78 -4.91 -39.05
N HIS G 107 22.54 -6.14 -38.62
CA HIS G 107 22.04 -7.23 -39.44
C HIS G 107 20.82 -6.87 -40.27
N SER G 108 20.01 -5.94 -39.78
CA SER G 108 18.83 -5.56 -40.54
C SER G 108 19.21 -4.60 -41.66
N SER G 109 19.97 -3.56 -41.30
CA SER G 109 20.36 -2.57 -42.32
C SER G 109 20.86 -3.29 -43.55
N VAL G 110 21.70 -4.31 -43.34
CA VAL G 110 22.18 -5.07 -44.51
C VAL G 110 21.02 -5.88 -45.08
N ALA G 111 20.26 -6.53 -44.20
CA ALA G 111 19.13 -7.35 -44.62
C ALA G 111 18.18 -6.64 -45.57
N LYS G 112 17.70 -5.45 -45.21
CA LYS G 112 16.77 -4.74 -46.09
C LYS G 112 17.40 -4.43 -47.44
N GLN G 113 18.49 -3.67 -47.40
CA GLN G 113 19.17 -3.29 -48.64
C GLN G 113 19.73 -4.50 -49.38
N MET G 114 19.53 -5.69 -48.84
CA MET G 114 20.04 -6.88 -49.54
C MET G 114 19.00 -7.32 -50.56
N LYS G 115 17.78 -6.82 -50.40
CA LYS G 115 16.67 -7.15 -51.29
C LYS G 115 16.02 -5.89 -51.86
N LEU G 234 38.03 -10.92 -54.57
CA LEU G 234 37.49 -11.70 -53.46
C LEU G 234 38.23 -11.43 -52.15
N ALA G 235 38.99 -12.40 -51.66
CA ALA G 235 39.75 -12.27 -50.42
C ALA G 235 40.12 -10.81 -50.15
N ASN G 236 41.00 -10.28 -50.96
CA ASN G 236 41.45 -8.89 -50.85
C ASN G 236 40.33 -7.99 -50.33
N ILE G 237 39.14 -8.16 -50.90
CA ILE G 237 37.96 -7.38 -50.51
C ILE G 237 37.15 -8.09 -49.45
N ILE G 238 37.26 -9.41 -49.41
CA ILE G 238 36.54 -10.17 -48.37
C ILE G 238 37.03 -9.69 -47.01
N TYR G 239 38.34 -9.65 -46.81
CA TYR G 239 38.89 -9.19 -45.52
C TYR G 239 38.53 -7.73 -45.29
N TYR G 240 38.21 -6.99 -46.36
CA TYR G 240 37.83 -5.58 -46.24
C TYR G 240 36.45 -5.48 -45.59
N SER G 241 35.44 -5.88 -46.34
CA SER G 241 34.06 -5.86 -45.84
C SER G 241 34.02 -6.52 -44.46
N LEU G 242 34.92 -7.46 -44.21
CA LEU G 242 34.92 -8.08 -42.89
C LEU G 242 35.54 -7.11 -41.87
N LYS G 243 36.81 -6.79 -42.07
CA LYS G 243 37.51 -5.88 -41.16
C LYS G 243 36.76 -4.58 -40.91
N GLU G 244 35.77 -4.24 -41.72
CA GLU G 244 34.98 -3.04 -41.52
C GLU G 244 33.71 -3.36 -40.74
N SER G 245 32.98 -4.37 -41.24
CA SER G 245 31.75 -4.82 -40.66
C SER G 245 31.90 -5.27 -39.21
N THR G 246 33.12 -5.26 -38.67
CA THR G 246 33.25 -5.66 -37.28
C THR G 246 33.50 -4.38 -36.47
N THR G 247 34.08 -3.37 -37.11
CA THR G 247 34.28 -2.13 -36.33
C THR G 247 32.87 -1.54 -36.14
N SER G 248 32.12 -1.53 -37.23
CA SER G 248 30.76 -0.98 -37.22
C SER G 248 29.84 -1.71 -36.26
N GLU G 249 29.99 -3.02 -36.19
CA GLU G 249 29.20 -3.87 -35.31
C GLU G 249 29.61 -3.60 -33.87
N GLN G 250 30.83 -3.93 -33.46
CA GLN G 250 31.26 -3.65 -32.10
C GLN G 250 31.06 -2.18 -31.74
N SER G 251 30.82 -1.34 -32.74
CA SER G 251 30.57 0.08 -32.43
C SER G 251 29.10 0.15 -31.97
N ALA G 252 28.26 -0.38 -32.84
CA ALA G 252 26.84 -0.46 -32.70
C ALA G 252 26.38 -1.15 -31.42
N ARG G 253 26.93 -2.32 -31.13
CA ARG G 253 26.50 -3.01 -29.92
C ARG G 253 26.80 -2.08 -28.75
N MET G 254 28.01 -1.52 -28.76
CA MET G 254 28.45 -0.61 -27.72
C MET G 254 27.42 0.46 -27.43
N THR G 255 27.19 1.41 -28.32
CA THR G 255 26.19 2.44 -28.05
C THR G 255 24.84 1.90 -27.64
N ALA G 256 24.36 0.90 -28.36
CA ALA G 256 23.07 0.28 -28.09
C ALA G 256 22.97 -0.15 -26.63
N MET G 257 23.93 -0.96 -26.18
CA MET G 257 23.90 -1.42 -24.80
C MET G 257 24.16 -0.23 -23.88
N ASP G 258 24.70 0.86 -24.44
CA ASP G 258 24.93 2.02 -23.57
C ASP G 258 23.58 2.63 -23.20
N ASN G 259 22.69 2.76 -24.17
CA ASN G 259 21.37 3.32 -23.95
C ASN G 259 20.42 2.33 -23.30
N ALA G 260 20.66 1.01 -23.44
CA ALA G 260 19.77 0.04 -22.82
C ALA G 260 19.88 0.18 -21.31
N SER G 261 21.08 0.38 -20.79
CA SER G 261 21.18 0.50 -19.32
C SER G 261 20.74 1.91 -18.95
N LYS G 262 20.81 2.77 -19.97
CA LYS G 262 20.39 4.15 -19.68
C LYS G 262 18.89 4.10 -19.48
N ASN G 263 18.22 3.23 -20.22
CA ASN G 263 16.80 3.00 -20.13
C ASN G 263 16.41 2.20 -18.89
N ALA G 264 17.23 1.19 -18.59
CA ALA G 264 16.95 0.34 -17.43
C ALA G 264 17.07 1.18 -16.17
N SER G 265 17.99 2.15 -16.20
CA SER G 265 18.18 3.00 -15.02
C SER G 265 16.98 3.92 -14.87
N GLU G 266 16.49 4.53 -15.94
CA GLU G 266 15.33 5.42 -15.75
C GLU G 266 14.17 4.65 -15.15
N MET G 267 14.14 3.36 -15.43
CA MET G 267 13.08 2.48 -14.95
C MET G 267 13.30 2.04 -13.50
N ILE G 268 14.53 1.70 -13.13
CA ILE G 268 14.78 1.30 -11.75
C ILE G 268 14.49 2.51 -10.86
N ASP G 269 14.66 3.70 -11.43
CA ASP G 269 14.39 4.87 -10.56
C ASP G 269 12.91 5.11 -10.58
N LYS G 270 12.27 4.85 -11.72
CA LYS G 270 10.83 5.00 -11.84
C LYS G 270 10.06 3.98 -11.03
N LEU G 271 10.46 2.71 -11.07
CA LEU G 271 9.73 1.66 -10.34
C LEU G 271 9.87 1.80 -8.84
N THR G 272 11.06 2.23 -8.41
CA THR G 272 11.24 2.38 -6.97
C THR G 272 10.25 3.35 -6.40
N LEU G 273 9.92 4.40 -7.17
CA LEU G 273 8.95 5.40 -6.69
C LEU G 273 7.59 4.77 -6.63
N THR G 274 7.26 3.92 -7.59
CA THR G 274 5.94 3.27 -7.53
C THR G 274 5.90 2.32 -6.37
N PHE G 275 7.03 1.66 -6.14
CA PHE G 275 7.13 0.73 -5.03
C PHE G 275 6.87 1.45 -3.71
N ASN G 276 7.58 2.56 -3.44
CA ASN G 276 7.37 3.30 -2.17
C ASN G 276 6.05 3.99 -2.04
N ARG G 277 5.40 4.40 -3.13
CA ARG G 277 4.08 5.00 -3.01
C ARG G 277 3.12 3.89 -2.53
N THR G 278 3.24 2.73 -3.12
CA THR G 278 2.41 1.58 -2.80
C THR G 278 2.71 1.05 -1.40
N ARG G 279 4.00 0.94 -1.13
CA ARG G 279 4.41 0.44 0.20
C ARG G 279 3.71 1.24 1.28
N GLN G 280 3.81 2.56 1.15
CA GLN G 280 3.21 3.49 2.09
C GLN G 280 1.70 3.35 2.08
N ALA G 281 1.16 3.47 0.87
CA ALA G 281 -0.30 3.31 0.73
C ALA G 281 -0.80 2.02 1.38
N VAL G 282 -0.11 0.89 1.14
CA VAL G 282 -0.64 -0.31 1.78
C VAL G 282 -0.68 -0.13 3.29
N ILE G 283 0.36 0.41 3.93
CA ILE G 283 0.30 0.54 5.38
C ILE G 283 -0.81 1.43 5.91
N THR G 284 -1.07 2.53 5.18
CA THR G 284 -2.09 3.45 5.69
C THR G 284 -3.45 2.81 5.56
N LYS G 285 -3.72 2.22 4.41
CA LYS G 285 -5.00 1.55 4.13
C LYS G 285 -5.38 0.55 5.20
N GLU G 286 -4.44 -0.26 5.67
CA GLU G 286 -4.70 -1.23 6.71
C GLU G 286 -5.08 -0.52 8.00
N LEU G 287 -4.17 0.28 8.54
CA LEU G 287 -4.47 1.03 9.77
C LEU G 287 -5.83 1.70 9.72
N ILE G 288 -6.17 2.29 8.57
CA ILE G 288 -7.47 2.97 8.48
C ILE G 288 -8.56 1.93 8.64
N GLU G 289 -8.26 0.70 8.20
CA GLU G 289 -9.31 -0.32 8.35
C GLU G 289 -9.49 -0.68 9.82
N ILE G 290 -8.37 -0.82 10.52
CA ILE G 290 -8.42 -1.20 11.93
C ILE G 290 -9.16 -0.10 12.69
N ILE G 291 -8.60 1.09 12.60
CA ILE G 291 -9.22 2.27 13.26
C ILE G 291 -10.70 2.29 12.91
N SER G 292 -11.02 2.08 11.62
CA SER G 292 -12.46 2.12 11.34
C SER G 292 -13.21 1.09 12.14
N GLY G 293 -12.76 -0.15 12.24
CA GLY G 293 -13.50 -1.12 13.01
C GLY G 293 -13.53 -0.89 14.51
N ALA G 294 -12.43 -0.38 15.04
CA ALA G 294 -12.34 -0.16 16.49
C ALA G 294 -13.37 0.88 16.89
N ALA G 295 -13.43 1.92 16.07
CA ALA G 295 -14.29 3.05 16.34
C ALA G 295 -15.76 2.77 16.24
N ALA G 296 -16.16 1.66 15.64
CA ALA G 296 -17.58 1.35 15.50
C ALA G 296 -18.11 0.52 16.65
N LEU G 297 -17.30 0.26 17.67
CA LEU G 297 -17.77 -0.53 18.81
C LEU G 297 -18.59 0.33 19.79
PB ADP H . -8.77 -26.09 -4.04
O1B ADP H . -7.31 -25.92 -3.83
O2B ADP H . -9.48 -24.77 -4.08
O3B ADP H . -9.37 -27.01 -3.03
PA ADP H . -9.49 -28.00 -6.24
O1A ADP H . -10.96 -28.13 -6.36
O2A ADP H . -8.81 -29.13 -5.58
O3A ADP H . -9.06 -26.61 -5.53
O5' ADP H . -8.90 -27.76 -7.72
C5' ADP H . -9.71 -26.87 -8.55
C4' ADP H . -9.76 -27.45 -9.93
O4' ADP H . -8.38 -27.50 -10.36
C3' ADP H . -10.18 -28.93 -10.10
O3' ADP H . -11.58 -29.05 -10.28
C2' ADP H . -9.58 -29.21 -11.49
O2' ADP H . -10.38 -28.61 -12.50
C1' ADP H . -8.20 -28.55 -11.34
N9 ADP H . -7.18 -29.41 -10.76
C8 ADP H . -6.79 -29.35 -9.44
N7 ADP H . -5.88 -30.26 -9.15
C5 ADP H . -5.67 -30.92 -10.34
C6 ADP H . -4.79 -31.98 -10.65
N6 ADP H . -4.01 -32.44 -9.69
N1 ADP H . -4.79 -32.42 -11.92
C2 ADP H . -5.61 -31.83 -12.83
N3 ADP H . -6.46 -30.85 -12.65
C4 ADP H . -6.45 -30.42 -11.35
#